data_2F3I
#
_entry.id   2F3I
#
_entity_poly.entity_id   1
_entity_poly.type   'polypeptide(L)'
_entity_poly.pdbx_seq_one_letter_code
;MAGILFEDIFDVKDIDPEGKKFDRVSRLHCESESFKMDLILDVNIQIYPVDLGDKFRLVIASTLYEDGTLDDGEYNPTDD
RPSRADQFEYVMYGKVYRIEGDETSTEAATRLSAYVSYGGLLMRLQGDANNLHGFEVDSRVYLLMKKLAF
;
_entity_poly.pdbx_strand_id   A
#
# COMPACT_ATOMS: atom_id res chain seq x y z
N MET A 1 -4.67 12.81 -10.69
CA MET A 1 -6.02 12.22 -10.95
C MET A 1 -6.49 11.38 -9.74
N ALA A 2 -7.73 10.91 -9.76
CA ALA A 2 -8.31 9.88 -8.89
C ALA A 2 -8.90 8.77 -9.78
N GLY A 3 -8.20 8.46 -10.88
CA GLY A 3 -8.71 7.74 -12.05
C GLY A 3 -8.57 6.22 -11.91
N ILE A 4 -9.11 5.66 -10.82
CA ILE A 4 -8.96 4.24 -10.50
C ILE A 4 -7.49 3.96 -10.12
N LEU A 5 -6.97 2.72 -10.21
CA LEU A 5 -7.50 1.62 -11.00
C LEU A 5 -7.21 0.23 -10.38
N PHE A 6 -6.81 0.14 -9.11
CA PHE A 6 -6.47 -1.14 -8.48
C PHE A 6 -6.81 -1.16 -6.98
N GLU A 7 -7.17 -2.35 -6.49
CA GLU A 7 -7.64 -2.67 -5.14
C GLU A 7 -7.42 -4.19 -4.94
N ASP A 8 -6.94 -4.63 -3.77
CA ASP A 8 -6.73 -6.05 -3.44
C ASP A 8 -6.68 -6.27 -1.92
N ILE A 9 -7.01 -7.47 -1.45
CA ILE A 9 -7.04 -7.88 -0.04
C ILE A 9 -5.74 -8.63 0.26
N PHE A 10 -5.34 -8.74 1.53
CA PHE A 10 -4.12 -9.42 1.96
C PHE A 10 -4.40 -10.27 3.20
N ASP A 11 -3.42 -11.11 3.55
CA ASP A 11 -3.30 -11.78 4.84
C ASP A 11 -1.85 -11.65 5.28
N VAL A 12 -1.62 -11.18 6.51
CA VAL A 12 -0.29 -11.08 7.10
C VAL A 12 0.26 -12.50 7.29
N LYS A 13 1.51 -12.72 6.88
CA LYS A 13 2.19 -14.00 6.95
C LYS A 13 3.19 -14.01 8.11
N ASP A 14 3.83 -12.87 8.42
CA ASP A 14 4.80 -12.76 9.51
C ASP A 14 4.93 -11.29 9.94
N ILE A 15 5.47 -11.06 11.14
CA ILE A 15 5.64 -9.77 11.79
C ILE A 15 7.07 -9.77 12.37
N ASP A 16 7.80 -8.67 12.22
CA ASP A 16 9.25 -8.63 12.48
C ASP A 16 9.66 -7.30 13.17
N PRO A 17 9.43 -7.18 14.50
CA PRO A 17 9.61 -5.95 15.29
C PRO A 17 11.05 -5.40 15.49
N GLU A 18 11.99 -5.58 14.53
CA GLU A 18 13.44 -5.45 14.78
C GLU A 18 13.87 -4.16 15.49
N GLY A 19 13.35 -3.00 15.05
CA GLY A 19 13.94 -1.69 15.31
C GLY A 19 12.88 -0.75 15.86
N LYS A 20 12.61 -0.84 17.16
CA LYS A 20 11.58 -0.09 17.87
C LYS A 20 11.99 1.38 18.06
N LYS A 21 12.19 2.14 16.98
CA LYS A 21 12.24 3.61 17.06
C LYS A 21 10.96 4.12 17.71
N PHE A 22 9.84 3.48 17.36
CA PHE A 22 8.52 3.64 17.97
C PHE A 22 7.99 2.22 18.11
N ASP A 23 7.41 1.88 19.26
CA ASP A 23 6.91 0.52 19.51
C ASP A 23 5.83 0.13 18.51
N ARG A 24 5.03 1.10 18.07
CA ARG A 24 3.93 0.91 17.11
C ARG A 24 4.38 0.74 15.66
N VAL A 25 5.67 0.64 15.32
CA VAL A 25 6.11 0.48 13.93
C VAL A 25 6.94 -0.81 13.85
N SER A 26 6.68 -1.66 12.85
CA SER A 26 7.35 -2.95 12.67
C SER A 26 7.44 -3.28 11.17
N ARG A 27 8.38 -4.16 10.80
CA ARG A 27 8.33 -4.81 9.49
C ARG A 27 7.20 -5.85 9.51
N LEU A 28 6.59 -6.07 8.36
CA LEU A 28 5.54 -7.06 8.11
C LEU A 28 5.87 -7.77 6.81
N HIS A 29 5.25 -8.93 6.62
CA HIS A 29 5.31 -9.74 5.41
C HIS A 29 3.89 -10.20 5.13
N CYS A 30 3.41 -10.04 3.90
CA CYS A 30 2.02 -10.23 3.51
C CYS A 30 1.97 -10.89 2.12
N GLU A 31 0.80 -11.40 1.76
CA GLU A 31 0.51 -12.05 0.48
C GLU A 31 -0.91 -11.60 0.11
N SER A 32 -1.15 -11.23 -1.15
CA SER A 32 -2.46 -10.75 -1.55
C SER A 32 -3.41 -11.93 -1.82
N GLU A 33 -4.72 -11.68 -1.76
CA GLU A 33 -5.74 -12.73 -1.75
C GLU A 33 -6.39 -12.89 -3.13
N SER A 34 -6.85 -11.81 -3.75
CA SER A 34 -7.58 -11.92 -5.02
C SER A 34 -6.63 -12.24 -6.18
N PHE A 35 -5.33 -11.91 -6.03
CA PHE A 35 -4.31 -12.08 -7.05
C PHE A 35 -3.14 -12.87 -6.45
N LYS A 36 -1.88 -12.47 -6.65
CA LYS A 36 -0.70 -13.32 -6.38
C LYS A 36 0.50 -12.54 -5.81
N MET A 37 0.31 -11.30 -5.37
CA MET A 37 1.45 -10.46 -4.99
C MET A 37 2.09 -10.98 -3.70
N ASP A 38 3.40 -10.71 -3.57
CA ASP A 38 4.25 -11.02 -2.42
C ASP A 38 4.81 -9.70 -1.92
N LEU A 39 4.61 -9.38 -0.64
CA LEU A 39 4.78 -8.04 -0.10
C LEU A 39 5.53 -8.08 1.23
N ILE A 40 6.28 -7.02 1.49
CA ILE A 40 6.96 -6.67 2.72
C ILE A 40 6.58 -5.21 2.97
N LEU A 41 6.41 -4.81 4.23
CA LEU A 41 6.17 -3.42 4.63
C LEU A 41 7.06 -3.10 5.81
N ASP A 42 7.28 -1.83 6.11
CA ASP A 42 7.71 -1.33 7.41
C ASP A 42 6.77 -0.17 7.72
N VAL A 43 5.87 -0.36 8.68
CA VAL A 43 4.62 0.38 8.74
C VAL A 43 4.12 0.47 10.19
N ASN A 44 3.26 1.46 10.47
CA ASN A 44 2.52 1.56 11.72
C ASN A 44 1.61 0.33 11.86
N ILE A 45 1.73 -0.41 12.96
CA ILE A 45 0.99 -1.64 13.22
C ILE A 45 -0.15 -1.46 14.23
N GLN A 46 -0.36 -0.26 14.82
CA GLN A 46 -1.48 -0.05 15.75
C GLN A 46 -2.85 -0.15 15.05
N ILE A 47 -2.86 -0.17 13.71
CA ILE A 47 -4.05 -0.43 12.89
C ILE A 47 -4.53 -1.86 13.17
N TYR A 48 -3.61 -2.82 13.30
CA TYR A 48 -3.91 -4.19 13.70
C TYR A 48 -4.28 -4.24 15.19
N PRO A 49 -5.05 -5.24 15.64
CA PRO A 49 -5.55 -5.26 17.02
C PRO A 49 -4.39 -5.35 18.03
N VAL A 50 -3.50 -6.34 17.87
CA VAL A 50 -2.37 -6.63 18.74
C VAL A 50 -1.29 -7.32 17.87
N ASP A 51 -0.55 -8.30 18.43
CA ASP A 51 0.61 -8.98 17.86
C ASP A 51 0.38 -9.63 16.49
N LEU A 52 -0.85 -10.06 16.22
CA LEU A 52 -1.12 -11.22 15.36
C LEU A 52 -1.18 -10.91 13.86
N GLY A 53 -1.39 -9.65 13.48
CA GLY A 53 -1.78 -9.30 12.11
C GLY A 53 -3.26 -9.57 11.86
N ASP A 54 -3.77 -9.17 10.69
CA ASP A 54 -5.17 -9.24 10.28
C ASP A 54 -5.24 -9.06 8.76
N LYS A 55 -6.41 -9.11 8.15
CA LYS A 55 -6.58 -8.97 6.70
C LYS A 55 -6.89 -7.51 6.36
N PHE A 56 -6.11 -6.94 5.45
CA PHE A 56 -6.23 -5.56 4.96
C PHE A 56 -6.79 -5.57 3.54
N ARG A 57 -7.14 -4.39 3.03
CA ARG A 57 -7.42 -4.10 1.63
C ARG A 57 -6.55 -2.89 1.27
N LEU A 58 -5.45 -3.12 0.54
CA LEU A 58 -4.67 -2.00 -0.02
C LEU A 58 -5.38 -1.54 -1.29
N VAL A 59 -5.21 -0.27 -1.61
CA VAL A 59 -5.86 0.40 -2.72
C VAL A 59 -4.81 1.34 -3.31
N ILE A 60 -4.69 1.36 -4.63
CA ILE A 60 -4.00 2.45 -5.34
C ILE A 60 -4.98 3.11 -6.32
N ALA A 61 -6.28 3.01 -6.03
CA ALA A 61 -7.24 4.01 -6.47
C ALA A 61 -6.66 5.36 -6.10
N SER A 62 -6.34 6.17 -7.12
CA SER A 62 -5.62 7.41 -6.92
C SER A 62 -6.47 8.36 -6.06
N THR A 63 -5.79 9.29 -5.38
CA THR A 63 -6.26 9.85 -4.13
C THR A 63 -7.02 11.16 -4.44
N LEU A 64 -6.35 12.30 -4.48
CA LEU A 64 -6.13 13.04 -5.73
C LEU A 64 -4.85 13.87 -5.57
N TYR A 65 -4.57 14.44 -4.40
CA TYR A 65 -5.32 15.61 -3.92
C TYR A 65 -4.34 16.74 -3.58
N GLU A 66 -3.40 16.98 -4.52
CA GLU A 66 -2.50 18.12 -4.51
C GLU A 66 -3.22 19.46 -4.79
N ASP A 67 -4.42 19.44 -5.38
CA ASP A 67 -4.87 20.52 -6.27
C ASP A 67 -6.15 21.19 -5.76
N GLY A 68 -7.33 20.58 -5.99
CA GLY A 68 -8.57 21.33 -5.97
C GLY A 68 -9.79 20.59 -6.50
N THR A 69 -9.82 19.24 -6.40
CA THR A 69 -11.08 18.50 -6.48
C THR A 69 -11.77 18.50 -5.09
N LEU A 70 -11.03 18.81 -4.01
CA LEU A 70 -11.54 18.87 -2.64
C LEU A 70 -11.10 20.14 -1.94
N ASP A 71 -9.84 20.56 -2.09
CA ASP A 71 -9.33 21.84 -1.55
C ASP A 71 -10.08 23.05 -2.11
N ASP A 72 -10.87 22.83 -3.17
CA ASP A 72 -11.93 23.70 -3.67
C ASP A 72 -12.83 24.26 -2.56
N GLY A 73 -13.07 23.49 -1.49
CA GLY A 73 -13.79 23.94 -0.31
C GLY A 73 -14.49 22.82 0.46
N GLU A 74 -14.48 21.58 -0.05
CA GLU A 74 -15.09 20.42 0.61
C GLU A 74 -13.99 19.68 1.40
N TYR A 75 -14.00 18.33 1.49
CA TYR A 75 -13.04 17.51 2.27
C TYR A 75 -13.08 17.74 3.80
N ASN A 76 -13.83 18.74 4.24
CA ASN A 76 -14.37 18.88 5.60
C ASN A 76 -15.41 17.84 6.05
N PRO A 77 -16.20 17.15 5.18
CA PRO A 77 -17.41 16.47 5.64
C PRO A 77 -17.07 15.04 6.12
N THR A 78 -18.11 14.23 6.09
CA THR A 78 -18.30 12.78 5.98
C THR A 78 -17.26 11.97 5.19
N ASP A 79 -16.20 12.59 4.64
CA ASP A 79 -14.94 11.92 4.36
C ASP A 79 -14.16 11.66 5.66
N ASP A 80 -14.55 12.38 6.72
CA ASP A 80 -14.13 12.37 8.11
C ASP A 80 -15.41 12.64 8.94
N ARG A 81 -15.37 13.40 10.05
CA ARG A 81 -16.47 13.54 11.03
C ARG A 81 -16.95 12.16 11.55
N PRO A 82 -18.16 11.60 11.25
CA PRO A 82 -18.51 10.27 11.75
C PRO A 82 -17.74 9.19 10.99
N SER A 83 -17.53 9.40 9.69
CA SER A 83 -16.57 8.68 8.88
C SER A 83 -15.16 9.12 9.29
N ARG A 84 -14.15 8.51 8.68
CA ARG A 84 -12.75 8.69 9.07
C ARG A 84 -11.92 8.39 7.84
N ALA A 85 -10.60 8.50 8.00
CA ALA A 85 -9.71 7.44 7.53
C ALA A 85 -10.16 6.10 8.19
N ASP A 86 -11.21 5.48 7.64
CA ASP A 86 -11.77 4.15 7.99
C ASP A 86 -12.48 3.60 6.75
N GLN A 87 -13.23 4.48 6.04
CA GLN A 87 -13.52 4.33 4.62
C GLN A 87 -12.23 4.21 3.78
N PHE A 88 -11.08 4.54 4.40
CA PHE A 88 -9.73 4.51 3.88
C PHE A 88 -8.81 4.67 5.11
N GLU A 89 -8.69 3.62 5.93
CA GLU A 89 -7.94 3.57 7.21
C GLU A 89 -6.60 4.33 7.20
N TYR A 90 -5.91 4.36 6.06
CA TYR A 90 -4.70 5.17 5.90
C TYR A 90 -4.60 5.60 4.44
N VAL A 91 -3.85 6.68 4.18
CA VAL A 91 -3.67 7.26 2.85
C VAL A 91 -2.45 8.19 2.94
N MET A 92 -1.58 8.18 1.93
CA MET A 92 -0.25 8.78 2.01
C MET A 92 0.34 8.98 0.60
N TYR A 93 1.42 9.78 0.50
CA TYR A 93 2.22 9.96 -0.72
C TYR A 93 3.61 9.35 -0.52
N GLY A 94 4.35 9.11 -1.61
CA GLY A 94 5.64 8.45 -1.55
C GLY A 94 6.46 8.62 -2.83
N LYS A 95 7.43 7.72 -3.01
CA LYS A 95 8.30 7.64 -4.17
C LYS A 95 8.51 6.16 -4.46
N VAL A 96 8.25 5.72 -5.69
CA VAL A 96 8.58 4.38 -6.15
C VAL A 96 10.00 4.46 -6.73
N TYR A 97 10.81 3.42 -6.53
CA TYR A 97 12.16 3.30 -7.04
C TYR A 97 12.21 1.97 -7.77
N ARG A 98 12.35 1.92 -9.11
CA ARG A 98 12.33 0.63 -9.80
C ARG A 98 12.97 0.61 -11.19
N ILE A 99 13.60 -0.53 -11.47
CA ILE A 99 14.12 -0.96 -12.76
C ILE A 99 12.96 -1.42 -13.67
N GLU A 100 13.27 -2.00 -14.83
CA GLU A 100 12.31 -2.56 -15.79
C GLU A 100 11.52 -3.78 -15.26
N GLY A 101 11.85 -4.27 -14.06
CA GLY A 101 11.27 -5.43 -13.40
C GLY A 101 12.23 -6.60 -13.43
N ASP A 102 12.84 -6.87 -14.58
CA ASP A 102 13.79 -7.96 -14.74
C ASP A 102 15.09 -7.67 -13.97
N GLU A 103 15.61 -8.70 -13.30
CA GLU A 103 16.98 -8.76 -12.82
C GLU A 103 17.51 -10.21 -12.94
N THR A 104 16.83 -11.09 -13.70
CA THR A 104 17.21 -12.48 -13.89
C THR A 104 18.30 -12.61 -14.95
N SER A 105 18.18 -11.82 -16.03
CA SER A 105 18.96 -11.70 -17.27
C SER A 105 18.07 -12.03 -18.48
N THR A 106 17.16 -13.01 -18.34
CA THR A 106 16.58 -13.71 -19.48
C THR A 106 15.15 -14.22 -19.23
N GLU A 107 14.80 -14.54 -17.97
CA GLU A 107 13.43 -14.92 -17.61
C GLU A 107 12.52 -13.68 -17.59
N ALA A 108 13.10 -12.48 -17.73
CA ALA A 108 12.44 -11.19 -17.79
C ALA A 108 11.47 -11.03 -16.61
N ALA A 109 12.00 -11.28 -15.40
CA ALA A 109 11.33 -11.54 -14.13
C ALA A 109 9.80 -11.49 -14.22
N THR A 110 9.18 -12.66 -14.25
CA THR A 110 7.74 -12.83 -14.46
C THR A 110 6.89 -12.05 -13.45
N ARG A 111 7.47 -11.69 -12.29
CA ARG A 111 6.91 -10.70 -11.38
C ARG A 111 7.79 -9.45 -11.47
N LEU A 112 7.21 -8.35 -11.96
CA LEU A 112 7.72 -7.00 -11.76
C LEU A 112 7.83 -6.77 -10.25
N SER A 113 8.97 -6.27 -9.78
CA SER A 113 9.13 -5.85 -8.39
C SER A 113 8.67 -4.38 -8.24
N ALA A 114 8.58 -3.88 -7.01
CA ALA A 114 8.53 -2.44 -6.71
C ALA A 114 9.11 -2.23 -5.32
N TYR A 115 9.77 -1.09 -5.10
CA TYR A 115 10.20 -0.64 -3.78
C TYR A 115 9.57 0.74 -3.64
N VAL A 116 9.06 1.07 -2.45
CA VAL A 116 8.32 2.30 -2.21
C VAL A 116 8.76 2.84 -0.86
N SER A 117 8.97 4.15 -0.77
CA SER A 117 9.12 4.86 0.50
C SER A 117 7.94 5.84 0.54
N TYR A 118 7.21 5.92 1.65
CA TYR A 118 5.97 6.69 1.71
C TYR A 118 5.76 7.22 3.13
N GLY A 119 5.89 8.55 3.30
CA GLY A 119 5.72 9.22 4.59
C GLY A 119 6.67 8.72 5.68
N GLY A 120 7.81 8.12 5.33
CA GLY A 120 8.78 7.55 6.26
C GLY A 120 8.58 6.03 6.45
N LEU A 121 7.45 5.47 6.01
CA LEU A 121 7.21 4.03 5.96
C LEU A 121 7.81 3.48 4.65
N LEU A 122 7.83 2.15 4.49
CA LEU A 122 8.50 1.47 3.37
C LEU A 122 7.64 0.29 2.88
N MET A 123 7.78 -0.10 1.61
CA MET A 123 7.30 -1.38 1.08
C MET A 123 8.33 -1.96 0.12
N ARG A 124 8.26 -3.27 -0.08
CA ARG A 124 9.07 -4.07 -1.00
C ARG A 124 8.11 -5.13 -1.55
N LEU A 125 7.91 -5.21 -2.85
CA LEU A 125 6.73 -5.85 -3.46
C LEU A 125 7.15 -6.59 -4.73
N GLN A 126 6.43 -7.66 -5.09
CA GLN A 126 6.50 -8.32 -6.38
C GLN A 126 5.10 -8.76 -6.82
N GLY A 127 4.83 -8.71 -8.14
CA GLY A 127 3.64 -9.25 -8.79
C GLY A 127 3.79 -9.15 -10.31
N ASP A 128 2.94 -9.81 -11.09
CA ASP A 128 2.95 -9.73 -12.56
C ASP A 128 2.92 -8.27 -13.03
N ALA A 129 3.57 -7.94 -14.16
CA ALA A 129 3.80 -6.55 -14.57
C ALA A 129 2.51 -5.74 -14.73
N ASN A 130 1.50 -6.29 -15.42
CA ASN A 130 0.18 -5.68 -15.52
C ASN A 130 -0.49 -5.63 -14.14
N ASN A 131 -0.41 -6.72 -13.39
CA ASN A 131 -1.10 -6.91 -12.14
C ASN A 131 -0.63 -5.93 -11.04
N LEU A 132 0.68 -5.67 -10.95
CA LEU A 132 1.27 -4.72 -10.02
C LEU A 132 0.81 -3.28 -10.31
N HIS A 133 0.35 -3.02 -11.54
CA HIS A 133 -0.31 -1.79 -11.97
C HIS A 133 0.52 -0.53 -11.63
N GLY A 134 1.84 -0.63 -11.79
CA GLY A 134 2.80 0.36 -11.31
C GLY A 134 4.10 0.28 -12.09
N PHE A 135 4.02 0.28 -13.42
CA PHE A 135 5.19 0.40 -14.31
C PHE A 135 5.94 1.71 -14.01
N GLU A 136 5.20 2.76 -13.67
CA GLU A 136 5.68 4.14 -13.54
C GLU A 136 6.29 4.34 -12.15
N VAL A 137 7.20 5.32 -12.04
CA VAL A 137 7.71 5.83 -10.76
C VAL A 137 6.67 6.70 -10.02
N ASP A 138 5.50 6.95 -10.64
CA ASP A 138 4.55 7.99 -10.23
C ASP A 138 3.10 7.49 -10.16
N SER A 139 2.84 6.18 -10.34
CA SER A 139 1.50 5.62 -10.16
C SER A 139 1.30 5.23 -8.68
N ARG A 140 1.98 4.20 -8.18
CA ARG A 140 1.67 3.68 -6.84
C ARG A 140 2.31 4.46 -5.69
N VAL A 141 2.87 5.65 -5.97
CA VAL A 141 3.07 6.66 -4.94
C VAL A 141 1.72 7.12 -4.37
N TYR A 142 0.66 7.12 -5.20
CA TYR A 142 -0.71 7.32 -4.76
C TYR A 142 -1.11 6.03 -4.05
N LEU A 143 -1.34 6.08 -2.73
CA LEU A 143 -1.46 4.88 -1.91
C LEU A 143 -2.48 5.09 -0.80
N LEU A 144 -3.32 4.08 -0.57
CA LEU A 144 -4.51 4.13 0.26
C LEU A 144 -4.72 2.74 0.85
N MET A 145 -5.31 2.61 2.03
CA MET A 145 -5.51 1.34 2.73
C MET A 145 -6.87 1.37 3.42
N LYS A 146 -7.44 0.19 3.71
CA LYS A 146 -8.55 0.02 4.65
C LYS A 146 -8.53 -1.41 5.19
N LYS A 147 -9.40 -1.71 6.16
CA LYS A 147 -9.74 -3.08 6.55
C LYS A 147 -10.30 -3.82 5.33
N LEU A 148 -10.36 -5.15 5.38
CA LEU A 148 -11.19 -5.90 4.42
C LEU A 148 -12.65 -5.44 4.53
N ALA A 149 -13.44 -5.68 3.48
CA ALA A 149 -14.87 -5.41 3.44
C ALA A 149 -15.52 -6.68 2.90
N PHE A 150 -16.19 -7.41 3.79
CA PHE A 150 -16.67 -8.76 3.54
C PHE A 150 -17.94 -8.93 4.38
N MET A 1 -11.15 14.05 -5.52
CA MET A 1 -11.41 12.59 -5.45
C MET A 1 -10.11 11.81 -5.35
N ALA A 2 -10.14 10.61 -4.76
CA ALA A 2 -9.01 9.68 -4.79
C ALA A 2 -8.84 9.07 -6.19
N GLY A 3 -9.93 8.81 -6.92
CA GLY A 3 -9.85 8.17 -8.23
C GLY A 3 -9.21 6.78 -8.10
N ILE A 4 -9.81 5.92 -7.26
CA ILE A 4 -9.34 4.56 -7.00
C ILE A 4 -9.12 3.81 -8.33
N LEU A 5 -8.04 3.02 -8.40
CA LEU A 5 -7.57 2.41 -9.64
C LEU A 5 -7.57 0.89 -9.50
N PHE A 6 -7.00 0.35 -8.41
CA PHE A 6 -6.97 -1.08 -8.14
C PHE A 6 -6.86 -1.30 -6.62
N GLU A 7 -7.38 -2.42 -6.14
CA GLU A 7 -7.52 -2.77 -4.74
C GLU A 7 -7.48 -4.30 -4.64
N ASP A 8 -6.84 -4.84 -3.60
CA ASP A 8 -6.97 -6.27 -3.27
C ASP A 8 -6.77 -6.47 -1.77
N ILE A 9 -7.41 -7.51 -1.24
CA ILE A 9 -7.24 -7.96 0.14
C ILE A 9 -5.86 -8.63 0.20
N PHE A 10 -5.22 -8.54 1.37
CA PHE A 10 -3.95 -9.17 1.70
C PHE A 10 -4.09 -9.76 3.10
N ASP A 11 -3.26 -10.76 3.41
CA ASP A 11 -3.19 -11.41 4.70
C ASP A 11 -1.72 -11.43 5.14
N VAL A 12 -1.49 -11.29 6.44
CA VAL A 12 -0.18 -11.29 7.04
C VAL A 12 0.36 -12.72 7.05
N LYS A 13 1.68 -12.83 6.89
CA LYS A 13 2.44 -14.07 6.83
C LYS A 13 3.56 -14.04 7.86
N ASP A 14 4.08 -12.85 8.22
CA ASP A 14 5.00 -12.69 9.35
C ASP A 14 4.99 -11.25 9.87
N ILE A 15 5.57 -11.03 11.05
CA ILE A 15 5.60 -9.79 11.81
C ILE A 15 6.98 -9.71 12.47
N ASP A 16 7.61 -8.53 12.47
CA ASP A 16 8.81 -8.27 13.26
C ASP A 16 8.88 -6.78 13.63
N PRO A 17 8.53 -6.39 14.86
CA PRO A 17 8.72 -5.01 15.34
C PRO A 17 10.20 -4.60 15.25
N GLU A 18 10.47 -3.33 14.98
CA GLU A 18 11.83 -2.82 14.72
C GLU A 18 12.17 -1.61 15.60
N GLY A 19 11.39 -1.32 16.65
CA GLY A 19 11.52 -0.08 17.40
C GLY A 19 10.43 0.05 18.44
N LYS A 20 10.58 -0.62 19.59
CA LYS A 20 9.60 -0.56 20.69
C LYS A 20 9.35 0.86 21.22
N LYS A 21 10.22 1.81 20.94
CA LYS A 21 10.04 3.22 21.32
C LYS A 21 8.95 3.88 20.45
N PHE A 22 8.57 3.25 19.34
CA PHE A 22 7.55 3.68 18.39
C PHE A 22 6.73 2.43 18.06
N ASP A 23 6.23 1.74 19.10
CA ASP A 23 5.61 0.40 19.03
C ASP A 23 4.51 0.26 17.97
N ARG A 24 3.82 1.36 17.62
CA ARG A 24 2.83 1.35 16.53
C ARG A 24 3.46 1.18 15.14
N VAL A 25 4.77 1.01 14.99
CA VAL A 25 5.44 0.89 13.70
C VAL A 25 6.25 -0.41 13.73
N SER A 26 5.97 -1.32 12.79
CA SER A 26 6.55 -2.66 12.75
C SER A 26 6.73 -3.14 11.30
N ARG A 27 7.63 -4.11 11.08
CA ARG A 27 7.74 -4.78 9.80
C ARG A 27 6.69 -5.88 9.74
N LEU A 28 6.19 -6.15 8.54
CA LEU A 28 5.22 -7.19 8.21
C LEU A 28 5.65 -7.81 6.89
N HIS A 29 5.26 -9.06 6.69
CA HIS A 29 5.40 -9.82 5.45
C HIS A 29 3.98 -10.32 5.18
N CYS A 30 3.49 -10.17 3.94
CA CYS A 30 2.09 -10.39 3.57
C CYS A 30 1.98 -10.98 2.15
N GLU A 31 0.79 -11.47 1.82
CA GLU A 31 0.45 -12.13 0.55
C GLU A 31 -0.96 -11.67 0.13
N SER A 32 -1.18 -11.47 -1.17
CA SER A 32 -2.49 -11.08 -1.68
C SER A 32 -3.47 -12.24 -1.62
N GLU A 33 -4.77 -11.95 -1.49
CA GLU A 33 -5.80 -12.97 -1.49
C GLU A 33 -6.21 -13.36 -2.91
N SER A 34 -6.27 -12.42 -3.86
CA SER A 34 -6.88 -12.68 -5.17
C SER A 34 -5.92 -12.95 -6.32
N PHE A 35 -4.62 -12.60 -6.23
CA PHE A 35 -3.73 -12.65 -7.38
C PHE A 35 -2.51 -13.52 -7.07
N LYS A 36 -1.36 -12.91 -6.79
CA LYS A 36 -0.06 -13.59 -6.68
C LYS A 36 1.03 -12.70 -6.07
N MET A 37 0.64 -11.56 -5.51
CA MET A 37 1.58 -10.57 -5.01
C MET A 37 2.28 -11.08 -3.76
N ASP A 38 3.53 -10.68 -3.61
CA ASP A 38 4.36 -10.91 -2.43
C ASP A 38 4.71 -9.53 -1.91
N LEU A 39 4.49 -9.28 -0.61
CA LEU A 39 4.57 -7.95 -0.02
C LEU A 39 5.36 -7.99 1.27
N ILE A 40 6.19 -6.98 1.47
CA ILE A 40 6.92 -6.65 2.69
C ILE A 40 6.53 -5.19 2.96
N LEU A 41 6.46 -4.83 4.23
CA LEU A 41 5.95 -3.56 4.73
C LEU A 41 6.72 -3.25 6.01
N ASP A 42 6.99 -1.99 6.25
CA ASP A 42 7.50 -1.41 7.50
C ASP A 42 6.53 -0.25 7.64
N VAL A 43 5.47 -0.48 8.41
CA VAL A 43 4.32 0.42 8.44
C VAL A 43 3.82 0.69 9.85
N ASN A 44 3.05 1.77 9.96
CA ASN A 44 2.26 2.17 11.11
C ASN A 44 1.10 1.18 11.29
N ILE A 45 1.31 0.12 12.08
CA ILE A 45 0.41 -1.03 12.20
C ILE A 45 -0.92 -0.72 12.91
N GLN A 46 -1.23 0.51 13.31
CA GLN A 46 -2.52 0.86 13.91
C GLN A 46 -3.69 0.69 12.92
N ILE A 47 -3.39 0.50 11.63
CA ILE A 47 -4.36 0.11 10.61
C ILE A 47 -4.96 -1.25 11.02
N TYR A 48 -4.15 -2.10 11.66
CA TYR A 48 -4.53 -3.42 12.11
C TYR A 48 -5.01 -3.32 13.57
N PRO A 49 -5.85 -4.24 14.06
CA PRO A 49 -6.40 -4.17 15.42
C PRO A 49 -5.33 -4.43 16.49
N VAL A 50 -4.24 -5.13 16.14
CA VAL A 50 -3.14 -5.49 17.02
C VAL A 50 -1.87 -5.47 16.17
N ASP A 51 -0.71 -5.24 16.78
CA ASP A 51 0.62 -5.39 16.14
C ASP A 51 0.81 -6.78 15.52
N LEU A 52 0.14 -7.80 16.07
CA LEU A 52 0.08 -9.16 15.54
C LEU A 52 -0.46 -9.21 14.10
N GLY A 53 -1.12 -8.16 13.62
CA GLY A 53 -1.63 -8.07 12.26
C GLY A 53 -2.98 -8.76 12.14
N ASP A 54 -3.58 -8.60 10.96
CA ASP A 54 -4.88 -9.14 10.56
C ASP A 54 -4.95 -9.03 9.03
N LYS A 55 -6.00 -9.55 8.41
CA LYS A 55 -6.25 -9.31 6.98
C LYS A 55 -6.59 -7.83 6.81
N PHE A 56 -6.21 -7.25 5.67
CA PHE A 56 -6.47 -5.85 5.31
C PHE A 56 -6.59 -5.78 3.79
N ARG A 57 -6.69 -4.59 3.21
CA ARG A 57 -6.59 -4.40 1.76
C ARG A 57 -5.66 -3.24 1.47
N LEU A 58 -4.96 -3.34 0.34
CA LEU A 58 -4.01 -2.37 -0.17
C LEU A 58 -4.55 -1.91 -1.51
N VAL A 59 -4.35 -0.62 -1.80
CA VAL A 59 -5.00 0.09 -2.89
C VAL A 59 -3.97 1.03 -3.56
N ILE A 60 -4.24 1.34 -4.83
CA ILE A 60 -3.59 2.34 -5.66
C ILE A 60 -4.71 3.17 -6.28
N ALA A 61 -4.44 4.46 -6.52
CA ALA A 61 -5.42 5.45 -6.98
C ALA A 61 -4.70 6.50 -7.85
N SER A 62 -5.38 7.60 -8.15
CA SER A 62 -4.91 8.66 -9.05
C SER A 62 -5.43 10.01 -8.51
N THR A 63 -5.16 10.27 -7.23
CA THR A 63 -5.72 11.36 -6.44
C THR A 63 -5.76 12.71 -7.16
N LEU A 64 -6.97 13.11 -7.58
CA LEU A 64 -7.24 14.41 -8.19
C LEU A 64 -7.32 15.51 -7.12
N TYR A 65 -7.42 15.16 -5.82
CA TYR A 65 -7.36 16.17 -4.76
C TYR A 65 -6.07 16.99 -4.81
N GLU A 66 -4.98 16.46 -5.38
CA GLU A 66 -3.74 17.21 -5.58
C GLU A 66 -3.92 18.32 -6.64
N ASP A 67 -4.73 18.07 -7.67
CA ASP A 67 -5.06 19.09 -8.68
C ASP A 67 -6.00 20.14 -8.09
N GLY A 68 -6.88 19.72 -7.17
CA GLY A 68 -7.70 20.62 -6.36
C GLY A 68 -9.19 20.34 -6.45
N THR A 69 -9.64 19.08 -6.45
CA THR A 69 -11.07 18.79 -6.62
C THR A 69 -11.92 19.50 -5.55
N LEU A 70 -11.40 19.62 -4.33
CA LEU A 70 -12.11 20.24 -3.22
C LEU A 70 -12.12 21.77 -3.31
N ASP A 71 -11.32 22.37 -4.19
CA ASP A 71 -11.41 23.80 -4.51
C ASP A 71 -12.35 23.98 -5.72
N ASP A 72 -12.41 22.98 -6.60
CA ASP A 72 -13.30 22.98 -7.76
C ASP A 72 -14.78 22.80 -7.39
N GLY A 73 -15.01 22.23 -6.22
CA GLY A 73 -16.32 22.16 -5.58
C GLY A 73 -16.50 21.00 -4.61
N GLU A 74 -15.64 19.98 -4.62
CA GLU A 74 -15.80 18.75 -3.83
C GLU A 74 -15.33 18.95 -2.37
N TYR A 75 -15.66 20.10 -1.77
CA TYR A 75 -15.31 20.43 -0.39
C TYR A 75 -16.22 19.64 0.56
N ASN A 76 -15.94 18.34 0.70
CA ASN A 76 -16.76 17.41 1.47
C ASN A 76 -16.84 17.89 2.93
N PRO A 77 -18.04 18.05 3.53
CA PRO A 77 -18.19 18.54 4.89
C PRO A 77 -17.35 17.82 5.94
N THR A 78 -17.11 16.52 5.75
CA THR A 78 -16.35 15.66 6.67
C THR A 78 -14.87 16.06 6.73
N ASP A 79 -14.37 16.91 5.82
CA ASP A 79 -13.00 17.39 5.87
C ASP A 79 -12.76 18.27 7.12
N ASP A 80 -13.81 18.80 7.73
CA ASP A 80 -13.73 19.71 8.89
C ASP A 80 -14.74 19.36 10.00
N ARG A 81 -15.49 18.25 9.85
CA ARG A 81 -16.50 17.78 10.78
C ARG A 81 -16.15 16.33 11.08
N PRO A 82 -16.04 15.92 12.35
CA PRO A 82 -15.49 14.63 12.80
C PRO A 82 -14.54 13.98 11.79
N SER A 83 -13.49 14.73 11.46
CA SER A 83 -12.52 14.54 10.39
C SER A 83 -11.61 13.31 10.48
N ARG A 84 -12.00 12.26 11.23
CA ARG A 84 -11.31 10.97 11.19
C ARG A 84 -11.45 10.48 9.74
N ALA A 85 -10.46 9.76 9.21
CA ALA A 85 -10.56 9.13 7.91
C ALA A 85 -11.75 8.16 7.88
N ASP A 86 -12.19 7.82 6.67
CA ASP A 86 -13.33 6.91 6.42
C ASP A 86 -13.27 6.35 5.01
N GLN A 87 -12.76 7.14 4.07
CA GLN A 87 -12.41 6.77 2.71
C GLN A 87 -11.49 5.54 2.74
N PHE A 88 -10.44 5.61 3.57
CA PHE A 88 -9.41 4.60 3.78
C PHE A 88 -8.98 4.70 5.25
N GLU A 89 -8.22 3.72 5.76
CA GLU A 89 -7.60 3.84 7.08
C GLU A 89 -6.29 4.63 6.97
N TYR A 90 -5.59 4.54 5.84
CA TYR A 90 -4.35 5.29 5.61
C TYR A 90 -4.23 5.63 4.13
N VAL A 91 -3.58 6.75 3.83
CA VAL A 91 -3.33 7.27 2.49
C VAL A 91 -1.93 7.90 2.52
N MET A 92 -1.13 7.69 1.48
CA MET A 92 0.18 8.30 1.33
C MET A 92 0.56 8.42 -0.14
N TYR A 93 1.64 9.16 -0.37
CA TYR A 93 2.15 9.60 -1.65
C TYR A 93 3.66 9.33 -1.59
N GLY A 94 4.07 8.16 -2.08
CA GLY A 94 5.42 7.65 -1.89
C GLY A 94 6.35 8.02 -3.03
N LYS A 95 7.47 7.32 -3.09
CA LYS A 95 8.43 7.33 -4.18
C LYS A 95 8.76 5.87 -4.44
N VAL A 96 8.34 5.36 -5.60
CA VAL A 96 8.73 4.07 -6.13
C VAL A 96 10.21 4.18 -6.54
N TYR A 97 10.98 3.10 -6.46
CA TYR A 97 12.37 3.05 -6.93
C TYR A 97 12.69 1.68 -7.55
N ARG A 98 11.94 1.30 -8.59
CA ARG A 98 12.16 0.08 -9.38
C ARG A 98 11.82 0.35 -10.85
N ILE A 99 12.34 -0.51 -11.72
CA ILE A 99 12.01 -0.60 -13.14
C ILE A 99 10.74 -1.44 -13.32
N GLU A 100 10.33 -1.65 -14.58
CA GLU A 100 9.12 -2.38 -14.97
C GLU A 100 9.11 -3.88 -14.58
N GLY A 101 10.23 -4.42 -14.07
CA GLY A 101 10.43 -5.83 -13.79
C GLY A 101 11.84 -6.17 -14.24
N ASP A 102 12.09 -5.99 -15.53
CA ASP A 102 13.41 -6.04 -16.15
C ASP A 102 13.41 -5.08 -17.32
N GLU A 103 13.20 -5.61 -18.51
CA GLU A 103 13.36 -4.91 -19.79
C GLU A 103 12.75 -5.73 -20.92
N THR A 104 11.41 -5.76 -21.00
CA THR A 104 10.68 -6.66 -21.87
C THR A 104 9.34 -6.04 -22.32
N SER A 105 8.47 -6.95 -22.74
CA SER A 105 7.06 -6.78 -23.04
C SER A 105 6.24 -7.79 -22.22
N THR A 106 6.86 -8.50 -21.26
CA THR A 106 6.32 -9.37 -20.22
C THR A 106 6.72 -10.83 -20.56
N GLU A 107 7.93 -11.00 -21.08
CA GLU A 107 8.50 -12.27 -21.55
C GLU A 107 9.99 -12.43 -21.16
N ALA A 108 10.61 -11.44 -20.50
CA ALA A 108 11.95 -11.62 -19.90
C ALA A 108 11.77 -11.63 -18.40
N ALA A 109 10.99 -10.64 -17.99
CA ALA A 109 10.41 -10.49 -16.67
C ALA A 109 8.90 -10.69 -16.81
N THR A 110 8.26 -11.20 -15.76
CA THR A 110 6.82 -11.49 -15.77
C THR A 110 6.06 -10.90 -14.59
N ARG A 111 6.81 -10.29 -13.68
CA ARG A 111 6.32 -9.54 -12.55
C ARG A 111 7.00 -8.18 -12.59
N LEU A 112 6.24 -7.17 -12.21
CA LEU A 112 6.77 -5.85 -11.94
C LEU A 112 7.07 -5.82 -10.45
N SER A 113 8.09 -5.04 -10.08
CA SER A 113 8.53 -4.87 -8.71
C SER A 113 8.31 -3.41 -8.33
N ALA A 114 7.97 -3.16 -7.07
CA ALA A 114 7.69 -1.85 -6.52
C ALA A 114 8.33 -1.81 -5.15
N TYR A 115 9.50 -1.19 -5.07
CA TYR A 115 10.14 -0.87 -3.80
C TYR A 115 9.68 0.57 -3.59
N VAL A 116 9.11 0.92 -2.44
CA VAL A 116 8.47 2.22 -2.25
C VAL A 116 8.82 2.73 -0.86
N SER A 117 9.13 4.02 -0.76
CA SER A 117 9.29 4.70 0.51
C SER A 117 8.22 5.79 0.56
N TYR A 118 7.56 5.97 1.70
CA TYR A 118 6.41 6.85 1.83
C TYR A 118 6.35 7.41 3.25
N GLY A 119 6.71 8.69 3.41
CA GLY A 119 6.60 9.40 4.70
C GLY A 119 7.46 8.78 5.81
N GLY A 120 8.51 8.03 5.46
CA GLY A 120 9.39 7.34 6.40
C GLY A 120 9.00 5.87 6.60
N LEU A 121 7.81 5.45 6.16
CA LEU A 121 7.42 4.05 6.09
C LEU A 121 7.93 3.48 4.77
N LEU A 122 7.96 2.16 4.62
CA LEU A 122 8.59 1.49 3.48
C LEU A 122 7.82 0.21 3.14
N MET A 123 7.92 -0.25 1.90
CA MET A 123 7.38 -1.53 1.45
C MET A 123 8.24 -2.06 0.30
N ARG A 124 8.13 -3.36 0.04
CA ARG A 124 8.74 -4.03 -1.11
C ARG A 124 7.64 -4.96 -1.62
N LEU A 125 7.32 -4.91 -2.92
CA LEU A 125 6.17 -5.59 -3.47
C LEU A 125 6.55 -6.11 -4.85
N GLN A 126 6.10 -7.32 -5.19
CA GLN A 126 6.19 -7.87 -6.54
C GLN A 126 4.82 -8.42 -6.89
N GLY A 127 4.45 -8.33 -8.17
CA GLY A 127 3.22 -8.92 -8.68
C GLY A 127 3.18 -8.81 -10.19
N ASP A 128 2.13 -9.33 -10.83
CA ASP A 128 1.96 -9.12 -12.27
C ASP A 128 1.93 -7.61 -12.56
N ALA A 129 2.57 -7.21 -13.66
CA ALA A 129 2.72 -5.82 -14.04
C ALA A 129 1.39 -5.06 -14.05
N ASN A 130 0.43 -5.45 -14.90
CA ASN A 130 -0.82 -4.70 -15.03
C ASN A 130 -1.69 -4.74 -13.77
N ASN A 131 -1.47 -5.78 -12.98
CA ASN A 131 -2.06 -6.00 -11.67
C ASN A 131 -1.51 -4.98 -10.67
N LEU A 132 -0.23 -4.61 -10.82
CA LEU A 132 0.46 -3.72 -9.89
C LEU A 132 0.40 -2.27 -10.40
N HIS A 133 0.13 -2.10 -11.70
CA HIS A 133 0.05 -0.82 -12.42
C HIS A 133 1.19 0.14 -12.01
N GLY A 134 2.41 -0.40 -11.87
CA GLY A 134 3.56 0.33 -11.36
C GLY A 134 4.56 0.70 -12.45
N PHE A 135 4.13 0.73 -13.71
CA PHE A 135 4.97 1.04 -14.87
C PHE A 135 5.34 2.52 -14.99
N GLU A 136 5.01 3.31 -13.97
CA GLU A 136 5.45 4.69 -13.78
C GLU A 136 5.93 4.76 -12.35
N VAL A 137 7.13 5.33 -12.19
CA VAL A 137 7.72 5.70 -10.92
C VAL A 137 6.81 6.68 -10.16
N ASP A 138 5.77 7.19 -10.84
CA ASP A 138 4.79 8.15 -10.32
C ASP A 138 3.35 7.64 -10.44
N SER A 139 3.15 6.35 -10.74
CA SER A 139 1.84 5.73 -10.60
C SER A 139 1.72 5.19 -9.19
N ARG A 140 2.64 4.29 -8.83
CA ARG A 140 2.56 3.49 -7.60
C ARG A 140 2.90 4.29 -6.35
N VAL A 141 3.17 5.58 -6.53
CA VAL A 141 3.30 6.55 -5.46
C VAL A 141 2.00 6.63 -4.66
N TYR A 142 0.84 6.55 -5.32
CA TYR A 142 -0.44 6.60 -4.63
C TYR A 142 -0.60 5.27 -3.90
N LEU A 143 -0.69 5.31 -2.58
CA LEU A 143 -0.69 4.12 -1.74
C LEU A 143 -1.73 4.33 -0.66
N LEU A 144 -2.72 3.44 -0.59
CA LEU A 144 -3.84 3.61 0.33
C LEU A 144 -4.14 2.24 0.92
N MET A 145 -4.64 2.19 2.16
CA MET A 145 -4.82 0.96 2.91
C MET A 145 -6.09 1.06 3.73
N LYS A 146 -6.82 -0.04 3.90
CA LYS A 146 -8.06 -0.09 4.67
C LYS A 146 -8.26 -1.49 5.23
N LYS A 147 -9.11 -1.65 6.25
CA LYS A 147 -9.52 -2.98 6.68
C LYS A 147 -10.32 -3.62 5.54
N LEU A 148 -10.41 -4.94 5.49
CA LEU A 148 -11.31 -5.61 4.56
C LEU A 148 -12.77 -5.33 4.95
N ALA A 149 -13.68 -5.61 4.02
CA ALA A 149 -15.11 -5.59 4.25
C ALA A 149 -15.68 -6.77 3.46
N PHE A 150 -16.65 -7.44 4.07
CA PHE A 150 -17.32 -8.64 3.59
C PHE A 150 -16.29 -9.64 3.04
N MET A 1 2.02 8.99 -12.74
CA MET A 1 0.75 9.65 -13.07
C MET A 1 -0.41 8.88 -12.42
N ALA A 2 -1.65 9.34 -12.61
CA ALA A 2 -2.83 8.71 -12.03
C ALA A 2 -2.93 7.23 -12.42
N GLY A 3 -3.43 6.41 -11.49
CA GLY A 3 -3.70 5.00 -11.69
C GLY A 3 -5.11 4.77 -12.24
N ILE A 4 -5.58 3.53 -12.13
CA ILE A 4 -6.94 3.09 -12.41
C ILE A 4 -7.31 2.17 -11.23
N LEU A 5 -8.58 2.21 -10.81
CA LEU A 5 -9.10 1.41 -9.70
C LEU A 5 -8.72 -0.07 -9.86
N PHE A 6 -7.92 -0.55 -8.90
CA PHE A 6 -7.53 -1.93 -8.70
C PHE A 6 -7.24 -2.04 -7.21
N GLU A 7 -7.73 -3.09 -6.56
CA GLU A 7 -7.74 -3.25 -5.11
C GLU A 7 -7.53 -4.74 -4.79
N ASP A 8 -6.87 -5.06 -3.68
CA ASP A 8 -6.80 -6.42 -3.15
C ASP A 8 -6.67 -6.37 -1.63
N ILE A 9 -7.08 -7.45 -0.95
CA ILE A 9 -6.84 -7.66 0.46
C ILE A 9 -5.45 -8.32 0.55
N PHE A 10 -4.69 -7.98 1.58
CA PHE A 10 -3.44 -8.62 1.92
C PHE A 10 -3.64 -9.35 3.23
N ASP A 11 -3.00 -10.51 3.36
CA ASP A 11 -3.04 -11.38 4.52
C ASP A 11 -1.62 -11.45 5.07
N VAL A 12 -1.47 -11.10 6.33
CA VAL A 12 -0.18 -11.04 7.01
C VAL A 12 0.29 -12.46 7.22
N LYS A 13 1.47 -12.79 6.68
CA LYS A 13 2.10 -14.10 6.83
C LYS A 13 3.13 -14.06 7.96
N ASP A 14 3.76 -12.91 8.24
CA ASP A 14 4.70 -12.78 9.36
C ASP A 14 4.81 -11.33 9.83
N ILE A 15 5.37 -11.15 11.02
CA ILE A 15 5.56 -9.89 11.75
C ILE A 15 6.92 -10.01 12.44
N ASP A 16 7.75 -8.96 12.38
CA ASP A 16 9.06 -8.96 13.04
C ASP A 16 9.43 -7.54 13.51
N PRO A 17 9.12 -7.17 14.77
CA PRO A 17 9.63 -5.94 15.38
C PRO A 17 11.17 -5.98 15.44
N GLU A 18 11.83 -4.83 15.26
CA GLU A 18 13.29 -4.76 15.19
C GLU A 18 13.87 -3.66 16.09
N GLY A 19 13.05 -3.04 16.95
CA GLY A 19 13.50 -2.00 17.87
C GLY A 19 13.69 -0.66 17.14
N LYS A 20 12.71 -0.26 16.31
CA LYS A 20 12.79 0.89 15.40
C LYS A 20 12.71 2.24 16.15
N LYS A 21 13.11 2.30 17.41
CA LYS A 21 12.92 3.40 18.39
C LYS A 21 11.44 3.50 18.72
N PHE A 22 10.60 3.75 17.71
CA PHE A 22 9.16 3.65 17.79
C PHE A 22 8.89 2.16 17.62
N ASP A 23 8.91 1.38 18.69
CA ASP A 23 8.77 -0.09 18.61
C ASP A 23 7.42 -0.54 18.03
N ARG A 24 6.42 0.36 18.01
CA ARG A 24 5.16 0.17 17.29
C ARG A 24 5.36 0.13 15.78
N VAL A 25 6.49 0.55 15.23
CA VAL A 25 6.82 0.34 13.83
C VAL A 25 7.52 -1.03 13.80
N SER A 26 7.16 -1.91 12.87
CA SER A 26 7.70 -3.25 12.78
C SER A 26 7.69 -3.73 11.33
N ARG A 27 8.52 -4.73 11.03
CA ARG A 27 8.49 -5.38 9.73
C ARG A 27 7.24 -6.24 9.67
N LEU A 28 6.69 -6.42 8.47
CA LEU A 28 5.61 -7.32 8.14
C LEU A 28 5.95 -8.01 6.83
N HIS A 29 5.36 -9.17 6.60
CA HIS A 29 5.37 -9.89 5.34
C HIS A 29 3.95 -10.35 5.11
N CYS A 30 3.43 -10.15 3.90
CA CYS A 30 2.05 -10.42 3.52
C CYS A 30 1.99 -11.01 2.10
N GLU A 31 0.84 -11.56 1.74
CA GLU A 31 0.52 -12.03 0.40
C GLU A 31 -0.89 -11.52 0.08
N SER A 32 -1.17 -11.14 -1.18
CA SER A 32 -2.50 -10.66 -1.54
C SER A 32 -3.42 -11.84 -1.85
N GLU A 33 -4.70 -11.69 -1.51
CA GLU A 33 -5.65 -12.80 -1.54
C GLU A 33 -6.18 -13.09 -2.94
N SER A 34 -6.32 -12.08 -3.80
CA SER A 34 -6.98 -12.23 -5.10
C SER A 34 -5.97 -12.31 -6.25
N PHE A 35 -4.84 -11.59 -6.13
CA PHE A 35 -3.86 -11.40 -7.20
C PHE A 35 -2.46 -11.90 -6.82
N LYS A 36 -2.35 -12.61 -5.69
CA LYS A 36 -1.14 -13.27 -5.18
C LYS A 36 0.14 -12.43 -5.29
N MET A 37 0.03 -11.12 -5.03
CA MET A 37 1.19 -10.27 -4.88
C MET A 37 1.97 -10.75 -3.65
N ASP A 38 3.27 -10.47 -3.64
CA ASP A 38 4.18 -10.78 -2.54
C ASP A 38 4.63 -9.44 -1.95
N LEU A 39 4.50 -9.25 -0.64
CA LEU A 39 4.68 -7.95 -0.01
C LEU A 39 5.47 -8.09 1.29
N ILE A 40 6.30 -7.08 1.54
CA ILE A 40 7.03 -6.80 2.76
C ILE A 40 6.66 -5.35 3.09
N LEU A 41 6.62 -4.99 4.37
CA LEU A 41 6.37 -3.66 4.87
C LEU A 41 7.24 -3.44 6.11
N ASP A 42 7.44 -2.18 6.47
CA ASP A 42 8.01 -1.71 7.72
C ASP A 42 7.12 -0.53 8.07
N VAL A 43 6.11 -0.80 8.90
CA VAL A 43 5.00 0.12 9.16
C VAL A 43 4.55 0.03 10.62
N ASN A 44 3.71 0.98 11.04
CA ASN A 44 3.03 0.96 12.34
C ASN A 44 2.15 -0.29 12.45
N ILE A 45 2.21 -1.00 13.58
CA ILE A 45 1.42 -2.20 13.87
C ILE A 45 0.46 -2.01 15.06
N GLN A 46 0.36 -0.83 15.68
CA GLN A 46 -0.42 -0.65 16.92
C GLN A 46 -1.93 -0.87 16.73
N ILE A 47 -2.37 -0.95 15.47
CA ILE A 47 -3.71 -1.38 15.06
C ILE A 47 -3.97 -2.81 15.57
N TYR A 48 -2.89 -3.55 15.84
CA TYR A 48 -2.82 -4.93 16.31
C TYR A 48 -1.94 -5.01 17.56
N PRO A 49 -1.96 -6.14 18.30
CA PRO A 49 -1.00 -6.40 19.38
C PRO A 49 0.45 -6.22 18.90
N VAL A 50 1.36 -5.97 19.84
CA VAL A 50 2.75 -5.55 19.60
C VAL A 50 3.60 -6.53 18.77
N ASP A 51 3.12 -7.76 18.53
CA ASP A 51 3.85 -8.82 17.82
C ASP A 51 2.91 -9.58 16.88
N LEU A 52 1.83 -8.93 16.40
CA LEU A 52 0.78 -9.57 15.62
C LEU A 52 0.31 -8.64 14.49
N GLY A 53 -0.38 -9.22 13.51
CA GLY A 53 -1.09 -8.60 12.41
C GLY A 53 -2.00 -9.67 11.81
N ASP A 54 -2.94 -9.30 10.95
CA ASP A 54 -3.88 -10.26 10.36
C ASP A 54 -4.16 -9.96 8.89
N LYS A 55 -4.79 -8.81 8.57
CA LYS A 55 -5.07 -8.42 7.20
C LYS A 55 -5.04 -6.90 7.04
N PHE A 56 -4.93 -6.44 5.79
CA PHE A 56 -5.06 -5.05 5.36
C PHE A 56 -5.71 -5.07 3.97
N ARG A 57 -6.10 -3.92 3.41
CA ARG A 57 -6.69 -3.83 2.07
C ARG A 57 -6.04 -2.63 1.39
N LEU A 58 -5.42 -2.84 0.22
CA LEU A 58 -4.58 -1.86 -0.45
C LEU A 58 -5.11 -1.66 -1.87
N VAL A 59 -5.00 -0.44 -2.38
CA VAL A 59 -5.65 -0.04 -3.62
C VAL A 59 -4.89 1.15 -4.22
N ILE A 60 -4.52 1.03 -5.49
CA ILE A 60 -3.88 2.12 -6.25
C ILE A 60 -4.90 3.25 -6.50
N ALA A 61 -6.19 2.90 -6.66
CA ALA A 61 -7.30 3.77 -7.06
C ALA A 61 -7.06 4.44 -8.42
N SER A 62 -8.06 5.17 -8.91
CA SER A 62 -7.94 6.00 -10.10
C SER A 62 -7.28 7.36 -9.80
N THR A 63 -6.81 7.58 -8.56
CA THR A 63 -6.20 8.83 -8.09
C THR A 63 -7.23 9.99 -8.15
N LEU A 64 -6.82 11.21 -7.76
CA LEU A 64 -7.71 12.36 -7.54
C LEU A 64 -7.28 13.61 -8.32
N TYR A 65 -6.33 13.47 -9.26
CA TYR A 65 -5.91 14.49 -10.23
C TYR A 65 -5.78 15.90 -9.63
N GLU A 66 -4.95 16.02 -8.57
CA GLU A 66 -4.64 17.28 -7.92
C GLU A 66 -3.99 18.28 -8.88
N ASP A 67 -3.42 17.80 -9.99
CA ASP A 67 -2.81 18.62 -11.04
C ASP A 67 -3.84 19.54 -11.70
N GLY A 68 -5.13 19.17 -11.68
CA GLY A 68 -6.22 20.05 -12.07
C GLY A 68 -7.43 19.32 -12.63
N THR A 69 -7.23 18.15 -13.24
CA THR A 69 -8.26 17.45 -14.01
C THR A 69 -9.54 17.13 -13.21
N LEU A 70 -9.44 16.95 -11.88
CA LEU A 70 -10.62 16.81 -11.02
C LEU A 70 -10.67 17.87 -9.93
N ASP A 71 -9.55 18.53 -9.60
CA ASP A 71 -9.56 19.66 -8.69
C ASP A 71 -10.43 20.81 -9.24
N ASP A 72 -10.57 20.90 -10.56
CA ASP A 72 -11.40 21.88 -11.26
C ASP A 72 -12.91 21.74 -11.00
N GLY A 73 -13.29 20.64 -10.36
CA GLY A 73 -14.66 20.32 -9.98
C GLY A 73 -14.79 19.77 -8.56
N GLU A 74 -13.67 19.63 -7.84
CA GLU A 74 -13.56 19.00 -6.52
C GLU A 74 -14.34 17.67 -6.47
N TYR A 75 -14.26 16.88 -7.54
CA TYR A 75 -14.98 15.61 -7.66
C TYR A 75 -14.51 14.66 -6.56
N ASN A 76 -15.43 14.27 -5.68
CA ASN A 76 -15.15 13.48 -4.50
C ASN A 76 -16.43 12.76 -4.09
N PRO A 77 -16.56 11.45 -4.35
CA PRO A 77 -17.73 10.66 -3.95
C PRO A 77 -18.07 10.73 -2.45
N THR A 78 -17.07 11.06 -1.61
CA THR A 78 -17.18 11.18 -0.16
C THR A 78 -17.86 9.92 0.44
N ASP A 79 -17.57 8.75 -0.12
CA ASP A 79 -18.25 7.48 0.17
C ASP A 79 -17.78 6.87 1.50
N ASP A 80 -18.07 7.59 2.58
CA ASP A 80 -17.83 7.19 3.96
C ASP A 80 -18.87 7.87 4.86
N ARG A 81 -19.05 9.19 4.72
CA ARG A 81 -19.97 9.96 5.55
C ARG A 81 -21.45 9.58 5.35
N PRO A 82 -21.98 9.42 4.11
CA PRO A 82 -23.36 8.99 3.89
C PRO A 82 -23.47 7.46 3.81
N SER A 83 -22.46 6.76 4.32
CA SER A 83 -22.26 5.32 4.16
C SER A 83 -21.87 4.73 5.53
N ARG A 84 -21.40 3.47 5.56
CA ARG A 84 -20.80 2.91 6.78
C ARG A 84 -19.52 3.71 7.05
N ALA A 85 -19.52 4.53 8.10
CA ALA A 85 -18.42 5.41 8.47
C ALA A 85 -17.23 4.67 9.10
N ASP A 86 -17.08 3.37 8.83
CA ASP A 86 -16.07 2.48 9.43
C ASP A 86 -14.70 2.63 8.73
N GLN A 87 -14.40 3.86 8.30
CA GLN A 87 -13.17 4.35 7.70
C GLN A 87 -12.58 3.40 6.66
N PHE A 88 -13.40 3.01 5.68
CA PHE A 88 -13.01 2.29 4.47
C PHE A 88 -12.31 3.22 3.48
N GLU A 89 -11.48 4.16 3.95
CA GLU A 89 -10.63 5.02 3.13
C GLU A 89 -9.56 5.67 4.01
N TYR A 90 -8.30 5.49 3.64
CA TYR A 90 -7.14 6.20 4.20
C TYR A 90 -6.13 6.30 3.06
N VAL A 91 -5.24 7.30 3.08
CA VAL A 91 -4.34 7.60 1.97
C VAL A 91 -2.94 7.92 2.49
N MET A 92 -1.93 7.63 1.66
CA MET A 92 -0.53 7.91 1.92
C MET A 92 0.16 8.09 0.55
N TYR A 93 1.33 8.71 0.53
CA TYR A 93 2.03 9.07 -0.69
C TYR A 93 3.51 8.73 -0.52
N GLY A 94 4.22 8.43 -1.62
CA GLY A 94 5.56 7.88 -1.51
C GLY A 94 6.41 8.06 -2.77
N LYS A 95 7.42 7.20 -2.91
CA LYS A 95 8.31 7.13 -4.06
C LYS A 95 8.67 5.66 -4.27
N VAL A 96 8.40 5.13 -5.46
CA VAL A 96 8.88 3.81 -5.85
C VAL A 96 10.37 3.97 -6.24
N TYR A 97 11.21 2.99 -5.89
CA TYR A 97 12.63 2.95 -6.23
C TYR A 97 13.04 1.52 -6.62
N ARG A 98 12.52 0.98 -7.73
CA ARG A 98 12.84 -0.38 -8.18
C ARG A 98 12.66 -0.56 -9.70
N ILE A 99 13.19 -1.67 -10.20
CA ILE A 99 13.34 -2.01 -11.61
C ILE A 99 12.05 -2.61 -12.21
N GLU A 100 12.13 -3.01 -13.49
CA GLU A 100 11.04 -3.59 -14.27
C GLU A 100 10.71 -5.05 -13.90
N GLY A 101 11.46 -5.66 -12.98
CA GLY A 101 11.28 -7.05 -12.55
C GLY A 101 11.35 -8.03 -13.72
N ASP A 102 12.30 -7.82 -14.63
CA ASP A 102 12.65 -8.71 -15.74
C ASP A 102 14.17 -8.63 -15.90
N GLU A 103 14.89 -9.11 -14.89
CA GLU A 103 16.33 -8.97 -14.75
C GLU A 103 16.90 -10.24 -14.13
N THR A 104 17.35 -11.15 -14.99
CA THR A 104 18.14 -12.30 -14.57
C THR A 104 19.47 -11.81 -14.01
N SER A 105 20.00 -12.53 -13.01
CA SER A 105 21.32 -12.48 -12.37
C SER A 105 21.16 -12.21 -10.87
N THR A 106 19.96 -11.76 -10.46
CA THR A 106 19.59 -11.66 -9.05
C THR A 106 18.16 -12.21 -8.86
N GLU A 107 17.77 -13.16 -9.70
CA GLU A 107 16.46 -13.82 -9.72
C GLU A 107 15.31 -12.81 -9.61
N ALA A 108 15.40 -11.72 -10.37
CA ALA A 108 14.37 -10.67 -10.40
C ALA A 108 13.78 -10.66 -11.81
N ALA A 109 13.59 -11.86 -12.37
CA ALA A 109 13.25 -12.04 -13.78
C ALA A 109 11.80 -12.36 -14.08
N THR A 110 11.02 -12.49 -13.02
CA THR A 110 9.57 -12.57 -13.04
C THR A 110 9.02 -11.66 -11.95
N ARG A 111 7.74 -11.28 -12.09
CA ARG A 111 6.99 -10.32 -11.29
C ARG A 111 7.66 -8.94 -11.28
N LEU A 112 6.91 -7.95 -11.75
CA LEU A 112 7.27 -6.54 -11.64
C LEU A 112 7.43 -6.24 -10.16
N SER A 113 8.38 -5.39 -9.80
CA SER A 113 8.77 -5.10 -8.44
C SER A 113 8.64 -3.60 -8.16
N ALA A 114 8.33 -3.25 -6.91
CA ALA A 114 8.17 -1.89 -6.45
C ALA A 114 8.60 -1.81 -4.99
N TYR A 115 9.74 -1.20 -4.71
CA TYR A 115 10.14 -0.86 -3.36
C TYR A 115 9.58 0.54 -3.19
N VAL A 116 8.73 0.80 -2.20
CA VAL A 116 7.99 2.04 -2.11
C VAL A 116 8.20 2.57 -0.70
N SER A 117 8.90 3.68 -0.57
CA SER A 117 8.97 4.41 0.69
C SER A 117 7.78 5.36 0.66
N TYR A 118 6.95 5.37 1.70
CA TYR A 118 5.69 6.11 1.71
C TYR A 118 5.40 6.60 3.13
N GLY A 119 5.00 7.87 3.27
CA GLY A 119 4.71 8.51 4.55
C GLY A 119 5.76 8.28 5.65
N GLY A 120 7.05 8.17 5.30
CA GLY A 120 8.14 7.94 6.25
C GLY A 120 8.22 6.48 6.74
N LEU A 121 7.58 5.55 6.03
CA LEU A 121 7.52 4.11 6.27
C LEU A 121 7.90 3.41 4.96
N LEU A 122 7.94 2.07 4.91
CA LEU A 122 8.47 1.36 3.73
C LEU A 122 7.62 0.13 3.40
N MET A 123 7.65 -0.28 2.13
CA MET A 123 7.12 -1.52 1.60
C MET A 123 8.05 -2.00 0.49
N ARG A 124 8.05 -3.29 0.21
CA ARG A 124 8.71 -3.90 -0.94
C ARG A 124 7.72 -4.91 -1.48
N LEU A 125 7.27 -4.73 -2.71
CA LEU A 125 6.15 -5.43 -3.34
C LEU A 125 6.60 -6.05 -4.65
N GLN A 126 6.00 -7.18 -5.02
CA GLN A 126 6.12 -7.80 -6.33
C GLN A 126 4.75 -8.34 -6.74
N GLY A 127 4.48 -8.35 -8.04
CA GLY A 127 3.27 -8.95 -8.60
C GLY A 127 3.42 -9.12 -10.11
N ASP A 128 2.54 -9.92 -10.71
CA ASP A 128 2.53 -10.16 -12.16
C ASP A 128 2.03 -8.91 -12.90
N ALA A 129 2.96 -8.00 -13.18
CA ALA A 129 2.82 -6.63 -13.69
C ALA A 129 1.47 -5.96 -13.43
N ASN A 130 0.43 -6.31 -14.19
CA ASN A 130 -0.92 -5.76 -14.04
C ASN A 130 -1.58 -6.04 -12.68
N ASN A 131 -0.98 -6.95 -11.92
CA ASN A 131 -1.37 -7.33 -10.57
C ASN A 131 -0.71 -6.38 -9.58
N LEU A 132 0.53 -5.94 -9.84
CA LEU A 132 1.17 -4.88 -9.06
C LEU A 132 0.52 -3.53 -9.39
N HIS A 133 0.04 -3.40 -10.64
CA HIS A 133 -0.80 -2.31 -11.12
C HIS A 133 -0.17 -0.94 -10.90
N GLY A 134 1.13 -0.84 -11.22
CA GLY A 134 1.94 0.34 -11.02
C GLY A 134 3.05 0.36 -12.06
N PHE A 135 2.67 0.57 -13.32
CA PHE A 135 3.57 0.52 -14.47
C PHE A 135 4.51 1.73 -14.57
N GLU A 136 4.46 2.62 -13.60
CA GLU A 136 5.36 3.75 -13.41
C GLU A 136 5.87 3.73 -11.99
N VAL A 137 7.13 4.15 -11.84
CA VAL A 137 7.72 4.43 -10.53
C VAL A 137 7.02 5.65 -9.88
N ASP A 138 6.06 6.22 -10.61
CA ASP A 138 5.19 7.33 -10.23
C ASP A 138 3.71 6.95 -10.32
N SER A 139 3.40 5.65 -10.41
CA SER A 139 2.02 5.19 -10.25
C SER A 139 1.69 5.09 -8.76
N ARG A 140 2.28 4.12 -8.05
CA ARG A 140 1.88 3.78 -6.68
C ARG A 140 2.49 4.71 -5.64
N VAL A 141 3.03 5.84 -6.10
CA VAL A 141 3.41 6.93 -5.24
C VAL A 141 2.14 7.60 -4.68
N TYR A 142 0.96 7.28 -5.23
CA TYR A 142 -0.35 7.62 -4.71
C TYR A 142 -0.90 6.28 -4.22
N LEU A 143 -1.21 6.14 -2.93
CA LEU A 143 -1.59 4.87 -2.35
C LEU A 143 -2.80 5.09 -1.44
N LEU A 144 -3.82 4.27 -1.60
CA LEU A 144 -5.04 4.29 -0.79
C LEU A 144 -5.08 2.92 -0.10
N MET A 145 -5.46 2.89 1.17
CA MET A 145 -5.57 1.65 1.94
C MET A 145 -6.74 1.75 2.91
N LYS A 146 -7.18 0.59 3.39
CA LYS A 146 -8.40 0.40 4.17
C LYS A 146 -8.21 -0.83 5.06
N LYS A 147 -9.12 -0.98 6.03
CA LYS A 147 -9.24 -2.22 6.80
C LYS A 147 -9.82 -3.30 5.88
N LEU A 148 -9.78 -4.56 6.30
CA LEU A 148 -10.50 -5.64 5.61
C LEU A 148 -12.00 -5.34 5.55
N ALA A 149 -12.70 -5.94 4.58
CA ALA A 149 -14.14 -5.92 4.48
C ALA A 149 -14.58 -7.25 3.86
N PHE A 150 -15.45 -7.97 4.57
CA PHE A 150 -16.03 -9.25 4.16
C PHE A 150 -17.42 -9.33 4.78
N MET A 1 -6.75 12.02 -11.50
CA MET A 1 -6.66 10.74 -10.77
C MET A 1 -5.29 10.08 -11.03
N ALA A 2 -4.85 9.17 -10.14
CA ALA A 2 -3.68 8.31 -10.35
C ALA A 2 -3.73 7.64 -11.73
N GLY A 3 -2.57 7.38 -12.33
CA GLY A 3 -2.45 6.91 -13.71
C GLY A 3 -3.07 5.54 -13.95
N ILE A 4 -3.16 4.71 -12.90
CA ILE A 4 -3.87 3.45 -12.87
C ILE A 4 -4.50 3.30 -11.48
N LEU A 5 -5.39 2.33 -11.29
CA LEU A 5 -6.11 2.09 -10.05
C LEU A 5 -6.28 0.59 -9.87
N PHE A 6 -6.05 0.10 -8.65
CA PHE A 6 -6.36 -1.26 -8.23
C PHE A 6 -6.84 -1.20 -6.77
N GLU A 7 -7.49 -2.27 -6.32
CA GLU A 7 -7.94 -2.50 -4.96
C GLU A 7 -7.63 -3.97 -4.71
N ASP A 8 -6.87 -4.27 -3.66
CA ASP A 8 -6.34 -5.61 -3.40
C ASP A 8 -6.37 -5.89 -1.90
N ILE A 9 -6.89 -7.05 -1.52
CA ILE A 9 -6.93 -7.48 -0.13
C ILE A 9 -5.55 -8.06 0.18
N PHE A 10 -4.95 -7.60 1.28
CA PHE A 10 -3.68 -8.07 1.81
C PHE A 10 -3.98 -9.10 2.91
N ASP A 11 -3.05 -10.01 3.13
CA ASP A 11 -3.03 -10.98 4.21
C ASP A 11 -1.63 -10.94 4.83
N VAL A 12 -1.53 -10.52 6.08
CA VAL A 12 -0.26 -10.48 6.81
C VAL A 12 0.12 -11.93 7.11
N LYS A 13 1.30 -12.35 6.64
CA LYS A 13 1.88 -13.65 6.96
C LYS A 13 2.63 -13.55 8.28
N ASP A 14 3.38 -12.47 8.51
CA ASP A 14 4.24 -12.35 9.70
C ASP A 14 4.56 -10.89 10.02
N ILE A 15 5.10 -10.68 11.21
CA ILE A 15 5.42 -9.39 11.83
C ILE A 15 6.80 -9.56 12.49
N ASP A 16 7.65 -8.54 12.41
CA ASP A 16 9.06 -8.60 12.82
C ASP A 16 9.50 -7.24 13.41
N PRO A 17 9.33 -7.03 14.73
CA PRO A 17 9.89 -5.89 15.45
C PRO A 17 11.43 -5.93 15.48
N GLU A 18 12.09 -4.78 15.37
CA GLU A 18 13.55 -4.69 15.44
C GLU A 18 14.05 -4.76 16.90
N GLY A 19 13.31 -4.11 17.81
CA GLY A 19 13.66 -3.84 19.20
C GLY A 19 13.00 -2.51 19.52
N LYS A 20 11.72 -2.41 19.15
CA LYS A 20 10.95 -1.19 19.11
C LYS A 20 10.77 -0.54 20.47
N LYS A 21 11.26 0.69 20.56
CA LYS A 21 10.99 1.58 21.70
C LYS A 21 9.49 1.92 21.74
N PHE A 22 8.91 2.28 20.59
CA PHE A 22 7.52 2.74 20.51
C PHE A 22 6.52 1.59 20.50
N ASP A 23 6.97 0.38 20.17
CA ASP A 23 6.20 -0.87 20.07
C ASP A 23 4.89 -0.73 19.28
N ARG A 24 4.91 0.05 18.18
CA ARG A 24 3.75 0.23 17.30
C ARG A 24 4.11 0.32 15.82
N VAL A 25 5.37 0.08 15.44
CA VAL A 25 5.83 0.12 14.05
C VAL A 25 6.77 -1.06 13.91
N SER A 26 6.68 -1.88 12.86
CA SER A 26 7.55 -3.04 12.69
C SER A 26 7.63 -3.43 11.20
N ARG A 27 8.58 -4.32 10.88
CA ARG A 27 8.63 -4.94 9.56
C ARG A 27 7.48 -5.94 9.49
N LEU A 28 6.94 -6.17 8.30
CA LEU A 28 5.82 -7.06 8.03
C LEU A 28 6.16 -7.86 6.78
N HIS A 29 5.50 -9.01 6.63
CA HIS A 29 5.58 -9.89 5.47
C HIS A 29 4.13 -10.23 5.15
N CYS A 30 3.70 -9.99 3.92
CA CYS A 30 2.31 -10.05 3.48
C CYS A 30 2.20 -10.65 2.08
N GLU A 31 0.97 -10.95 1.67
CA GLU A 31 0.62 -11.52 0.37
C GLU A 31 -0.71 -10.92 -0.07
N SER A 32 -0.87 -10.69 -1.38
CA SER A 32 -2.15 -10.32 -1.97
C SER A 32 -3.05 -11.55 -2.06
N GLU A 33 -4.29 -11.42 -1.61
CA GLU A 33 -5.33 -12.43 -1.80
C GLU A 33 -5.94 -12.32 -3.21
N SER A 34 -5.79 -11.18 -3.91
CA SER A 34 -6.50 -10.89 -5.16
C SER A 34 -5.55 -10.59 -6.34
N PHE A 35 -4.42 -9.92 -6.10
CA PHE A 35 -3.46 -9.52 -7.15
C PHE A 35 -2.10 -10.22 -6.99
N LYS A 36 -2.05 -11.37 -6.28
CA LYS A 36 -0.92 -12.29 -6.12
C LYS A 36 0.49 -11.70 -5.86
N MET A 37 0.62 -10.44 -5.44
CA MET A 37 1.90 -9.88 -5.06
C MET A 37 2.39 -10.57 -3.79
N ASP A 38 3.70 -10.65 -3.64
CA ASP A 38 4.42 -11.09 -2.45
C ASP A 38 5.11 -9.84 -1.92
N LEU A 39 4.94 -9.49 -0.64
CA LEU A 39 5.36 -8.19 -0.14
C LEU A 39 6.08 -8.29 1.21
N ILE A 40 6.98 -7.34 1.42
CA ILE A 40 7.66 -7.02 2.66
C ILE A 40 7.31 -5.54 2.87
N LEU A 41 7.13 -5.11 4.11
CA LEU A 41 6.60 -3.83 4.53
C LEU A 41 7.36 -3.42 5.79
N ASP A 42 7.31 -2.13 6.12
CA ASP A 42 7.75 -1.54 7.38
C ASP A 42 6.68 -0.49 7.64
N VAL A 43 5.76 -0.81 8.54
CA VAL A 43 4.52 -0.05 8.76
C VAL A 43 4.13 -0.02 10.24
N ASN A 44 3.15 0.82 10.58
CA ASN A 44 2.52 0.79 11.89
C ASN A 44 1.78 -0.54 12.07
N ILE A 45 1.93 -1.16 13.24
CA ILE A 45 1.37 -2.48 13.55
C ILE A 45 0.26 -2.43 14.60
N GLN A 46 -0.18 -1.23 14.99
CA GLN A 46 -1.39 -1.06 15.81
C GLN A 46 -2.63 -1.64 15.08
N ILE A 47 -2.55 -1.74 13.75
CA ILE A 47 -3.55 -2.37 12.87
C ILE A 47 -3.55 -3.91 13.11
N TYR A 48 -2.43 -4.47 13.55
CA TYR A 48 -2.17 -5.90 13.65
C TYR A 48 -1.69 -6.24 15.07
N PRO A 49 -2.56 -6.12 16.10
CA PRO A 49 -2.17 -6.19 17.51
C PRO A 49 -1.81 -7.62 17.99
N VAL A 50 -1.76 -8.61 17.11
CA VAL A 50 -1.55 -10.02 17.45
C VAL A 50 -0.57 -10.62 16.46
N ASP A 51 0.22 -11.61 16.92
CA ASP A 51 1.24 -12.30 16.12
C ASP A 51 0.64 -13.02 14.91
N LEU A 52 -0.65 -13.39 15.00
CA LEU A 52 -1.42 -13.99 13.91
C LEU A 52 -1.52 -13.05 12.70
N GLY A 53 -1.39 -11.72 12.88
CA GLY A 53 -1.69 -10.75 11.86
C GLY A 53 -3.20 -10.69 11.60
N ASP A 54 -3.60 -10.02 10.52
CA ASP A 54 -4.99 -9.93 10.08
C ASP A 54 -4.99 -9.70 8.56
N LYS A 55 -6.17 -9.72 7.93
CA LYS A 55 -6.35 -9.31 6.56
C LYS A 55 -6.78 -7.85 6.52
N PHE A 56 -6.45 -7.18 5.42
CA PHE A 56 -6.65 -5.74 5.23
C PHE A 56 -6.82 -5.49 3.73
N ARG A 57 -6.96 -4.24 3.29
CA ARG A 57 -7.07 -3.88 1.89
C ARG A 57 -6.20 -2.65 1.63
N LEU A 58 -5.64 -2.60 0.42
CA LEU A 58 -4.83 -1.50 -0.08
C LEU A 58 -5.40 -1.06 -1.42
N VAL A 59 -5.33 0.24 -1.70
CA VAL A 59 -5.89 0.93 -2.85
C VAL A 59 -4.89 2.06 -3.19
N ILE A 60 -5.02 2.70 -4.36
CA ILE A 60 -4.13 3.78 -4.80
C ILE A 60 -4.94 5.01 -5.27
N ALA A 61 -6.15 5.19 -4.73
CA ALA A 61 -7.11 6.23 -5.13
C ALA A 61 -6.85 7.59 -4.46
N SER A 62 -5.71 7.81 -3.82
CA SER A 62 -5.40 8.94 -2.95
C SER A 62 -5.37 10.33 -3.62
N THR A 63 -5.75 10.47 -4.90
CA THR A 63 -5.78 11.74 -5.62
C THR A 63 -6.85 12.74 -5.15
N LEU A 64 -7.14 12.80 -3.85
CA LEU A 64 -7.94 13.88 -3.24
C LEU A 64 -7.22 15.22 -3.47
N TYR A 65 -5.89 15.16 -3.67
CA TYR A 65 -4.98 16.21 -4.12
C TYR A 65 -4.68 17.21 -3.00
N GLU A 66 -3.65 18.04 -3.21
CA GLU A 66 -3.29 19.20 -2.39
C GLU A 66 -4.25 20.37 -2.66
N ASP A 67 -5.55 20.06 -2.78
CA ASP A 67 -6.59 20.97 -3.25
C ASP A 67 -6.79 22.20 -2.36
N GLY A 68 -6.37 22.11 -1.10
CA GLY A 68 -6.31 23.27 -0.18
C GLY A 68 -5.28 24.32 -0.58
N THR A 69 -4.50 24.09 -1.66
CA THR A 69 -3.67 25.13 -2.24
C THR A 69 -4.57 26.26 -2.79
N LEU A 70 -5.79 25.93 -3.23
CA LEU A 70 -6.82 26.92 -3.56
C LEU A 70 -7.28 27.52 -2.22
N ASP A 71 -7.33 28.85 -2.16
CA ASP A 71 -7.53 29.62 -0.94
C ASP A 71 -8.97 29.60 -0.41
N ASP A 72 -9.48 28.41 -0.08
CA ASP A 72 -10.74 28.21 0.62
C ASP A 72 -10.65 27.00 1.57
N GLY A 73 -9.44 26.51 1.80
CA GLY A 73 -9.11 25.36 2.65
C GLY A 73 -9.27 24.04 1.90
N GLU A 74 -10.23 23.99 0.99
CA GLU A 74 -10.58 22.91 0.09
C GLU A 74 -11.56 23.53 -0.93
N TYR A 75 -11.67 22.94 -2.12
CA TYR A 75 -12.48 23.46 -3.22
C TYR A 75 -13.21 22.30 -3.94
N ASN A 76 -13.40 21.18 -3.25
CA ASN A 76 -14.12 20.00 -3.73
C ASN A 76 -15.15 19.61 -2.68
N PRO A 77 -16.32 20.27 -2.63
CA PRO A 77 -17.39 19.90 -1.70
C PRO A 77 -17.91 18.48 -1.97
N THR A 78 -17.63 17.90 -3.14
CA THR A 78 -17.89 16.51 -3.48
C THR A 78 -17.24 15.53 -2.48
N ASP A 79 -16.21 15.94 -1.73
CA ASP A 79 -15.66 15.11 -0.65
C ASP A 79 -16.63 14.92 0.52
N ASP A 80 -17.68 15.75 0.61
CA ASP A 80 -18.64 15.78 1.73
C ASP A 80 -20.09 15.63 1.24
N ARG A 81 -20.42 16.10 0.03
CA ARG A 81 -21.72 15.83 -0.59
C ARG A 81 -21.86 14.31 -0.70
N PRO A 82 -22.93 13.73 -0.12
CA PRO A 82 -23.14 12.30 0.09
C PRO A 82 -21.88 11.42 0.15
N SER A 83 -20.87 11.87 0.90
CA SER A 83 -19.55 11.26 1.03
C SER A 83 -19.00 11.56 2.43
N ARG A 84 -18.02 10.79 2.89
CA ARG A 84 -17.41 10.90 4.22
C ARG A 84 -15.94 10.54 4.11
N ALA A 85 -15.17 10.74 5.19
CA ALA A 85 -13.79 10.27 5.28
C ALA A 85 -13.68 8.73 5.19
N ASP A 86 -14.80 8.02 5.32
CA ASP A 86 -14.96 6.57 5.10
C ASP A 86 -14.36 6.06 3.78
N GLN A 87 -14.09 6.95 2.82
CA GLN A 87 -13.33 6.65 1.61
C GLN A 87 -11.99 5.93 1.91
N PHE A 88 -11.40 6.15 3.10
CA PHE A 88 -10.13 5.57 3.52
C PHE A 88 -10.13 5.30 5.03
N GLU A 89 -9.07 4.63 5.51
CA GLU A 89 -8.79 4.46 6.94
C GLU A 89 -7.41 5.07 7.22
N TYR A 90 -6.50 4.97 6.25
CA TYR A 90 -5.21 5.65 6.20
C TYR A 90 -4.96 5.98 4.73
N VAL A 91 -4.32 7.12 4.45
CA VAL A 91 -4.04 7.59 3.10
C VAL A 91 -2.73 8.40 3.14
N MET A 92 -1.89 8.26 2.11
CA MET A 92 -0.55 8.82 2.07
C MET A 92 -0.06 8.92 0.62
N TYR A 93 1.12 9.54 0.46
CA TYR A 93 1.75 9.89 -0.80
C TYR A 93 3.23 9.49 -0.69
N GLY A 94 3.89 9.09 -1.78
CA GLY A 94 5.22 8.52 -1.69
C GLY A 94 6.02 8.60 -2.99
N LYS A 95 7.01 7.71 -3.12
CA LYS A 95 7.81 7.51 -4.33
C LYS A 95 7.89 6.00 -4.55
N VAL A 96 7.50 5.55 -5.74
CA VAL A 96 7.58 4.18 -6.18
C VAL A 96 8.92 4.02 -6.92
N TYR A 97 9.47 2.80 -6.87
CA TYR A 97 10.68 2.38 -7.55
C TYR A 97 10.36 1.01 -8.16
N ARG A 98 11.02 0.59 -9.25
CA ARG A 98 10.87 -0.78 -9.75
C ARG A 98 12.09 -1.20 -10.57
N ILE A 99 12.24 -2.50 -10.77
CA ILE A 99 13.22 -3.04 -11.71
C ILE A 99 12.65 -2.95 -13.13
N GLU A 100 13.45 -3.36 -14.10
CA GLU A 100 13.11 -3.34 -15.53
C GLU A 100 12.17 -4.48 -15.95
N GLY A 101 11.81 -5.39 -15.03
CA GLY A 101 10.97 -6.55 -15.32
C GLY A 101 11.78 -7.76 -15.75
N ASP A 102 13.11 -7.68 -15.75
CA ASP A 102 13.97 -8.83 -15.92
C ASP A 102 14.91 -8.92 -14.73
N GLU A 103 14.88 -10.09 -14.11
CA GLU A 103 15.82 -10.52 -13.09
C GLU A 103 16.13 -12.00 -13.39
N THR A 104 16.32 -12.33 -14.68
CA THR A 104 16.40 -13.69 -15.17
C THR A 104 17.53 -13.81 -16.20
N SER A 105 17.64 -12.87 -17.14
CA SER A 105 18.66 -12.83 -18.18
C SER A 105 18.48 -11.57 -19.03
N THR A 106 17.29 -11.47 -19.62
CA THR A 106 16.81 -10.55 -20.64
C THR A 106 15.38 -11.00 -21.03
N GLU A 107 15.01 -12.26 -20.80
CA GLU A 107 13.74 -12.85 -21.23
C GLU A 107 12.52 -12.18 -20.57
N ALA A 108 12.72 -11.50 -19.45
CA ALA A 108 11.77 -10.81 -18.59
C ALA A 108 11.20 -11.85 -17.65
N ALA A 109 11.52 -11.68 -16.37
CA ALA A 109 11.23 -12.67 -15.36
C ALA A 109 9.70 -12.81 -15.20
N THR A 110 9.24 -13.92 -14.61
CA THR A 110 7.82 -14.21 -14.43
C THR A 110 7.11 -13.33 -13.40
N ARG A 111 7.87 -12.51 -12.69
CA ARG A 111 7.37 -11.45 -11.82
C ARG A 111 8.19 -10.19 -12.04
N LEU A 112 7.52 -9.05 -11.96
CA LEU A 112 8.12 -7.72 -11.90
C LEU A 112 8.34 -7.46 -10.40
N SER A 113 9.33 -6.63 -10.04
CA SER A 113 9.58 -6.27 -8.64
C SER A 113 9.61 -4.76 -8.49
N ALA A 114 9.13 -4.27 -7.35
CA ALA A 114 8.91 -2.86 -7.08
C ALA A 114 9.16 -2.56 -5.60
N TYR A 115 9.41 -1.30 -5.29
CA TYR A 115 9.46 -0.78 -3.93
C TYR A 115 8.57 0.46 -3.87
N VAL A 116 8.12 0.86 -2.69
CA VAL A 116 7.45 2.14 -2.51
C VAL A 116 7.73 2.63 -1.09
N SER A 117 8.05 3.91 -0.96
CA SER A 117 8.34 4.55 0.31
C SER A 117 7.37 5.73 0.39
N TYR A 118 6.64 5.87 1.49
CA TYR A 118 5.52 6.78 1.62
C TYR A 118 5.39 7.23 3.07
N GLY A 119 5.44 8.54 3.33
CA GLY A 119 5.30 9.11 4.67
C GLY A 119 6.27 8.56 5.72
N GLY A 120 7.40 7.97 5.30
CA GLY A 120 8.39 7.34 6.18
C GLY A 120 8.16 5.84 6.41
N LEU A 121 7.07 5.26 5.87
CA LEU A 121 6.82 3.82 5.85
C LEU A 121 7.31 3.28 4.49
N LEU A 122 7.47 1.96 4.38
CA LEU A 122 8.14 1.33 3.23
C LEU A 122 7.46 0.00 2.88
N MET A 123 7.59 -0.43 1.63
CA MET A 123 7.25 -1.76 1.13
C MET A 123 8.29 -2.11 0.07
N ARG A 124 8.54 -3.41 -0.11
CA ARG A 124 9.33 -3.99 -1.20
C ARG A 124 8.55 -5.24 -1.61
N LEU A 125 8.37 -5.49 -2.91
CA LEU A 125 7.45 -6.52 -3.36
C LEU A 125 7.80 -7.05 -4.75
N GLN A 126 7.15 -8.16 -5.10
CA GLN A 126 7.14 -8.73 -6.43
C GLN A 126 5.70 -9.11 -6.76
N GLY A 127 5.37 -9.26 -8.04
CA GLY A 127 4.10 -9.78 -8.49
C GLY A 127 4.18 -9.98 -9.99
N ASP A 128 3.24 -10.74 -10.58
CA ASP A 128 3.19 -10.83 -12.04
C ASP A 128 3.03 -9.40 -12.57
N ALA A 129 3.74 -9.05 -13.65
CA ALA A 129 3.83 -7.66 -14.11
C ALA A 129 2.46 -6.94 -14.12
N ASN A 130 1.48 -7.44 -14.89
CA ASN A 130 0.17 -6.80 -14.97
C ASN A 130 -0.70 -6.97 -13.72
N ASN A 131 -0.23 -7.77 -12.76
CA ASN A 131 -0.80 -7.92 -11.43
C ASN A 131 -0.15 -6.95 -10.44
N LEU A 132 1.06 -6.44 -10.72
CA LEU A 132 1.66 -5.38 -9.90
C LEU A 132 0.85 -4.09 -10.11
N HIS A 133 0.16 -4.00 -11.27
CA HIS A 133 -0.85 -3.01 -11.63
C HIS A 133 -0.48 -1.56 -11.28
N GLY A 134 0.80 -1.21 -11.36
CA GLY A 134 1.33 0.06 -10.88
C GLY A 134 2.83 0.16 -11.11
N PHE A 135 3.31 -0.27 -12.28
CA PHE A 135 4.71 -0.08 -12.67
C PHE A 135 5.07 1.39 -12.89
N GLU A 136 4.04 2.22 -12.98
CA GLU A 136 4.06 3.67 -12.95
C GLU A 136 4.63 4.12 -11.62
N VAL A 137 5.89 4.53 -11.69
CA VAL A 137 6.67 5.15 -10.63
C VAL A 137 5.98 6.37 -10.00
N ASP A 138 4.89 6.85 -10.61
CA ASP A 138 4.11 8.00 -10.12
C ASP A 138 2.60 7.74 -10.11
N SER A 139 2.21 6.46 -10.07
CA SER A 139 0.83 6.09 -9.81
C SER A 139 0.67 5.53 -8.42
N ARG A 140 1.39 4.46 -8.06
CA ARG A 140 1.25 3.88 -6.71
C ARG A 140 1.94 4.71 -5.63
N VAL A 141 2.38 5.94 -5.98
CA VAL A 141 2.81 6.94 -5.02
C VAL A 141 1.61 7.27 -4.15
N TYR A 142 0.42 7.36 -4.75
CA TYR A 142 -0.85 7.46 -4.07
C TYR A 142 -1.07 6.11 -3.42
N LEU A 143 -1.19 6.06 -2.09
CA LEU A 143 -1.34 4.82 -1.34
C LEU A 143 -2.43 5.05 -0.28
N LEU A 144 -3.35 4.11 -0.15
CA LEU A 144 -4.53 4.20 0.69
C LEU A 144 -4.75 2.79 1.25
N MET A 145 -5.15 2.65 2.51
CA MET A 145 -5.50 1.35 3.07
C MET A 145 -6.70 1.48 4.00
N LYS A 146 -7.42 0.37 4.14
CA LYS A 146 -8.66 0.23 4.92
C LYS A 146 -8.85 -1.24 5.23
N LYS A 147 -9.66 -1.60 6.22
CA LYS A 147 -10.08 -2.98 6.42
C LYS A 147 -10.71 -3.55 5.14
N LEU A 148 -10.72 -4.88 5.03
CA LEU A 148 -11.48 -5.55 3.97
C LEU A 148 -12.99 -5.40 4.22
N ALA A 149 -13.79 -5.70 3.20
CA ALA A 149 -15.25 -5.65 3.24
C ALA A 149 -15.86 -6.80 2.44
N PHE A 150 -15.22 -7.98 2.47
CA PHE A 150 -15.59 -9.15 1.68
C PHE A 150 -15.28 -10.40 2.50
N MET A 1 0.09 11.80 -11.93
CA MET A 1 -1.13 11.78 -11.08
C MET A 1 -1.98 10.55 -11.42
N ALA A 2 -2.66 9.97 -10.42
CA ALA A 2 -3.55 8.83 -10.63
C ALA A 2 -4.73 9.19 -11.56
N GLY A 3 -5.22 8.21 -12.29
CA GLY A 3 -6.35 8.34 -13.21
C GLY A 3 -7.10 7.02 -13.45
N ILE A 4 -6.77 5.97 -12.69
CA ILE A 4 -7.32 4.62 -12.77
C ILE A 4 -7.37 4.06 -11.34
N LEU A 5 -8.03 2.92 -11.14
CA LEU A 5 -8.30 2.34 -9.82
C LEU A 5 -7.64 0.97 -9.70
N PHE A 6 -7.23 0.63 -8.47
CA PHE A 6 -6.76 -0.68 -8.05
C PHE A 6 -7.28 -0.86 -6.62
N GLU A 7 -7.66 -2.09 -6.25
CA GLU A 7 -8.05 -2.48 -4.91
C GLU A 7 -7.68 -3.97 -4.76
N ASP A 8 -7.07 -4.37 -3.64
CA ASP A 8 -6.89 -5.78 -3.28
C ASP A 8 -6.74 -5.93 -1.77
N ILE A 9 -7.15 -7.08 -1.24
CA ILE A 9 -6.94 -7.49 0.13
C ILE A 9 -5.50 -8.05 0.19
N PHE A 10 -4.88 -8.07 1.37
CA PHE A 10 -3.64 -8.76 1.61
C PHE A 10 -3.72 -9.42 2.99
N ASP A 11 -2.97 -10.51 3.14
CA ASP A 11 -2.94 -11.36 4.31
C ASP A 11 -1.52 -11.32 4.87
N VAL A 12 -1.39 -10.99 6.15
CA VAL A 12 -0.12 -10.98 6.84
C VAL A 12 0.36 -12.41 7.02
N LYS A 13 1.59 -12.69 6.62
CA LYS A 13 2.27 -13.95 6.82
C LYS A 13 3.15 -13.86 8.07
N ASP A 14 3.76 -12.70 8.35
CA ASP A 14 4.61 -12.53 9.54
C ASP A 14 4.74 -11.04 9.91
N ILE A 15 5.26 -10.78 11.11
CA ILE A 15 5.47 -9.45 11.70
C ILE A 15 6.84 -9.47 12.40
N ASP A 16 7.54 -8.34 12.36
CA ASP A 16 8.89 -8.15 12.88
C ASP A 16 8.99 -6.71 13.42
N PRO A 17 8.73 -6.48 14.73
CA PRO A 17 8.75 -5.17 15.36
C PRO A 17 10.06 -4.40 15.17
N GLU A 18 9.99 -3.07 15.26
CA GLU A 18 11.12 -2.15 15.12
C GLU A 18 11.99 -2.09 16.39
N GLY A 19 12.33 -3.27 16.95
CA GLY A 19 13.31 -3.41 18.03
C GLY A 19 13.01 -2.55 19.25
N LYS A 20 11.73 -2.38 19.59
CA LYS A 20 11.20 -1.48 20.61
C LYS A 20 11.76 -0.04 20.54
N LYS A 21 12.33 0.39 19.40
CA LYS A 21 12.72 1.78 19.16
C LYS A 21 11.48 2.61 18.84
N PHE A 22 10.52 2.00 18.14
CA PHE A 22 9.28 2.61 17.67
C PHE A 22 8.19 1.58 17.93
N ASP A 23 7.64 1.59 19.15
CA ASP A 23 6.75 0.54 19.66
C ASP A 23 5.56 0.26 18.75
N ARG A 24 5.00 1.31 18.13
CA ARG A 24 3.82 1.20 17.27
C ARG A 24 4.19 0.95 15.81
N VAL A 25 5.41 0.58 15.46
CA VAL A 25 5.83 0.40 14.08
C VAL A 25 6.44 -0.99 13.95
N SER A 26 6.18 -1.68 12.84
CA SER A 26 6.75 -3.00 12.59
C SER A 26 6.87 -3.26 11.09
N ARG A 27 7.87 -4.09 10.75
CA ARG A 27 8.01 -4.66 9.44
C ARG A 27 7.04 -5.84 9.41
N LEU A 28 6.44 -6.11 8.27
CA LEU A 28 5.49 -7.19 8.05
C LEU A 28 5.91 -7.86 6.74
N HIS A 29 5.48 -9.10 6.58
CA HIS A 29 5.56 -9.87 5.35
C HIS A 29 4.14 -10.32 5.08
N CYS A 30 3.65 -10.11 3.86
CA CYS A 30 2.26 -10.30 3.47
C CYS A 30 2.19 -10.89 2.06
N GLU A 31 0.98 -11.24 1.62
CA GLU A 31 0.70 -11.65 0.25
C GLU A 31 -0.65 -11.05 -0.13
N SER A 32 -0.73 -10.41 -1.30
CA SER A 32 -1.97 -9.85 -1.83
C SER A 32 -2.86 -11.02 -2.30
N GLU A 33 -4.14 -10.95 -1.95
CA GLU A 33 -5.09 -12.05 -2.10
C GLU A 33 -5.47 -12.34 -3.56
N SER A 34 -5.57 -11.32 -4.42
CA SER A 34 -6.15 -11.46 -5.76
C SER A 34 -5.21 -11.02 -6.89
N PHE A 35 -4.15 -10.26 -6.59
CA PHE A 35 -3.31 -9.61 -7.58
C PHE A 35 -1.85 -10.05 -7.49
N LYS A 36 -1.63 -11.37 -7.42
CA LYS A 36 -0.33 -12.05 -7.55
C LYS A 36 0.85 -11.21 -7.07
N MET A 37 0.91 -10.89 -5.77
CA MET A 37 1.96 -10.03 -5.23
C MET A 37 2.46 -10.58 -3.90
N ASP A 38 3.74 -10.93 -3.88
CA ASP A 38 4.51 -11.27 -2.68
C ASP A 38 4.96 -9.93 -2.09
N LEU A 39 4.80 -9.72 -0.79
CA LEU A 39 4.97 -8.40 -0.17
C LEU A 39 5.80 -8.44 1.10
N ILE A 40 6.52 -7.35 1.33
CA ILE A 40 7.23 -6.94 2.52
C ILE A 40 6.73 -5.51 2.70
N LEU A 41 6.51 -5.08 3.94
CA LEU A 41 5.81 -3.87 4.34
C LEU A 41 6.47 -3.38 5.62
N ASP A 42 6.45 -2.09 5.92
CA ASP A 42 6.92 -1.51 7.18
C ASP A 42 6.02 -0.32 7.48
N VAL A 43 5.18 -0.45 8.50
CA VAL A 43 4.10 0.51 8.78
C VAL A 43 3.77 0.59 10.27
N ASN A 44 2.96 1.60 10.61
CA ASN A 44 2.32 1.76 11.90
C ASN A 44 1.36 0.59 12.11
N ILE A 45 1.42 -0.08 13.26
CA ILE A 45 0.62 -1.26 13.59
C ILE A 45 -0.51 -0.95 14.58
N GLN A 46 -0.68 0.29 15.04
CA GLN A 46 -1.74 0.62 16.01
C GLN A 46 -3.13 0.49 15.38
N ILE A 47 -3.17 0.46 14.04
CA ILE A 47 -4.35 0.17 13.24
C ILE A 47 -4.84 -1.26 13.55
N TYR A 48 -3.91 -2.17 13.82
CA TYR A 48 -4.14 -3.61 13.92
C TYR A 48 -4.47 -4.01 15.37
N PRO A 49 -5.12 -5.16 15.59
CA PRO A 49 -5.41 -5.69 16.93
C PRO A 49 -4.12 -6.14 17.65
N VAL A 50 -4.26 -6.62 18.88
CA VAL A 50 -3.16 -7.05 19.75
C VAL A 50 -2.32 -8.20 19.14
N ASP A 51 -2.83 -8.91 18.13
CA ASP A 51 -2.04 -9.89 17.35
C ASP A 51 -0.94 -9.23 16.50
N LEU A 52 -0.91 -7.89 16.46
CA LEU A 52 0.09 -7.02 15.83
C LEU A 52 0.02 -7.04 14.30
N GLY A 53 -1.00 -7.68 13.73
CA GLY A 53 -1.30 -7.72 12.31
C GLY A 53 -2.71 -8.29 12.13
N ASP A 54 -3.28 -8.11 10.95
CA ASP A 54 -4.57 -8.67 10.54
C ASP A 54 -4.62 -8.61 9.00
N LYS A 55 -5.59 -9.26 8.37
CA LYS A 55 -5.82 -9.06 6.94
C LYS A 55 -6.28 -7.62 6.75
N PHE A 56 -5.77 -6.95 5.72
CA PHE A 56 -6.07 -5.55 5.44
C PHE A 56 -6.22 -5.39 3.94
N ARG A 57 -6.57 -4.19 3.47
CA ARG A 57 -6.90 -3.92 2.07
C ARG A 57 -6.20 -2.64 1.67
N LEU A 58 -5.72 -2.61 0.43
CA LEU A 58 -4.96 -1.54 -0.18
C LEU A 58 -5.73 -1.07 -1.40
N VAL A 59 -5.75 0.24 -1.60
CA VAL A 59 -6.43 0.95 -2.68
C VAL A 59 -5.50 2.11 -3.08
N ILE A 60 -5.76 2.76 -4.21
CA ILE A 60 -4.95 3.87 -4.73
C ILE A 60 -5.77 5.17 -4.86
N ALA A 61 -6.98 5.22 -4.27
CA ALA A 61 -7.92 6.33 -4.38
C ALA A 61 -7.53 7.54 -3.52
N SER A 62 -6.25 7.71 -3.19
CA SER A 62 -5.72 8.73 -2.29
C SER A 62 -5.86 10.16 -2.81
N THR A 63 -6.24 10.36 -4.07
CA THR A 63 -6.39 11.67 -4.68
C THR A 63 -7.54 11.62 -5.70
N LEU A 64 -7.94 12.79 -6.19
CA LEU A 64 -8.89 12.96 -7.27
C LEU A 64 -8.26 12.36 -8.54
N TYR A 65 -8.81 11.24 -9.02
CA TYR A 65 -8.44 10.71 -10.33
C TYR A 65 -8.74 11.78 -11.39
N GLU A 66 -7.82 11.96 -12.35
CA GLU A 66 -8.03 12.91 -13.45
C GLU A 66 -9.13 12.46 -14.42
N ASP A 67 -9.55 11.19 -14.34
CA ASP A 67 -10.61 10.63 -15.18
C ASP A 67 -11.98 11.19 -14.79
N GLY A 68 -12.83 11.44 -15.80
CA GLY A 68 -14.19 11.98 -15.65
C GLY A 68 -15.05 11.27 -14.62
N THR A 69 -14.78 10.00 -14.29
CA THR A 69 -15.52 9.24 -13.28
C THR A 69 -15.52 9.98 -11.92
N LEU A 70 -14.50 10.79 -11.64
CA LEU A 70 -14.46 11.68 -10.46
C LEU A 70 -14.27 13.13 -10.88
N ASP A 71 -13.47 13.40 -11.91
CA ASP A 71 -13.16 14.77 -12.37
C ASP A 71 -14.39 15.48 -12.96
N ASP A 72 -15.40 14.70 -13.36
CA ASP A 72 -16.73 15.17 -13.78
C ASP A 72 -17.78 14.38 -12.99
N GLY A 73 -17.43 14.00 -11.76
CA GLY A 73 -18.20 13.17 -10.86
C GLY A 73 -18.05 13.64 -9.42
N GLU A 74 -17.80 14.95 -9.22
CA GLU A 74 -17.82 15.66 -7.94
C GLU A 74 -16.82 15.12 -6.91
N TYR A 75 -15.86 14.27 -7.33
CA TYR A 75 -15.01 13.50 -6.41
C TYR A 75 -15.88 12.72 -5.40
N ASN A 76 -17.13 12.42 -5.77
CA ASN A 76 -18.17 11.88 -4.89
C ASN A 76 -19.21 11.13 -5.73
N PRO A 77 -18.93 9.89 -6.16
CA PRO A 77 -19.91 8.98 -6.77
C PRO A 77 -20.74 8.34 -5.65
N THR A 78 -21.34 9.20 -4.81
CA THR A 78 -22.00 8.87 -3.55
C THR A 78 -21.03 8.32 -2.48
N ASP A 79 -19.71 8.42 -2.73
CA ASP A 79 -18.66 7.95 -1.82
C ASP A 79 -18.66 8.71 -0.49
N ASP A 80 -19.03 10.00 -0.52
CA ASP A 80 -18.87 10.93 0.60
C ASP A 80 -20.13 11.79 0.82
N ARG A 81 -21.21 11.52 0.08
CA ARG A 81 -22.49 12.23 0.25
C ARG A 81 -22.92 12.11 1.71
N PRO A 82 -23.46 13.18 2.32
CA PRO A 82 -23.74 13.36 3.75
C PRO A 82 -23.32 12.22 4.69
N SER A 83 -22.00 12.07 4.86
CA SER A 83 -21.34 11.11 5.73
C SER A 83 -20.07 11.76 6.29
N ARG A 84 -19.62 11.30 7.46
CA ARG A 84 -18.29 11.67 7.97
C ARG A 84 -17.25 10.97 7.11
N ALA A 85 -16.08 11.57 6.93
CA ALA A 85 -14.97 10.96 6.20
C ALA A 85 -14.49 9.72 6.99
N ASP A 86 -14.77 8.54 6.46
CA ASP A 86 -14.51 7.24 7.08
C ASP A 86 -14.14 6.17 6.03
N GLN A 87 -14.09 6.55 4.75
CA GLN A 87 -13.85 5.66 3.61
C GLN A 87 -12.39 5.15 3.53
N PHE A 88 -11.53 5.54 4.48
CA PHE A 88 -10.13 5.16 4.56
C PHE A 88 -9.74 5.08 6.05
N GLU A 89 -8.64 4.39 6.35
CA GLU A 89 -8.07 4.35 7.71
C GLU A 89 -6.62 4.86 7.69
N TYR A 90 -5.93 4.78 6.55
CA TYR A 90 -4.64 5.40 6.31
C TYR A 90 -4.59 5.85 4.85
N VAL A 91 -3.86 6.92 4.57
CA VAL A 91 -3.56 7.41 3.23
C VAL A 91 -2.12 7.95 3.25
N MET A 92 -1.40 7.86 2.13
CA MET A 92 -0.06 8.40 1.98
C MET A 92 0.25 8.58 0.49
N TYR A 93 1.34 9.28 0.19
CA TYR A 93 1.91 9.45 -1.14
C TYR A 93 3.40 9.09 -1.03
N GLY A 94 4.02 8.59 -2.11
CA GLY A 94 5.37 8.05 -2.04
C GLY A 94 6.13 8.13 -3.35
N LYS A 95 7.18 7.32 -3.48
CA LYS A 95 7.95 7.13 -4.72
C LYS A 95 8.42 5.68 -4.78
N VAL A 96 8.22 5.04 -5.94
CA VAL A 96 8.80 3.74 -6.26
C VAL A 96 10.29 4.00 -6.62
N TYR A 97 11.18 3.06 -6.29
CA TYR A 97 12.60 3.08 -6.61
C TYR A 97 13.07 1.62 -6.86
N ARG A 98 12.72 1.05 -8.02
CA ARG A 98 13.16 -0.30 -8.42
C ARG A 98 13.20 -0.40 -9.95
N ILE A 99 14.00 -1.35 -10.45
CA ILE A 99 14.15 -1.66 -11.87
C ILE A 99 12.94 -2.46 -12.41
N GLU A 100 13.07 -2.98 -13.63
CA GLU A 100 12.06 -3.75 -14.38
C GLU A 100 11.57 -5.03 -13.69
N GLY A 101 12.21 -5.44 -12.59
CA GLY A 101 11.93 -6.68 -11.90
C GLY A 101 13.18 -7.09 -11.15
N ASP A 102 14.03 -7.88 -11.79
CA ASP A 102 15.33 -8.30 -11.26
C ASP A 102 16.35 -8.54 -12.38
N GLU A 103 16.17 -7.83 -13.51
CA GLU A 103 17.02 -7.82 -14.69
C GLU A 103 16.87 -9.11 -15.50
N THR A 104 15.74 -9.21 -16.23
CA THR A 104 15.44 -10.22 -17.23
C THR A 104 15.30 -11.68 -16.78
N SER A 105 14.70 -12.46 -17.67
CA SER A 105 14.59 -13.92 -17.67
C SER A 105 14.43 -14.36 -19.13
N THR A 106 13.58 -13.63 -19.88
CA THR A 106 13.40 -13.81 -21.32
C THR A 106 13.54 -12.45 -22.03
N GLU A 107 12.76 -11.45 -21.63
CA GLU A 107 12.69 -10.13 -22.26
C GLU A 107 12.45 -8.98 -21.27
N ALA A 108 12.01 -9.34 -20.06
CA ALA A 108 11.86 -8.57 -18.84
C ALA A 108 11.83 -9.70 -17.79
N ALA A 109 12.15 -9.43 -16.52
CA ALA A 109 12.02 -10.49 -15.53
C ALA A 109 10.53 -10.89 -15.46
N THR A 110 10.25 -12.16 -15.16
CA THR A 110 8.91 -12.74 -15.26
C THR A 110 7.90 -12.22 -14.25
N ARG A 111 8.37 -11.40 -13.31
CA ARG A 111 7.60 -10.62 -12.37
C ARG A 111 8.27 -9.26 -12.32
N LEU A 112 7.45 -8.22 -12.27
CA LEU A 112 7.93 -6.87 -11.97
C LEU A 112 8.16 -6.86 -10.46
N SER A 113 8.98 -5.93 -9.98
CA SER A 113 9.24 -5.73 -8.57
C SER A 113 9.16 -4.23 -8.32
N ALA A 114 8.76 -3.85 -7.10
CA ALA A 114 8.65 -2.47 -6.71
C ALA A 114 9.12 -2.38 -5.26
N TYR A 115 10.03 -1.46 -5.00
CA TYR A 115 10.44 -1.06 -3.67
C TYR A 115 9.92 0.37 -3.63
N VAL A 116 9.18 0.75 -2.60
CA VAL A 116 8.45 2.01 -2.59
C VAL A 116 8.43 2.53 -1.16
N SER A 117 8.51 3.85 -1.00
CA SER A 117 8.51 4.48 0.31
C SER A 117 7.55 5.66 0.25
N TYR A 118 6.85 5.91 1.36
CA TYR A 118 5.73 6.82 1.50
C TYR A 118 5.92 7.59 2.81
N GLY A 119 6.74 8.64 2.80
CA GLY A 119 6.92 9.53 3.94
C GLY A 119 7.40 8.84 5.23
N GLY A 120 8.00 7.64 5.13
CA GLY A 120 8.47 6.85 6.26
C GLY A 120 7.88 5.44 6.28
N LEU A 121 6.68 5.24 5.71
CA LEU A 121 6.13 3.90 5.49
C LEU A 121 6.87 3.30 4.30
N LEU A 122 7.05 1.99 4.22
CA LEU A 122 7.84 1.36 3.15
C LEU A 122 7.25 0.01 2.76
N MET A 123 7.55 -0.46 1.55
CA MET A 123 7.24 -1.81 1.07
C MET A 123 8.32 -2.25 0.09
N ARG A 124 8.45 -3.56 -0.10
CA ARG A 124 9.26 -4.20 -1.14
C ARG A 124 8.43 -5.39 -1.60
N LEU A 125 8.22 -5.56 -2.91
CA LEU A 125 7.27 -6.54 -3.42
C LEU A 125 7.68 -7.02 -4.81
N GLN A 126 7.16 -8.18 -5.20
CA GLN A 126 7.24 -8.70 -6.57
C GLN A 126 5.88 -9.27 -6.95
N GLY A 127 5.56 -9.22 -8.24
CA GLY A 127 4.28 -9.68 -8.74
C GLY A 127 4.21 -9.53 -10.25
N ASP A 128 3.20 -10.14 -10.86
CA ASP A 128 3.04 -10.10 -12.32
C ASP A 128 2.95 -8.64 -12.76
N ALA A 129 3.71 -8.27 -13.80
CA ALA A 129 3.92 -6.88 -14.20
C ALA A 129 2.69 -5.97 -14.22
N ASN A 130 1.77 -6.12 -15.18
CA ASN A 130 0.66 -5.16 -15.29
C ASN A 130 -0.31 -5.26 -14.11
N ASN A 131 -0.31 -6.44 -13.54
CA ASN A 131 -1.03 -6.86 -12.34
C ASN A 131 -0.52 -6.11 -11.10
N LEU A 132 0.77 -5.74 -11.07
CA LEU A 132 1.41 -5.09 -9.93
C LEU A 132 1.03 -3.61 -9.85
N HIS A 133 0.44 -3.08 -10.93
CA HIS A 133 -0.05 -1.70 -11.01
C HIS A 133 1.06 -0.68 -10.63
N GLY A 134 2.28 -0.94 -11.08
CA GLY A 134 3.46 -0.10 -10.83
C GLY A 134 4.11 0.32 -12.14
N PHE A 135 3.30 0.51 -13.19
CA PHE A 135 3.77 0.82 -14.54
C PHE A 135 4.24 2.27 -14.71
N GLU A 136 4.08 3.06 -13.67
CA GLU A 136 4.63 4.39 -13.48
C GLU A 136 5.29 4.39 -12.12
N VAL A 137 6.42 5.09 -12.06
CA VAL A 137 7.11 5.42 -10.82
C VAL A 137 6.18 6.20 -9.88
N ASP A 138 5.04 6.66 -10.42
CA ASP A 138 3.98 7.36 -9.69
C ASP A 138 2.60 6.71 -9.84
N SER A 139 2.56 5.40 -10.18
CA SER A 139 1.31 4.66 -10.09
C SER A 139 0.97 4.40 -8.62
N ARG A 140 1.64 3.40 -8.02
CA ARG A 140 1.28 2.87 -6.71
C ARG A 140 1.84 3.69 -5.57
N VAL A 141 2.34 4.89 -5.87
CA VAL A 141 2.70 5.84 -4.84
C VAL A 141 1.46 6.33 -4.11
N TYR A 142 0.30 6.34 -4.78
CA TYR A 142 -0.93 6.73 -4.13
C TYR A 142 -1.36 5.52 -3.31
N LEU A 143 -1.23 5.63 -1.98
CA LEU A 143 -1.52 4.55 -1.04
C LEU A 143 -2.73 4.96 -0.22
N LEU A 144 -3.70 4.07 -0.10
CA LEU A 144 -4.84 4.18 0.81
C LEU A 144 -5.01 2.76 1.36
N MET A 145 -5.22 2.61 2.67
CA MET A 145 -5.46 1.30 3.25
C MET A 145 -6.51 1.36 4.35
N LYS A 146 -7.19 0.23 4.54
CA LYS A 146 -8.33 0.04 5.45
C LYS A 146 -8.57 -1.46 5.65
N LYS A 147 -9.48 -1.82 6.55
CA LYS A 147 -9.93 -3.20 6.72
C LYS A 147 -10.46 -3.77 5.41
N LEU A 148 -10.46 -5.10 5.30
CA LEU A 148 -11.13 -5.82 4.22
C LEU A 148 -12.65 -5.67 4.35
N ALA A 149 -13.38 -6.07 3.31
CA ALA A 149 -14.83 -6.14 3.28
C ALA A 149 -15.18 -7.49 2.66
N PHE A 150 -15.94 -8.30 3.38
CA PHE A 150 -16.43 -9.59 2.93
C PHE A 150 -17.71 -9.92 3.70
N MET A 1 -7.18 10.28 -14.82
CA MET A 1 -6.95 10.96 -13.52
C MET A 1 -8.18 10.82 -12.62
N ALA A 2 -8.00 11.03 -11.30
CA ALA A 2 -8.99 10.87 -10.24
C ALA A 2 -9.49 9.42 -10.07
N GLY A 3 -10.10 9.15 -8.92
CA GLY A 3 -10.57 7.82 -8.52
C GLY A 3 -9.42 6.86 -8.25
N ILE A 4 -9.75 5.63 -7.85
CA ILE A 4 -8.77 4.56 -7.66
C ILE A 4 -8.37 3.98 -9.03
N LEU A 5 -7.32 3.15 -9.03
CA LEU A 5 -6.74 2.54 -10.24
C LEU A 5 -6.74 1.02 -10.10
N PHE A 6 -6.50 0.49 -8.89
CA PHE A 6 -6.48 -0.94 -8.59
C PHE A 6 -6.91 -1.14 -7.13
N GLU A 7 -7.38 -2.35 -6.79
CA GLU A 7 -7.88 -2.72 -5.47
C GLU A 7 -7.53 -4.19 -5.21
N ASP A 8 -7.15 -4.51 -3.98
CA ASP A 8 -6.57 -5.79 -3.56
C ASP A 8 -6.88 -6.07 -2.10
N ILE A 9 -7.07 -7.34 -1.71
CA ILE A 9 -7.20 -7.78 -0.32
C ILE A 9 -5.95 -8.62 -0.03
N PHE A 10 -5.35 -8.44 1.15
CA PHE A 10 -4.10 -9.07 1.55
C PHE A 10 -4.11 -9.39 3.04
N ASP A 11 -3.22 -10.28 3.47
CA ASP A 11 -3.17 -10.77 4.84
C ASP A 11 -1.72 -10.91 5.30
N VAL A 12 -1.49 -10.64 6.57
CA VAL A 12 -0.18 -10.71 7.23
C VAL A 12 0.21 -12.18 7.32
N LYS A 13 1.36 -12.53 6.76
CA LYS A 13 1.93 -13.87 6.80
C LYS A 13 2.96 -13.96 7.94
N ASP A 14 3.67 -12.87 8.25
CA ASP A 14 4.61 -12.83 9.39
C ASP A 14 4.83 -11.39 9.86
N ILE A 15 5.44 -11.25 11.03
CA ILE A 15 5.70 -10.01 11.75
C ILE A 15 7.17 -10.06 12.18
N ASP A 16 7.88 -8.93 12.10
CA ASP A 16 9.31 -8.84 12.32
C ASP A 16 9.66 -7.53 13.04
N PRO A 17 9.68 -7.50 14.38
CA PRO A 17 9.95 -6.30 15.18
C PRO A 17 11.37 -5.71 15.07
N GLU A 18 12.19 -6.16 14.13
CA GLU A 18 13.56 -5.69 13.91
C GLU A 18 13.54 -4.36 13.14
N GLY A 19 12.83 -3.37 13.68
CA GLY A 19 12.56 -2.09 13.02
C GLY A 19 11.93 -1.10 14.00
N LYS A 20 12.33 -1.11 15.27
CA LYS A 20 11.84 -0.22 16.33
C LYS A 20 12.20 1.25 16.11
N LYS A 21 11.69 1.88 15.05
CA LYS A 21 11.77 3.34 14.89
C LYS A 21 11.05 4.00 16.07
N PHE A 22 9.95 3.36 16.46
CA PHE A 22 9.14 3.56 17.66
C PHE A 22 8.67 2.15 18.04
N ASP A 23 8.15 1.95 19.24
CA ASP A 23 7.59 0.65 19.65
C ASP A 23 6.46 0.24 18.69
N ARG A 24 5.62 1.20 18.31
CA ARG A 24 4.52 1.08 17.35
C ARG A 24 4.95 0.90 15.90
N VAL A 25 6.23 0.71 15.57
CA VAL A 25 6.67 0.51 14.20
C VAL A 25 7.36 -0.86 14.14
N SER A 26 7.01 -1.69 13.16
CA SER A 26 7.63 -3.00 12.93
C SER A 26 7.60 -3.32 11.43
N ARG A 27 8.42 -4.30 11.02
CA ARG A 27 8.36 -4.87 9.69
C ARG A 27 7.31 -5.97 9.69
N LEU A 28 6.73 -6.25 8.52
CA LEU A 28 5.68 -7.21 8.26
C LEU A 28 5.96 -7.84 6.90
N HIS A 29 5.43 -9.04 6.70
CA HIS A 29 5.45 -9.79 5.46
C HIS A 29 4.01 -10.26 5.23
N CYS A 30 3.50 -10.06 4.02
CA CYS A 30 2.09 -10.24 3.69
C CYS A 30 1.97 -10.81 2.27
N GLU A 31 0.77 -11.32 1.95
CA GLU A 31 0.44 -11.89 0.65
C GLU A 31 -0.98 -11.48 0.28
N SER A 32 -1.22 -11.15 -0.99
CA SER A 32 -2.56 -10.86 -1.46
C SER A 32 -3.39 -12.14 -1.51
N GLU A 33 -4.63 -12.08 -1.06
CA GLU A 33 -5.57 -13.16 -1.29
C GLU A 33 -6.04 -13.09 -2.74
N SER A 34 -6.18 -11.86 -3.28
CA SER A 34 -6.80 -11.62 -4.57
C SER A 34 -5.95 -12.11 -5.76
N PHE A 35 -4.62 -11.98 -5.73
CA PHE A 35 -3.76 -12.27 -6.88
C PHE A 35 -2.55 -13.09 -6.46
N LYS A 36 -1.38 -12.45 -6.33
CA LYS A 36 -0.07 -13.11 -6.14
C LYS A 36 1.03 -12.13 -5.69
N MET A 37 0.64 -10.97 -5.16
CA MET A 37 1.56 -9.97 -4.63
C MET A 37 2.30 -10.58 -3.43
N ASP A 38 3.63 -10.60 -3.51
CA ASP A 38 4.51 -10.94 -2.39
C ASP A 38 4.96 -9.59 -1.83
N LEU A 39 4.54 -9.25 -0.60
CA LEU A 39 4.71 -7.92 -0.04
C LEU A 39 5.49 -7.99 1.27
N ILE A 40 6.40 -7.03 1.45
CA ILE A 40 7.12 -6.74 2.67
C ILE A 40 6.83 -5.25 2.90
N LEU A 41 6.73 -4.83 4.16
CA LEU A 41 6.53 -3.45 4.56
C LEU A 41 7.09 -3.25 5.95
N ASP A 42 7.45 -2.01 6.24
CA ASP A 42 7.81 -1.50 7.55
C ASP A 42 6.82 -0.38 7.78
N VAL A 43 6.02 -0.48 8.84
CA VAL A 43 4.87 0.38 9.04
C VAL A 43 4.59 0.57 10.53
N ASN A 44 3.79 1.60 10.82
CA ASN A 44 3.20 1.88 12.13
C ASN A 44 2.15 0.82 12.44
N ILE A 45 2.52 -0.28 13.09
CA ILE A 45 1.68 -1.45 13.28
C ILE A 45 0.45 -1.22 14.17
N GLN A 46 0.30 -0.06 14.82
CA GLN A 46 -0.92 0.29 15.56
C GLN A 46 -2.13 0.39 14.63
N ILE A 47 -1.85 0.54 13.34
CA ILE A 47 -2.83 0.44 12.26
C ILE A 47 -3.55 -0.91 12.32
N TYR A 48 -2.75 -1.94 12.58
CA TYR A 48 -3.13 -3.35 12.57
C TYR A 48 -3.66 -3.74 13.96
N PRO A 49 -4.73 -4.55 14.04
CA PRO A 49 -5.32 -4.94 15.31
C PRO A 49 -4.37 -5.81 16.13
N VAL A 50 -4.21 -5.46 17.41
CA VAL A 50 -3.51 -6.22 18.45
C VAL A 50 -2.10 -6.65 18.01
N ASP A 51 -1.43 -5.85 17.16
CA ASP A 51 -0.12 -6.09 16.52
C ASP A 51 -0.06 -7.32 15.59
N LEU A 52 -0.75 -8.41 15.90
CA LEU A 52 -0.83 -9.62 15.10
C LEU A 52 -1.41 -9.33 13.71
N GLY A 53 -2.34 -8.37 13.61
CA GLY A 53 -2.94 -7.98 12.36
C GLY A 53 -4.11 -8.89 11.97
N ASP A 54 -4.69 -8.59 10.81
CA ASP A 54 -5.88 -9.22 10.26
C ASP A 54 -5.85 -8.97 8.74
N LYS A 55 -6.79 -9.55 7.98
CA LYS A 55 -6.95 -9.27 6.57
C LYS A 55 -7.22 -7.78 6.38
N PHE A 56 -6.54 -7.15 5.44
CA PHE A 56 -6.63 -5.72 5.13
C PHE A 56 -6.87 -5.59 3.62
N ARG A 57 -7.20 -4.39 3.17
CA ARG A 57 -7.49 -4.08 1.78
C ARG A 57 -6.72 -2.83 1.43
N LEU A 58 -6.31 -2.75 0.18
CA LEU A 58 -5.38 -1.77 -0.34
C LEU A 58 -5.93 -1.32 -1.68
N VAL A 59 -5.75 -0.05 -2.00
CA VAL A 59 -6.00 0.50 -3.32
C VAL A 59 -4.81 1.40 -3.65
N ILE A 60 -4.57 1.57 -4.93
CA ILE A 60 -3.64 2.58 -5.41
C ILE A 60 -4.48 3.45 -6.33
N ALA A 61 -4.15 4.74 -6.37
CA ALA A 61 -4.99 5.75 -6.99
C ALA A 61 -4.13 6.72 -7.79
N SER A 62 -3.32 6.19 -8.71
CA SER A 62 -2.49 6.95 -9.66
C SER A 62 -3.30 8.12 -10.24
N THR A 63 -2.88 9.36 -9.97
CA THR A 63 -3.66 10.55 -10.26
C THR A 63 -2.73 11.78 -10.32
N LEU A 64 -3.34 12.97 -10.38
CA LEU A 64 -2.68 14.27 -10.31
C LEU A 64 -3.59 15.24 -9.54
N TYR A 65 -4.16 14.76 -8.42
CA TYR A 65 -4.99 15.58 -7.53
C TYR A 65 -4.21 16.81 -7.05
N GLU A 66 -4.95 17.87 -6.77
CA GLU A 66 -4.51 19.12 -6.18
C GLU A 66 -5.60 19.61 -5.21
N ASP A 67 -5.33 20.70 -4.47
CA ASP A 67 -6.21 21.23 -3.42
C ASP A 67 -7.59 21.67 -3.93
N GLY A 68 -7.72 21.90 -5.24
CA GLY A 68 -8.93 22.37 -5.90
C GLY A 68 -9.09 21.67 -7.26
N THR A 69 -8.97 20.34 -7.29
CA THR A 69 -9.13 19.60 -8.54
C THR A 69 -10.55 19.80 -9.09
N LEU A 70 -10.72 19.57 -10.39
CA LEU A 70 -11.92 19.89 -11.19
C LEU A 70 -12.46 21.30 -10.92
N ASP A 71 -11.58 22.22 -10.50
CA ASP A 71 -11.89 23.57 -10.00
C ASP A 71 -13.05 23.61 -9.00
N ASP A 72 -13.24 22.55 -8.21
CA ASP A 72 -14.28 22.46 -7.17
C ASP A 72 -13.88 21.60 -5.96
N GLY A 73 -12.64 21.15 -5.94
CA GLY A 73 -12.16 20.16 -4.97
C GLY A 73 -12.81 18.80 -5.20
N GLU A 74 -13.01 18.43 -6.47
CA GLU A 74 -13.74 17.27 -6.98
C GLU A 74 -15.25 17.40 -6.76
N TYR A 75 -16.04 17.14 -7.82
CA TYR A 75 -17.50 17.12 -7.79
C TYR A 75 -17.98 15.82 -7.12
N ASN A 76 -17.72 15.67 -5.82
CA ASN A 76 -17.91 14.41 -5.09
C ASN A 76 -18.64 14.63 -3.75
N PRO A 77 -19.91 15.05 -3.75
CA PRO A 77 -20.73 15.07 -2.54
C PRO A 77 -21.07 13.63 -2.08
N THR A 78 -20.93 12.67 -3.00
CA THR A 78 -21.05 11.23 -2.80
C THR A 78 -20.02 10.68 -1.79
N ASP A 79 -19.08 11.48 -1.28
CA ASP A 79 -18.19 11.12 -0.17
C ASP A 79 -18.95 10.53 1.04
N ASP A 80 -20.24 10.83 1.20
CA ASP A 80 -20.98 10.52 2.42
C ASP A 80 -22.11 9.49 2.26
N ARG A 81 -22.12 8.76 1.15
CA ARG A 81 -22.96 7.56 0.99
C ARG A 81 -22.24 6.43 1.78
N PRO A 82 -22.39 5.12 1.52
CA PRO A 82 -21.53 4.08 2.11
C PRO A 82 -20.01 4.32 2.00
N SER A 83 -19.63 5.29 1.17
CA SER A 83 -18.31 5.88 1.02
C SER A 83 -17.68 6.36 2.33
N ARG A 84 -18.48 6.69 3.36
CA ARG A 84 -18.06 7.39 4.58
C ARG A 84 -16.63 7.08 5.00
N ALA A 85 -16.26 5.80 5.09
CA ALA A 85 -14.86 5.42 5.24
C ALA A 85 -14.51 4.18 4.41
N ASP A 86 -15.38 3.73 3.50
CA ASP A 86 -14.99 2.70 2.53
C ASP A 86 -14.06 3.28 1.46
N GLN A 87 -13.94 4.61 1.38
CA GLN A 87 -12.95 5.29 0.56
C GLN A 87 -11.55 4.87 1.02
N PHE A 88 -11.22 5.14 2.29
CA PHE A 88 -9.94 4.86 2.92
C PHE A 88 -10.08 4.89 4.44
N GLU A 89 -9.12 4.29 5.14
CA GLU A 89 -8.92 4.38 6.59
C GLU A 89 -7.50 4.89 6.88
N TYR A 90 -6.55 4.71 5.94
CA TYR A 90 -5.20 5.25 6.00
C TYR A 90 -4.80 5.66 4.57
N VAL A 91 -3.87 6.61 4.44
CA VAL A 91 -3.53 7.27 3.17
C VAL A 91 -2.00 7.48 3.15
N MET A 92 -1.38 7.36 1.98
CA MET A 92 0.05 7.51 1.76
C MET A 92 0.32 8.09 0.37
N TYR A 93 1.45 8.79 0.27
CA TYR A 93 2.00 9.42 -0.92
C TYR A 93 3.51 9.14 -0.86
N GLY A 94 4.20 8.93 -1.99
CA GLY A 94 5.58 8.43 -1.93
C GLY A 94 6.37 8.53 -3.22
N LYS A 95 7.33 7.62 -3.39
CA LYS A 95 8.12 7.41 -4.60
C LYS A 95 8.38 5.91 -4.72
N VAL A 96 8.19 5.33 -5.90
CA VAL A 96 8.59 3.96 -6.22
C VAL A 96 9.88 4.05 -7.04
N TYR A 97 10.88 3.23 -6.68
CA TYR A 97 12.24 3.30 -7.19
C TYR A 97 12.77 1.88 -7.38
N ARG A 98 12.55 1.27 -8.55
CA ARG A 98 13.01 -0.09 -8.85
C ARG A 98 13.12 -0.32 -10.36
N ILE A 99 13.85 -1.37 -10.75
CA ILE A 99 14.04 -1.75 -12.15
C ILE A 99 12.77 -2.37 -12.73
N GLU A 100 12.81 -2.73 -14.01
CA GLU A 100 11.73 -3.37 -14.78
C GLU A 100 11.34 -4.78 -14.30
N GLY A 101 11.93 -5.25 -13.20
CA GLY A 101 11.61 -6.52 -12.55
C GLY A 101 12.59 -7.57 -13.01
N ASP A 102 12.73 -7.73 -14.32
CA ASP A 102 13.78 -8.54 -14.89
C ASP A 102 15.13 -7.90 -14.62
N GLU A 103 16.01 -8.68 -13.99
CA GLU A 103 17.41 -8.36 -13.80
C GLU A 103 18.29 -9.58 -14.17
N THR A 104 17.71 -10.55 -14.89
CA THR A 104 18.41 -11.75 -15.34
C THR A 104 19.07 -11.48 -16.70
N SER A 105 19.43 -12.56 -17.39
CA SER A 105 20.14 -12.60 -18.66
C SER A 105 19.80 -13.94 -19.33
N THR A 106 18.73 -14.59 -18.84
CA THR A 106 18.38 -15.97 -19.17
C THR A 106 16.86 -16.13 -19.05
N GLU A 107 16.31 -15.87 -17.86
CA GLU A 107 14.92 -16.18 -17.54
C GLU A 107 13.97 -15.14 -18.14
N ALA A 108 14.40 -13.86 -18.17
CA ALA A 108 13.59 -12.69 -18.49
C ALA A 108 12.43 -12.72 -17.50
N ALA A 109 12.76 -12.36 -16.24
CA ALA A 109 11.89 -12.56 -15.10
C ALA A 109 10.46 -12.05 -15.34
N THR A 110 9.47 -12.84 -14.94
CA THR A 110 8.06 -12.64 -15.29
C THR A 110 7.25 -11.82 -14.27
N ARG A 111 7.93 -11.32 -13.25
CA ARG A 111 7.34 -10.47 -12.23
C ARG A 111 7.98 -9.09 -12.31
N LEU A 112 7.15 -8.07 -12.11
CA LEU A 112 7.65 -6.71 -11.90
C LEU A 112 7.86 -6.60 -10.39
N SER A 113 8.76 -5.70 -10.00
CA SER A 113 9.20 -5.51 -8.64
C SER A 113 9.12 -4.03 -8.33
N ALA A 114 8.88 -3.68 -7.07
CA ALA A 114 8.75 -2.31 -6.63
C ALA A 114 9.35 -2.20 -5.22
N TYR A 115 9.99 -1.08 -4.96
CA TYR A 115 10.44 -0.66 -3.63
C TYR A 115 9.83 0.73 -3.54
N VAL A 116 9.07 1.00 -2.49
CA VAL A 116 8.28 2.21 -2.41
C VAL A 116 8.47 2.78 -1.01
N SER A 117 8.79 4.06 -0.96
CA SER A 117 8.95 4.79 0.29
C SER A 117 7.84 5.84 0.28
N TYR A 118 7.17 6.02 1.40
CA TYR A 118 5.96 6.82 1.53
C TYR A 118 6.03 7.68 2.78
N GLY A 119 5.24 8.75 2.81
CA GLY A 119 4.95 9.57 3.99
C GLY A 119 4.06 8.77 4.93
N GLY A 120 4.60 7.69 5.47
CA GLY A 120 3.90 6.65 6.23
C GLY A 120 4.79 5.44 6.52
N LEU A 121 5.92 5.27 5.80
CA LEU A 121 7.04 4.34 6.00
C LEU A 121 7.44 3.64 4.69
N LEU A 122 7.70 2.32 4.64
CA LEU A 122 8.32 1.70 3.45
C LEU A 122 7.72 0.33 3.10
N MET A 123 7.86 -0.10 1.84
CA MET A 123 7.41 -1.40 1.33
C MET A 123 8.40 -1.91 0.26
N ARG A 124 8.39 -3.22 0.03
CA ARG A 124 9.08 -3.92 -1.07
C ARG A 124 8.07 -4.93 -1.58
N LEU A 125 7.92 -5.09 -2.89
CA LEU A 125 6.83 -5.84 -3.49
C LEU A 125 7.29 -6.52 -4.78
N GLN A 126 6.75 -7.70 -5.08
CA GLN A 126 6.88 -8.37 -6.37
C GLN A 126 5.52 -8.94 -6.74
N GLY A 127 5.28 -9.10 -8.04
CA GLY A 127 4.12 -9.83 -8.55
C GLY A 127 4.07 -9.73 -10.06
N ASP A 128 3.03 -10.29 -10.70
CA ASP A 128 2.88 -10.15 -12.15
C ASP A 128 2.93 -8.67 -12.54
N ALA A 129 3.59 -8.38 -13.66
CA ALA A 129 3.84 -7.01 -14.09
C ALA A 129 2.55 -6.19 -14.14
N ASN A 130 1.56 -6.66 -14.92
CA ASN A 130 0.28 -5.96 -15.05
C ASN A 130 -0.37 -5.72 -13.68
N ASN A 131 -0.26 -6.72 -12.83
CA ASN A 131 -0.79 -6.80 -11.48
C ASN A 131 -0.11 -5.76 -10.58
N LEU A 132 1.15 -5.43 -10.85
CA LEU A 132 1.91 -4.49 -10.05
C LEU A 132 1.31 -3.10 -10.21
N HIS A 133 0.64 -2.84 -11.35
CA HIS A 133 0.06 -1.54 -11.71
C HIS A 133 0.99 -0.37 -11.33
N GLY A 134 2.28 -0.50 -11.63
CA GLY A 134 3.34 0.40 -11.16
C GLY A 134 4.31 0.72 -12.28
N PHE A 135 3.83 1.38 -13.32
CA PHE A 135 4.58 1.64 -14.55
C PHE A 135 5.09 3.10 -14.61
N GLU A 136 5.02 3.81 -13.50
CA GLU A 136 5.55 5.14 -13.30
C GLU A 136 6.14 5.21 -11.91
N VAL A 137 7.22 5.99 -11.78
CA VAL A 137 7.81 6.37 -10.49
C VAL A 137 6.79 7.07 -9.59
N ASP A 138 5.61 7.37 -10.16
CA ASP A 138 4.52 8.15 -9.59
C ASP A 138 3.16 7.50 -9.82
N SER A 139 3.13 6.21 -10.21
CA SER A 139 1.87 5.46 -10.20
C SER A 139 1.47 5.15 -8.76
N ARG A 140 2.06 4.08 -8.22
CA ARG A 140 1.65 3.49 -6.95
C ARG A 140 2.15 4.22 -5.73
N VAL A 141 2.65 5.44 -5.94
CA VAL A 141 2.96 6.34 -4.85
C VAL A 141 1.65 6.76 -4.19
N TYR A 142 0.54 6.83 -4.95
CA TYR A 142 -0.76 7.12 -4.38
C TYR A 142 -1.29 5.81 -3.82
N LEU A 143 -1.30 5.66 -2.49
CA LEU A 143 -1.65 4.43 -1.80
C LEU A 143 -2.67 4.77 -0.72
N LEU A 144 -3.71 3.94 -0.57
CA LEU A 144 -4.68 4.06 0.51
C LEU A 144 -5.01 2.65 0.99
N MET A 145 -5.38 2.49 2.27
CA MET A 145 -5.65 1.18 2.87
C MET A 145 -6.88 1.28 3.78
N LYS A 146 -7.57 0.16 3.98
CA LYS A 146 -8.88 0.07 4.62
C LYS A 146 -9.21 -1.37 5.02
N LYS A 147 -10.34 -1.57 5.70
CA LYS A 147 -10.87 -2.92 5.95
C LYS A 147 -11.24 -3.59 4.63
N LEU A 148 -11.29 -4.92 4.63
CA LEU A 148 -11.79 -5.68 3.49
C LEU A 148 -13.27 -5.39 3.22
N ALA A 149 -13.67 -5.58 1.96
CA ALA A 149 -15.04 -5.58 1.52
C ALA A 149 -15.17 -6.78 0.58
N PHE A 150 -15.95 -7.77 1.01
CA PHE A 150 -16.13 -9.02 0.27
C PHE A 150 -16.76 -8.74 -1.09
N MET A 1 -8.06 11.34 -1.22
CA MET A 1 -7.70 10.95 -2.61
C MET A 1 -8.80 11.38 -3.59
N ALA A 2 -8.56 11.22 -4.90
CA ALA A 2 -9.45 11.68 -5.96
C ALA A 2 -9.64 10.62 -7.07
N GLY A 3 -9.11 9.41 -6.92
CA GLY A 3 -9.25 8.32 -7.88
C GLY A 3 -8.68 7.03 -7.30
N ILE A 4 -8.88 5.92 -8.01
CA ILE A 4 -8.53 4.57 -7.58
C ILE A 4 -7.95 3.81 -8.78
N LEU A 5 -6.98 2.93 -8.53
CA LEU A 5 -6.32 2.12 -9.55
C LEU A 5 -6.74 0.65 -9.37
N PHE A 6 -6.67 0.12 -8.14
CA PHE A 6 -7.17 -1.21 -7.80
C PHE A 6 -7.36 -1.31 -6.28
N GLU A 7 -8.06 -2.35 -5.84
CA GLU A 7 -8.32 -2.71 -4.45
C GLU A 7 -8.21 -4.23 -4.36
N ASP A 8 -7.50 -4.77 -3.37
CA ASP A 8 -7.47 -6.20 -3.09
C ASP A 8 -7.23 -6.41 -1.59
N ILE A 9 -7.71 -7.54 -1.07
CA ILE A 9 -7.45 -7.95 0.31
C ILE A 9 -6.00 -8.44 0.34
N PHE A 10 -5.31 -8.22 1.45
CA PHE A 10 -4.00 -8.77 1.76
C PHE A 10 -4.08 -9.39 3.16
N ASP A 11 -3.22 -10.38 3.39
CA ASP A 11 -3.18 -11.19 4.59
C ASP A 11 -1.73 -11.25 5.08
N VAL A 12 -1.53 -10.95 6.36
CA VAL A 12 -0.22 -10.90 6.99
C VAL A 12 0.31 -12.33 7.15
N LYS A 13 1.44 -12.61 6.49
CA LYS A 13 2.20 -13.83 6.67
C LYS A 13 3.04 -13.73 7.95
N ASP A 14 3.68 -12.59 8.22
CA ASP A 14 4.56 -12.45 9.38
C ASP A 14 4.75 -10.97 9.75
N ILE A 15 5.38 -10.70 10.89
CA ILE A 15 5.55 -9.39 11.52
C ILE A 15 6.98 -9.34 12.06
N ASP A 16 7.64 -8.19 11.97
CA ASP A 16 9.01 -7.99 12.44
C ASP A 16 9.21 -6.55 12.96
N PRO A 17 9.05 -6.31 14.26
CA PRO A 17 9.44 -5.06 14.89
C PRO A 17 10.98 -5.02 14.98
N GLU A 18 11.65 -4.47 13.95
CA GLU A 18 13.10 -4.56 13.77
C GLU A 18 13.89 -3.98 14.96
N GLY A 19 13.34 -2.95 15.59
CA GLY A 19 13.96 -2.08 16.59
C GLY A 19 13.19 -0.76 16.54
N LYS A 20 11.87 -0.86 16.43
CA LYS A 20 10.95 0.23 16.13
C LYS A 20 10.83 1.15 17.33
N LYS A 21 11.62 2.23 17.33
CA LYS A 21 11.58 3.27 18.37
C LYS A 21 10.14 3.73 18.67
N PHE A 22 9.34 3.93 17.62
CA PHE A 22 7.99 4.48 17.76
C PHE A 22 6.97 3.41 18.19
N ASP A 23 7.30 2.12 18.01
CA ASP A 23 6.54 0.90 18.32
C ASP A 23 5.22 0.73 17.55
N ARG A 24 4.48 1.80 17.30
CA ARG A 24 3.31 1.84 16.41
C ARG A 24 3.67 1.73 14.93
N VAL A 25 4.91 1.41 14.59
CA VAL A 25 5.38 1.15 13.24
C VAL A 25 6.04 -0.23 13.32
N SER A 26 5.89 -1.09 12.32
CA SER A 26 6.57 -2.39 12.26
C SER A 26 6.67 -2.87 10.82
N ARG A 27 7.59 -3.81 10.57
CA ARG A 27 7.66 -4.51 9.29
C ARG A 27 6.67 -5.66 9.32
N LEU A 28 6.16 -5.99 8.15
CA LEU A 28 5.19 -7.04 7.90
C LEU A 28 5.65 -7.75 6.63
N HIS A 29 5.25 -9.00 6.50
CA HIS A 29 5.37 -9.81 5.31
C HIS A 29 3.93 -10.19 5.00
N CYS A 30 3.46 -9.96 3.77
CA CYS A 30 2.05 -10.07 3.41
C CYS A 30 1.90 -10.68 2.02
N GLU A 31 0.68 -11.14 1.73
CA GLU A 31 0.31 -11.83 0.50
C GLU A 31 -1.06 -11.31 0.09
N SER A 32 -1.23 -11.00 -1.20
CA SER A 32 -2.52 -10.61 -1.77
C SER A 32 -3.48 -11.81 -1.78
N GLU A 33 -4.78 -11.56 -1.65
CA GLU A 33 -5.79 -12.58 -1.79
C GLU A 33 -6.05 -12.90 -3.28
N SER A 34 -5.88 -11.93 -4.19
CA SER A 34 -6.32 -12.07 -5.58
C SER A 34 -5.28 -11.67 -6.64
N PHE A 35 -4.41 -10.69 -6.37
CA PHE A 35 -3.56 -10.07 -7.41
C PHE A 35 -2.08 -10.44 -7.34
N LYS A 36 -1.73 -11.64 -6.87
CA LYS A 36 -0.39 -12.23 -6.94
C LYS A 36 0.76 -11.24 -6.69
N MET A 37 0.70 -10.54 -5.55
CA MET A 37 1.67 -9.60 -5.05
C MET A 37 2.28 -10.17 -3.77
N ASP A 38 3.55 -10.55 -3.84
CA ASP A 38 4.35 -10.90 -2.66
C ASP A 38 4.85 -9.58 -2.10
N LEU A 39 4.59 -9.28 -0.81
CA LEU A 39 4.83 -7.95 -0.26
C LEU A 39 5.57 -8.00 1.08
N ILE A 40 6.46 -7.03 1.26
CA ILE A 40 7.16 -6.69 2.49
C ILE A 40 6.71 -5.23 2.70
N LEU A 41 6.38 -4.86 3.92
CA LEU A 41 5.70 -3.59 4.23
C LEU A 41 6.06 -3.17 5.65
N ASP A 42 6.92 -2.15 5.78
CA ASP A 42 7.30 -1.49 7.02
C ASP A 42 6.51 -0.19 7.09
N VAL A 43 5.50 -0.17 7.94
CA VAL A 43 4.51 0.90 7.98
C VAL A 43 3.95 1.07 9.39
N ASN A 44 3.16 2.13 9.58
CA ASN A 44 2.36 2.39 10.76
C ASN A 44 1.36 1.23 10.94
N ILE A 45 1.31 0.62 12.14
CA ILE A 45 0.49 -0.56 12.44
C ILE A 45 -0.63 -0.31 13.44
N GLN A 46 -0.80 0.91 13.96
CA GLN A 46 -1.91 1.20 14.90
C GLN A 46 -3.27 1.18 14.17
N ILE A 47 -3.24 1.02 12.83
CA ILE A 47 -4.40 0.75 12.02
C ILE A 47 -4.97 -0.61 12.46
N TYR A 48 -4.08 -1.57 12.76
CA TYR A 48 -4.44 -2.96 13.02
C TYR A 48 -5.01 -3.10 14.44
N PRO A 49 -5.95 -4.04 14.66
CA PRO A 49 -6.60 -4.21 15.96
C PRO A 49 -5.66 -4.83 17.01
N VAL A 50 -4.65 -5.58 16.58
CA VAL A 50 -3.68 -6.27 17.43
C VAL A 50 -2.32 -6.26 16.72
N ASP A 51 -1.23 -6.48 17.47
CA ASP A 51 0.14 -6.54 16.94
C ASP A 51 0.31 -7.66 15.92
N LEU A 52 -0.48 -8.74 16.03
CA LEU A 52 -0.53 -9.85 15.08
C LEU A 52 -0.99 -9.39 13.68
N GLY A 53 -1.57 -8.20 13.54
CA GLY A 53 -2.18 -7.74 12.30
C GLY A 53 -3.54 -8.41 12.08
N ASP A 54 -4.15 -8.12 10.94
CA ASP A 54 -5.42 -8.68 10.49
C ASP A 54 -5.46 -8.58 8.97
N LYS A 55 -6.38 -9.28 8.30
CA LYS A 55 -6.56 -9.13 6.86
C LYS A 55 -7.09 -7.72 6.59
N PHE A 56 -6.49 -7.02 5.64
CA PHE A 56 -6.77 -5.61 5.36
C PHE A 56 -6.78 -5.44 3.85
N ARG A 57 -7.62 -4.55 3.33
CA ARG A 57 -7.56 -4.16 1.93
C ARG A 57 -6.45 -3.15 1.74
N LEU A 58 -5.66 -3.39 0.70
CA LEU A 58 -4.66 -2.48 0.17
C LEU A 58 -5.28 -1.95 -1.11
N VAL A 59 -5.19 -0.64 -1.29
CA VAL A 59 -5.77 0.09 -2.40
C VAL A 59 -4.66 1.03 -2.89
N ILE A 60 -4.54 1.15 -4.21
CA ILE A 60 -3.70 2.17 -4.82
C ILE A 60 -4.67 3.19 -5.39
N ALA A 61 -4.35 4.46 -5.15
CA ALA A 61 -5.23 5.58 -5.40
C ALA A 61 -4.58 6.54 -6.41
N SER A 62 -5.15 7.74 -6.55
CA SER A 62 -4.58 8.85 -7.28
C SER A 62 -5.14 10.12 -6.64
N THR A 63 -4.35 11.19 -6.57
CA THR A 63 -4.75 12.47 -6.01
C THR A 63 -4.05 13.55 -6.82
N LEU A 64 -4.78 14.59 -7.24
CA LEU A 64 -4.19 15.80 -7.83
C LEU A 64 -3.66 16.67 -6.69
N TYR A 65 -2.70 16.16 -5.91
CA TYR A 65 -2.28 16.79 -4.67
C TYR A 65 -1.70 18.20 -4.89
N GLU A 66 -1.21 18.50 -6.09
CA GLU A 66 -0.73 19.83 -6.47
C GLU A 66 -1.81 20.91 -6.31
N ASP A 67 -3.09 20.54 -6.34
CA ASP A 67 -4.21 21.47 -6.10
C ASP A 67 -4.25 21.96 -4.64
N GLY A 68 -3.67 21.21 -3.70
CA GLY A 68 -3.77 21.50 -2.28
C GLY A 68 -5.22 21.39 -1.78
N THR A 69 -6.00 20.45 -2.34
CA THR A 69 -7.35 20.15 -1.84
C THR A 69 -7.29 19.68 -0.38
N LEU A 70 -6.15 19.12 0.03
CA LEU A 70 -5.78 18.75 1.38
C LEU A 70 -4.40 19.38 1.65
N ASP A 71 -4.24 20.66 1.29
CA ASP A 71 -3.00 21.40 1.42
C ASP A 71 -2.46 21.23 2.83
N ASP A 72 -1.26 20.66 2.92
CA ASP A 72 -0.57 20.29 4.16
C ASP A 72 -0.53 21.47 5.13
N GLY A 73 -1.48 21.49 6.07
CA GLY A 73 -1.75 22.61 6.95
C GLY A 73 -3.25 22.69 7.27
N GLU A 74 -4.07 22.26 6.32
CA GLU A 74 -5.53 22.22 6.32
C GLU A 74 -5.92 20.89 5.64
N TYR A 75 -5.26 19.81 6.08
CA TYR A 75 -5.53 18.45 5.63
C TYR A 75 -6.89 18.02 6.18
N ASN A 76 -7.94 18.36 5.42
CA ASN A 76 -9.34 18.15 5.79
C ASN A 76 -9.61 16.67 6.11
N PRO A 77 -10.53 16.34 7.04
CA PRO A 77 -10.89 14.94 7.35
C PRO A 77 -11.38 14.10 6.16
N THR A 78 -11.66 14.75 5.02
CA THR A 78 -12.24 14.15 3.82
C THR A 78 -13.58 13.46 4.15
N ASP A 79 -14.31 14.07 5.10
CA ASP A 79 -15.70 13.78 5.46
C ASP A 79 -16.46 15.12 5.43
N ASP A 80 -15.96 16.01 4.57
CA ASP A 80 -16.46 17.36 4.31
C ASP A 80 -16.03 17.64 2.86
N ARG A 81 -14.73 17.67 2.59
CA ARG A 81 -14.20 17.67 1.22
C ARG A 81 -14.41 16.23 0.72
N PRO A 82 -14.74 16.00 -0.57
CA PRO A 82 -15.17 14.73 -1.17
C PRO A 82 -15.49 13.61 -0.17
N SER A 83 -16.54 13.84 0.61
CA SER A 83 -16.92 13.06 1.77
C SER A 83 -17.23 11.59 1.48
N ARG A 84 -17.50 11.21 0.22
CA ARG A 84 -17.63 9.80 -0.17
C ARG A 84 -16.36 9.00 0.13
N ALA A 85 -15.20 9.64 0.23
CA ALA A 85 -13.95 8.97 0.57
C ALA A 85 -13.85 8.60 2.06
N ASP A 86 -14.82 8.94 2.91
CA ASP A 86 -14.83 8.64 4.35
C ASP A 86 -15.10 7.14 4.63
N GLN A 87 -14.23 6.29 4.10
CA GLN A 87 -14.30 4.83 4.16
C GLN A 87 -12.91 4.22 4.40
N PHE A 88 -11.83 4.99 4.25
CA PHE A 88 -10.48 4.52 4.44
C PHE A 88 -10.14 4.46 5.93
N GLU A 89 -9.09 3.71 6.28
CA GLU A 89 -8.58 3.61 7.65
C GLU A 89 -7.15 4.18 7.73
N TYR A 90 -6.42 4.21 6.60
CA TYR A 90 -5.12 4.87 6.49
C TYR A 90 -4.93 5.36 5.06
N VAL A 91 -4.18 6.45 4.88
CA VAL A 91 -3.80 7.00 3.58
C VAL A 91 -2.43 7.65 3.75
N MET A 92 -1.55 7.54 2.74
CA MET A 92 -0.23 8.19 2.73
C MET A 92 0.28 8.29 1.29
N TYR A 93 1.34 9.08 1.08
CA TYR A 93 1.97 9.29 -0.21
C TYR A 93 3.44 8.87 -0.10
N GLY A 94 4.04 8.34 -1.17
CA GLY A 94 5.42 7.82 -1.14
C GLY A 94 6.18 8.13 -2.43
N LYS A 95 7.26 7.39 -2.69
CA LYS A 95 7.99 7.39 -3.97
C LYS A 95 8.42 5.97 -4.27
N VAL A 96 8.13 5.48 -5.48
CA VAL A 96 8.64 4.20 -5.98
C VAL A 96 10.08 4.44 -6.46
N TYR A 97 10.97 3.47 -6.27
CA TYR A 97 12.36 3.49 -6.72
C TYR A 97 12.79 2.09 -7.17
N ARG A 98 12.36 1.62 -8.36
CA ARG A 98 12.87 0.38 -8.95
C ARG A 98 12.67 0.37 -10.47
N ILE A 99 13.38 -0.52 -11.16
CA ILE A 99 13.34 -0.72 -12.62
C ILE A 99 12.19 -1.67 -13.01
N GLU A 100 12.14 -2.05 -14.28
CA GLU A 100 11.13 -2.93 -14.91
C GLU A 100 10.99 -4.32 -14.27
N GLY A 101 11.94 -4.75 -13.43
CA GLY A 101 11.93 -6.05 -12.78
C GLY A 101 13.36 -6.46 -12.48
N ASP A 102 14.14 -6.72 -13.53
CA ASP A 102 15.55 -7.13 -13.45
C ASP A 102 16.40 -6.61 -14.61
N GLU A 103 15.84 -5.68 -15.38
CA GLU A 103 16.44 -5.02 -16.54
C GLU A 103 16.86 -6.03 -17.62
N THR A 104 15.87 -6.61 -18.28
CA THR A 104 16.05 -7.43 -19.49
C THR A 104 16.81 -6.61 -20.54
N SER A 105 16.20 -5.46 -20.88
CA SER A 105 16.53 -4.45 -21.87
C SER A 105 15.23 -3.69 -22.22
N THR A 106 14.09 -4.39 -22.28
CA THR A 106 12.83 -3.85 -22.80
C THR A 106 11.67 -4.83 -22.59
N GLU A 107 11.93 -6.14 -22.49
CA GLU A 107 10.91 -7.17 -22.41
C GLU A 107 10.09 -7.05 -21.12
N ALA A 108 10.72 -6.50 -20.06
CA ALA A 108 10.25 -6.40 -18.69
C ALA A 108 10.37 -7.78 -18.07
N ALA A 109 11.25 -7.90 -17.06
CA ALA A 109 11.62 -9.18 -16.54
C ALA A 109 10.42 -9.94 -15.94
N THR A 110 10.57 -11.25 -15.70
CA THR A 110 9.57 -12.05 -15.02
C THR A 110 9.29 -11.42 -13.65
N ARG A 111 8.04 -10.97 -13.47
CA ARG A 111 7.54 -10.12 -12.37
C ARG A 111 8.27 -8.78 -12.32
N LEU A 112 7.49 -7.70 -12.22
CA LEU A 112 8.10 -6.42 -11.89
C LEU A 112 8.30 -6.49 -10.39
N SER A 113 9.47 -6.07 -9.94
CA SER A 113 9.80 -5.95 -8.54
C SER A 113 9.87 -4.45 -8.27
N ALA A 114 9.30 -4.01 -7.16
CA ALA A 114 9.16 -2.63 -6.78
C ALA A 114 9.71 -2.46 -5.38
N TYR A 115 10.19 -1.26 -5.09
CA TYR A 115 10.57 -0.79 -3.78
C TYR A 115 9.90 0.57 -3.69
N VAL A 116 9.30 0.90 -2.56
CA VAL A 116 8.68 2.19 -2.33
C VAL A 116 9.19 2.65 -0.97
N SER A 117 9.35 3.96 -0.80
CA SER A 117 9.84 4.61 0.38
C SER A 117 8.75 5.63 0.65
N TYR A 118 8.68 6.07 1.90
CA TYR A 118 7.56 6.83 2.38
C TYR A 118 6.29 5.98 2.19
N GLY A 119 5.12 6.57 1.94
CA GLY A 119 3.87 5.82 1.81
C GLY A 119 3.50 5.06 3.09
N GLY A 120 4.15 5.36 4.21
CA GLY A 120 4.07 4.65 5.47
C GLY A 120 5.46 4.52 6.08
N LEU A 121 6.45 4.04 5.31
CA LEU A 121 7.89 4.06 5.66
C LEU A 121 8.68 3.44 4.51
N LEU A 122 8.55 2.12 4.28
CA LEU A 122 9.27 1.38 3.25
C LEU A 122 8.50 0.11 2.90
N MET A 123 8.54 -0.37 1.67
CA MET A 123 8.00 -1.68 1.29
C MET A 123 8.86 -2.20 0.12
N ARG A 124 8.87 -3.53 -0.05
CA ARG A 124 9.43 -4.21 -1.21
C ARG A 124 8.32 -5.13 -1.71
N LEU A 125 8.18 -5.29 -3.02
CA LEU A 125 7.03 -5.95 -3.62
C LEU A 125 7.47 -6.63 -4.91
N GLN A 126 6.85 -7.75 -5.29
CA GLN A 126 7.00 -8.35 -6.61
C GLN A 126 5.68 -8.94 -7.04
N GLY A 127 5.37 -8.84 -8.33
CA GLY A 127 4.15 -9.39 -8.93
C GLY A 127 4.19 -9.18 -10.43
N ASP A 128 3.17 -9.65 -11.16
CA ASP A 128 3.12 -9.48 -12.61
C ASP A 128 3.32 -8.01 -12.99
N ALA A 129 4.12 -7.73 -14.02
CA ALA A 129 4.54 -6.38 -14.33
C ALA A 129 3.38 -5.42 -14.55
N ASN A 130 2.47 -5.73 -15.48
CA ASN A 130 1.33 -4.86 -15.77
C ASN A 130 0.49 -4.61 -14.52
N ASN A 131 0.28 -5.71 -13.81
CA ASN A 131 -0.43 -5.78 -12.54
C ASN A 131 0.24 -4.94 -11.45
N LEU A 132 1.56 -4.73 -11.53
CA LEU A 132 2.32 -3.92 -10.58
C LEU A 132 2.09 -2.44 -10.85
N HIS A 133 1.84 -2.09 -12.12
CA HIS A 133 1.80 -0.72 -12.64
C HIS A 133 3.05 0.12 -12.24
N GLY A 134 4.16 -0.54 -11.89
CA GLY A 134 5.32 0.09 -11.29
C GLY A 134 6.16 0.91 -12.27
N PHE A 135 5.92 0.78 -13.58
CA PHE A 135 6.55 1.63 -14.60
C PHE A 135 6.26 3.11 -14.36
N GLU A 136 5.09 3.35 -13.80
CA GLU A 136 4.62 4.62 -13.27
C GLU A 136 5.11 4.69 -11.84
N VAL A 137 6.32 5.20 -11.68
CA VAL A 137 6.96 5.43 -10.38
C VAL A 137 6.17 6.39 -9.47
N ASP A 138 5.11 7.00 -10.01
CA ASP A 138 4.19 7.90 -9.32
C ASP A 138 2.73 7.45 -9.39
N SER A 139 2.50 6.18 -9.70
CA SER A 139 1.18 5.58 -9.53
C SER A 139 1.03 5.13 -8.09
N ARG A 140 1.80 4.08 -7.72
CA ARG A 140 1.60 3.40 -6.44
C ARG A 140 2.18 4.13 -5.25
N VAL A 141 2.56 5.39 -5.46
CA VAL A 141 2.91 6.31 -4.41
C VAL A 141 1.66 6.63 -3.59
N TYR A 142 0.48 6.72 -4.23
CA TYR A 142 -0.76 7.04 -3.54
C TYR A 142 -1.27 5.73 -2.94
N LEU A 143 -1.13 5.58 -1.62
CA LEU A 143 -1.39 4.33 -0.92
C LEU A 143 -2.53 4.56 0.06
N LEU A 144 -3.48 3.64 0.10
CA LEU A 144 -4.73 3.73 0.82
C LEU A 144 -4.98 2.34 1.42
N MET A 145 -5.39 2.22 2.68
CA MET A 145 -5.68 0.94 3.31
C MET A 145 -6.95 1.05 4.14
N LYS A 146 -7.68 -0.06 4.24
CA LYS A 146 -8.93 -0.18 5.02
C LYS A 146 -9.14 -1.63 5.44
N LYS A 147 -10.15 -1.89 6.27
CA LYS A 147 -10.53 -3.25 6.68
C LYS A 147 -10.78 -4.16 5.47
N LEU A 148 -10.73 -5.48 5.67
CA LEU A 148 -11.16 -6.45 4.66
C LEU A 148 -12.62 -6.21 4.21
N ALA A 149 -13.02 -6.84 3.10
CA ALA A 149 -14.38 -6.81 2.59
C ALA A 149 -15.20 -7.90 3.27
N PHE A 150 -15.77 -7.62 4.44
CA PHE A 150 -16.69 -8.49 5.14
C PHE A 150 -17.61 -7.64 6.01
N MET A 1 -4.64 12.20 -8.76
CA MET A 1 -5.89 12.31 -9.56
C MET A 1 -6.83 11.17 -9.20
N ALA A 2 -8.13 11.42 -9.12
CA ALA A 2 -9.12 10.44 -8.73
C ALA A 2 -9.20 9.32 -9.79
N GLY A 3 -9.39 8.08 -9.35
CA GLY A 3 -9.69 6.94 -10.20
C GLY A 3 -9.70 5.65 -9.38
N ILE A 4 -10.01 4.53 -10.04
CA ILE A 4 -9.87 3.19 -9.47
C ILE A 4 -9.59 2.24 -10.65
N LEU A 5 -8.67 1.29 -10.46
CA LEU A 5 -8.35 0.24 -11.42
C LEU A 5 -7.80 -1.03 -10.76
N PHE A 6 -7.39 -0.96 -9.48
CA PHE A 6 -6.88 -2.09 -8.72
C PHE A 6 -7.29 -1.90 -7.26
N GLU A 7 -7.80 -2.95 -6.64
CA GLU A 7 -8.06 -3.06 -5.22
C GLU A 7 -7.85 -4.54 -4.88
N ASP A 8 -7.21 -4.86 -3.75
CA ASP A 8 -7.11 -6.26 -3.29
C ASP A 8 -7.01 -6.32 -1.77
N ILE A 9 -7.50 -7.40 -1.19
CA ILE A 9 -7.30 -7.74 0.21
C ILE A 9 -5.86 -8.26 0.33
N PHE A 10 -5.25 -8.09 1.50
CA PHE A 10 -3.94 -8.60 1.85
C PHE A 10 -4.05 -9.29 3.20
N ASP A 11 -3.25 -10.34 3.37
CA ASP A 11 -3.20 -11.23 4.51
C ASP A 11 -1.76 -11.21 5.01
N VAL A 12 -1.55 -10.78 6.25
CA VAL A 12 -0.24 -10.67 6.85
C VAL A 12 0.21 -12.08 7.26
N LYS A 13 1.37 -12.50 6.75
CA LYS A 13 1.97 -13.79 7.05
C LYS A 13 2.84 -13.68 8.29
N ASP A 14 3.60 -12.58 8.44
CA ASP A 14 4.63 -12.49 9.48
C ASP A 14 4.98 -11.04 9.83
N ILE A 15 5.78 -10.87 10.89
CA ILE A 15 6.18 -9.61 11.51
C ILE A 15 7.65 -9.79 11.94
N ASP A 16 8.45 -8.72 11.92
CA ASP A 16 9.78 -8.69 12.50
C ASP A 16 10.03 -7.29 13.09
N PRO A 17 10.09 -7.11 14.42
CA PRO A 17 10.27 -5.81 15.06
C PRO A 17 11.58 -5.07 14.81
N GLU A 18 12.43 -5.56 13.92
CA GLU A 18 13.77 -5.05 13.62
C GLU A 18 14.59 -4.76 14.89
N GLY A 19 14.47 -5.63 15.91
CA GLY A 19 15.14 -5.46 17.20
C GLY A 19 14.44 -4.39 18.04
N LYS A 20 13.10 -4.34 17.98
CA LYS A 20 12.23 -3.29 18.52
C LYS A 20 12.80 -1.92 18.14
N LYS A 21 12.96 -1.71 16.83
CA LYS A 21 13.53 -0.48 16.26
C LYS A 21 12.76 0.75 16.77
N PHE A 22 11.44 0.62 16.92
CA PHE A 22 10.56 1.56 17.57
C PHE A 22 9.56 0.73 18.38
N ASP A 23 8.91 1.36 19.37
CA ASP A 23 7.97 0.66 20.25
C ASP A 23 6.74 0.12 19.52
N ARG A 24 6.36 0.73 18.38
CA ARG A 24 5.13 0.41 17.65
C ARG A 24 5.34 0.31 16.14
N VAL A 25 6.55 0.18 15.61
CA VAL A 25 6.77 0.13 14.16
C VAL A 25 7.69 -1.05 13.88
N SER A 26 7.28 -1.91 12.94
CA SER A 26 7.92 -3.19 12.67
C SER A 26 7.79 -3.54 11.19
N ARG A 27 8.66 -4.44 10.73
CA ARG A 27 8.54 -5.05 9.40
C ARG A 27 7.32 -5.96 9.46
N LEU A 28 6.60 -6.08 8.35
CA LEU A 28 5.52 -7.02 8.10
C LEU A 28 5.87 -7.73 6.78
N HIS A 29 5.29 -8.91 6.58
CA HIS A 29 5.34 -9.65 5.33
C HIS A 29 3.92 -10.17 5.10
N CYS A 30 3.40 -9.98 3.88
CA CYS A 30 2.01 -10.21 3.53
C CYS A 30 1.91 -10.79 2.10
N GLU A 31 0.69 -11.18 1.72
CA GLU A 31 0.33 -11.74 0.43
C GLU A 31 -1.03 -11.15 0.05
N SER A 32 -1.28 -10.86 -1.24
CA SER A 32 -2.58 -10.36 -1.67
C SER A 32 -3.51 -11.54 -1.99
N GLU A 33 -4.81 -11.35 -1.76
CA GLU A 33 -5.81 -12.40 -1.78
C GLU A 33 -6.22 -12.79 -3.21
N SER A 34 -6.40 -11.82 -4.10
CA SER A 34 -7.00 -12.03 -5.42
C SER A 34 -6.00 -11.87 -6.57
N PHE A 35 -4.94 -11.08 -6.36
CA PHE A 35 -4.00 -10.64 -7.40
C PHE A 35 -2.56 -11.06 -7.08
N LYS A 36 -2.39 -12.11 -6.27
CA LYS A 36 -1.14 -12.85 -6.00
C LYS A 36 0.11 -11.98 -5.78
N MET A 37 -0.01 -10.74 -5.30
CA MET A 37 1.16 -9.93 -4.98
C MET A 37 1.83 -10.53 -3.74
N ASP A 38 3.15 -10.38 -3.67
CA ASP A 38 3.98 -10.74 -2.53
C ASP A 38 4.50 -9.43 -1.96
N LEU A 39 4.40 -9.22 -0.64
CA LEU A 39 4.65 -7.92 -0.02
C LEU A 39 5.54 -8.07 1.21
N ILE A 40 6.42 -7.09 1.36
CA ILE A 40 7.25 -6.79 2.50
C ILE A 40 6.85 -5.33 2.79
N LEU A 41 6.77 -4.97 4.05
CA LEU A 41 6.18 -3.73 4.55
C LEU A 41 6.93 -3.37 5.82
N ASP A 42 6.96 -2.09 6.19
CA ASP A 42 7.44 -1.59 7.47
C ASP A 42 6.41 -0.54 7.85
N VAL A 43 5.66 -0.80 8.92
CA VAL A 43 4.47 -0.03 9.28
C VAL A 43 4.24 -0.04 10.79
N ASN A 44 3.35 0.85 11.25
CA ASN A 44 2.82 0.88 12.61
C ASN A 44 2.11 -0.45 12.91
N ILE A 45 2.30 -1.04 14.09
CA ILE A 45 1.72 -2.32 14.49
C ILE A 45 0.81 -2.21 15.73
N GLN A 46 0.48 -1.01 16.22
CA GLN A 46 -0.50 -0.88 17.31
C GLN A 46 -1.90 -1.34 16.83
N ILE A 47 -2.11 -1.36 15.52
CA ILE A 47 -3.29 -1.88 14.83
C ILE A 47 -3.42 -3.40 15.09
N TYR A 48 -2.28 -4.08 15.20
CA TYR A 48 -2.21 -5.52 15.18
C TYR A 48 -2.89 -6.18 16.38
N PRO A 49 -3.63 -7.28 16.19
CA PRO A 49 -4.20 -8.08 17.29
C PRO A 49 -3.11 -8.87 18.02
N VAL A 50 -3.49 -9.59 19.07
CA VAL A 50 -2.61 -10.54 19.77
C VAL A 50 -2.34 -11.78 18.90
N ASP A 51 -3.22 -12.10 17.94
CA ASP A 51 -3.05 -13.24 17.02
C ASP A 51 -1.89 -12.97 16.04
N LEU A 52 -1.26 -14.03 15.54
CA LEU A 52 -0.14 -13.93 14.60
C LEU A 52 -0.55 -13.29 13.26
N GLY A 53 -1.80 -13.45 12.83
CA GLY A 53 -2.27 -12.97 11.53
C GLY A 53 -3.20 -11.76 11.67
N ASP A 54 -3.35 -11.02 10.58
CA ASP A 54 -4.26 -9.89 10.42
C ASP A 54 -4.52 -9.71 8.92
N LYS A 55 -5.54 -8.95 8.54
CA LYS A 55 -5.89 -8.69 7.14
C LYS A 55 -6.27 -7.23 6.99
N PHE A 56 -6.03 -6.68 5.80
CA PHE A 56 -6.45 -5.34 5.39
C PHE A 56 -6.65 -5.36 3.88
N ARG A 57 -6.93 -4.21 3.26
CA ARG A 57 -7.20 -4.07 1.84
C ARG A 57 -6.45 -2.84 1.33
N LEU A 58 -6.00 -2.87 0.08
CA LEU A 58 -5.08 -1.89 -0.48
C LEU A 58 -5.57 -1.47 -1.86
N VAL A 59 -5.24 -0.23 -2.24
CA VAL A 59 -5.47 0.36 -3.55
C VAL A 59 -4.17 1.11 -3.88
N ILE A 60 -3.70 0.99 -5.14
CA ILE A 60 -2.44 1.58 -5.60
C ILE A 60 -2.55 2.23 -6.99
N ALA A 61 -3.75 2.25 -7.59
CA ALA A 61 -3.91 2.66 -8.98
C ALA A 61 -3.90 4.18 -9.14
N SER A 62 -4.65 4.90 -8.30
CA SER A 62 -4.94 6.32 -8.42
C SER A 62 -5.32 6.84 -7.02
N THR A 63 -5.49 8.16 -6.87
CA THR A 63 -6.07 8.72 -5.67
C THR A 63 -7.54 8.26 -5.62
N LEU A 64 -8.13 8.12 -4.44
CA LEU A 64 -9.57 7.90 -4.34
C LEU A 64 -10.36 9.21 -4.57
N TYR A 65 -9.71 10.37 -4.48
CA TYR A 65 -10.36 11.68 -4.50
C TYR A 65 -9.50 12.73 -5.23
N GLU A 66 -10.13 13.80 -5.69
CA GLU A 66 -9.51 15.00 -6.22
C GLU A 66 -10.44 16.19 -5.93
N ASP A 67 -10.11 17.38 -6.44
CA ASP A 67 -10.76 18.66 -6.13
C ASP A 67 -12.27 18.69 -6.42
N GLY A 68 -12.77 17.80 -7.27
CA GLY A 68 -14.19 17.71 -7.63
C GLY A 68 -14.90 16.48 -7.07
N THR A 69 -14.18 15.55 -6.43
CA THR A 69 -14.80 14.46 -5.68
C THR A 69 -15.34 15.01 -4.35
N LEU A 70 -16.06 14.17 -3.59
CA LEU A 70 -16.72 14.53 -2.33
C LEU A 70 -17.48 15.84 -2.57
N ASP A 71 -17.16 16.89 -1.82
CA ASP A 71 -17.62 18.25 -2.07
C ASP A 71 -16.39 19.10 -1.86
N ASP A 72 -15.98 19.84 -2.91
CA ASP A 72 -14.74 20.62 -2.95
C ASP A 72 -13.49 19.80 -2.64
N GLY A 73 -13.53 18.48 -2.88
CA GLY A 73 -12.43 17.56 -2.64
C GLY A 73 -12.10 17.41 -1.16
N GLU A 74 -13.07 17.65 -0.27
CA GLU A 74 -12.90 17.63 1.18
C GLU A 74 -14.02 16.79 1.78
N TYR A 75 -13.75 16.14 2.91
CA TYR A 75 -14.67 15.23 3.59
C TYR A 75 -15.85 15.95 4.29
N ASN A 76 -16.09 17.21 3.92
CA ASN A 76 -17.09 18.08 4.53
C ASN A 76 -18.56 17.71 4.24
N PRO A 77 -18.96 16.90 3.24
CA PRO A 77 -20.36 16.42 3.15
C PRO A 77 -20.57 15.24 4.12
N THR A 78 -20.10 15.43 5.36
CA THR A 78 -20.01 14.47 6.46
C THR A 78 -19.48 13.10 6.01
N ASP A 79 -18.50 13.07 5.10
CA ASP A 79 -17.92 11.80 4.63
C ASP A 79 -16.92 11.22 5.65
N ASP A 80 -16.43 12.08 6.55
CA ASP A 80 -15.61 11.73 7.72
C ASP A 80 -15.87 12.73 8.84
N ARG A 81 -16.01 14.01 8.50
CA ARG A 81 -16.30 15.06 9.48
C ARG A 81 -17.63 14.72 10.15
N PRO A 82 -17.71 14.85 11.50
CA PRO A 82 -18.82 14.37 12.32
C PRO A 82 -19.53 13.10 11.83
N SER A 83 -18.74 12.11 11.42
CA SER A 83 -19.15 10.75 11.04
C SER A 83 -18.13 9.75 11.59
N ARG A 84 -18.35 8.45 11.32
CA ARG A 84 -17.38 7.39 11.61
C ARG A 84 -16.10 7.60 10.79
N ALA A 85 -15.08 6.79 11.07
CA ALA A 85 -13.80 6.75 10.35
C ALA A 85 -13.47 5.30 9.95
N ASP A 86 -14.50 4.49 9.75
CA ASP A 86 -14.40 3.07 9.36
C ASP A 86 -14.17 2.92 7.84
N GLN A 87 -14.52 3.96 7.07
CA GLN A 87 -14.60 3.96 5.62
C GLN A 87 -13.26 3.63 4.95
N PHE A 88 -12.16 4.22 5.43
CA PHE A 88 -10.80 4.00 4.95
C PHE A 88 -9.84 4.12 6.14
N GLU A 89 -8.62 3.56 6.08
CA GLU A 89 -7.65 3.65 7.18
C GLU A 89 -6.66 4.77 6.93
N TYR A 90 -6.04 4.85 5.74
CA TYR A 90 -5.20 5.99 5.35
C TYR A 90 -5.08 6.10 3.84
N VAL A 91 -4.60 7.24 3.35
CA VAL A 91 -4.23 7.49 1.97
C VAL A 91 -2.96 8.34 2.00
N MET A 92 -2.03 8.10 1.06
CA MET A 92 -0.73 8.76 1.00
C MET A 92 -0.25 8.77 -0.46
N TYR A 93 0.72 9.64 -0.73
CA TYR A 93 1.46 9.70 -1.98
C TYR A 93 2.90 9.34 -1.61
N GLY A 94 3.41 8.24 -2.14
CA GLY A 94 4.71 7.70 -1.80
C GLY A 94 5.76 8.12 -2.81
N LYS A 95 6.92 7.49 -2.74
CA LYS A 95 7.98 7.59 -3.75
C LYS A 95 8.40 6.15 -4.00
N VAL A 96 8.09 5.64 -5.20
CA VAL A 96 8.54 4.33 -5.64
C VAL A 96 10.03 4.43 -5.93
N TYR A 97 10.74 3.32 -5.88
CA TYR A 97 12.12 3.16 -6.31
C TYR A 97 12.10 1.96 -7.25
N ARG A 98 12.21 2.23 -8.55
CA ARG A 98 12.11 1.22 -9.60
C ARG A 98 13.40 0.40 -9.62
N ILE A 99 13.28 -0.93 -9.78
CA ILE A 99 14.40 -1.81 -10.04
C ILE A 99 14.08 -2.67 -11.28
N GLU A 100 15.01 -3.53 -11.66
CA GLU A 100 14.97 -4.34 -12.88
C GLU A 100 13.97 -5.51 -12.85
N GLY A 101 13.28 -5.71 -11.73
CA GLY A 101 12.36 -6.83 -11.55
C GLY A 101 13.06 -8.18 -11.51
N ASP A 102 14.24 -8.20 -10.89
CA ASP A 102 14.94 -9.43 -10.56
C ASP A 102 15.65 -9.18 -9.24
N GLU A 103 15.41 -10.08 -8.29
CA GLU A 103 16.16 -10.13 -7.04
C GLU A 103 16.62 -11.58 -6.72
N THR A 104 16.60 -12.47 -7.72
CA THR A 104 17.04 -13.85 -7.53
C THR A 104 18.55 -13.88 -7.30
N SER A 105 19.29 -13.43 -8.32
CA SER A 105 20.73 -13.38 -8.51
C SER A 105 21.02 -13.45 -10.02
N THR A 106 20.27 -14.27 -10.76
CA THR A 106 20.57 -14.61 -12.16
C THR A 106 19.42 -15.36 -12.84
N GLU A 107 18.50 -15.98 -12.09
CA GLU A 107 17.38 -16.71 -12.66
C GLU A 107 16.44 -15.75 -13.41
N ALA A 108 16.45 -14.46 -13.03
CA ALA A 108 15.73 -13.35 -13.64
C ALA A 108 14.25 -13.57 -13.35
N ALA A 109 13.85 -13.07 -12.18
CA ALA A 109 12.55 -13.36 -11.59
C ALA A 109 11.39 -13.13 -12.57
N THR A 110 10.35 -13.97 -12.49
CA THR A 110 9.20 -13.95 -13.39
C THR A 110 8.12 -12.95 -12.98
N ARG A 111 8.39 -12.18 -11.94
CA ARG A 111 7.52 -11.15 -11.37
C ARG A 111 8.33 -9.86 -11.37
N LEU A 112 7.73 -8.76 -11.85
CA LEU A 112 8.32 -7.44 -11.72
C LEU A 112 8.20 -7.06 -10.24
N SER A 113 9.12 -6.19 -9.79
CA SER A 113 9.27 -5.82 -8.40
C SER A 113 9.23 -4.31 -8.30
N ALA A 114 8.98 -3.80 -7.09
CA ALA A 114 9.06 -2.39 -6.76
C ALA A 114 9.50 -2.26 -5.29
N TYR A 115 9.98 -1.07 -4.95
CA TYR A 115 10.26 -0.64 -3.59
C TYR A 115 9.47 0.66 -3.44
N VAL A 116 8.97 0.98 -2.25
CA VAL A 116 8.19 2.19 -2.03
C VAL A 116 8.50 2.72 -0.63
N SER A 117 8.56 4.04 -0.51
CA SER A 117 8.63 4.76 0.75
C SER A 117 7.39 5.66 0.80
N TYR A 118 6.71 5.73 1.94
CA TYR A 118 5.50 6.54 2.07
C TYR A 118 5.43 7.09 3.49
N GLY A 119 5.51 8.41 3.64
CA GLY A 119 5.33 9.08 4.93
C GLY A 119 6.28 8.61 6.04
N GLY A 120 7.45 8.03 5.68
CA GLY A 120 8.44 7.50 6.61
C GLY A 120 8.34 5.97 6.81
N LEU A 121 7.29 5.34 6.28
CA LEU A 121 7.09 3.89 6.29
C LEU A 121 7.60 3.31 4.96
N LEU A 122 7.70 1.98 4.83
CA LEU A 122 8.39 1.35 3.69
C LEU A 122 7.63 0.13 3.18
N MET A 123 7.89 -0.30 1.94
CA MET A 123 7.43 -1.55 1.36
C MET A 123 8.39 -2.01 0.26
N ARG A 124 8.32 -3.30 -0.08
CA ARG A 124 8.93 -3.93 -1.25
C ARG A 124 7.88 -4.93 -1.73
N LEU A 125 7.57 -4.99 -3.02
CA LEU A 125 6.47 -5.79 -3.53
C LEU A 125 6.89 -6.44 -4.83
N GLN A 126 6.31 -7.61 -5.14
CA GLN A 126 6.45 -8.28 -6.42
C GLN A 126 5.07 -8.74 -6.89
N GLY A 127 4.92 -8.85 -8.21
CA GLY A 127 3.77 -9.46 -8.87
C GLY A 127 4.09 -9.65 -10.35
N ASP A 128 3.25 -10.40 -11.08
CA ASP A 128 3.41 -10.50 -12.54
C ASP A 128 3.51 -9.10 -13.12
N ALA A 129 4.42 -8.86 -14.08
CA ALA A 129 4.69 -7.52 -14.59
C ALA A 129 3.43 -6.68 -14.83
N ASN A 130 2.45 -7.17 -15.59
CA ASN A 130 1.24 -6.39 -15.90
C ASN A 130 0.48 -6.04 -14.63
N ASN A 131 0.42 -7.04 -13.79
CA ASN A 131 -0.25 -7.06 -12.51
C ASN A 131 0.49 -6.20 -11.47
N LEU A 132 1.77 -5.87 -11.70
CA LEU A 132 2.57 -5.06 -10.78
C LEU A 132 2.02 -3.63 -10.78
N HIS A 133 1.35 -3.23 -11.88
CA HIS A 133 0.60 -1.97 -11.99
C HIS A 133 1.48 -0.77 -11.60
N GLY A 134 2.75 -0.78 -12.01
CA GLY A 134 3.74 0.18 -11.54
C GLY A 134 5.00 0.20 -12.39
N PHE A 135 4.84 0.30 -13.71
CA PHE A 135 5.93 0.51 -14.66
C PHE A 135 6.47 1.95 -14.62
N GLU A 136 6.02 2.74 -13.66
CA GLU A 136 6.37 4.13 -13.46
C GLU A 136 6.64 4.32 -12.00
N VAL A 137 7.79 4.95 -11.73
CA VAL A 137 8.22 5.43 -10.43
C VAL A 137 7.22 6.46 -9.86
N ASP A 138 6.20 6.81 -10.64
CA ASP A 138 5.13 7.75 -10.28
C ASP A 138 3.74 7.22 -10.59
N SER A 139 3.60 5.91 -10.85
CA SER A 139 2.28 5.28 -10.90
C SER A 139 1.89 4.85 -9.49
N ARG A 140 2.62 3.87 -8.93
CA ARG A 140 2.21 3.23 -7.68
C ARG A 140 2.59 4.02 -6.44
N VAL A 141 2.95 5.29 -6.64
CA VAL A 141 3.09 6.26 -5.58
C VAL A 141 1.72 6.48 -4.92
N TYR A 142 0.62 6.37 -5.67
CA TYR A 142 -0.70 6.46 -5.07
C TYR A 142 -0.86 5.25 -4.15
N LEU A 143 -1.23 5.48 -2.89
CA LEU A 143 -1.36 4.40 -1.92
C LEU A 143 -2.54 4.70 -1.01
N LEU A 144 -3.43 3.72 -0.82
CA LEU A 144 -4.52 3.79 0.15
C LEU A 144 -4.62 2.41 0.79
N MET A 145 -4.97 2.39 2.08
CA MET A 145 -5.23 1.19 2.84
C MET A 145 -6.54 1.37 3.58
N LYS A 146 -7.31 0.30 3.72
CA LYS A 146 -8.58 0.26 4.43
C LYS A 146 -8.83 -1.17 4.94
N LYS A 147 -9.90 -1.36 5.71
CA LYS A 147 -10.34 -2.68 6.13
C LYS A 147 -10.77 -3.53 4.93
N LEU A 148 -10.75 -4.85 5.09
CA LEU A 148 -11.35 -5.77 4.13
C LEU A 148 -12.88 -5.63 4.10
N ALA A 149 -13.51 -6.20 3.08
CA ALA A 149 -14.95 -6.31 2.96
C ALA A 149 -15.25 -7.68 2.35
N PHE A 150 -16.22 -8.37 2.95
CA PHE A 150 -16.69 -9.72 2.61
C PHE A 150 -15.50 -10.64 2.31
N MET A 1 -10.32 14.55 -5.37
CA MET A 1 -9.78 14.63 -6.74
C MET A 1 -8.74 13.52 -6.92
N ALA A 2 -8.94 12.59 -7.86
CA ALA A 2 -8.00 11.55 -8.22
C ALA A 2 -8.35 10.99 -9.61
N GLY A 3 -7.50 10.13 -10.14
CA GLY A 3 -7.74 9.33 -11.35
C GLY A 3 -7.02 8.00 -11.20
N ILE A 4 -7.41 7.00 -12.01
CA ILE A 4 -7.00 5.59 -11.90
C ILE A 4 -7.49 5.00 -10.55
N LEU A 5 -7.66 3.67 -10.50
CA LEU A 5 -8.00 2.95 -9.28
C LEU A 5 -7.48 1.51 -9.38
N PHE A 6 -7.00 0.98 -8.26
CA PHE A 6 -6.65 -0.41 -8.05
C PHE A 6 -6.93 -0.72 -6.58
N GLU A 7 -7.26 -1.98 -6.28
CA GLU A 7 -7.65 -2.44 -4.95
C GLU A 7 -7.21 -3.91 -4.83
N ASP A 8 -6.65 -4.30 -3.68
CA ASP A 8 -6.15 -5.63 -3.41
C ASP A 8 -6.22 -5.90 -1.90
N ILE A 9 -6.58 -7.12 -1.48
CA ILE A 9 -6.66 -7.53 -0.08
C ILE A 9 -5.48 -8.45 0.17
N PHE A 10 -4.83 -8.32 1.32
CA PHE A 10 -3.68 -9.11 1.72
C PHE A 10 -3.83 -9.57 3.16
N ASP A 11 -3.12 -10.64 3.49
CA ASP A 11 -3.11 -11.31 4.79
C ASP A 11 -1.66 -11.37 5.26
N VAL A 12 -1.42 -11.06 6.52
CA VAL A 12 -0.09 -11.08 7.09
C VAL A 12 0.39 -12.52 7.20
N LYS A 13 1.70 -12.69 7.04
CA LYS A 13 2.43 -13.96 6.99
C LYS A 13 3.54 -13.93 8.04
N ASP A 14 4.09 -12.74 8.35
CA ASP A 14 5.03 -12.58 9.48
C ASP A 14 5.07 -11.13 9.95
N ILE A 15 5.62 -10.92 11.15
CA ILE A 15 5.77 -9.64 11.84
C ILE A 15 7.14 -9.70 12.53
N ASP A 16 7.89 -8.59 12.48
CA ASP A 16 9.25 -8.47 13.01
C ASP A 16 9.44 -7.04 13.53
N PRO A 17 9.31 -6.79 14.84
CA PRO A 17 9.39 -5.46 15.48
C PRO A 17 10.69 -4.65 15.34
N GLU A 18 11.51 -4.84 14.31
CA GLU A 18 12.76 -4.11 14.12
C GLU A 18 12.56 -2.58 13.93
N GLY A 19 11.32 -2.14 13.77
CA GLY A 19 10.93 -0.73 13.73
C GLY A 19 10.93 -0.08 15.13
N LYS A 20 11.47 -0.76 16.15
CA LYS A 20 11.52 -0.41 17.57
C LYS A 20 11.90 1.05 17.90
N LYS A 21 12.41 1.82 16.94
CA LYS A 21 12.57 3.26 17.11
C LYS A 21 11.24 3.91 17.50
N PHE A 22 10.12 3.35 17.03
CA PHE A 22 8.77 3.67 17.44
C PHE A 22 8.09 2.30 17.58
N ASP A 23 7.78 1.87 18.80
CA ASP A 23 7.33 0.49 19.09
C ASP A 23 6.10 0.06 18.29
N ARG A 24 5.23 1.01 17.92
CA ARG A 24 4.07 0.77 17.06
C ARG A 24 4.44 0.50 15.59
N VAL A 25 5.70 0.42 15.20
CA VAL A 25 6.10 0.21 13.81
C VAL A 25 6.92 -1.08 13.77
N SER A 26 6.64 -1.94 12.78
CA SER A 26 7.28 -3.24 12.63
C SER A 26 7.44 -3.58 11.15
N ARG A 27 8.46 -4.38 10.84
CA ARG A 27 8.60 -4.97 9.52
C ARG A 27 7.54 -6.07 9.47
N LEU A 28 6.93 -6.27 8.32
CA LEU A 28 5.82 -7.18 8.09
C LEU A 28 6.09 -7.91 6.79
N HIS A 29 5.51 -9.09 6.64
CA HIS A 29 5.46 -9.85 5.40
C HIS A 29 4.01 -10.27 5.25
N CYS A 30 3.47 -10.12 4.04
CA CYS A 30 2.09 -10.39 3.71
C CYS A 30 2.02 -11.04 2.32
N GLU A 31 0.85 -11.58 1.99
CA GLU A 31 0.54 -12.21 0.72
C GLU A 31 -0.84 -11.72 0.31
N SER A 32 -0.96 -11.25 -0.94
CA SER A 32 -2.21 -10.78 -1.51
C SER A 32 -3.10 -11.96 -1.86
N GLU A 33 -4.36 -11.92 -1.43
CA GLU A 33 -5.36 -12.95 -1.70
C GLU A 33 -5.93 -12.79 -3.11
N SER A 34 -6.12 -11.55 -3.57
CA SER A 34 -6.85 -11.24 -4.79
C SER A 34 -6.16 -11.75 -6.06
N PHE A 35 -4.82 -11.83 -6.06
CA PHE A 35 -4.02 -12.29 -7.19
C PHE A 35 -3.01 -13.29 -6.66
N LYS A 36 -1.76 -12.86 -6.43
CA LYS A 36 -0.63 -13.73 -6.09
C LYS A 36 0.59 -12.95 -5.58
N MET A 37 0.41 -11.67 -5.24
CA MET A 37 1.54 -10.78 -4.96
C MET A 37 2.21 -11.14 -3.64
N ASP A 38 3.54 -11.05 -3.64
CA ASP A 38 4.39 -11.11 -2.46
C ASP A 38 4.51 -9.69 -1.93
N LEU A 39 4.39 -9.46 -0.62
CA LEU A 39 4.48 -8.12 -0.04
C LEU A 39 5.34 -8.18 1.23
N ILE A 40 6.14 -7.15 1.43
CA ILE A 40 6.91 -6.83 2.62
C ILE A 40 6.54 -5.37 2.92
N LEU A 41 6.51 -4.98 4.19
CA LEU A 41 6.25 -3.63 4.66
C LEU A 41 7.10 -3.35 5.88
N ASP A 42 7.18 -2.08 6.25
CA ASP A 42 7.71 -1.55 7.50
C ASP A 42 6.64 -0.51 7.78
N VAL A 43 5.66 -0.88 8.61
CA VAL A 43 4.43 -0.12 8.78
C VAL A 43 3.99 -0.05 10.24
N ASN A 44 3.12 0.93 10.52
CA ASN A 44 2.42 1.06 11.79
C ASN A 44 1.51 -0.15 11.99
N ILE A 45 1.61 -0.82 13.15
CA ILE A 45 0.85 -2.02 13.50
C ILE A 45 -0.28 -1.74 14.49
N GLN A 46 -0.50 -0.51 14.95
CA GLN A 46 -1.53 -0.21 15.95
C GLN A 46 -2.94 -0.42 15.36
N ILE A 47 -3.02 -0.45 14.03
CA ILE A 47 -4.23 -0.74 13.29
C ILE A 47 -4.63 -2.20 13.53
N TYR A 48 -3.65 -3.11 13.67
CA TYR A 48 -3.91 -4.53 13.88
C TYR A 48 -4.52 -4.74 15.27
N PRO A 49 -5.37 -5.77 15.45
CA PRO A 49 -6.14 -6.00 16.69
C PRO A 49 -5.29 -6.62 17.83
N VAL A 50 -3.99 -6.32 17.88
CA VAL A 50 -2.99 -6.86 18.82
C VAL A 50 -3.16 -8.37 19.03
N ASP A 51 -3.22 -9.09 17.91
CA ASP A 51 -3.41 -10.54 17.82
C ASP A 51 -2.49 -11.10 16.73
N LEU A 52 -2.40 -12.43 16.59
CA LEU A 52 -1.45 -13.14 15.74
C LEU A 52 -1.44 -12.63 14.29
N GLY A 53 -2.59 -12.21 13.75
CA GLY A 53 -2.66 -11.58 12.45
C GLY A 53 -4.07 -11.07 12.15
N ASP A 54 -4.20 -10.32 11.06
CA ASP A 54 -5.44 -9.81 10.50
C ASP A 54 -5.18 -9.46 9.02
N LYS A 55 -6.22 -9.12 8.26
CA LYS A 55 -6.13 -8.81 6.83
C LYS A 55 -6.43 -7.33 6.61
N PHE A 56 -5.81 -6.75 5.59
CA PHE A 56 -5.94 -5.35 5.23
C PHE A 56 -5.96 -5.24 3.71
N ARG A 57 -6.20 -4.03 3.19
CA ARG A 57 -6.46 -3.77 1.79
C ARG A 57 -5.55 -2.63 1.36
N LEU A 58 -4.83 -2.83 0.27
CA LEU A 58 -4.07 -1.80 -0.43
C LEU A 58 -5.01 -1.22 -1.49
N VAL A 59 -4.93 0.09 -1.68
CA VAL A 59 -5.62 0.81 -2.74
C VAL A 59 -4.60 1.76 -3.35
N ILE A 60 -4.70 2.01 -4.65
CA ILE A 60 -3.83 2.91 -5.38
C ILE A 60 -4.78 3.73 -6.26
N ALA A 61 -4.67 5.05 -6.18
CA ALA A 61 -5.40 6.01 -6.99
C ALA A 61 -4.51 7.24 -7.06
N SER A 62 -4.29 7.79 -8.25
CA SER A 62 -3.41 8.92 -8.46
C SER A 62 -4.14 10.19 -8.04
N THR A 63 -4.00 10.58 -6.77
CA THR A 63 -4.57 11.81 -6.23
C THR A 63 -4.01 13.06 -6.93
N LEU A 64 -2.78 12.98 -7.45
CA LEU A 64 -2.04 14.10 -8.07
C LEU A 64 -2.00 15.34 -7.16
N TYR A 65 -2.09 15.16 -5.84
CA TYR A 65 -2.17 16.23 -4.86
C TYR A 65 -0.79 16.87 -4.68
N GLU A 66 -0.78 18.12 -4.23
CA GLU A 66 0.40 18.84 -3.77
C GLU A 66 0.03 19.68 -2.54
N ASP A 67 1.02 20.07 -1.74
CA ASP A 67 0.79 20.76 -0.47
C ASP A 67 0.05 22.09 -0.64
N GLY A 68 0.13 22.70 -1.82
CA GLY A 68 -0.52 23.95 -2.16
C GLY A 68 -1.71 23.76 -3.10
N THR A 69 -2.37 22.59 -3.09
CA THR A 69 -3.62 22.39 -3.84
C THR A 69 -4.71 23.37 -3.35
N LEU A 70 -4.61 23.81 -2.08
CA LEU A 70 -5.46 24.80 -1.45
C LEU A 70 -4.53 25.77 -0.72
N ASP A 71 -5.01 26.98 -0.41
CA ASP A 71 -4.23 28.03 0.26
C ASP A 71 -4.14 27.80 1.78
N ASP A 72 -3.88 26.55 2.18
CA ASP A 72 -3.67 26.15 3.58
C ASP A 72 -3.00 24.78 3.65
N GLY A 73 -3.61 23.87 2.89
CA GLY A 73 -3.31 22.46 2.80
C GLY A 73 -4.55 21.61 3.07
N GLU A 74 -5.41 22.03 4.00
CA GLU A 74 -6.64 21.35 4.38
C GLU A 74 -7.70 22.41 4.72
N TYR A 75 -7.77 23.47 3.90
CA TYR A 75 -8.86 24.44 3.94
C TYR A 75 -10.15 23.63 3.73
N ASN A 76 -11.11 23.78 4.65
CA ASN A 76 -12.29 22.92 4.72
C ASN A 76 -13.51 23.78 5.08
N PRO A 77 -14.09 24.50 4.11
CA PRO A 77 -15.18 25.44 4.35
C PRO A 77 -16.51 24.75 4.70
N THR A 78 -16.61 23.44 4.43
CA THR A 78 -17.69 22.54 4.82
C THR A 78 -17.01 21.16 4.87
N ASP A 79 -17.54 20.24 5.69
CA ASP A 79 -16.89 18.97 6.03
C ASP A 79 -16.33 18.20 4.83
N ASP A 80 -17.11 18.09 3.75
CA ASP A 80 -16.75 17.29 2.57
C ASP A 80 -15.99 18.08 1.50
N ARG A 81 -15.81 19.40 1.69
CA ARG A 81 -15.17 20.24 0.68
C ARG A 81 -13.66 20.01 0.77
N PRO A 82 -13.01 19.78 -0.39
CA PRO A 82 -11.63 19.33 -0.58
C PRO A 82 -10.97 18.68 0.65
N SER A 83 -11.67 17.70 1.22
CA SER A 83 -11.29 16.97 2.43
C SER A 83 -10.32 15.83 2.12
N ARG A 84 -9.98 15.05 3.15
CA ARG A 84 -9.24 13.80 3.02
C ARG A 84 -10.07 12.80 2.20
N ALA A 85 -9.45 11.71 1.76
CA ALA A 85 -10.08 10.70 0.91
C ALA A 85 -11.39 10.19 1.52
N ASP A 86 -11.39 9.89 2.83
CA ASP A 86 -12.50 9.44 3.70
C ASP A 86 -13.14 8.10 3.32
N GLN A 87 -13.23 7.81 2.02
CA GLN A 87 -13.69 6.56 1.41
C GLN A 87 -12.76 5.39 1.77
N PHE A 88 -11.54 5.69 2.21
CA PHE A 88 -10.52 4.74 2.60
C PHE A 88 -9.94 5.24 3.93
N GLU A 89 -9.56 4.31 4.79
CA GLU A 89 -9.19 4.62 6.18
C GLU A 89 -7.81 5.27 6.27
N TYR A 90 -6.97 5.13 5.25
CA TYR A 90 -5.63 5.68 5.20
C TYR A 90 -5.35 6.18 3.79
N VAL A 91 -4.63 7.29 3.68
CA VAL A 91 -4.15 7.88 2.44
C VAL A 91 -2.79 8.51 2.77
N MET A 92 -1.83 8.38 1.84
CA MET A 92 -0.47 8.87 1.99
C MET A 92 0.12 9.13 0.60
N TYR A 93 1.21 9.89 0.56
CA TYR A 93 1.97 10.17 -0.66
C TYR A 93 3.39 9.70 -0.41
N GLY A 94 4.12 9.31 -1.47
CA GLY A 94 5.41 8.65 -1.28
C GLY A 94 6.36 8.88 -2.43
N LYS A 95 7.13 7.83 -2.75
CA LYS A 95 7.99 7.68 -3.91
C LYS A 95 8.03 6.16 -4.17
N VAL A 96 8.04 5.75 -5.44
CA VAL A 96 8.25 4.37 -5.85
C VAL A 96 9.55 4.35 -6.62
N TYR A 97 10.35 3.30 -6.42
CA TYR A 97 11.61 3.09 -7.10
C TYR A 97 11.65 1.65 -7.59
N ARG A 98 10.61 1.28 -8.36
CA ARG A 98 10.45 -0.05 -8.92
C ARG A 98 11.51 -0.34 -9.98
N ILE A 99 11.69 -1.62 -10.31
CA ILE A 99 12.68 -2.05 -11.30
C ILE A 99 12.00 -2.38 -12.63
N GLU A 100 12.79 -2.69 -13.65
CA GLU A 100 12.34 -3.08 -14.98
C GLU A 100 11.72 -4.50 -15.03
N GLY A 101 11.77 -5.24 -13.92
CA GLY A 101 11.25 -6.61 -13.81
C GLY A 101 12.29 -7.66 -14.20
N ASP A 102 13.57 -7.29 -14.22
CA ASP A 102 14.69 -8.21 -14.36
C ASP A 102 15.78 -7.71 -13.42
N GLU A 103 16.13 -8.57 -12.47
CA GLU A 103 17.22 -8.40 -11.51
C GLU A 103 18.09 -9.68 -11.52
N THR A 104 18.08 -10.39 -12.65
CA THR A 104 18.64 -11.73 -12.78
C THR A 104 19.62 -11.83 -13.95
N SER A 105 20.11 -13.04 -14.24
CA SER A 105 21.20 -13.28 -15.16
C SER A 105 20.95 -14.56 -15.96
N THR A 106 20.21 -15.52 -15.39
CA THR A 106 19.87 -16.76 -16.07
C THR A 106 18.48 -17.26 -15.63
N GLU A 107 18.07 -16.91 -14.41
CA GLU A 107 16.75 -17.12 -13.86
C GLU A 107 15.71 -16.46 -14.77
N ALA A 108 16.04 -15.24 -15.25
CA ALA A 108 15.28 -14.41 -16.17
C ALA A 108 13.89 -14.22 -15.57
N ALA A 109 13.87 -13.38 -14.53
CA ALA A 109 12.75 -13.20 -13.64
C ALA A 109 11.42 -12.96 -14.36
N THR A 110 10.31 -13.37 -13.74
CA THR A 110 8.99 -13.40 -14.38
C THR A 110 7.93 -12.69 -13.52
N ARG A 111 8.35 -11.79 -12.63
CA ARG A 111 7.46 -10.89 -11.90
C ARG A 111 8.05 -9.49 -12.01
N LEU A 112 7.18 -8.49 -12.11
CA LEU A 112 7.58 -7.10 -11.97
C LEU A 112 7.67 -6.88 -10.47
N SER A 113 8.64 -6.08 -10.02
CA SER A 113 8.97 -5.95 -8.61
C SER A 113 9.16 -4.47 -8.31
N ALA A 114 8.74 -4.06 -7.11
CA ALA A 114 8.64 -2.66 -6.72
C ALA A 114 9.12 -2.45 -5.29
N TYR A 115 9.53 -1.22 -5.01
CA TYR A 115 9.87 -0.72 -3.69
C TYR A 115 9.19 0.63 -3.55
N VAL A 116 8.62 0.92 -2.38
CA VAL A 116 7.88 2.16 -2.14
C VAL A 116 8.27 2.67 -0.76
N SER A 117 8.35 4.00 -0.65
CA SER A 117 8.60 4.75 0.57
C SER A 117 7.45 5.75 0.66
N TYR A 118 6.67 5.73 1.74
CA TYR A 118 5.43 6.49 1.83
C TYR A 118 5.23 6.97 3.27
N GLY A 119 5.24 8.30 3.48
CA GLY A 119 5.09 8.91 4.81
C GLY A 119 6.14 8.44 5.83
N GLY A 120 7.28 7.92 5.39
CA GLY A 120 8.32 7.37 6.26
C GLY A 120 8.16 5.86 6.51
N LEU A 121 7.04 5.26 6.09
CA LEU A 121 6.84 3.81 6.08
C LEU A 121 7.42 3.27 4.76
N LEU A 122 7.55 1.94 4.64
CA LEU A 122 8.21 1.30 3.50
C LEU A 122 7.44 0.05 3.10
N MET A 123 7.61 -0.40 1.85
CA MET A 123 7.14 -1.70 1.38
C MET A 123 7.98 -2.14 0.18
N ARG A 124 7.99 -3.44 -0.09
CA ARG A 124 8.53 -4.05 -1.31
C ARG A 124 7.50 -5.08 -1.76
N LEU A 125 7.26 -5.23 -3.05
CA LEU A 125 6.24 -6.11 -3.58
C LEU A 125 6.73 -6.76 -4.88
N GLN A 126 6.20 -7.93 -5.22
CA GLN A 126 6.38 -8.57 -6.52
C GLN A 126 5.03 -9.10 -6.99
N GLY A 127 4.80 -9.11 -8.30
CA GLY A 127 3.64 -9.76 -8.90
C GLY A 127 3.79 -9.85 -10.41
N ASP A 128 2.96 -10.65 -11.07
CA ASP A 128 3.00 -10.80 -12.52
C ASP A 128 2.47 -9.52 -13.19
N ALA A 129 3.39 -8.72 -13.71
CA ALA A 129 3.28 -7.35 -14.25
C ALA A 129 1.96 -6.60 -14.03
N ASN A 130 0.83 -7.01 -14.62
CA ASN A 130 -0.46 -6.32 -14.40
C ASN A 130 -0.94 -6.34 -12.94
N ASN A 131 -0.31 -7.17 -12.13
CA ASN A 131 -0.44 -7.26 -10.67
C ASN A 131 0.02 -5.94 -10.04
N LEU A 132 1.16 -5.42 -10.52
CA LEU A 132 1.80 -4.21 -9.99
C LEU A 132 0.83 -3.02 -10.08
N HIS A 133 0.06 -2.99 -11.18
CA HIS A 133 -1.01 -2.05 -11.51
C HIS A 133 -0.68 -0.59 -11.17
N GLY A 134 0.59 -0.20 -11.34
CA GLY A 134 1.10 1.07 -10.88
C GLY A 134 2.60 1.12 -11.10
N PHE A 135 3.03 0.97 -12.36
CA PHE A 135 4.43 0.78 -12.73
C PHE A 135 5.10 2.09 -13.12
N GLU A 136 4.38 3.20 -13.09
CA GLU A 136 4.96 4.52 -13.25
C GLU A 136 5.73 4.86 -12.00
N VAL A 137 6.83 5.59 -12.19
CA VAL A 137 7.61 6.22 -11.12
C VAL A 137 6.77 7.25 -10.35
N ASP A 138 5.50 7.40 -10.76
CA ASP A 138 4.50 8.31 -10.17
C ASP A 138 3.11 7.68 -10.03
N SER A 139 2.99 6.36 -10.26
CA SER A 139 1.75 5.66 -9.93
C SER A 139 1.54 5.59 -8.42
N ARG A 140 2.33 4.75 -7.74
CA ARG A 140 2.11 4.39 -6.34
C ARG A 140 2.81 5.34 -5.38
N VAL A 141 3.02 6.55 -5.88
CA VAL A 141 3.45 7.72 -5.17
C VAL A 141 2.21 8.37 -4.53
N TYR A 142 1.01 7.82 -4.81
CA TYR A 142 -0.24 8.11 -4.15
C TYR A 142 -0.74 6.73 -3.73
N LEU A 143 -0.92 6.50 -2.44
CA LEU A 143 -1.16 5.17 -1.87
C LEU A 143 -2.21 5.28 -0.77
N LEU A 144 -3.11 4.30 -0.65
CA LEU A 144 -4.23 4.32 0.28
C LEU A 144 -4.37 2.91 0.88
N MET A 145 -4.99 2.79 2.05
CA MET A 145 -5.30 1.50 2.66
C MET A 145 -6.65 1.53 3.36
N LYS A 146 -7.23 0.34 3.56
CA LYS A 146 -8.52 0.11 4.21
C LYS A 146 -8.51 -1.29 4.85
N LYS A 147 -9.49 -1.63 5.69
CA LYS A 147 -9.70 -3.00 6.16
C LYS A 147 -9.99 -3.95 5.00
N LEU A 148 -9.97 -5.27 5.27
CA LEU A 148 -10.30 -6.34 4.33
C LEU A 148 -11.65 -6.16 3.60
N ALA A 149 -11.89 -6.99 2.58
CA ALA A 149 -13.18 -7.09 1.87
C ALA A 149 -13.51 -8.54 1.46
N PHE A 150 -12.89 -9.54 2.12
CA PHE A 150 -13.08 -10.96 1.83
C PHE A 150 -13.24 -11.66 3.17
N MET A 1 0.11 10.36 -11.68
CA MET A 1 -0.70 9.47 -12.55
C MET A 1 -1.67 8.64 -11.69
N ALA A 2 -2.61 9.32 -11.03
CA ALA A 2 -3.57 8.73 -10.10
C ALA A 2 -4.65 7.93 -10.84
N GLY A 3 -5.41 7.12 -10.10
CA GLY A 3 -6.61 6.44 -10.59
C GLY A 3 -6.88 5.18 -9.78
N ILE A 4 -8.00 4.51 -10.02
CA ILE A 4 -8.30 3.18 -9.49
C ILE A 4 -7.57 2.09 -10.31
N LEU A 5 -6.29 2.34 -10.62
CA LEU A 5 -5.49 1.55 -11.56
C LEU A 5 -5.29 0.11 -11.08
N PHE A 6 -5.25 -0.12 -9.76
CA PHE A 6 -5.18 -1.44 -9.15
C PHE A 6 -5.78 -1.37 -7.74
N GLU A 7 -6.08 -2.54 -7.18
CA GLU A 7 -6.51 -2.76 -5.81
C GLU A 7 -5.98 -4.15 -5.42
N ASP A 8 -5.71 -4.37 -4.13
CA ASP A 8 -5.26 -5.67 -3.62
C ASP A 8 -5.79 -5.90 -2.21
N ILE A 9 -6.05 -7.16 -1.86
CA ILE A 9 -6.35 -7.63 -0.51
C ILE A 9 -5.19 -8.56 -0.16
N PHE A 10 -4.67 -8.47 1.07
CA PHE A 10 -3.59 -9.30 1.54
C PHE A 10 -3.84 -9.77 2.97
N ASP A 11 -3.02 -10.73 3.41
CA ASP A 11 -3.10 -11.43 4.69
C ASP A 11 -1.71 -11.40 5.32
N VAL A 12 -1.57 -10.84 6.53
CA VAL A 12 -0.30 -10.82 7.25
C VAL A 12 0.07 -12.26 7.57
N LYS A 13 1.29 -12.67 7.20
CA LYS A 13 1.85 -13.98 7.48
C LYS A 13 2.89 -13.87 8.59
N ASP A 14 3.60 -12.74 8.72
CA ASP A 14 4.60 -12.55 9.76
C ASP A 14 4.83 -11.07 10.06
N ILE A 15 5.52 -10.81 11.17
CA ILE A 15 5.83 -9.50 11.73
C ILE A 15 7.28 -9.58 12.23
N ASP A 16 8.07 -8.53 12.05
CA ASP A 16 9.47 -8.48 12.48
C ASP A 16 9.84 -7.04 12.91
N PRO A 17 9.72 -6.70 14.20
CA PRO A 17 10.18 -5.42 14.74
C PRO A 17 11.66 -5.16 14.43
N GLU A 18 12.03 -3.88 14.27
CA GLU A 18 13.39 -3.47 13.90
C GLU A 18 14.35 -3.41 15.10
N GLY A 19 13.86 -3.66 16.32
CA GLY A 19 14.63 -3.53 17.56
C GLY A 19 14.02 -2.44 18.44
N LYS A 20 12.71 -2.54 18.69
CA LYS A 20 11.86 -1.52 19.31
C LYS A 20 12.19 -0.10 18.83
N LYS A 21 12.42 0.06 17.52
CA LYS A 21 12.54 1.36 16.88
C LYS A 21 11.11 1.87 16.70
N PHE A 22 10.56 2.41 17.80
CA PHE A 22 9.16 2.77 18.01
C PHE A 22 8.30 1.50 18.00
N ASP A 23 7.70 1.17 19.14
CA ASP A 23 7.03 -0.12 19.37
C ASP A 23 5.93 -0.42 18.35
N ARG A 24 5.24 0.63 17.88
CA ARG A 24 4.17 0.53 16.89
C ARG A 24 4.67 0.46 15.45
N VAL A 25 5.98 0.48 15.17
CA VAL A 25 6.49 0.53 13.80
C VAL A 25 7.38 -0.69 13.60
N SER A 26 6.96 -1.61 12.71
CA SER A 26 7.61 -2.90 12.51
C SER A 26 7.48 -3.35 11.06
N ARG A 27 8.32 -4.32 10.68
CA ARG A 27 8.21 -4.97 9.39
C ARG A 27 7.01 -5.90 9.42
N LEU A 28 6.44 -6.18 8.25
CA LEU A 28 5.40 -7.18 8.03
C LEU A 28 5.77 -7.94 6.76
N HIS A 29 5.29 -9.17 6.66
CA HIS A 29 5.34 -10.00 5.46
C HIS A 29 3.93 -10.53 5.28
N CYS A 30 3.40 -10.39 4.06
CA CYS A 30 2.00 -10.63 3.73
C CYS A 30 1.89 -11.32 2.37
N GLU A 31 0.80 -12.06 2.20
CA GLU A 31 0.45 -12.77 0.98
C GLU A 31 -0.78 -12.08 0.40
N SER A 32 -0.72 -11.64 -0.85
CA SER A 32 -1.86 -11.08 -1.54
C SER A 32 -2.79 -12.20 -2.00
N GLU A 33 -4.09 -11.97 -1.90
CA GLU A 33 -5.13 -12.93 -2.27
C GLU A 33 -5.62 -12.70 -3.70
N SER A 34 -5.52 -11.48 -4.21
CA SER A 34 -6.14 -11.05 -5.45
C SER A 34 -5.63 -11.78 -6.70
N PHE A 35 -4.32 -11.94 -6.85
CA PHE A 35 -3.71 -12.50 -8.07
C PHE A 35 -2.52 -13.40 -7.72
N LYS A 36 -1.30 -12.84 -7.76
CA LYS A 36 -0.03 -13.57 -7.68
C LYS A 36 1.03 -12.75 -6.93
N MET A 37 0.59 -11.79 -6.11
CA MET A 37 1.47 -10.80 -5.50
C MET A 37 2.03 -11.29 -4.16
N ASP A 38 3.13 -10.68 -3.72
CA ASP A 38 3.91 -10.97 -2.52
C ASP A 38 4.30 -9.62 -1.92
N LEU A 39 4.03 -9.37 -0.63
CA LEU A 39 4.18 -8.03 -0.04
C LEU A 39 5.01 -8.09 1.24
N ILE A 40 5.89 -7.11 1.40
CA ILE A 40 6.65 -6.80 2.60
C ILE A 40 6.32 -5.34 2.90
N LEU A 41 6.27 -4.94 4.16
CA LEU A 41 6.02 -3.58 4.62
C LEU A 41 6.92 -3.31 5.81
N ASP A 42 7.08 -2.04 6.16
CA ASP A 42 7.67 -1.48 7.35
C ASP A 42 6.69 -0.35 7.65
N VAL A 43 5.73 -0.62 8.54
CA VAL A 43 4.56 0.22 8.74
C VAL A 43 4.18 0.33 10.22
N ASN A 44 3.24 1.22 10.52
CA ASN A 44 2.59 1.35 11.81
C ASN A 44 1.71 0.12 12.08
N ILE A 45 2.24 -0.90 12.74
CA ILE A 45 1.59 -2.19 12.91
C ILE A 45 0.43 -2.19 13.91
N GLN A 46 0.10 -1.08 14.57
CA GLN A 46 -1.07 -0.98 15.46
C GLN A 46 -2.39 -1.14 14.70
N ILE A 47 -2.30 -1.05 13.38
CA ILE A 47 -3.37 -1.40 12.45
C ILE A 47 -3.75 -2.89 12.67
N TYR A 48 -2.79 -3.72 13.09
CA TYR A 48 -2.91 -5.17 13.12
C TYR A 48 -2.87 -5.75 14.54
N PRO A 49 -3.62 -6.83 14.81
CA PRO A 49 -3.50 -7.61 16.05
C PRO A 49 -2.27 -8.52 15.89
N VAL A 50 -1.07 -7.97 16.04
CA VAL A 50 0.20 -8.66 15.74
C VAL A 50 0.40 -9.98 16.51
N ASP A 51 -0.44 -10.30 17.49
CA ASP A 51 -0.49 -11.61 18.14
C ASP A 51 -0.74 -12.73 17.14
N LEU A 52 -1.50 -12.47 16.05
CA LEU A 52 -1.79 -13.45 15.00
C LEU A 52 -1.94 -12.85 13.59
N GLY A 53 -1.95 -11.53 13.43
CA GLY A 53 -2.12 -10.85 12.15
C GLY A 53 -3.58 -10.82 11.72
N ASP A 54 -3.87 -10.14 10.60
CA ASP A 54 -5.21 -9.97 10.04
C ASP A 54 -5.09 -9.69 8.53
N LYS A 55 -6.21 -9.62 7.82
CA LYS A 55 -6.26 -9.25 6.41
C LYS A 55 -6.53 -7.75 6.28
N PHE A 56 -6.08 -7.15 5.18
CA PHE A 56 -6.24 -5.72 4.89
C PHE A 56 -6.34 -5.53 3.38
N ARG A 57 -6.64 -4.29 2.95
CA ARG A 57 -6.88 -3.90 1.57
C ARG A 57 -6.03 -2.67 1.29
N LEU A 58 -5.55 -2.56 0.05
CA LEU A 58 -4.58 -1.56 -0.39
C LEU A 58 -4.99 -1.11 -1.79
N VAL A 59 -4.91 0.19 -2.05
CA VAL A 59 -5.39 0.81 -3.29
C VAL A 59 -4.48 2.00 -3.62
N ILE A 60 -4.40 2.36 -4.90
CA ILE A 60 -3.79 3.60 -5.36
C ILE A 60 -4.82 4.72 -5.19
N ALA A 61 -6.03 4.49 -5.74
CA ALA A 61 -7.18 5.38 -5.83
C ALA A 61 -6.91 6.67 -6.63
N SER A 62 -8.01 7.30 -7.05
CA SER A 62 -7.98 8.61 -7.71
C SER A 62 -7.42 9.67 -6.74
N THR A 63 -6.80 10.71 -7.29
CA THR A 63 -6.16 11.79 -6.57
C THR A 63 -6.08 12.96 -7.55
N LEU A 64 -7.10 13.81 -7.56
CA LEU A 64 -7.13 15.05 -8.33
C LEU A 64 -5.98 15.98 -7.92
N TYR A 65 -5.45 15.83 -6.70
CA TYR A 65 -4.31 16.55 -6.17
C TYR A 65 -3.05 16.46 -7.05
N GLU A 66 -2.97 15.49 -7.97
CA GLU A 66 -1.87 15.41 -8.94
C GLU A 66 -1.81 16.64 -9.87
N ASP A 67 -2.92 17.37 -10.01
CA ASP A 67 -3.01 18.57 -10.85
C ASP A 67 -3.65 19.74 -10.09
N GLY A 68 -4.63 19.45 -9.22
CA GLY A 68 -5.19 20.41 -8.27
C GLY A 68 -4.43 20.35 -6.95
N THR A 69 -3.10 20.32 -7.05
CA THR A 69 -2.18 20.48 -5.93
C THR A 69 -2.39 21.87 -5.29
N LEU A 70 -1.73 22.15 -4.17
CA LEU A 70 -1.87 23.45 -3.47
C LEU A 70 -1.57 24.66 -4.37
N ASP A 71 -0.79 24.47 -5.43
CA ASP A 71 -0.49 25.50 -6.43
C ASP A 71 -1.74 26.01 -7.16
N ASP A 72 -2.84 25.25 -7.16
CA ASP A 72 -4.12 25.66 -7.74
C ASP A 72 -4.87 26.70 -6.89
N GLY A 73 -4.24 27.14 -5.79
CA GLY A 73 -4.72 28.22 -4.95
C GLY A 73 -5.78 27.76 -3.94
N GLU A 74 -5.70 26.51 -3.50
CA GLU A 74 -6.59 25.92 -2.51
C GLU A 74 -5.71 25.08 -1.59
N TYR A 75 -5.66 25.48 -0.31
CA TYR A 75 -4.91 24.81 0.73
C TYR A 75 -5.59 25.11 2.07
N ASN A 76 -5.59 24.12 2.95
CA ASN A 76 -5.98 24.23 4.35
C ASN A 76 -5.02 23.35 5.16
N PRO A 77 -4.68 23.71 6.41
CA PRO A 77 -3.62 23.04 7.17
C PRO A 77 -4.02 21.64 7.64
N THR A 78 -5.31 21.39 7.86
CA THR A 78 -5.85 20.10 8.27
C THR A 78 -5.61 19.04 7.18
N ASP A 79 -5.76 19.42 5.91
CA ASP A 79 -5.64 18.65 4.66
C ASP A 79 -6.53 17.41 4.55
N ASP A 80 -6.47 16.52 5.55
CA ASP A 80 -7.31 15.34 5.72
C ASP A 80 -7.75 15.15 7.18
N ARG A 81 -7.01 15.67 8.15
CA ARG A 81 -7.33 15.52 9.57
C ARG A 81 -8.68 16.18 9.81
N PRO A 82 -9.62 15.49 10.50
CA PRO A 82 -11.02 15.85 10.63
C PRO A 82 -11.64 16.67 9.49
N SER A 83 -11.28 16.35 8.24
CA SER A 83 -11.74 17.04 7.04
C SER A 83 -12.89 16.27 6.36
N ARG A 84 -13.45 15.27 7.03
CA ARG A 84 -14.55 14.40 6.57
C ARG A 84 -14.22 13.70 5.24
N ALA A 85 -12.93 13.46 4.96
CA ALA A 85 -12.46 12.74 3.78
C ALA A 85 -11.34 11.74 4.10
N ASP A 86 -10.97 11.58 5.37
CA ASP A 86 -10.09 10.51 5.83
C ASP A 86 -10.95 9.25 6.02
N GLN A 87 -11.68 8.84 4.96
CA GLN A 87 -12.63 7.72 4.97
C GLN A 87 -11.90 6.36 4.87
N PHE A 88 -10.62 6.37 5.26
CA PHE A 88 -9.65 5.31 5.07
C PHE A 88 -8.91 5.08 6.39
N GLU A 89 -8.28 3.91 6.55
CA GLU A 89 -7.51 3.64 7.77
C GLU A 89 -6.13 4.29 7.67
N TYR A 90 -5.57 4.41 6.46
CA TYR A 90 -4.35 5.16 6.19
C TYR A 90 -4.37 5.64 4.74
N VAL A 91 -3.78 6.79 4.46
CA VAL A 91 -3.52 7.28 3.10
C VAL A 91 -2.29 8.19 3.16
N MET A 92 -1.43 8.13 2.14
CA MET A 92 -0.21 8.92 2.02
C MET A 92 0.19 9.00 0.54
N TYR A 93 1.15 9.88 0.22
CA TYR A 93 1.78 9.99 -1.08
C TYR A 93 3.27 9.72 -0.89
N GLY A 94 3.95 9.11 -1.87
CA GLY A 94 5.32 8.65 -1.69
C GLY A 94 6.09 8.67 -3.01
N LYS A 95 7.17 7.88 -3.08
CA LYS A 95 7.97 7.67 -4.29
C LYS A 95 8.05 6.17 -4.52
N VAL A 96 7.87 5.75 -5.77
CA VAL A 96 7.98 4.37 -6.19
C VAL A 96 9.37 4.16 -6.78
N TYR A 97 9.88 2.95 -6.65
CA TYR A 97 11.08 2.45 -7.29
C TYR A 97 10.72 1.05 -7.82
N ARG A 98 11.43 0.52 -8.81
CA ARG A 98 11.26 -0.87 -9.27
C ARG A 98 12.54 -1.34 -9.95
N ILE A 99 12.82 -2.63 -9.94
CA ILE A 99 13.99 -3.19 -10.64
C ILE A 99 13.59 -3.57 -12.07
N GLU A 100 14.54 -4.14 -12.82
CA GLU A 100 14.38 -4.55 -14.21
C GLU A 100 13.42 -5.75 -14.40
N GLY A 101 12.95 -6.38 -13.31
CA GLY A 101 12.14 -7.59 -13.33
C GLY A 101 12.85 -8.67 -12.54
N ASP A 102 14.04 -9.04 -12.99
CA ASP A 102 14.87 -10.00 -12.28
C ASP A 102 15.33 -9.41 -10.95
N GLU A 103 15.05 -10.13 -9.86
CA GLU A 103 15.51 -9.79 -8.52
C GLU A 103 16.22 -10.98 -7.85
N THR A 104 16.60 -11.99 -8.63
CA THR A 104 17.08 -13.27 -8.11
C THR A 104 18.26 -13.82 -8.90
N SER A 105 18.00 -14.06 -10.19
CA SER A 105 18.75 -14.69 -11.27
C SER A 105 17.71 -15.18 -12.28
N THR A 106 16.59 -15.77 -11.80
CA THR A 106 15.54 -16.39 -12.60
C THR A 106 14.43 -16.89 -11.66
N GLU A 107 14.81 -17.43 -10.49
CA GLU A 107 13.90 -18.15 -9.60
C GLU A 107 12.70 -17.35 -9.09
N ALA A 108 12.74 -16.01 -9.08
CA ALA A 108 11.55 -15.20 -8.82
C ALA A 108 11.48 -13.98 -9.73
N ALA A 109 12.28 -13.98 -10.80
CA ALA A 109 12.30 -12.92 -11.81
C ALA A 109 11.01 -12.78 -12.62
N THR A 110 10.12 -13.74 -12.43
CA THR A 110 8.86 -13.93 -13.13
C THR A 110 7.76 -12.95 -12.69
N ARG A 111 8.06 -12.19 -11.64
CA ARG A 111 7.25 -11.13 -11.09
C ARG A 111 8.15 -9.92 -11.01
N LEU A 112 7.65 -8.78 -11.48
CA LEU A 112 8.32 -7.50 -11.27
C LEU A 112 8.27 -7.23 -9.77
N SER A 113 9.29 -6.57 -9.21
CA SER A 113 9.23 -6.08 -7.84
C SER A 113 9.30 -4.56 -7.89
N ALA A 114 8.41 -3.92 -7.15
CA ALA A 114 8.40 -2.48 -6.94
C ALA A 114 8.50 -2.23 -5.45
N TYR A 115 8.97 -1.05 -5.10
CA TYR A 115 9.12 -0.58 -3.74
C TYR A 115 8.39 0.76 -3.67
N VAL A 116 7.85 1.08 -2.50
CA VAL A 116 7.17 2.35 -2.27
C VAL A 116 7.70 2.85 -0.93
N SER A 117 8.09 4.11 -0.88
CA SER A 117 8.60 4.78 0.30
C SER A 117 7.69 6.00 0.48
N TYR A 118 7.00 6.09 1.62
CA TYR A 118 5.94 7.04 1.86
C TYR A 118 5.97 7.50 3.32
N GLY A 119 6.22 8.78 3.56
CA GLY A 119 6.21 9.36 4.91
C GLY A 119 7.19 8.69 5.88
N GLY A 120 8.28 8.10 5.38
CA GLY A 120 9.27 7.39 6.19
C GLY A 120 8.88 5.93 6.47
N LEU A 121 7.71 5.47 6.03
CA LEU A 121 7.29 4.08 6.04
C LEU A 121 7.59 3.50 4.65
N LEU A 122 7.61 2.17 4.50
CA LEU A 122 8.10 1.53 3.28
C LEU A 122 7.36 0.22 3.02
N MET A 123 7.35 -0.25 1.77
CA MET A 123 6.89 -1.58 1.38
C MET A 123 7.64 -2.02 0.12
N ARG A 124 7.61 -3.33 -0.16
CA ARG A 124 8.09 -3.96 -1.39
C ARG A 124 6.97 -4.89 -1.80
N LEU A 125 6.51 -4.80 -3.04
CA LEU A 125 5.42 -5.60 -3.58
C LEU A 125 5.92 -6.23 -4.87
N GLN A 126 5.96 -7.55 -4.92
CA GLN A 126 6.19 -8.30 -6.14
C GLN A 126 4.82 -8.64 -6.72
N GLY A 127 4.72 -8.72 -8.04
CA GLY A 127 3.54 -9.21 -8.73
C GLY A 127 3.88 -9.43 -10.19
N ASP A 128 2.98 -10.06 -10.95
CA ASP A 128 3.13 -10.09 -12.41
C ASP A 128 3.31 -8.66 -12.88
N ALA A 129 4.30 -8.41 -13.74
CA ALA A 129 4.67 -7.05 -14.14
C ALA A 129 3.45 -6.15 -14.43
N ASN A 130 2.60 -6.54 -15.39
CA ASN A 130 1.43 -5.74 -15.76
C ASN A 130 0.50 -5.54 -14.57
N ASN A 131 0.32 -6.64 -13.85
CA ASN A 131 -0.53 -6.75 -12.67
C ASN A 131 -0.05 -5.82 -11.55
N LEU A 132 1.24 -5.49 -11.52
CA LEU A 132 1.82 -4.66 -10.47
C LEU A 132 1.54 -3.19 -10.72
N HIS A 133 1.29 -2.80 -11.98
CA HIS A 133 1.21 -1.41 -12.42
C HIS A 133 2.25 -0.52 -11.70
N GLY A 134 3.52 -0.97 -11.70
CA GLY A 134 4.61 -0.34 -10.97
C GLY A 134 5.74 0.16 -11.88
N PHE A 135 5.64 -0.01 -13.21
CA PHE A 135 6.57 0.68 -14.11
C PHE A 135 6.28 2.19 -14.02
N GLU A 136 5.01 2.46 -13.78
CA GLU A 136 4.34 3.69 -13.44
C GLU A 136 4.81 4.15 -12.06
N VAL A 137 6.06 4.60 -12.00
CA VAL A 137 6.71 5.15 -10.82
C VAL A 137 6.01 6.38 -10.23
N ASP A 138 4.96 6.86 -10.90
CA ASP A 138 4.13 7.99 -10.47
C ASP A 138 2.65 7.64 -10.41
N SER A 139 2.35 6.34 -10.36
CA SER A 139 1.01 5.89 -10.04
C SER A 139 0.98 5.40 -8.61
N ARG A 140 1.81 4.41 -8.27
CA ARG A 140 1.74 3.86 -6.91
C ARG A 140 2.38 4.76 -5.86
N VAL A 141 2.68 6.01 -6.24
CA VAL A 141 3.04 7.06 -5.31
C VAL A 141 1.85 7.31 -4.39
N TYR A 142 0.62 7.29 -4.90
CA TYR A 142 -0.57 7.46 -4.07
C TYR A 142 -0.82 6.07 -3.47
N LEU A 143 -0.99 6.02 -2.15
CA LEU A 143 -1.02 4.77 -1.40
C LEU A 143 -2.07 4.94 -0.32
N LEU A 144 -3.06 4.04 -0.32
CA LEU A 144 -4.26 4.10 0.52
C LEU A 144 -4.50 2.69 1.04
N MET A 145 -4.86 2.56 2.31
CA MET A 145 -5.06 1.27 2.96
C MET A 145 -6.28 1.35 3.88
N LYS A 146 -7.06 0.26 3.93
CA LYS A 146 -8.32 0.15 4.66
C LYS A 146 -8.56 -1.33 4.97
N LYS A 147 -9.53 -1.65 5.83
CA LYS A 147 -9.98 -3.04 5.99
C LYS A 147 -10.50 -3.55 4.65
N LEU A 148 -10.55 -4.88 4.49
CA LEU A 148 -11.24 -5.47 3.34
C LEU A 148 -12.76 -5.28 3.46
N ALA A 149 -13.48 -5.50 2.35
CA ALA A 149 -14.91 -5.22 2.23
C ALA A 149 -15.61 -6.46 1.65
N PHE A 150 -15.56 -7.56 2.39
CA PHE A 150 -16.18 -8.85 2.05
C PHE A 150 -16.71 -9.45 3.36
N MET A 1 -1.39 14.81 -11.83
CA MET A 1 -1.40 13.33 -11.77
C MET A 1 -2.08 12.86 -10.48
N ALA A 2 -2.67 11.67 -10.51
CA ALA A 2 -3.35 11.04 -9.37
C ALA A 2 -3.27 9.51 -9.53
N GLY A 3 -3.69 8.80 -8.49
CA GLY A 3 -3.80 7.35 -8.47
C GLY A 3 -4.89 6.81 -9.40
N ILE A 4 -5.05 5.49 -9.41
CA ILE A 4 -5.97 4.75 -10.28
C ILE A 4 -6.75 3.72 -9.45
N LEU A 5 -7.95 3.36 -9.89
CA LEU A 5 -8.76 2.35 -9.23
C LEU A 5 -8.15 0.96 -9.43
N PHE A 6 -7.68 0.36 -8.35
CA PHE A 6 -7.25 -1.03 -8.23
C PHE A 6 -7.24 -1.36 -6.74
N GLU A 7 -7.52 -2.61 -6.38
CA GLU A 7 -7.70 -3.04 -5.00
C GLU A 7 -7.35 -4.53 -4.88
N ASP A 8 -6.66 -4.94 -3.81
CA ASP A 8 -6.48 -6.35 -3.47
C ASP A 8 -6.34 -6.49 -1.95
N ILE A 9 -6.85 -7.58 -1.40
CA ILE A 9 -6.79 -7.91 0.01
C ILE A 9 -5.45 -8.64 0.23
N PHE A 10 -4.84 -8.42 1.38
CA PHE A 10 -3.59 -9.05 1.78
C PHE A 10 -3.75 -9.56 3.21
N ASP A 11 -3.07 -10.66 3.50
CA ASP A 11 -3.04 -11.32 4.80
C ASP A 11 -1.62 -11.29 5.32
N VAL A 12 -1.45 -10.86 6.57
CA VAL A 12 -0.15 -10.80 7.25
C VAL A 12 0.31 -12.24 7.51
N LYS A 13 1.39 -12.63 6.84
CA LYS A 13 2.05 -13.92 7.01
C LYS A 13 3.04 -13.85 8.18
N ASP A 14 3.71 -12.71 8.40
CA ASP A 14 4.67 -12.59 9.51
C ASP A 14 4.85 -11.13 9.92
N ILE A 15 5.53 -10.92 11.03
CA ILE A 15 5.82 -9.62 11.66
C ILE A 15 7.28 -9.68 12.10
N ASP A 16 8.06 -8.64 11.79
CA ASP A 16 9.44 -8.49 12.19
C ASP A 16 9.64 -7.11 12.83
N PRO A 17 9.74 -7.03 14.17
CA PRO A 17 10.01 -5.79 14.89
C PRO A 17 11.45 -5.70 15.41
N GLU A 18 12.34 -6.57 14.98
CA GLU A 18 13.70 -6.75 15.53
C GLU A 18 14.64 -5.62 15.08
N GLY A 19 14.47 -4.43 15.66
CA GLY A 19 15.23 -3.21 15.37
C GLY A 19 14.36 -1.96 15.45
N LYS A 20 13.03 -2.13 15.56
CA LYS A 20 12.06 -1.04 15.65
C LYS A 20 12.15 -0.34 16.99
N LYS A 21 13.05 0.65 17.08
CA LYS A 21 13.11 1.59 18.21
C LYS A 21 11.74 2.23 18.40
N PHE A 22 11.10 2.63 17.29
CA PHE A 22 9.71 3.07 17.26
C PHE A 22 8.85 1.81 17.30
N ASP A 23 8.64 1.26 18.51
CA ASP A 23 8.03 -0.05 18.73
C ASP A 23 6.63 -0.22 18.12
N ARG A 24 5.89 0.88 17.90
CA ARG A 24 4.60 0.87 17.21
C ARG A 24 4.71 0.68 15.70
N VAL A 25 5.90 0.45 15.15
CA VAL A 25 6.13 0.17 13.74
C VAL A 25 6.67 -1.26 13.67
N SER A 26 6.38 -2.01 12.61
CA SER A 26 7.01 -3.30 12.34
C SER A 26 7.07 -3.56 10.84
N ARG A 27 7.99 -4.45 10.43
CA ARG A 27 8.07 -4.95 9.07
C ARG A 27 7.13 -6.14 8.98
N LEU A 28 5.88 -5.88 8.63
CA LEU A 28 4.92 -6.92 8.28
C LEU A 28 5.40 -7.60 6.99
N HIS A 29 5.04 -8.85 6.82
CA HIS A 29 5.25 -9.66 5.62
C HIS A 29 3.85 -10.19 5.27
N CYS A 30 3.42 -10.10 4.02
CA CYS A 30 2.03 -10.37 3.63
C CYS A 30 1.92 -11.06 2.27
N GLU A 31 0.73 -11.60 1.97
CA GLU A 31 0.43 -12.37 0.76
C GLU A 31 -0.92 -11.91 0.20
N SER A 32 -0.99 -11.78 -1.13
CA SER A 32 -2.20 -11.47 -1.91
C SER A 32 -3.24 -12.55 -1.69
N GLU A 33 -4.50 -12.13 -1.47
CA GLU A 33 -5.61 -13.05 -1.45
C GLU A 33 -6.08 -13.37 -2.87
N SER A 34 -6.16 -12.37 -3.77
CA SER A 34 -6.82 -12.55 -5.06
C SER A 34 -5.91 -12.99 -6.21
N PHE A 35 -4.61 -12.69 -6.21
CA PHE A 35 -3.77 -12.88 -7.38
C PHE A 35 -2.50 -13.65 -6.98
N LYS A 36 -1.37 -12.96 -6.96
CA LYS A 36 -0.01 -13.53 -6.83
C LYS A 36 0.96 -12.59 -6.12
N MET A 37 0.50 -11.42 -5.70
CA MET A 37 1.37 -10.40 -5.16
C MET A 37 1.95 -10.89 -3.83
N ASP A 38 3.20 -10.51 -3.57
CA ASP A 38 3.94 -10.79 -2.34
C ASP A 38 4.36 -9.44 -1.77
N LEU A 39 4.25 -9.25 -0.46
CA LEU A 39 4.41 -7.94 0.16
C LEU A 39 5.27 -7.99 1.42
N ILE A 40 5.90 -6.86 1.69
CA ILE A 40 6.63 -6.49 2.89
C ILE A 40 6.18 -5.04 3.12
N LEU A 41 5.97 -4.63 4.37
CA LEU A 41 5.35 -3.37 4.78
C LEU A 41 5.98 -2.99 6.10
N ASP A 42 6.93 -2.06 6.09
CA ASP A 42 7.48 -1.43 7.29
C ASP A 42 6.55 -0.28 7.63
N VAL A 43 5.56 -0.56 8.50
CA VAL A 43 4.44 0.34 8.78
C VAL A 43 4.02 0.29 10.25
N ASN A 44 3.18 1.25 10.64
CA ASN A 44 2.50 1.30 11.93
C ASN A 44 1.69 0.02 12.18
N ILE A 45 1.74 -0.50 13.41
CA ILE A 45 1.01 -1.70 13.83
C ILE A 45 0.04 -1.45 14.99
N GLN A 46 -0.11 -0.22 15.51
CA GLN A 46 -0.95 0.04 16.68
C GLN A 46 -2.45 -0.17 16.40
N ILE A 47 -2.81 -0.36 15.12
CA ILE A 47 -4.13 -0.79 14.66
C ILE A 47 -4.40 -2.21 15.26
N TYR A 48 -3.34 -2.95 15.59
CA TYR A 48 -3.31 -4.35 15.96
C TYR A 48 -2.58 -4.51 17.30
N PRO A 49 -2.63 -5.70 17.94
CA PRO A 49 -1.79 -6.01 19.10
C PRO A 49 -0.30 -5.75 18.81
N VAL A 50 0.48 -5.51 19.87
CA VAL A 50 1.86 -5.03 19.83
C VAL A 50 2.81 -5.92 19.01
N ASP A 51 2.49 -7.19 18.78
CA ASP A 51 3.36 -8.18 18.14
C ASP A 51 2.59 -8.97 17.07
N LEU A 52 1.57 -8.34 16.45
CA LEU A 52 0.66 -8.98 15.51
C LEU A 52 0.27 -8.00 14.40
N GLY A 53 -0.36 -8.51 13.35
CA GLY A 53 -1.02 -7.78 12.28
C GLY A 53 -2.15 -8.65 11.76
N ASP A 54 -3.09 -8.07 11.01
CA ASP A 54 -4.32 -8.73 10.58
C ASP A 54 -4.66 -8.30 9.14
N LYS A 55 -5.58 -9.03 8.50
CA LYS A 55 -5.91 -8.85 7.09
C LYS A 55 -6.37 -7.41 6.81
N PHE A 56 -5.94 -6.88 5.67
CA PHE A 56 -6.20 -5.53 5.21
C PHE A 56 -6.27 -5.53 3.69
N ARG A 57 -6.51 -4.39 3.05
CA ARG A 57 -6.45 -4.27 1.59
C ARG A 57 -5.56 -3.09 1.23
N LEU A 58 -4.93 -3.20 0.07
CA LEU A 58 -4.10 -2.17 -0.56
C LEU A 58 -4.86 -1.68 -1.78
N VAL A 59 -4.79 -0.38 -2.01
CA VAL A 59 -5.43 0.39 -3.08
C VAL A 59 -4.39 1.45 -3.50
N ILE A 60 -4.51 1.99 -4.72
CA ILE A 60 -3.54 2.93 -5.29
C ILE A 60 -4.27 4.13 -5.92
N ALA A 61 -5.43 4.50 -5.38
CA ALA A 61 -6.36 5.47 -5.96
C ALA A 61 -6.27 6.87 -5.32
N SER A 62 -5.41 7.05 -4.32
CA SER A 62 -5.21 8.31 -3.61
C SER A 62 -4.53 9.37 -4.49
N THR A 63 -4.35 10.58 -3.95
CA THR A 63 -3.55 11.65 -4.53
C THR A 63 -2.72 12.27 -3.39
N LEU A 64 -1.72 13.11 -3.69
CA LEU A 64 -0.99 13.89 -2.68
C LEU A 64 -1.94 14.86 -1.94
N TYR A 65 -2.93 15.38 -2.66
CA TYR A 65 -3.90 16.40 -2.24
C TYR A 65 -3.26 17.76 -1.91
N GLU A 66 -4.11 18.77 -1.82
CA GLU A 66 -3.86 20.12 -1.35
C GLU A 66 -5.07 20.53 -0.49
N ASP A 67 -5.30 21.83 -0.32
CA ASP A 67 -6.26 22.39 0.64
C ASP A 67 -7.72 21.94 0.44
N GLY A 68 -8.11 21.52 -0.78
CA GLY A 68 -9.51 21.25 -1.10
C GLY A 68 -9.73 20.24 -2.22
N THR A 69 -8.79 19.33 -2.48
CA THR A 69 -8.89 18.36 -3.58
C THR A 69 -10.11 17.43 -3.44
N LEU A 70 -10.57 17.20 -2.20
CA LEU A 70 -11.73 16.35 -1.92
C LEU A 70 -13.05 17.06 -2.26
N ASP A 71 -13.02 18.37 -2.51
CA ASP A 71 -14.18 19.26 -2.65
C ASP A 71 -15.27 18.93 -1.61
N ASP A 72 -14.84 18.93 -0.34
CA ASP A 72 -15.65 18.43 0.78
C ASP A 72 -15.35 19.21 2.06
N GLY A 73 -14.10 19.12 2.47
CA GLY A 73 -13.49 19.83 3.59
C GLY A 73 -14.03 19.44 4.97
N GLU A 74 -14.97 18.48 5.06
CA GLU A 74 -15.46 17.93 6.31
C GLU A 74 -14.50 16.84 6.77
N TYR A 75 -13.97 16.04 5.83
CA TYR A 75 -12.89 15.11 6.05
C TYR A 75 -11.67 15.87 6.60
N ASN A 76 -11.26 15.54 7.83
CA ASN A 76 -10.16 16.17 8.55
C ASN A 76 -9.51 15.09 9.43
N PRO A 77 -8.27 15.27 9.91
CA PRO A 77 -7.60 14.32 10.81
C PRO A 77 -8.41 13.96 12.06
N THR A 78 -9.30 14.83 12.52
CA THR A 78 -10.24 14.62 13.63
C THR A 78 -11.20 13.46 13.37
N ASP A 79 -11.28 12.93 12.15
CA ASP A 79 -12.01 11.70 11.83
C ASP A 79 -11.36 10.46 12.48
N ASP A 80 -10.09 10.55 12.87
CA ASP A 80 -9.36 9.45 13.51
C ASP A 80 -8.60 9.86 14.77
N ARG A 81 -8.06 11.10 14.84
CA ARG A 81 -7.53 11.63 16.09
C ARG A 81 -8.68 11.67 17.09
N PRO A 82 -8.50 11.09 18.30
CA PRO A 82 -9.55 10.82 19.28
C PRO A 82 -10.94 10.49 18.71
N SER A 83 -10.93 9.67 17.64
CA SER A 83 -12.07 9.17 16.87
C SER A 83 -11.63 7.81 16.29
N ARG A 84 -12.28 7.31 15.22
CA ARG A 84 -11.82 6.11 14.52
C ARG A 84 -12.25 6.17 13.06
N ALA A 85 -11.30 6.25 12.13
CA ALA A 85 -11.57 6.10 10.70
C ALA A 85 -11.99 4.65 10.44
N ASP A 86 -12.90 4.45 9.48
CA ASP A 86 -13.33 3.13 9.01
C ASP A 86 -13.52 3.11 7.48
N GLN A 87 -13.88 4.26 6.90
CA GLN A 87 -13.99 4.49 5.46
C GLN A 87 -12.65 4.19 4.75
N PHE A 88 -11.54 4.38 5.45
CA PHE A 88 -10.17 4.10 5.04
C PHE A 88 -9.39 3.72 6.31
N GLU A 89 -8.13 3.31 6.16
CA GLU A 89 -7.22 3.08 7.29
C GLU A 89 -5.93 3.89 7.12
N TYR A 90 -5.40 4.04 5.89
CA TYR A 90 -4.24 4.90 5.64
C TYR A 90 -4.26 5.43 4.21
N VAL A 91 -3.56 6.54 3.95
CA VAL A 91 -3.34 7.15 2.64
C VAL A 91 -1.93 7.75 2.63
N MET A 92 -1.24 7.75 1.47
CA MET A 92 0.04 8.42 1.31
C MET A 92 0.42 8.62 -0.17
N TYR A 93 1.54 9.31 -0.35
CA TYR A 93 2.26 9.55 -1.59
C TYR A 93 3.76 9.27 -1.31
N GLY A 94 4.55 8.90 -2.31
CA GLY A 94 5.93 8.45 -2.09
C GLY A 94 6.79 8.46 -3.34
N LYS A 95 7.78 7.57 -3.38
CA LYS A 95 8.64 7.31 -4.54
C LYS A 95 8.92 5.82 -4.61
N VAL A 96 8.89 5.25 -5.83
CA VAL A 96 9.35 3.90 -6.12
C VAL A 96 10.87 3.91 -6.33
N TYR A 97 11.54 2.80 -6.00
CA TYR A 97 12.99 2.62 -6.07
C TYR A 97 13.29 1.27 -6.75
N ARG A 98 12.66 0.99 -7.89
CA ARG A 98 12.79 -0.27 -8.63
C ARG A 98 12.60 -0.02 -10.13
N ILE A 99 13.03 -0.99 -10.94
CA ILE A 99 12.84 -1.00 -12.39
C ILE A 99 11.38 -1.27 -12.77
N GLU A 100 11.08 -1.13 -14.06
CA GLU A 100 9.75 -1.27 -14.67
C GLU A 100 9.26 -2.73 -14.81
N GLY A 101 10.01 -3.70 -14.27
CA GLY A 101 9.70 -5.12 -14.38
C GLY A 101 9.67 -5.65 -15.82
N ASP A 102 10.45 -5.04 -16.70
CA ASP A 102 10.70 -5.55 -18.05
C ASP A 102 12.19 -5.55 -18.20
N GLU A 103 12.76 -6.73 -18.45
CA GLU A 103 14.21 -6.92 -18.60
C GLU A 103 14.58 -7.32 -20.03
N THR A 104 13.58 -7.85 -20.73
CA THR A 104 13.51 -8.31 -22.11
C THR A 104 14.70 -9.15 -22.64
N SER A 105 14.47 -9.71 -23.83
CA SER A 105 15.38 -10.50 -24.68
C SER A 105 14.57 -10.79 -25.95
N THR A 106 13.36 -11.29 -25.76
CA THR A 106 12.31 -11.46 -26.76
C THR A 106 10.99 -11.26 -26.01
N GLU A 107 10.78 -12.08 -24.98
CA GLU A 107 9.63 -12.07 -24.07
C GLU A 107 10.17 -12.53 -22.70
N ALA A 108 11.07 -11.74 -22.10
CA ALA A 108 11.78 -12.09 -20.87
C ALA A 108 11.57 -11.02 -19.80
N ALA A 109 10.47 -10.26 -19.92
CA ALA A 109 10.03 -9.36 -18.87
C ALA A 109 9.72 -10.16 -17.59
N THR A 110 9.56 -9.49 -16.45
CA THR A 110 9.47 -10.11 -15.13
C THR A 110 8.28 -9.60 -14.33
N ARG A 111 8.20 -10.02 -13.06
CA ARG A 111 7.28 -9.41 -12.14
C ARG A 111 7.68 -7.96 -12.01
N LEU A 112 6.70 -7.06 -12.00
CA LEU A 112 6.99 -5.69 -11.62
C LEU A 112 7.24 -5.79 -10.13
N SER A 113 8.40 -5.29 -9.72
CA SER A 113 8.74 -5.18 -8.32
C SER A 113 8.60 -3.70 -7.97
N ALA A 114 8.14 -3.43 -6.75
CA ALA A 114 7.73 -2.13 -6.29
C ALA A 114 8.32 -1.94 -4.89
N TYR A 115 9.56 -1.46 -4.82
CA TYR A 115 10.16 -1.02 -3.57
C TYR A 115 9.69 0.43 -3.46
N VAL A 116 9.06 0.85 -2.36
CA VAL A 116 8.45 2.17 -2.29
C VAL A 116 8.69 2.73 -0.88
N SER A 117 8.91 4.04 -0.78
CA SER A 117 8.99 4.73 0.49
C SER A 117 8.07 5.95 0.41
N TYR A 118 7.34 6.23 1.49
CA TYR A 118 6.26 7.20 1.55
C TYR A 118 6.21 7.77 2.97
N GLY A 119 6.65 9.02 3.14
CA GLY A 119 6.57 9.74 4.40
C GLY A 119 7.29 9.06 5.57
N GLY A 120 8.29 8.20 5.29
CA GLY A 120 9.07 7.49 6.30
C GLY A 120 8.58 6.06 6.55
N LEU A 121 7.42 5.66 5.99
CA LEU A 121 6.95 4.28 5.98
C LEU A 121 7.38 3.68 4.64
N LEU A 122 7.48 2.34 4.55
CA LEU A 122 8.07 1.68 3.39
C LEU A 122 7.34 0.38 3.10
N MET A 123 7.36 -0.07 1.85
CA MET A 123 6.90 -1.39 1.45
C MET A 123 7.83 -1.93 0.37
N ARG A 124 7.80 -3.24 0.16
CA ARG A 124 8.48 -3.93 -0.92
C ARG A 124 7.48 -4.97 -1.40
N LEU A 125 7.03 -4.81 -2.63
CA LEU A 125 5.92 -5.53 -3.24
C LEU A 125 6.44 -6.13 -4.54
N GLN A 126 5.92 -7.28 -4.96
CA GLN A 126 6.16 -7.83 -6.29
C GLN A 126 4.86 -8.43 -6.79
N GLY A 127 4.65 -8.45 -8.10
CA GLY A 127 3.56 -9.17 -8.73
C GLY A 127 3.72 -9.10 -10.25
N ASP A 128 2.84 -9.75 -11.01
CA ASP A 128 2.86 -9.59 -12.47
C ASP A 128 2.69 -8.10 -12.80
N ALA A 129 3.42 -7.59 -13.79
CA ALA A 129 3.38 -6.17 -14.14
C ALA A 129 1.94 -5.67 -14.33
N ASN A 130 1.15 -6.30 -15.21
CA ASN A 130 -0.21 -5.83 -15.48
C ASN A 130 -1.18 -6.12 -14.33
N ASN A 131 -0.74 -6.93 -13.38
CA ASN A 131 -1.43 -7.20 -12.13
C ASN A 131 -1.17 -6.07 -11.13
N LEU A 132 -0.01 -5.40 -11.19
CA LEU A 132 0.21 -4.18 -10.43
C LEU A 132 -0.46 -3.03 -11.18
N HIS A 133 -0.54 -3.12 -12.51
CA HIS A 133 -1.29 -2.23 -13.40
C HIS A 133 -0.85 -0.76 -13.35
N GLY A 134 0.41 -0.51 -12.98
CA GLY A 134 0.99 0.82 -12.92
C GLY A 134 2.48 0.65 -12.72
N PHE A 135 3.24 0.67 -13.82
CA PHE A 135 4.68 0.43 -13.82
C PHE A 135 5.51 1.72 -13.80
N GLU A 136 4.88 2.87 -13.57
CA GLU A 136 5.60 4.12 -13.39
C GLU A 136 6.24 4.14 -12.02
N VAL A 137 7.41 4.79 -11.95
CA VAL A 137 8.04 5.11 -10.67
C VAL A 137 7.17 6.10 -9.88
N ASP A 138 6.09 6.57 -10.53
CA ASP A 138 5.07 7.47 -9.99
C ASP A 138 3.66 6.84 -10.06
N SER A 139 3.58 5.51 -10.24
CA SER A 139 2.32 4.80 -10.07
C SER A 139 2.18 4.39 -8.60
N ARG A 140 3.16 3.63 -8.07
CA ARG A 140 3.01 2.98 -6.75
C ARG A 140 3.13 3.96 -5.59
N VAL A 141 3.45 5.19 -5.93
CA VAL A 141 3.56 6.28 -4.98
C VAL A 141 2.20 6.52 -4.33
N TYR A 142 1.12 6.46 -5.11
CA TYR A 142 -0.22 6.65 -4.59
C TYR A 142 -0.57 5.38 -3.83
N LEU A 143 -0.79 5.51 -2.53
CA LEU A 143 -1.03 4.39 -1.64
C LEU A 143 -2.24 4.72 -0.79
N LEU A 144 -3.14 3.75 -0.64
CA LEU A 144 -4.30 3.82 0.23
C LEU A 144 -4.45 2.41 0.80
N MET A 145 -4.84 2.28 2.07
CA MET A 145 -5.11 0.97 2.66
C MET A 145 -6.39 1.06 3.47
N LYS A 146 -7.09 -0.08 3.61
CA LYS A 146 -8.32 -0.20 4.40
C LYS A 146 -8.34 -1.57 5.05
N LYS A 147 -9.36 -1.83 5.88
CA LYS A 147 -9.66 -3.18 6.40
C LYS A 147 -9.89 -4.13 5.21
N LEU A 148 -9.89 -5.44 5.45
CA LEU A 148 -10.31 -6.43 4.45
C LEU A 148 -11.73 -6.15 3.94
N ALA A 149 -12.13 -6.80 2.84
CA ALA A 149 -13.47 -6.69 2.28
C ALA A 149 -14.33 -7.83 2.83
N PHE A 150 -14.80 -7.67 4.07
CA PHE A 150 -15.71 -8.58 4.73
C PHE A 150 -16.53 -7.80 5.75
N MET A 1 -5.39 11.11 -15.70
CA MET A 1 -6.20 11.27 -14.48
C MET A 1 -6.15 9.99 -13.62
N ALA A 2 -6.15 10.14 -12.30
CA ALA A 2 -6.32 9.02 -11.38
C ALA A 2 -7.74 8.45 -11.52
N GLY A 3 -7.95 7.23 -11.02
CA GLY A 3 -9.20 6.50 -11.10
C GLY A 3 -8.97 5.04 -10.74
N ILE A 4 -9.92 4.18 -11.09
CA ILE A 4 -9.82 2.73 -10.90
C ILE A 4 -8.51 2.23 -11.54
N LEU A 5 -7.69 1.51 -10.76
CA LEU A 5 -6.37 1.03 -11.18
C LEU A 5 -6.04 -0.25 -10.42
N PHE A 6 -5.94 -0.19 -9.09
CA PHE A 6 -5.62 -1.36 -8.26
C PHE A 6 -6.23 -1.22 -6.86
N GLU A 7 -6.72 -2.34 -6.34
CA GLU A 7 -7.20 -2.57 -4.98
C GLU A 7 -7.13 -4.07 -4.73
N ASP A 8 -6.69 -4.52 -3.55
CA ASP A 8 -6.81 -5.91 -3.13
C ASP A 8 -6.70 -6.02 -1.60
N ILE A 9 -7.23 -7.11 -1.05
CA ILE A 9 -7.03 -7.48 0.34
C ILE A 9 -5.65 -8.15 0.38
N PHE A 10 -4.99 -8.10 1.54
CA PHE A 10 -3.71 -8.76 1.81
C PHE A 10 -3.83 -9.44 3.17
N ASP A 11 -3.07 -10.52 3.32
CA ASP A 11 -3.04 -11.41 4.48
C ASP A 11 -1.62 -11.38 5.03
N VAL A 12 -1.48 -11.01 6.30
CA VAL A 12 -0.19 -10.92 6.97
C VAL A 12 0.30 -12.35 7.21
N LYS A 13 1.44 -12.69 6.58
CA LYS A 13 2.09 -13.98 6.67
C LYS A 13 3.10 -13.99 7.82
N ASP A 14 3.76 -12.86 8.12
CA ASP A 14 4.68 -12.77 9.25
C ASP A 14 4.85 -11.31 9.72
N ILE A 15 5.45 -11.13 10.89
CA ILE A 15 5.64 -9.88 11.60
C ILE A 15 7.04 -9.91 12.23
N ASP A 16 7.70 -8.76 12.33
CA ASP A 16 8.94 -8.53 13.06
C ASP A 16 8.83 -7.21 13.83
N PRO A 17 8.72 -7.29 15.17
CA PRO A 17 8.81 -6.16 16.09
C PRO A 17 10.01 -6.35 17.05
N GLU A 18 11.04 -7.08 16.62
CA GLU A 18 12.14 -7.57 17.48
C GLU A 18 12.98 -6.49 18.17
N GLY A 19 12.99 -5.24 17.69
CA GLY A 19 13.73 -4.15 18.31
C GLY A 19 13.46 -2.90 17.51
N LYS A 20 12.23 -2.77 16.99
CA LYS A 20 11.88 -1.64 16.14
C LYS A 20 11.92 -0.41 17.03
N LYS A 21 12.81 0.50 16.66
CA LYS A 21 13.09 1.79 17.32
C LYS A 21 11.81 2.51 17.76
N PHE A 22 10.76 2.44 16.94
CA PHE A 22 9.42 2.90 17.27
C PHE A 22 8.55 1.64 17.21
N ASP A 23 8.18 1.09 18.37
CA ASP A 23 7.56 -0.23 18.49
C ASP A 23 6.19 -0.33 17.81
N ARG A 24 5.48 0.81 17.65
CA ARG A 24 4.25 0.86 16.85
C ARG A 24 4.50 0.63 15.37
N VAL A 25 5.73 0.73 14.88
CA VAL A 25 6.09 0.38 13.52
C VAL A 25 6.66 -1.04 13.60
N SER A 26 6.29 -1.91 12.66
CA SER A 26 6.78 -3.27 12.58
C SER A 26 7.06 -3.60 11.12
N ARG A 27 8.04 -4.48 10.91
CA ARG A 27 8.24 -5.05 9.60
C ARG A 27 7.17 -6.15 9.48
N LEU A 28 6.62 -6.32 8.29
CA LEU A 28 5.58 -7.30 8.00
C LEU A 28 5.95 -7.99 6.70
N HIS A 29 5.39 -9.18 6.50
CA HIS A 29 5.42 -9.92 5.26
C HIS A 29 3.96 -10.32 5.02
N CYS A 30 3.45 -10.07 3.81
CA CYS A 30 2.06 -10.29 3.45
C CYS A 30 1.99 -10.91 2.05
N GLU A 31 0.80 -11.38 1.70
CA GLU A 31 0.46 -11.90 0.37
C GLU A 31 -0.91 -11.32 0.02
N SER A 32 -1.08 -10.85 -1.22
CA SER A 32 -2.37 -10.38 -1.70
C SER A 32 -3.35 -11.55 -1.79
N GLU A 33 -4.64 -11.30 -1.60
CA GLU A 33 -5.66 -12.32 -1.66
C GLU A 33 -5.81 -12.88 -3.09
N SER A 34 -5.62 -12.04 -4.13
CA SER A 34 -5.88 -12.41 -5.52
C SER A 34 -4.80 -11.93 -6.49
N PHE A 35 -4.15 -10.78 -6.25
CA PHE A 35 -3.23 -10.15 -7.21
C PHE A 35 -1.79 -10.71 -7.17
N LYS A 36 -1.58 -11.90 -6.57
CA LYS A 36 -0.30 -12.63 -6.52
C LYS A 36 0.93 -11.76 -6.18
N MET A 37 0.74 -10.64 -5.48
CA MET A 37 1.79 -9.76 -5.01
C MET A 37 2.41 -10.37 -3.76
N ASP A 38 3.68 -10.74 -3.85
CA ASP A 38 4.48 -11.10 -2.69
C ASP A 38 4.88 -9.76 -2.08
N LEU A 39 4.64 -9.53 -0.77
CA LEU A 39 4.78 -8.19 -0.17
C LEU A 39 5.57 -8.28 1.13
N ILE A 40 6.37 -7.25 1.39
CA ILE A 40 7.09 -6.95 2.62
C ILE A 40 6.75 -5.48 2.89
N LEU A 41 6.64 -5.06 4.15
CA LEU A 41 6.32 -3.71 4.59
C LEU A 41 7.13 -3.39 5.85
N ASP A 42 7.23 -2.11 6.17
CA ASP A 42 7.74 -1.52 7.40
C ASP A 42 6.71 -0.42 7.63
N VAL A 43 5.70 -0.72 8.46
CA VAL A 43 4.50 0.10 8.59
C VAL A 43 4.01 0.14 10.05
N ASN A 44 3.23 1.17 10.38
CA ASN A 44 2.52 1.29 11.65
C ASN A 44 1.54 0.12 11.82
N ILE A 45 1.42 -0.44 13.03
CA ILE A 45 0.50 -1.52 13.38
C ILE A 45 -0.52 -1.09 14.45
N GLN A 46 -0.46 0.13 14.99
CA GLN A 46 -1.51 0.66 15.87
C GLN A 46 -2.81 0.90 15.11
N ILE A 47 -2.73 0.82 13.78
CA ILE A 47 -3.86 0.78 12.87
C ILE A 47 -4.70 -0.47 13.22
N TYR A 48 -4.02 -1.60 13.54
CA TYR A 48 -4.68 -2.84 13.89
C TYR A 48 -5.21 -2.73 15.33
N PRO A 49 -6.49 -3.06 15.60
CA PRO A 49 -7.08 -2.89 16.92
C PRO A 49 -6.61 -3.94 17.93
N VAL A 50 -6.18 -5.12 17.46
CA VAL A 50 -5.72 -6.24 18.27
C VAL A 50 -4.57 -6.93 17.53
N ASP A 51 -3.78 -7.74 18.24
CA ASP A 51 -2.56 -8.39 17.75
C ASP A 51 -1.65 -7.36 17.06
N LEU A 52 -0.86 -7.77 16.04
CA LEU A 52 0.06 -6.92 15.29
C LEU A 52 -0.26 -6.95 13.79
N GLY A 53 -1.15 -7.84 13.35
CA GLY A 53 -1.64 -7.91 11.98
C GLY A 53 -2.64 -9.05 11.83
N ASP A 54 -3.41 -9.05 10.74
CA ASP A 54 -4.33 -10.13 10.38
C ASP A 54 -4.56 -10.05 8.86
N LYS A 55 -5.55 -9.30 8.39
CA LYS A 55 -5.75 -8.99 6.98
C LYS A 55 -6.21 -7.53 6.87
N PHE A 56 -5.91 -6.88 5.75
CA PHE A 56 -6.25 -5.48 5.48
C PHE A 56 -6.43 -5.25 3.98
N ARG A 57 -6.93 -4.09 3.58
CA ARG A 57 -7.22 -3.71 2.19
C ARG A 57 -6.29 -2.57 1.82
N LEU A 58 -5.46 -2.80 0.81
CA LEU A 58 -4.51 -1.85 0.24
C LEU A 58 -5.09 -1.43 -1.10
N VAL A 59 -5.00 -0.15 -1.43
CA VAL A 59 -5.71 0.39 -2.58
C VAL A 59 -5.05 1.68 -3.06
N ILE A 60 -5.17 1.93 -4.36
CA ILE A 60 -4.82 3.20 -5.00
C ILE A 60 -5.98 3.67 -5.89
N ALA A 61 -6.89 2.77 -6.28
CA ALA A 61 -8.07 3.03 -7.11
C ALA A 61 -8.93 4.19 -6.59
N SER A 62 -9.01 4.35 -5.27
CA SER A 62 -9.82 5.38 -4.61
C SER A 62 -9.28 6.80 -4.82
N THR A 63 -8.06 6.96 -5.37
CA THR A 63 -7.51 8.27 -5.68
C THR A 63 -8.32 8.91 -6.82
N LEU A 64 -8.73 10.16 -6.63
CA LEU A 64 -9.34 11.02 -7.65
C LEU A 64 -8.98 12.46 -7.28
N TYR A 65 -7.69 12.71 -6.99
CA TYR A 65 -7.21 13.95 -6.41
C TYR A 65 -7.61 15.19 -7.24
N GLU A 66 -7.70 15.05 -8.57
CA GLU A 66 -8.03 16.14 -9.48
C GLU A 66 -9.52 16.55 -9.39
N ASP A 67 -10.38 15.76 -8.76
CA ASP A 67 -11.76 16.17 -8.44
C ASP A 67 -11.76 17.28 -7.37
N GLY A 68 -10.68 17.40 -6.59
CA GLY A 68 -10.58 18.37 -5.51
C GLY A 68 -11.48 17.99 -4.35
N THR A 69 -11.66 16.69 -4.09
CA THR A 69 -12.57 16.14 -3.09
C THR A 69 -12.23 16.61 -1.66
N LEU A 70 -10.98 17.03 -1.44
CA LEU A 70 -10.48 17.60 -0.18
C LEU A 70 -9.78 18.96 -0.43
N ASP A 71 -10.09 19.58 -1.57
CA ASP A 71 -9.61 20.88 -2.09
C ASP A 71 -8.13 21.16 -1.83
N ASP A 72 -7.29 20.11 -1.84
CA ASP A 72 -5.86 20.12 -1.50
C ASP A 72 -5.55 20.94 -0.22
N GLY A 73 -6.48 20.97 0.74
CA GLY A 73 -6.34 21.80 1.93
C GLY A 73 -7.59 21.91 2.81
N GLU A 74 -8.77 21.49 2.34
CA GLU A 74 -9.96 21.37 3.19
C GLU A 74 -9.75 20.25 4.23
N TYR A 75 -8.90 19.26 3.90
CA TYR A 75 -8.44 18.23 4.82
C TYR A 75 -7.81 18.90 6.04
N ASN A 76 -8.48 18.84 7.18
CA ASN A 76 -8.11 19.51 8.41
C ASN A 76 -8.63 18.70 9.61
N PRO A 77 -8.17 18.98 10.84
CA PRO A 77 -8.46 18.18 12.03
C PRO A 77 -9.93 17.92 12.38
N THR A 78 -10.91 18.62 11.79
CA THR A 78 -12.33 18.32 12.02
C THR A 78 -12.70 16.89 11.58
N ASP A 79 -11.89 16.26 10.72
CA ASP A 79 -12.12 14.90 10.24
C ASP A 79 -11.26 13.87 10.99
N ASP A 80 -10.40 14.33 11.93
CA ASP A 80 -9.37 13.51 12.58
C ASP A 80 -9.45 13.57 14.11
N ARG A 81 -9.90 14.68 14.70
CA ARG A 81 -10.15 14.74 16.15
C ARG A 81 -11.31 13.80 16.52
N PRO A 82 -12.47 13.81 15.83
CA PRO A 82 -13.50 12.77 16.00
C PRO A 82 -13.20 11.52 15.15
N SER A 83 -12.04 11.52 14.49
CA SER A 83 -11.53 10.53 13.54
C SER A 83 -12.59 9.93 12.61
N ARG A 84 -13.47 10.79 12.08
CA ARG A 84 -14.45 10.40 11.06
C ARG A 84 -13.76 9.88 9.81
N ALA A 85 -12.48 10.20 9.57
CA ALA A 85 -11.68 9.61 8.50
C ALA A 85 -11.69 8.08 8.54
N ASP A 86 -11.84 7.47 9.72
CA ASP A 86 -11.84 6.02 9.92
C ASP A 86 -12.97 5.30 9.16
N GLN A 87 -13.96 6.04 8.66
CA GLN A 87 -14.99 5.51 7.76
C GLN A 87 -14.39 4.77 6.55
N PHE A 88 -13.21 5.18 6.05
CA PHE A 88 -12.60 4.69 4.84
C PHE A 88 -11.08 4.73 4.91
N GLU A 89 -10.47 4.34 3.80
CA GLU A 89 -9.04 4.23 3.66
C GLU A 89 -8.32 5.54 3.96
N TYR A 90 -7.37 5.46 4.91
CA TYR A 90 -6.42 6.53 5.19
C TYR A 90 -5.49 6.63 3.98
N VAL A 91 -4.81 7.77 3.81
CA VAL A 91 -4.06 8.11 2.61
C VAL A 91 -2.66 8.60 3.01
N MET A 92 -1.68 8.27 2.18
CA MET A 92 -0.32 8.76 2.25
C MET A 92 0.21 8.90 0.81
N TYR A 93 1.35 9.57 0.67
CA TYR A 93 1.96 9.93 -0.61
C TYR A 93 3.42 9.50 -0.53
N GLY A 94 4.02 9.09 -1.65
CA GLY A 94 5.35 8.50 -1.62
C GLY A 94 6.11 8.61 -2.94
N LYS A 95 7.15 7.79 -3.08
CA LYS A 95 7.94 7.62 -4.30
C LYS A 95 8.10 6.13 -4.53
N VAL A 96 7.68 5.66 -5.70
CA VAL A 96 7.87 4.29 -6.14
C VAL A 96 9.27 4.21 -6.76
N TYR A 97 9.93 3.06 -6.63
CA TYR A 97 11.20 2.73 -7.25
C TYR A 97 11.06 1.28 -7.70
N ARG A 98 11.38 0.93 -8.95
CA ARG A 98 11.21 -0.46 -9.41
C ARG A 98 12.24 -0.81 -10.48
N ILE A 99 12.52 -2.11 -10.65
CA ILE A 99 13.52 -2.58 -11.60
C ILE A 99 12.96 -2.53 -13.03
N GLU A 100 13.80 -2.93 -13.99
CA GLU A 100 13.47 -2.95 -15.42
C GLU A 100 12.54 -4.10 -15.82
N GLY A 101 12.17 -4.99 -14.88
CA GLY A 101 11.32 -6.15 -15.13
C GLY A 101 12.10 -7.38 -15.55
N ASP A 102 13.42 -7.38 -15.34
CA ASP A 102 14.23 -8.57 -15.47
C ASP A 102 15.25 -8.58 -14.35
N GLU A 103 15.28 -9.69 -13.62
CA GLU A 103 16.30 -10.01 -12.63
C GLU A 103 16.78 -11.47 -12.81
N THR A 104 16.87 -11.92 -14.06
CA THR A 104 17.11 -13.31 -14.41
C THR A 104 18.30 -13.42 -15.37
N SER A 105 18.38 -12.55 -16.38
CA SER A 105 19.45 -12.55 -17.36
C SER A 105 19.43 -11.21 -18.10
N THR A 106 18.37 -10.97 -18.86
CA THR A 106 18.18 -9.77 -19.66
C THR A 106 16.68 -9.48 -19.83
N GLU A 107 15.85 -10.50 -20.07
CA GLU A 107 14.46 -10.31 -20.46
C GLU A 107 13.58 -11.55 -20.25
N ALA A 108 13.99 -12.47 -19.37
CA ALA A 108 13.35 -13.77 -19.23
C ALA A 108 12.79 -14.00 -17.84
N ALA A 109 12.80 -12.96 -17.01
CA ALA A 109 12.11 -12.99 -15.74
C ALA A 109 10.59 -13.12 -15.96
N THR A 110 9.84 -13.46 -14.92
CA THR A 110 8.38 -13.60 -14.99
C THR A 110 7.61 -12.69 -14.03
N ARG A 111 8.35 -11.95 -13.21
CA ARG A 111 7.81 -11.00 -12.26
C ARG A 111 8.64 -9.73 -12.30
N LEU A 112 7.95 -8.61 -12.20
CA LEU A 112 8.54 -7.31 -11.95
C LEU A 112 8.74 -7.26 -10.43
N SER A 113 9.69 -6.45 -9.98
CA SER A 113 9.97 -6.25 -8.57
C SER A 113 10.02 -4.75 -8.33
N ALA A 114 9.38 -4.27 -7.25
CA ALA A 114 9.14 -2.87 -6.99
C ALA A 114 9.26 -2.58 -5.50
N TYR A 115 9.46 -1.30 -5.18
CA TYR A 115 9.54 -0.74 -3.84
C TYR A 115 8.72 0.55 -3.85
N VAL A 116 8.24 0.98 -2.68
CA VAL A 116 7.67 2.31 -2.53
C VAL A 116 7.90 2.76 -1.09
N SER A 117 8.23 4.04 -0.95
CA SER A 117 8.53 4.69 0.33
C SER A 117 7.51 5.82 0.43
N TYR A 118 6.73 5.85 1.51
CA TYR A 118 5.57 6.72 1.66
C TYR A 118 5.50 7.23 3.10
N GLY A 119 5.57 8.55 3.28
CA GLY A 119 5.52 9.20 4.59
C GLY A 119 6.54 8.67 5.61
N GLY A 120 7.69 8.17 5.14
CA GLY A 120 8.73 7.58 5.98
C GLY A 120 8.49 6.11 6.33
N LEU A 121 7.37 5.53 5.91
CA LEU A 121 7.09 4.09 5.97
C LEU A 121 7.47 3.49 4.60
N LEU A 122 7.57 2.17 4.50
CA LEU A 122 8.14 1.53 3.29
C LEU A 122 7.50 0.18 3.03
N MET A 123 7.51 -0.29 1.79
CA MET A 123 7.13 -1.66 1.41
C MET A 123 7.87 -2.05 0.13
N ARG A 124 8.02 -3.35 -0.11
CA ARG A 124 8.75 -3.95 -1.22
C ARG A 124 7.95 -5.15 -1.69
N LEU A 125 7.84 -5.38 -3.00
CA LEU A 125 6.93 -6.38 -3.54
C LEU A 125 7.39 -6.90 -4.89
N GLN A 126 6.89 -8.07 -5.28
CA GLN A 126 7.05 -8.63 -6.61
C GLN A 126 5.70 -9.12 -7.11
N GLY A 127 5.54 -9.23 -8.43
CA GLY A 127 4.39 -9.88 -9.05
C GLY A 127 4.53 -9.78 -10.56
N ASP A 128 3.63 -10.42 -11.33
CA ASP A 128 3.63 -10.27 -12.79
C ASP A 128 3.60 -8.80 -13.15
N ALA A 129 4.44 -8.37 -14.10
CA ALA A 129 4.68 -6.95 -14.39
C ALA A 129 3.41 -6.10 -14.43
N ASN A 130 2.52 -6.32 -15.40
CA ASN A 130 1.31 -5.51 -15.56
C ASN A 130 0.46 -5.54 -14.30
N ASN A 131 0.34 -6.74 -13.77
CA ASN A 131 -0.40 -7.10 -12.57
C ASN A 131 0.17 -6.40 -11.34
N LEU A 132 1.45 -6.02 -11.33
CA LEU A 132 2.06 -5.36 -10.19
C LEU A 132 1.57 -3.92 -10.09
N HIS A 133 1.02 -3.36 -11.19
CA HIS A 133 0.53 -1.99 -11.30
C HIS A 133 1.47 -0.99 -10.61
N GLY A 134 2.78 -1.13 -10.85
CA GLY A 134 3.83 -0.36 -10.16
C GLY A 134 5.00 0.01 -11.06
N PHE A 135 4.95 -0.33 -12.36
CA PHE A 135 5.91 0.18 -13.34
C PHE A 135 5.81 1.70 -13.47
N GLU A 136 4.62 2.19 -13.18
CA GLU A 136 4.22 3.58 -13.00
C GLU A 136 4.83 4.09 -11.70
N VAL A 137 6.02 4.69 -11.86
CA VAL A 137 6.78 5.40 -10.84
C VAL A 137 5.92 6.43 -10.10
N ASP A 138 4.80 6.88 -10.68
CA ASP A 138 4.00 7.97 -10.14
C ASP A 138 2.50 7.68 -10.10
N SER A 139 2.13 6.40 -10.12
CA SER A 139 0.74 6.02 -9.82
C SER A 139 0.65 5.67 -8.34
N ARG A 140 1.35 4.61 -7.91
CA ARG A 140 1.19 4.09 -6.55
C ARG A 140 1.93 4.93 -5.51
N VAL A 141 2.38 6.11 -5.91
CA VAL A 141 2.85 7.13 -5.00
C VAL A 141 1.68 7.49 -4.09
N TYR A 142 0.46 7.58 -4.64
CA TYR A 142 -0.74 7.68 -3.83
C TYR A 142 -0.99 6.28 -3.30
N LEU A 143 -1.08 6.13 -1.98
CA LEU A 143 -1.19 4.83 -1.33
C LEU A 143 -2.23 4.99 -0.23
N LEU A 144 -3.23 4.11 -0.20
CA LEU A 144 -4.34 4.19 0.73
C LEU A 144 -4.61 2.81 1.32
N MET A 145 -5.13 2.75 2.55
CA MET A 145 -5.52 1.47 3.17
C MET A 145 -6.58 1.63 4.26
N LYS A 146 -7.38 0.57 4.48
CA LYS A 146 -8.29 0.40 5.62
C LYS A 146 -8.26 -1.11 5.94
N LYS A 147 -8.75 -1.55 7.11
CA LYS A 147 -8.97 -2.97 7.37
C LYS A 147 -9.90 -3.56 6.29
N LEU A 148 -9.96 -4.89 6.17
CA LEU A 148 -10.95 -5.51 5.29
C LEU A 148 -12.37 -5.29 5.82
N ALA A 149 -13.36 -5.49 4.94
CA ALA A 149 -14.78 -5.30 5.24
C ALA A 149 -15.61 -6.41 4.57
N PHE A 150 -15.09 -7.64 4.57
CA PHE A 150 -15.66 -8.80 3.89
C PHE A 150 -15.47 -10.02 4.79
N MET A 1 -8.99 10.44 -11.01
CA MET A 1 -8.17 9.47 -10.24
C MET A 1 -6.75 10.01 -10.05
N ALA A 2 -6.19 9.81 -8.85
CA ALA A 2 -4.84 10.24 -8.49
C ALA A 2 -3.76 9.32 -9.11
N GLY A 3 -4.11 8.08 -9.45
CA GLY A 3 -3.21 7.08 -10.00
C GLY A 3 -4.02 5.99 -10.68
N ILE A 4 -3.38 4.86 -11.02
CA ILE A 4 -4.08 3.72 -11.60
C ILE A 4 -5.12 3.18 -10.59
N LEU A 5 -6.22 2.63 -11.08
CA LEU A 5 -7.17 1.90 -10.24
C LEU A 5 -6.47 0.64 -9.75
N PHE A 6 -6.48 0.39 -8.44
CA PHE A 6 -5.91 -0.79 -7.81
C PHE A 6 -6.71 -1.03 -6.52
N GLU A 7 -7.05 -2.29 -6.22
CA GLU A 7 -7.62 -2.67 -4.93
C GLU A 7 -7.35 -4.15 -4.72
N ASP A 8 -6.82 -4.54 -3.56
CA ASP A 8 -6.74 -5.96 -3.17
C ASP A 8 -6.60 -6.09 -1.66
N ILE A 9 -7.08 -7.21 -1.13
CA ILE A 9 -6.92 -7.63 0.25
C ILE A 9 -5.58 -8.35 0.33
N PHE A 10 -4.86 -8.15 1.44
CA PHE A 10 -3.59 -8.76 1.73
C PHE A 10 -3.71 -9.44 3.09
N ASP A 11 -2.96 -10.52 3.24
CA ASP A 11 -3.03 -11.47 4.33
C ASP A 11 -1.62 -11.61 4.91
N VAL A 12 -1.48 -11.36 6.22
CA VAL A 12 -0.19 -11.31 6.88
C VAL A 12 0.41 -12.72 6.92
N LYS A 13 1.65 -12.85 6.46
CA LYS A 13 2.46 -14.05 6.60
C LYS A 13 3.26 -13.97 7.89
N ASP A 14 3.80 -12.79 8.25
CA ASP A 14 4.62 -12.63 9.46
C ASP A 14 4.69 -11.17 9.92
N ILE A 15 5.19 -10.98 11.14
CA ILE A 15 5.36 -9.70 11.83
C ILE A 15 6.75 -9.77 12.49
N ASP A 16 7.49 -8.67 12.44
CA ASP A 16 8.88 -8.58 12.87
C ASP A 16 9.15 -7.18 13.44
N PRO A 17 9.07 -6.97 14.77
CA PRO A 17 9.26 -5.66 15.40
C PRO A 17 10.66 -5.01 15.26
N GLU A 18 11.55 -5.55 14.43
CA GLU A 18 12.88 -5.01 14.14
C GLU A 18 12.74 -3.84 13.15
N GLY A 19 11.96 -2.82 13.53
CA GLY A 19 11.60 -1.69 12.69
C GLY A 19 10.97 -0.56 13.51
N LYS A 20 11.44 -0.35 14.75
CA LYS A 20 10.92 0.65 15.67
C LYS A 20 11.20 2.10 15.23
N LYS A 21 10.60 2.55 14.12
CA LYS A 21 10.60 3.97 13.74
C LYS A 21 9.91 4.75 14.87
N PHE A 22 8.87 4.12 15.42
CA PHE A 22 8.11 4.43 16.61
C PHE A 22 7.77 3.07 17.22
N ASP A 23 7.29 3.02 18.45
CA ASP A 23 6.77 1.77 19.03
C ASP A 23 5.66 1.19 18.16
N ARG A 24 4.78 2.06 17.65
CA ARG A 24 3.66 1.71 16.77
C ARG A 24 4.07 1.33 15.35
N VAL A 25 5.35 1.17 15.00
CA VAL A 25 5.77 0.80 13.64
C VAL A 25 6.58 -0.50 13.73
N SER A 26 6.34 -1.44 12.82
CA SER A 26 7.02 -2.73 12.78
C SER A 26 7.18 -3.20 11.32
N ARG A 27 8.09 -4.14 11.07
CA ARG A 27 8.19 -4.81 9.77
C ARG A 27 7.17 -5.95 9.75
N LEU A 28 6.66 -6.27 8.56
CA LEU A 28 5.67 -7.30 8.30
C LEU A 28 6.01 -7.92 6.93
N HIS A 29 5.40 -9.08 6.67
CA HIS A 29 5.41 -9.78 5.41
C HIS A 29 3.98 -10.21 5.15
N CYS A 30 3.46 -9.99 3.95
CA CYS A 30 2.09 -10.27 3.55
C CYS A 30 2.05 -10.85 2.14
N GLU A 31 0.88 -11.32 1.72
CA GLU A 31 0.61 -11.97 0.45
C GLU A 31 -0.77 -11.50 -0.03
N SER A 32 -0.98 -11.34 -1.33
CA SER A 32 -2.30 -11.00 -1.87
C SER A 32 -3.27 -12.15 -1.61
N GLU A 33 -4.48 -11.85 -1.13
CA GLU A 33 -5.52 -12.85 -1.00
C GLU A 33 -6.05 -13.27 -2.39
N SER A 34 -6.03 -12.37 -3.38
CA SER A 34 -6.72 -12.60 -4.66
C SER A 34 -5.83 -13.06 -5.81
N PHE A 35 -4.49 -12.90 -5.76
CA PHE A 35 -3.64 -13.12 -6.92
C PHE A 35 -2.46 -14.03 -6.56
N LYS A 36 -1.26 -13.47 -6.42
CA LYS A 36 0.01 -14.19 -6.30
C LYS A 36 1.18 -13.30 -5.87
N MET A 37 0.94 -12.04 -5.56
CA MET A 37 1.98 -11.07 -5.29
C MET A 37 2.44 -11.19 -3.83
N ASP A 38 3.70 -10.82 -3.60
CA ASP A 38 4.45 -11.03 -2.37
C ASP A 38 4.89 -9.66 -1.86
N LEU A 39 4.61 -9.37 -0.59
CA LEU A 39 4.76 -8.03 0.00
C LEU A 39 5.64 -8.15 1.24
N ILE A 40 6.57 -7.22 1.40
CA ILE A 40 7.37 -6.99 2.59
C ILE A 40 7.16 -5.50 2.85
N LEU A 41 6.96 -5.08 4.10
CA LEU A 41 6.69 -3.71 4.46
C LEU A 41 7.13 -3.41 5.88
N ASP A 42 7.32 -2.14 6.17
CA ASP A 42 7.58 -1.55 7.46
C ASP A 42 6.52 -0.47 7.57
N VAL A 43 5.57 -0.65 8.48
CA VAL A 43 4.36 0.17 8.54
C VAL A 43 3.88 0.37 9.98
N ASN A 44 3.06 1.41 10.18
CA ASN A 44 2.33 1.67 11.40
C ASN A 44 1.33 0.55 11.64
N ILE A 45 1.37 -0.09 12.82
CA ILE A 45 0.53 -1.22 13.17
C ILE A 45 -0.74 -0.80 13.95
N GLN A 46 -0.93 0.46 14.31
CA GLN A 46 -2.15 0.89 15.02
C GLN A 46 -3.39 0.80 14.10
N ILE A 47 -3.16 0.68 12.79
CA ILE A 47 -4.19 0.41 11.79
C ILE A 47 -4.77 -0.99 12.06
N TYR A 48 -3.94 -1.94 12.51
CA TYR A 48 -4.33 -3.33 12.71
C TYR A 48 -5.09 -3.46 14.03
N PRO A 49 -6.03 -4.41 14.15
CA PRO A 49 -6.84 -4.58 15.36
C PRO A 49 -6.03 -5.12 16.55
N VAL A 50 -4.92 -5.81 16.31
CA VAL A 50 -4.08 -6.43 17.33
C VAL A 50 -2.66 -6.57 16.75
N ASP A 51 -1.65 -6.60 17.62
CA ASP A 51 -0.24 -6.76 17.24
C ASP A 51 0.02 -8.08 16.50
N LEU A 52 -0.79 -9.11 16.77
CA LEU A 52 -0.76 -10.40 16.07
C LEU A 52 -1.12 -10.25 14.58
N GLY A 53 -1.68 -9.13 14.15
CA GLY A 53 -2.03 -8.84 12.78
C GLY A 53 -3.41 -9.42 12.42
N ASP A 54 -3.89 -9.04 11.23
CA ASP A 54 -5.14 -9.45 10.62
C ASP A 54 -5.03 -9.09 9.12
N LYS A 55 -5.96 -9.54 8.28
CA LYS A 55 -6.03 -9.09 6.89
C LYS A 55 -6.25 -7.58 6.85
N PHE A 56 -5.77 -6.94 5.77
CA PHE A 56 -6.03 -5.53 5.48
C PHE A 56 -6.11 -5.36 3.97
N ARG A 57 -6.39 -4.16 3.47
CA ARG A 57 -6.66 -3.90 2.06
C ARG A 57 -5.85 -2.69 1.64
N LEU A 58 -5.25 -2.75 0.45
CA LEU A 58 -4.61 -1.60 -0.19
C LEU A 58 -5.51 -1.22 -1.35
N VAL A 59 -5.62 0.08 -1.63
CA VAL A 59 -6.46 0.63 -2.67
C VAL A 59 -5.82 1.90 -3.21
N ILE A 60 -6.07 2.21 -4.49
CA ILE A 60 -5.65 3.42 -5.16
C ILE A 60 -6.82 3.74 -6.09
N ALA A 61 -7.33 4.97 -6.01
CA ALA A 61 -8.33 5.50 -6.93
C ALA A 61 -8.16 7.02 -6.94
N SER A 62 -8.52 7.69 -5.84
CA SER A 62 -8.36 9.13 -5.68
C SER A 62 -7.95 9.41 -4.23
N THR A 63 -7.21 10.49 -4.02
CA THR A 63 -6.67 10.91 -2.75
C THR A 63 -7.79 11.33 -1.79
N LEU A 64 -7.62 10.99 -0.50
CA LEU A 64 -8.47 11.50 0.57
C LEU A 64 -8.15 12.98 0.84
N TYR A 65 -6.89 13.37 0.60
CA TYR A 65 -6.30 14.65 0.97
C TYR A 65 -6.27 14.82 2.50
N GLU A 66 -5.64 15.91 2.97
CA GLU A 66 -5.44 16.19 4.39
C GLU A 66 -5.61 17.69 4.70
N ASP A 67 -6.20 18.45 3.77
CA ASP A 67 -6.38 19.91 3.86
C ASP A 67 -7.87 20.31 3.71
N GLY A 68 -8.78 19.34 3.84
CA GLY A 68 -10.22 19.57 3.62
C GLY A 68 -10.52 19.91 2.16
N THR A 69 -9.74 19.35 1.23
CA THR A 69 -10.02 19.41 -0.21
C THR A 69 -11.35 18.68 -0.48
N LEU A 70 -11.62 17.60 0.26
CA LEU A 70 -12.93 16.95 0.30
C LEU A 70 -13.75 17.68 1.36
N ASP A 71 -15.06 17.78 1.19
CA ASP A 71 -15.97 18.61 1.99
C ASP A 71 -16.17 18.12 3.43
N ASP A 72 -15.36 17.16 3.88
CA ASP A 72 -15.33 16.62 5.25
C ASP A 72 -14.05 15.81 5.45
N GLY A 73 -13.77 15.01 4.43
CA GLY A 73 -12.53 14.27 4.25
C GLY A 73 -12.31 13.13 5.24
N GLU A 74 -13.37 12.60 5.87
CA GLU A 74 -13.27 11.50 6.82
C GLU A 74 -14.45 10.54 6.62
N TYR A 75 -15.67 11.08 6.53
CA TYR A 75 -16.92 10.36 6.25
C TYR A 75 -17.11 9.11 7.13
N ASN A 76 -16.61 9.15 8.37
CA ASN A 76 -16.66 8.03 9.32
C ASN A 76 -16.94 8.56 10.73
N PRO A 77 -18.18 9.00 11.04
CA PRO A 77 -18.57 9.36 12.40
C PRO A 77 -18.32 8.21 13.40
N THR A 78 -18.42 6.98 12.91
CA THR A 78 -18.20 5.72 13.60
C THR A 78 -16.72 5.45 13.93
N ASP A 79 -15.80 6.40 13.72
CA ASP A 79 -14.39 6.32 14.12
C ASP A 79 -14.24 5.79 15.54
N ASP A 80 -15.03 6.33 16.48
CA ASP A 80 -14.96 6.05 17.91
C ASP A 80 -15.37 4.63 18.29
N ARG A 81 -16.05 3.87 17.42
CA ARG A 81 -16.54 2.53 17.78
C ARG A 81 -15.37 1.59 18.03
N PRO A 82 -14.50 1.27 17.04
CA PRO A 82 -13.25 0.58 17.33
C PRO A 82 -12.18 1.55 17.86
N SER A 83 -12.50 2.84 17.81
CA SER A 83 -11.60 3.96 18.05
C SER A 83 -10.36 3.81 17.15
N ARG A 84 -10.62 3.57 15.86
CA ARG A 84 -9.64 3.44 14.78
C ARG A 84 -10.29 3.93 13.49
N ALA A 85 -9.47 4.41 12.54
CA ALA A 85 -9.94 4.93 11.27
C ALA A 85 -9.75 3.94 10.12
N ASP A 86 -9.16 2.76 10.36
CA ASP A 86 -8.96 1.70 9.35
C ASP A 86 -10.27 1.21 8.73
N GLN A 87 -11.42 1.58 9.30
CA GLN A 87 -12.74 1.38 8.74
C GLN A 87 -12.86 1.95 7.31
N PHE A 88 -12.06 2.96 6.95
CA PHE A 88 -12.08 3.59 5.64
C PHE A 88 -10.65 3.89 5.17
N GLU A 89 -10.55 4.22 3.90
CA GLU A 89 -9.35 4.46 3.12
C GLU A 89 -8.50 5.62 3.71
N TYR A 90 -7.61 5.29 4.64
CA TYR A 90 -6.57 6.18 5.13
C TYR A 90 -5.58 6.39 3.99
N VAL A 91 -4.87 7.53 3.94
CA VAL A 91 -4.06 7.94 2.79
C VAL A 91 -2.57 8.01 3.15
N MET A 92 -1.72 7.80 2.15
CA MET A 92 -0.27 7.80 2.24
C MET A 92 0.29 8.28 0.89
N TYR A 93 1.51 8.82 0.94
CA TYR A 93 2.19 9.47 -0.18
C TYR A 93 3.65 8.98 -0.15
N GLY A 94 4.28 8.76 -1.31
CA GLY A 94 5.58 8.09 -1.34
C GLY A 94 6.42 8.40 -2.57
N LYS A 95 7.39 7.52 -2.84
CA LYS A 95 8.23 7.51 -4.03
C LYS A 95 8.45 6.04 -4.38
N VAL A 96 7.96 5.59 -5.54
CA VAL A 96 8.15 4.24 -6.04
C VAL A 96 9.52 4.19 -6.74
N TYR A 97 10.16 3.03 -6.69
CA TYR A 97 11.41 2.66 -7.31
C TYR A 97 11.19 1.25 -7.87
N ARG A 98 11.85 0.83 -8.95
CA ARG A 98 11.60 -0.47 -9.58
C ARG A 98 12.79 -0.97 -10.38
N ILE A 99 12.77 -2.24 -10.78
CA ILE A 99 13.72 -2.81 -11.74
C ILE A 99 12.93 -3.35 -12.94
N GLU A 100 13.65 -3.87 -13.95
CA GLU A 100 13.10 -4.34 -15.21
C GLU A 100 12.22 -5.60 -15.09
N GLY A 101 12.12 -6.19 -13.91
CA GLY A 101 11.44 -7.44 -13.62
C GLY A 101 11.59 -7.71 -12.13
N ASP A 102 12.02 -8.93 -11.80
CA ASP A 102 12.43 -9.34 -10.45
C ASP A 102 13.88 -9.85 -10.39
N GLU A 103 14.36 -10.27 -11.56
CA GLU A 103 15.74 -10.60 -11.87
C GLU A 103 16.37 -11.52 -10.80
N THR A 104 15.77 -12.69 -10.62
CA THR A 104 16.40 -13.75 -9.82
C THR A 104 17.73 -14.12 -10.50
N SER A 105 17.55 -14.49 -11.77
CA SER A 105 18.43 -14.79 -12.87
C SER A 105 17.53 -14.81 -14.11
N THR A 106 16.33 -15.39 -13.98
CA THR A 106 15.37 -15.69 -15.05
C THR A 106 14.11 -16.26 -14.36
N GLU A 107 14.34 -17.19 -13.41
CA GLU A 107 13.35 -18.04 -12.76
C GLU A 107 12.10 -17.34 -12.20
N ALA A 108 12.17 -16.06 -11.82
CA ALA A 108 10.96 -15.31 -11.46
C ALA A 108 11.00 -13.88 -11.98
N ALA A 109 11.89 -13.58 -12.92
CA ALA A 109 11.99 -12.28 -13.56
C ALA A 109 10.75 -11.88 -14.38
N THR A 110 9.83 -12.82 -14.47
CA THR A 110 8.48 -12.71 -15.02
C THR A 110 7.54 -11.83 -14.20
N ARG A 111 7.89 -11.64 -12.94
CA ARG A 111 7.24 -10.67 -12.09
C ARG A 111 7.94 -9.35 -12.29
N LEU A 112 7.20 -8.28 -12.06
CA LEU A 112 7.73 -6.94 -11.94
C LEU A 112 7.80 -6.71 -10.43
N SER A 113 8.85 -6.04 -9.99
CA SER A 113 9.09 -5.80 -8.58
C SER A 113 9.42 -4.33 -8.39
N ALA A 114 8.88 -3.76 -7.33
CA ALA A 114 9.03 -2.36 -6.98
C ALA A 114 9.30 -2.26 -5.49
N TYR A 115 10.05 -1.24 -5.13
CA TYR A 115 10.26 -0.80 -3.76
C TYR A 115 9.54 0.53 -3.68
N VAL A 116 8.90 0.85 -2.58
CA VAL A 116 8.22 2.12 -2.45
C VAL A 116 8.35 2.59 -1.03
N SER A 117 8.85 3.82 -0.90
CA SER A 117 9.09 4.46 0.37
C SER A 117 7.91 5.41 0.58
N TYR A 118 7.40 5.50 1.80
CA TYR A 118 6.15 6.17 2.13
C TYR A 118 6.36 7.02 3.39
N GLY A 119 6.96 8.19 3.24
CA GLY A 119 7.06 9.18 4.31
C GLY A 119 7.83 8.69 5.55
N GLY A 120 8.67 7.67 5.41
CA GLY A 120 9.41 7.02 6.51
C GLY A 120 9.07 5.55 6.66
N LEU A 121 7.87 5.13 6.20
CA LEU A 121 7.48 3.73 6.07
C LEU A 121 8.03 3.20 4.75
N LEU A 122 8.01 1.88 4.53
CA LEU A 122 8.63 1.25 3.36
C LEU A 122 7.84 0.01 2.96
N MET A 123 7.91 -0.40 1.69
CA MET A 123 7.41 -1.68 1.20
C MET A 123 8.31 -2.14 0.04
N ARG A 124 8.26 -3.43 -0.26
CA ARG A 124 8.82 -4.09 -1.44
C ARG A 124 7.74 -5.04 -1.89
N LEU A 125 7.27 -4.95 -3.12
CA LEU A 125 6.15 -5.73 -3.63
C LEU A 125 6.59 -6.29 -4.98
N GLN A 126 6.39 -7.60 -5.18
CA GLN A 126 6.58 -8.25 -6.47
C GLN A 126 5.32 -8.97 -6.85
N GLY A 127 4.96 -8.92 -8.13
CA GLY A 127 3.78 -9.57 -8.67
C GLY A 127 3.90 -9.63 -10.17
N ASP A 128 2.92 -10.22 -10.86
CA ASP A 128 2.90 -10.13 -12.31
C ASP A 128 2.91 -8.65 -12.71
N ALA A 129 3.62 -8.28 -13.78
CA ALA A 129 3.72 -6.89 -14.24
C ALA A 129 2.37 -6.15 -14.20
N ASN A 130 1.37 -6.60 -14.96
CA ASN A 130 0.07 -5.91 -15.03
C ASN A 130 -0.75 -6.03 -13.74
N ASN A 131 -0.32 -6.91 -12.85
CA ASN A 131 -0.88 -7.07 -11.51
C ASN A 131 -0.27 -6.06 -10.55
N LEU A 132 0.97 -5.62 -10.80
CA LEU A 132 1.59 -4.51 -10.10
C LEU A 132 0.97 -3.21 -10.64
N HIS A 133 0.72 -3.17 -11.95
CA HIS A 133 0.12 -2.08 -12.72
C HIS A 133 0.74 -0.68 -12.49
N GLY A 134 1.90 -0.58 -11.84
CA GLY A 134 2.46 0.69 -11.39
C GLY A 134 3.02 1.47 -12.57
N PHE A 135 3.95 0.86 -13.31
CA PHE A 135 4.66 1.35 -14.49
C PHE A 135 5.16 2.80 -14.39
N GLU A 136 5.38 3.30 -13.17
CA GLU A 136 5.66 4.70 -12.87
C GLU A 136 6.25 4.77 -11.48
N VAL A 137 7.34 5.53 -11.36
CA VAL A 137 7.94 5.90 -10.10
C VAL A 137 7.00 6.86 -9.33
N ASP A 138 5.97 7.39 -10.02
CA ASP A 138 5.13 8.47 -9.49
C ASP A 138 3.63 8.27 -9.70
N SER A 139 3.20 7.04 -10.02
CA SER A 139 1.76 6.73 -9.99
C SER A 139 1.39 6.26 -8.59
N ARG A 140 1.91 5.08 -8.18
CA ARG A 140 1.45 4.45 -6.95
C ARG A 140 2.08 5.04 -5.70
N VAL A 141 2.71 6.21 -5.85
CA VAL A 141 3.12 7.03 -4.73
C VAL A 141 1.89 7.41 -3.93
N TYR A 142 0.74 7.63 -4.60
CA TYR A 142 -0.53 7.80 -3.92
C TYR A 142 -0.99 6.39 -3.56
N LEU A 143 -1.18 6.11 -2.27
CA LEU A 143 -1.58 4.81 -1.77
C LEU A 143 -2.57 5.04 -0.66
N LEU A 144 -3.62 4.21 -0.58
CA LEU A 144 -4.59 4.24 0.49
C LEU A 144 -4.76 2.82 1.02
N MET A 145 -5.20 2.68 2.27
CA MET A 145 -5.41 1.36 2.89
C MET A 145 -6.56 1.40 3.89
N LYS A 146 -7.22 0.25 4.08
CA LYS A 146 -8.36 0.08 4.97
C LYS A 146 -8.52 -1.38 5.37
N LYS A 147 -9.56 -1.70 6.15
CA LYS A 147 -10.00 -3.05 6.48
C LYS A 147 -10.23 -3.92 5.23
N LEU A 148 -10.24 -5.24 5.43
CA LEU A 148 -10.67 -6.21 4.42
C LEU A 148 -12.08 -5.91 3.90
N ALA A 149 -12.46 -6.54 2.79
CA ALA A 149 -13.82 -6.46 2.25
C ALA A 149 -14.68 -7.55 2.89
N PHE A 150 -15.31 -7.23 4.03
CA PHE A 150 -16.29 -8.08 4.68
C PHE A 150 -17.23 -7.18 5.49
N MET A 1 -11.02 8.31 -9.80
CA MET A 1 -9.66 8.64 -9.27
C MET A 1 -8.88 9.41 -10.34
N ALA A 2 -8.11 10.43 -9.95
CA ALA A 2 -7.28 11.25 -10.84
C ALA A 2 -5.98 10.53 -11.24
N GLY A 3 -6.05 9.22 -11.51
CA GLY A 3 -4.92 8.36 -11.82
C GLY A 3 -5.42 6.92 -12.00
N ILE A 4 -4.48 5.99 -12.20
CA ILE A 4 -4.79 4.56 -12.27
C ILE A 4 -5.36 4.10 -10.92
N LEU A 5 -6.13 3.00 -10.92
CA LEU A 5 -6.82 2.46 -9.76
C LEU A 5 -6.57 0.96 -9.74
N PHE A 6 -6.26 0.44 -8.56
CA PHE A 6 -6.12 -0.98 -8.26
C PHE A 6 -6.58 -1.17 -6.81
N GLU A 7 -7.11 -2.35 -6.48
CA GLU A 7 -7.56 -2.69 -5.14
C GLU A 7 -7.46 -4.21 -4.95
N ASP A 8 -7.06 -4.67 -3.75
CA ASP A 8 -7.14 -6.10 -3.38
C ASP A 8 -7.15 -6.23 -1.85
N ILE A 9 -7.63 -7.37 -1.35
CA ILE A 9 -7.49 -7.75 0.06
C ILE A 9 -6.03 -8.22 0.18
N PHE A 10 -5.44 -8.05 1.36
CA PHE A 10 -4.11 -8.52 1.69
C PHE A 10 -4.17 -9.25 3.02
N ASP A 11 -3.23 -10.16 3.22
CA ASP A 11 -3.16 -11.07 4.34
C ASP A 11 -1.76 -10.95 4.93
N VAL A 12 -1.66 -10.62 6.22
CA VAL A 12 -0.41 -10.47 6.93
C VAL A 12 0.11 -11.88 7.22
N LYS A 13 1.14 -12.28 6.48
CA LYS A 13 1.81 -13.56 6.64
C LYS A 13 2.65 -13.56 7.92
N ASP A 14 3.30 -12.44 8.27
CA ASP A 14 4.07 -12.32 9.51
C ASP A 14 4.29 -10.85 9.91
N ILE A 15 4.74 -10.64 11.14
CA ILE A 15 5.03 -9.35 11.77
C ILE A 15 6.41 -9.49 12.42
N ASP A 16 7.24 -8.46 12.33
CA ASP A 16 8.65 -8.49 12.73
C ASP A 16 9.06 -7.12 13.31
N PRO A 17 8.99 -6.91 14.63
CA PRO A 17 9.32 -5.64 15.28
C PRO A 17 10.79 -5.17 15.18
N GLU A 18 11.61 -5.77 14.31
CA GLU A 18 12.96 -5.32 14.00
C GLU A 18 12.90 -4.13 13.03
N GLY A 19 12.12 -3.10 13.38
CA GLY A 19 11.77 -1.98 12.52
C GLY A 19 10.98 -0.92 13.29
N LYS A 20 11.38 -0.61 14.53
CA LYS A 20 10.67 0.35 15.38
C LYS A 20 10.95 1.78 14.91
N LYS A 21 10.43 2.16 13.74
CA LYS A 21 10.41 3.55 13.27
C LYS A 21 9.75 4.43 14.35
N PHE A 22 8.70 3.87 14.95
CA PHE A 22 7.97 4.32 16.13
C PHE A 22 7.51 3.03 16.82
N ASP A 23 7.01 3.10 18.06
CA ASP A 23 6.53 1.91 18.77
C ASP A 23 5.36 1.24 18.05
N ARG A 24 4.51 2.03 17.37
CA ARG A 24 3.42 1.49 16.55
C ARG A 24 3.87 1.11 15.14
N VAL A 25 5.15 1.06 14.79
CA VAL A 25 5.61 0.67 13.46
C VAL A 25 6.50 -0.56 13.61
N SER A 26 6.39 -1.49 12.67
CA SER A 26 7.23 -2.68 12.60
C SER A 26 7.43 -3.07 11.13
N ARG A 27 8.26 -4.08 10.87
CA ARG A 27 8.36 -4.70 9.56
C ARG A 27 7.26 -5.76 9.49
N LEU A 28 6.73 -6.01 8.30
CA LEU A 28 5.58 -6.85 8.02
C LEU A 28 5.92 -7.63 6.75
N HIS A 29 5.29 -8.80 6.62
CA HIS A 29 5.34 -9.66 5.44
C HIS A 29 3.89 -10.01 5.14
N CYS A 30 3.46 -9.78 3.90
CA CYS A 30 2.07 -9.85 3.47
C CYS A 30 1.99 -10.43 2.06
N GLU A 31 0.78 -10.81 1.66
CA GLU A 31 0.47 -11.33 0.32
C GLU A 31 -0.91 -10.84 -0.09
N SER A 32 -1.09 -10.46 -1.36
CA SER A 32 -2.39 -10.08 -1.91
C SER A 32 -3.25 -11.34 -2.06
N GLU A 33 -4.53 -11.26 -1.70
CA GLU A 33 -5.45 -12.38 -1.72
C GLU A 33 -5.76 -12.83 -3.15
N SER A 34 -5.78 -11.90 -4.12
CA SER A 34 -6.22 -12.13 -5.48
C SER A 34 -5.09 -11.94 -6.50
N PHE A 35 -4.13 -11.04 -6.22
CA PHE A 35 -3.10 -10.62 -7.17
C PHE A 35 -1.68 -11.06 -6.79
N LYS A 36 -1.56 -11.96 -5.82
CA LYS A 36 -0.35 -12.69 -5.41
C LYS A 36 0.97 -11.90 -5.26
N MET A 37 0.94 -10.58 -5.07
CA MET A 37 2.19 -9.84 -4.85
C MET A 37 2.79 -10.33 -3.54
N ASP A 38 4.05 -10.76 -3.59
CA ASP A 38 4.85 -11.06 -2.41
C ASP A 38 5.30 -9.69 -1.90
N LEU A 39 4.92 -9.32 -0.67
CA LEU A 39 5.08 -7.97 -0.17
C LEU A 39 5.77 -8.00 1.20
N ILE A 40 6.81 -7.18 1.34
CA ILE A 40 7.48 -6.86 2.58
C ILE A 40 7.27 -5.35 2.72
N LEU A 41 7.04 -4.86 3.93
CA LEU A 41 6.84 -3.45 4.21
C LEU A 41 7.20 -3.12 5.65
N ASP A 42 7.39 -1.84 5.92
CA ASP A 42 7.70 -1.26 7.22
C ASP A 42 6.60 -0.23 7.39
N VAL A 43 5.64 -0.53 8.27
CA VAL A 43 4.39 0.22 8.39
C VAL A 43 3.85 0.18 9.82
N ASN A 44 2.88 1.06 10.07
CA ASN A 44 2.06 1.10 11.28
C ASN A 44 1.36 -0.24 11.49
N ILE A 45 1.40 -0.77 12.72
CA ILE A 45 0.82 -2.06 13.09
C ILE A 45 -0.43 -1.96 13.96
N GLN A 46 -0.93 -0.77 14.32
CA GLN A 46 -2.14 -0.65 15.14
C GLN A 46 -3.39 -1.14 14.38
N ILE A 47 -3.27 -1.30 13.06
CA ILE A 47 -4.25 -1.94 12.19
C ILE A 47 -4.42 -3.42 12.59
N TYR A 48 -3.38 -4.02 13.18
CA TYR A 48 -3.28 -5.46 13.41
C TYR A 48 -3.22 -5.80 14.91
N PRO A 49 -3.56 -7.05 15.30
CA PRO A 49 -3.43 -7.53 16.68
C PRO A 49 -1.98 -7.91 17.04
N VAL A 50 -1.11 -8.08 16.04
CA VAL A 50 0.31 -8.51 16.05
C VAL A 50 0.62 -9.84 16.77
N ASP A 51 -0.25 -10.35 17.64
CA ASP A 51 -0.12 -11.66 18.27
C ASP A 51 -0.27 -12.80 17.25
N LEU A 52 -0.95 -12.52 16.13
CA LEU A 52 -1.24 -13.44 15.04
C LEU A 52 -1.36 -12.60 13.76
N GLY A 53 -1.28 -13.25 12.59
CA GLY A 53 -1.61 -12.62 11.31
C GLY A 53 -3.07 -12.16 11.27
N ASP A 54 -3.39 -11.29 10.32
CA ASP A 54 -4.69 -10.63 10.17
C ASP A 54 -4.87 -10.21 8.71
N LYS A 55 -6.02 -9.66 8.34
CA LYS A 55 -6.36 -9.31 6.95
C LYS A 55 -6.80 -7.85 6.89
N PHE A 56 -6.57 -7.22 5.75
CA PHE A 56 -6.88 -5.82 5.47
C PHE A 56 -7.12 -5.67 3.97
N ARG A 57 -7.46 -4.47 3.49
CA ARG A 57 -7.70 -4.18 2.08
C ARG A 57 -6.87 -2.97 1.71
N LEU A 58 -6.34 -2.93 0.49
CA LEU A 58 -5.36 -1.95 0.04
C LEU A 58 -5.81 -1.46 -1.33
N VAL A 59 -5.66 -0.15 -1.55
CA VAL A 59 -6.21 0.56 -2.70
C VAL A 59 -5.16 1.59 -3.14
N ILE A 60 -4.99 1.75 -4.45
CA ILE A 60 -4.18 2.81 -5.04
C ILE A 60 -5.11 4.02 -5.20
N ALA A 61 -5.57 4.61 -4.08
CA ALA A 61 -6.63 5.61 -4.09
C ALA A 61 -6.61 6.56 -2.88
N SER A 62 -5.46 6.86 -2.27
CA SER A 62 -5.38 7.91 -1.25
C SER A 62 -5.66 9.31 -1.80
N THR A 63 -5.78 9.44 -3.13
CA THR A 63 -6.02 10.66 -3.88
C THR A 63 -7.15 11.51 -3.27
N LEU A 64 -7.02 12.82 -3.36
CA LEU A 64 -8.02 13.80 -2.93
C LEU A 64 -8.09 14.81 -4.07
N TYR A 65 -9.30 15.05 -4.58
CA TYR A 65 -9.57 16.01 -5.65
C TYR A 65 -9.43 17.43 -5.08
N GLU A 66 -8.21 17.86 -4.77
CA GLU A 66 -7.90 19.17 -4.18
C GLU A 66 -8.30 20.34 -5.08
N ASP A 67 -8.55 20.08 -6.37
CA ASP A 67 -9.15 21.01 -7.33
C ASP A 67 -10.57 21.41 -6.92
N GLY A 68 -11.23 20.62 -6.08
CA GLY A 68 -12.60 20.83 -5.63
C GLY A 68 -13.61 20.17 -6.58
N THR A 69 -13.18 19.23 -7.42
CA THR A 69 -13.97 18.67 -8.50
C THR A 69 -15.25 17.98 -7.98
N LEU A 70 -15.19 17.39 -6.77
CA LEU A 70 -16.35 16.80 -6.11
C LEU A 70 -17.02 17.82 -5.20
N ASP A 71 -16.24 18.67 -4.52
CA ASP A 71 -16.77 19.70 -3.61
C ASP A 71 -17.69 20.71 -4.31
N ASP A 72 -17.58 20.83 -5.64
CA ASP A 72 -18.47 21.62 -6.50
C ASP A 72 -19.92 21.12 -6.52
N GLY A 73 -20.16 19.97 -5.89
CA GLY A 73 -21.47 19.41 -5.59
C GLY A 73 -21.50 19.06 -4.11
N GLU A 74 -20.86 17.96 -3.73
CA GLU A 74 -20.58 17.55 -2.35
C GLU A 74 -19.39 16.60 -2.40
N TYR A 75 -18.53 16.68 -1.38
CA TYR A 75 -17.44 15.71 -1.14
C TYR A 75 -17.76 14.93 0.15
N ASN A 76 -19.04 14.87 0.51
CA ASN A 76 -19.59 14.35 1.76
C ASN A 76 -20.94 13.61 1.59
N PRO A 77 -21.29 12.99 0.44
CA PRO A 77 -22.64 12.49 0.19
C PRO A 77 -23.10 11.48 1.25
N THR A 78 -22.29 10.44 1.46
CA THR A 78 -22.54 9.33 2.36
C THR A 78 -21.27 8.99 3.17
N ASP A 79 -20.17 9.72 2.94
CA ASP A 79 -18.91 9.54 3.65
C ASP A 79 -19.02 9.90 5.13
N ASP A 80 -19.95 10.81 5.46
CA ASP A 80 -20.13 11.37 6.81
C ASP A 80 -21.58 11.26 7.29
N ARG A 81 -22.57 11.37 6.40
CA ARG A 81 -23.96 11.09 6.75
C ARG A 81 -24.04 9.62 7.20
N PRO A 82 -24.66 9.33 8.36
CA PRO A 82 -24.66 8.05 9.06
C PRO A 82 -23.56 7.05 8.67
N SER A 83 -22.31 7.50 8.81
CA SER A 83 -21.08 6.76 8.55
C SER A 83 -20.01 7.24 9.53
N ARG A 84 -18.90 6.50 9.66
CA ARG A 84 -17.79 6.81 10.58
C ARG A 84 -16.47 6.52 9.86
N ALA A 85 -15.35 6.98 10.42
CA ALA A 85 -14.04 6.78 9.80
C ALA A 85 -13.65 5.30 9.71
N ASP A 86 -14.35 4.40 10.42
CA ASP A 86 -14.21 2.93 10.33
C ASP A 86 -14.29 2.41 8.88
N GLN A 87 -14.87 3.18 7.97
CA GLN A 87 -14.86 2.91 6.52
C GLN A 87 -13.45 2.65 5.97
N PHE A 88 -12.39 3.26 6.55
CA PHE A 88 -11.05 3.26 5.99
C PHE A 88 -9.98 3.24 7.10
N GLU A 89 -8.70 3.13 6.68
CA GLU A 89 -7.53 3.30 7.53
C GLU A 89 -6.57 4.37 6.96
N TYR A 90 -6.82 4.83 5.72
CA TYR A 90 -6.01 5.85 5.04
C TYR A 90 -4.58 5.31 4.86
N VAL A 91 -3.55 6.17 4.86
CA VAL A 91 -2.10 5.91 4.92
C VAL A 91 -1.32 7.08 4.28
N MET A 92 -1.01 7.09 2.97
CA MET A 92 -0.04 8.08 2.45
C MET A 92 0.02 8.21 0.91
N TYR A 93 1.01 9.01 0.50
CA TYR A 93 1.53 9.23 -0.84
C TYR A 93 3.04 8.95 -0.76
N GLY A 94 3.71 8.58 -1.86
CA GLY A 94 5.11 8.20 -1.80
C GLY A 94 5.83 8.34 -3.13
N LYS A 95 6.86 7.50 -3.34
CA LYS A 95 7.56 7.30 -4.59
C LYS A 95 7.87 5.81 -4.70
N VAL A 96 7.88 5.27 -5.92
CA VAL A 96 8.19 3.87 -6.19
C VAL A 96 9.33 3.82 -7.22
N TYR A 97 10.34 2.98 -6.99
CA TYR A 97 11.59 2.95 -7.74
C TYR A 97 12.13 1.51 -7.87
N ARG A 98 12.05 0.91 -9.06
CA ARG A 98 12.71 -0.36 -9.40
C ARG A 98 12.88 -0.45 -10.93
N ILE A 99 13.69 -1.42 -11.36
CA ILE A 99 13.91 -1.78 -12.76
C ILE A 99 12.63 -2.28 -13.44
N GLU A 100 12.72 -2.39 -14.76
CA GLU A 100 11.70 -2.84 -15.72
C GLU A 100 11.18 -4.29 -15.53
N GLY A 101 11.62 -5.01 -14.50
CA GLY A 101 11.27 -6.41 -14.29
C GLY A 101 11.68 -7.29 -15.47
N ASP A 102 12.90 -7.07 -15.98
CA ASP A 102 13.56 -7.92 -16.97
C ASP A 102 15.04 -7.93 -16.61
N GLU A 103 15.43 -8.74 -15.62
CA GLU A 103 16.78 -8.68 -15.04
C GLU A 103 17.44 -10.07 -14.96
N THR A 104 16.87 -11.06 -15.66
CA THR A 104 17.26 -12.47 -15.63
C THR A 104 16.50 -13.15 -16.77
N SER A 105 15.87 -14.28 -16.46
CA SER A 105 15.11 -15.13 -17.34
C SER A 105 13.92 -15.72 -16.57
N THR A 106 13.86 -15.54 -15.24
CA THR A 106 12.82 -16.12 -14.42
C THR A 106 12.41 -15.15 -13.31
N GLU A 107 13.06 -15.24 -12.15
CA GLU A 107 12.68 -14.58 -10.90
C GLU A 107 12.52 -13.05 -10.94
N ALA A 108 13.04 -12.36 -11.95
CA ALA A 108 12.85 -10.91 -12.10
C ALA A 108 12.78 -10.59 -13.60
N ALA A 109 12.33 -11.58 -14.40
CA ALA A 109 11.99 -11.43 -15.79
C ALA A 109 10.59 -11.92 -16.16
N THR A 110 9.89 -12.45 -15.17
CA THR A 110 8.50 -12.91 -15.24
C THR A 110 7.59 -12.26 -14.21
N ARG A 111 8.20 -11.54 -13.28
CA ARG A 111 7.58 -10.73 -12.27
C ARG A 111 8.24 -9.38 -12.33
N LEU A 112 7.43 -8.34 -12.21
CA LEU A 112 7.89 -6.98 -12.04
C LEU A 112 8.14 -6.81 -10.53
N SER A 113 9.05 -5.91 -10.19
CA SER A 113 9.47 -5.66 -8.82
C SER A 113 9.23 -4.18 -8.52
N ALA A 114 8.97 -3.83 -7.27
CA ALA A 114 8.75 -2.46 -6.84
C ALA A 114 9.25 -2.30 -5.41
N TYR A 115 9.89 -1.17 -5.12
CA TYR A 115 10.26 -0.73 -3.78
C TYR A 115 9.54 0.60 -3.64
N VAL A 116 8.87 0.85 -2.52
CA VAL A 116 8.06 2.04 -2.31
C VAL A 116 8.57 2.71 -1.04
N SER A 117 8.59 4.03 -1.04
CA SER A 117 9.06 4.85 0.06
C SER A 117 8.01 5.94 0.26
N TYR A 118 7.45 6.05 1.47
CA TYR A 118 6.28 6.90 1.72
C TYR A 118 6.34 7.45 3.15
N GLY A 119 6.67 8.73 3.29
CA GLY A 119 6.65 9.42 4.59
C GLY A 119 7.55 8.78 5.64
N GLY A 120 8.64 8.10 5.23
CA GLY A 120 9.56 7.41 6.13
C GLY A 120 9.19 5.95 6.38
N LEU A 121 8.08 5.47 5.82
CA LEU A 121 7.67 4.06 5.82
C LEU A 121 8.13 3.45 4.48
N LEU A 122 8.15 2.12 4.36
CA LEU A 122 8.81 1.46 3.22
C LEU A 122 8.05 0.19 2.76
N MET A 123 8.31 -0.28 1.54
CA MET A 123 7.87 -1.57 1.00
C MET A 123 8.94 -2.09 0.03
N ARG A 124 8.99 -3.41 -0.15
CA ARG A 124 9.75 -4.12 -1.17
C ARG A 124 8.86 -5.27 -1.61
N LEU A 125 8.57 -5.42 -2.90
CA LEU A 125 7.61 -6.40 -3.39
C LEU A 125 7.91 -6.87 -4.81
N GLN A 126 7.30 -7.99 -5.17
CA GLN A 126 7.26 -8.51 -6.53
C GLN A 126 5.86 -9.03 -6.82
N GLY A 127 5.49 -9.08 -8.11
CA GLY A 127 4.29 -9.74 -8.58
C GLY A 127 4.35 -9.80 -10.10
N ASP A 128 3.37 -10.46 -10.74
CA ASP A 128 3.27 -10.37 -12.20
C ASP A 128 3.17 -8.90 -12.60
N ALA A 129 3.79 -8.47 -13.70
CA ALA A 129 3.69 -7.09 -14.16
C ALA A 129 2.24 -6.59 -14.17
N ASN A 130 1.31 -7.36 -14.74
CA ASN A 130 -0.12 -7.02 -14.78
C ASN A 130 -0.69 -6.78 -13.40
N ASN A 131 -0.20 -7.57 -12.47
CA ASN A 131 -0.63 -7.63 -11.09
C ASN A 131 -0.03 -6.49 -10.28
N LEU A 132 1.05 -5.83 -10.74
CA LEU A 132 1.50 -4.60 -10.09
C LEU A 132 0.50 -3.48 -10.39
N HIS A 133 -0.19 -3.57 -11.53
CA HIS A 133 -1.33 -2.75 -11.97
C HIS A 133 -1.15 -1.23 -11.73
N GLY A 134 0.09 -0.75 -11.86
CA GLY A 134 0.45 0.60 -11.46
C GLY A 134 1.97 0.71 -11.46
N PHE A 135 2.57 0.74 -12.64
CA PHE A 135 4.01 0.63 -12.83
C PHE A 135 4.71 1.97 -13.10
N GLU A 136 3.99 3.09 -13.05
CA GLU A 136 4.61 4.41 -13.06
C GLU A 136 5.27 4.63 -11.72
N VAL A 137 6.35 5.42 -11.75
CA VAL A 137 7.02 5.97 -10.56
C VAL A 137 6.04 6.80 -9.72
N ASP A 138 4.84 7.02 -10.25
CA ASP A 138 3.75 7.81 -9.67
C ASP A 138 2.39 7.12 -9.81
N SER A 139 2.36 5.82 -10.10
CA SER A 139 1.11 5.06 -9.99
C SER A 139 0.88 4.68 -8.54
N ARG A 140 1.62 3.67 -8.06
CA ARG A 140 1.36 3.05 -6.76
C ARG A 140 1.94 3.84 -5.60
N VAL A 141 2.27 5.09 -5.85
CA VAL A 141 2.60 6.01 -4.78
C VAL A 141 1.34 6.31 -3.97
N TYR A 142 0.16 6.28 -4.58
CA TYR A 142 -1.08 6.47 -3.84
C TYR A 142 -1.31 5.21 -3.03
N LEU A 143 -1.46 5.33 -1.71
CA LEU A 143 -1.53 4.21 -0.80
C LEU A 143 -2.62 4.48 0.24
N LEU A 144 -3.76 3.82 0.05
CA LEU A 144 -4.89 3.81 0.95
C LEU A 144 -5.02 2.37 1.46
N MET A 145 -5.22 2.21 2.76
CA MET A 145 -5.55 0.95 3.39
C MET A 145 -6.91 1.11 4.06
N LYS A 146 -7.60 -0.01 4.25
CA LYS A 146 -8.91 -0.12 4.86
C LYS A 146 -8.96 -1.46 5.60
N LYS A 147 -9.91 -1.61 6.52
CA LYS A 147 -10.20 -2.91 7.14
C LYS A 147 -10.81 -3.86 6.10
N LEU A 148 -11.20 -5.05 6.55
CA LEU A 148 -11.99 -5.97 5.75
C LEU A 148 -13.28 -5.31 5.29
N ALA A 149 -13.42 -5.24 3.98
CA ALA A 149 -14.59 -4.86 3.25
C ALA A 149 -14.53 -5.80 2.05
N PHE A 150 -15.69 -6.25 1.58
CA PHE A 150 -15.80 -7.24 0.52
C PHE A 150 -16.65 -6.65 -0.60
N MET A 1 -10.50 10.89 -11.09
CA MET A 1 -9.65 10.32 -10.02
C MET A 1 -10.45 9.31 -9.16
N ALA A 2 -9.80 8.69 -8.17
CA ALA A 2 -10.38 7.67 -7.28
C ALA A 2 -11.06 6.55 -8.10
N GLY A 3 -12.15 5.97 -7.58
CA GLY A 3 -12.93 4.96 -8.29
C GLY A 3 -12.25 3.59 -8.29
N ILE A 4 -11.44 3.30 -7.25
CA ILE A 4 -10.69 2.05 -7.05
C ILE A 4 -10.14 1.45 -8.35
N LEU A 5 -9.32 2.25 -9.06
CA LEU A 5 -8.61 1.87 -10.29
C LEU A 5 -7.88 0.54 -10.13
N PHE A 6 -7.31 0.28 -8.94
CA PHE A 6 -6.77 -1.01 -8.57
C PHE A 6 -7.01 -1.21 -7.08
N GLU A 7 -7.30 -2.44 -6.66
CA GLU A 7 -7.61 -2.83 -5.30
C GLU A 7 -7.18 -4.30 -5.11
N ASP A 8 -6.59 -4.65 -3.96
CA ASP A 8 -5.98 -5.97 -3.74
C ASP A 8 -5.98 -6.30 -2.23
N ILE A 9 -6.72 -7.35 -1.84
CA ILE A 9 -6.81 -7.80 -0.44
C ILE A 9 -5.46 -8.44 -0.09
N PHE A 10 -5.00 -8.27 1.16
CA PHE A 10 -3.78 -8.90 1.64
C PHE A 10 -3.93 -9.31 3.11
N ASP A 11 -3.07 -10.25 3.51
CA ASP A 11 -3.04 -10.90 4.80
C ASP A 11 -1.59 -10.97 5.28
N VAL A 12 -1.35 -10.52 6.51
CA VAL A 12 -0.05 -10.58 7.16
C VAL A 12 0.29 -12.06 7.39
N LYS A 13 1.46 -12.48 6.92
CA LYS A 13 1.96 -13.84 7.06
C LYS A 13 3.11 -13.89 8.09
N ASP A 14 3.84 -12.79 8.30
CA ASP A 14 4.85 -12.72 9.37
C ASP A 14 5.07 -11.28 9.81
N ILE A 15 5.74 -11.10 10.94
CA ILE A 15 5.93 -9.86 11.68
C ILE A 15 7.34 -9.89 12.28
N ASP A 16 8.04 -8.76 12.29
CA ASP A 16 9.31 -8.57 12.98
C ASP A 16 9.41 -7.13 13.47
N PRO A 17 9.16 -6.82 14.75
CA PRO A 17 9.30 -5.46 15.28
C PRO A 17 10.73 -4.90 15.28
N GLU A 18 11.70 -5.69 14.86
CA GLU A 18 13.15 -5.43 14.84
C GLU A 18 13.66 -4.64 16.05
N GLY A 19 13.22 -5.03 17.25
CA GLY A 19 13.62 -4.40 18.52
C GLY A 19 12.56 -3.43 19.07
N LYS A 20 11.34 -3.44 18.50
CA LYS A 20 10.27 -2.48 18.74
C LYS A 20 10.82 -1.05 18.69
N LYS A 21 11.24 -0.64 17.49
CA LYS A 21 11.85 0.67 17.23
C LYS A 21 11.03 1.80 17.82
N PHE A 22 9.71 1.69 17.70
CA PHE A 22 8.73 2.53 18.37
C PHE A 22 7.60 1.58 18.76
N ASP A 23 6.81 1.94 19.77
CA ASP A 23 5.78 1.07 20.38
C ASP A 23 4.65 0.63 19.44
N ARG A 24 4.63 1.13 18.19
CA ARG A 24 3.59 0.86 17.20
C ARG A 24 4.15 0.85 15.78
N VAL A 25 5.43 0.52 15.57
CA VAL A 25 6.02 0.47 14.24
C VAL A 25 6.80 -0.85 14.15
N SER A 26 6.52 -1.65 13.11
CA SER A 26 7.04 -3.00 12.96
C SER A 26 7.22 -3.34 11.48
N ARG A 27 8.13 -4.29 11.18
CA ARG A 27 8.25 -4.86 9.85
C ARG A 27 7.21 -5.97 9.75
N LEU A 28 6.70 -6.22 8.55
CA LEU A 28 5.67 -7.20 8.24
C LEU A 28 6.04 -7.86 6.92
N HIS A 29 5.48 -9.03 6.69
CA HIS A 29 5.50 -9.76 5.43
C HIS A 29 4.06 -10.22 5.23
N CYS A 30 3.55 -10.10 4.00
CA CYS A 30 2.17 -10.37 3.66
C CYS A 30 2.10 -11.07 2.29
N GLU A 31 0.93 -11.62 2.00
CA GLU A 31 0.56 -12.20 0.71
C GLU A 31 -0.78 -11.58 0.34
N SER A 32 -1.04 -11.41 -0.95
CA SER A 32 -2.17 -10.64 -1.44
C SER A 32 -3.10 -11.57 -2.23
N GLU A 33 -4.32 -11.71 -1.74
CA GLU A 33 -5.29 -12.70 -2.20
C GLU A 33 -5.73 -12.42 -3.63
N SER A 34 -6.01 -11.16 -3.97
CA SER A 34 -6.65 -10.82 -5.24
C SER A 34 -5.67 -10.93 -6.42
N PHE A 35 -4.42 -10.47 -6.24
CA PHE A 35 -3.43 -10.37 -7.33
C PHE A 35 -2.07 -10.97 -6.97
N LYS A 36 -2.05 -11.98 -6.08
CA LYS A 36 -0.91 -12.84 -5.74
C LYS A 36 0.42 -12.10 -5.52
N MET A 37 0.34 -10.90 -4.95
CA MET A 37 1.46 -10.01 -4.74
C MET A 37 2.11 -10.35 -3.40
N ASP A 38 3.35 -10.84 -3.48
CA ASP A 38 4.23 -11.05 -2.33
C ASP A 38 4.68 -9.69 -1.83
N LEU A 39 4.59 -9.46 -0.52
CA LEU A 39 4.77 -8.14 0.08
C LEU A 39 5.65 -8.23 1.33
N ILE A 40 6.47 -7.20 1.51
CA ILE A 40 7.27 -6.88 2.67
C ILE A 40 6.90 -5.42 2.97
N LEU A 41 6.90 -5.03 4.23
CA LEU A 41 6.37 -3.77 4.75
C LEU A 41 7.19 -3.41 5.98
N ASP A 42 7.39 -2.12 6.23
CA ASP A 42 7.94 -1.54 7.44
C ASP A 42 7.00 -0.37 7.69
N VAL A 43 6.06 -0.54 8.63
CA VAL A 43 4.94 0.39 8.75
C VAL A 43 4.49 0.59 10.20
N ASN A 44 3.73 1.67 10.39
CA ASN A 44 2.96 1.98 11.57
C ASN A 44 1.85 0.93 11.67
N ILE A 45 1.76 0.20 12.78
CA ILE A 45 0.83 -0.91 12.94
C ILE A 45 -0.37 -0.57 13.82
N GLN A 46 -0.53 0.67 14.29
CA GLN A 46 -1.71 1.05 15.09
C GLN A 46 -2.98 1.07 14.21
N ILE A 47 -2.82 0.96 12.89
CA ILE A 47 -3.90 0.74 11.95
C ILE A 47 -4.57 -0.60 12.33
N TYR A 48 -3.76 -1.61 12.67
CA TYR A 48 -4.22 -2.96 12.97
C TYR A 48 -4.76 -3.00 14.40
N PRO A 49 -5.66 -3.94 14.73
CA PRO A 49 -6.17 -4.10 16.08
C PRO A 49 -5.08 -4.59 17.07
N VAL A 50 -4.01 -5.21 16.56
CA VAL A 50 -2.89 -5.72 17.32
C VAL A 50 -1.69 -5.82 16.35
N ASP A 51 -0.47 -5.79 16.88
CA ASP A 51 0.79 -5.92 16.12
C ASP A 51 0.86 -7.20 15.27
N LEU A 52 0.14 -8.25 15.67
CA LEU A 52 -0.04 -9.50 14.92
C LEU A 52 -0.65 -9.27 13.52
N GLY A 53 -1.35 -8.15 13.30
CA GLY A 53 -1.92 -7.79 12.02
C GLY A 53 -3.32 -8.38 11.84
N ASP A 54 -3.93 -8.07 10.68
CA ASP A 54 -5.26 -8.51 10.25
C ASP A 54 -5.32 -8.41 8.73
N LYS A 55 -6.34 -8.97 8.08
CA LYS A 55 -6.53 -8.81 6.63
C LYS A 55 -7.02 -7.40 6.36
N PHE A 56 -6.46 -6.76 5.34
CA PHE A 56 -6.82 -5.41 4.86
C PHE A 56 -6.82 -5.47 3.33
N ARG A 57 -7.14 -4.37 2.65
CA ARG A 57 -6.94 -4.26 1.20
C ARG A 57 -6.25 -2.94 0.90
N LEU A 58 -5.34 -3.00 -0.06
CA LEU A 58 -4.59 -1.84 -0.55
C LEU A 58 -5.30 -1.33 -1.80
N VAL A 59 -5.19 -0.04 -2.07
CA VAL A 59 -5.72 0.65 -3.23
C VAL A 59 -4.62 1.64 -3.64
N ILE A 60 -4.43 1.84 -4.95
CA ILE A 60 -3.39 2.75 -5.48
C ILE A 60 -3.94 3.70 -6.57
N ALA A 61 -5.27 3.89 -6.59
CA ALA A 61 -5.88 4.89 -7.47
C ALA A 61 -5.31 6.28 -7.15
N SER A 62 -5.02 7.07 -8.17
CA SER A 62 -4.68 8.48 -8.00
C SER A 62 -5.86 9.16 -7.31
N THR A 63 -5.62 9.91 -6.23
CA THR A 63 -6.67 10.60 -5.50
C THR A 63 -6.09 11.66 -4.56
N LEU A 64 -6.99 12.49 -4.05
CA LEU A 64 -6.80 13.45 -2.97
C LEU A 64 -8.06 13.43 -2.08
N TYR A 65 -8.93 12.41 -2.27
CA TYR A 65 -10.25 12.18 -1.69
C TYR A 65 -11.17 13.41 -1.59
N GLU A 66 -10.96 14.42 -2.44
CA GLU A 66 -11.86 15.55 -2.62
C GLU A 66 -13.23 15.10 -3.16
N ASP A 67 -13.27 13.90 -3.78
CA ASP A 67 -14.47 13.32 -4.41
C ASP A 67 -15.55 12.95 -3.39
N GLY A 68 -15.19 12.74 -2.11
CA GLY A 68 -16.09 12.24 -1.09
C GLY A 68 -15.57 12.47 0.33
N THR A 69 -14.90 13.60 0.55
CA THR A 69 -14.29 13.95 1.83
C THR A 69 -15.37 14.03 2.93
N LEU A 70 -14.92 13.90 4.18
CA LEU A 70 -15.75 13.87 5.38
C LEU A 70 -16.98 12.98 5.19
N ASP A 71 -16.75 11.78 4.65
CA ASP A 71 -17.76 10.83 4.16
C ASP A 71 -18.87 11.52 3.36
N ASP A 72 -18.52 12.02 2.18
CA ASP A 72 -19.37 12.82 1.29
C ASP A 72 -20.09 13.96 2.02
N GLY A 73 -19.39 14.57 2.97
CA GLY A 73 -19.87 15.71 3.76
C GLY A 73 -20.88 15.34 4.84
N GLU A 74 -21.19 14.05 5.03
CA GLU A 74 -22.08 13.59 6.11
C GLU A 74 -21.40 13.76 7.47
N TYR A 75 -20.06 13.71 7.51
CA TYR A 75 -19.22 13.64 8.70
C TYR A 75 -19.79 12.63 9.71
N ASN A 76 -19.88 11.38 9.22
CA ASN A 76 -20.57 10.30 9.89
C ASN A 76 -20.00 10.05 11.29
N PRO A 77 -20.84 9.81 12.33
CA PRO A 77 -20.39 9.50 13.69
C PRO A 77 -19.35 8.38 13.79
N THR A 78 -19.33 7.40 12.89
CA THR A 78 -18.34 6.32 12.92
C THR A 78 -16.91 6.86 12.68
N ASP A 79 -16.76 8.03 12.05
CA ASP A 79 -15.48 8.70 11.82
C ASP A 79 -15.26 9.74 12.92
N ASP A 80 -16.29 10.53 13.24
CA ASP A 80 -16.24 11.64 14.22
C ASP A 80 -16.13 11.19 15.68
N ARG A 81 -16.83 10.15 16.12
CA ARG A 81 -16.86 9.82 17.54
C ARG A 81 -15.49 9.30 18.02
N PRO A 82 -14.78 8.43 17.30
CA PRO A 82 -13.38 8.12 17.63
C PRO A 82 -12.41 9.17 17.05
N SER A 83 -12.97 10.20 16.40
CA SER A 83 -12.36 11.29 15.65
C SER A 83 -11.04 10.88 14.96
N ARG A 84 -11.14 9.82 14.15
CA ARG A 84 -10.07 9.30 13.32
C ARG A 84 -10.69 8.65 12.09
N ALA A 85 -9.91 8.51 11.02
CA ALA A 85 -10.43 8.06 9.74
C ALA A 85 -11.12 6.70 9.86
N ASP A 86 -12.34 6.63 9.33
CA ASP A 86 -13.13 5.43 9.12
C ASP A 86 -13.57 5.30 7.65
N GLN A 87 -13.57 6.43 6.92
CA GLN A 87 -13.73 6.49 5.47
C GLN A 87 -12.73 5.56 4.78
N PHE A 88 -11.52 5.51 5.31
CA PHE A 88 -10.38 4.70 4.93
C PHE A 88 -9.64 4.38 6.23
N GLU A 89 -8.78 3.35 6.23
CA GLU A 89 -7.97 3.04 7.41
C GLU A 89 -6.64 3.82 7.35
N TYR A 90 -6.09 4.05 6.16
CA TYR A 90 -4.85 4.82 5.98
C TYR A 90 -4.80 5.43 4.57
N VAL A 91 -4.09 6.54 4.41
CA VAL A 91 -3.75 7.15 3.13
C VAL A 91 -2.33 7.72 3.26
N MET A 92 -1.54 7.69 2.18
CA MET A 92 -0.22 8.29 2.12
C MET A 92 0.19 8.47 0.65
N TYR A 93 1.34 9.11 0.45
CA TYR A 93 1.96 9.41 -0.84
C TYR A 93 3.46 9.13 -0.67
N GLY A 94 4.18 8.85 -1.75
CA GLY A 94 5.55 8.36 -1.66
C GLY A 94 6.29 8.39 -2.98
N LYS A 95 7.35 7.58 -3.13
CA LYS A 95 8.08 7.42 -4.38
C LYS A 95 8.49 5.96 -4.55
N VAL A 96 8.20 5.39 -5.72
CA VAL A 96 8.70 4.08 -6.14
C VAL A 96 10.17 4.21 -6.53
N TYR A 97 10.98 3.15 -6.34
CA TYR A 97 12.37 3.10 -6.74
C TYR A 97 12.76 1.69 -7.22
N ARG A 98 12.25 1.27 -8.38
CA ARG A 98 12.60 -0.01 -9.03
C ARG A 98 12.63 0.15 -10.55
N ILE A 99 13.27 -0.82 -11.21
CA ILE A 99 13.32 -0.95 -12.67
C ILE A 99 11.98 -1.48 -13.21
N GLU A 100 11.96 -1.84 -14.49
CA GLU A 100 10.82 -2.40 -15.24
C GLU A 100 10.28 -3.74 -14.70
N GLY A 101 10.86 -4.29 -13.63
CA GLY A 101 10.41 -5.48 -12.93
C GLY A 101 11.14 -6.71 -13.39
N ASP A 102 11.25 -6.88 -14.70
CA ASP A 102 11.92 -8.03 -15.31
C ASP A 102 13.43 -7.86 -15.13
N GLU A 103 14.04 -8.82 -14.43
CA GLU A 103 15.45 -8.81 -14.07
C GLU A 103 16.04 -10.21 -14.32
N THR A 104 15.57 -10.89 -15.37
CA THR A 104 15.98 -12.22 -15.77
C THR A 104 16.04 -12.29 -17.30
N SER A 105 16.43 -13.48 -17.74
CA SER A 105 16.73 -13.86 -19.11
C SER A 105 16.42 -15.35 -19.29
N THR A 106 15.81 -16.00 -18.28
CA THR A 106 15.66 -17.45 -18.22
C THR A 106 14.20 -17.85 -17.95
N GLU A 107 13.30 -16.86 -17.92
CA GLU A 107 11.86 -17.04 -17.83
C GLU A 107 11.14 -15.79 -18.36
N ALA A 108 11.74 -14.60 -18.20
CA ALA A 108 11.17 -13.28 -18.43
C ALA A 108 10.03 -13.12 -17.43
N ALA A 109 10.34 -12.44 -16.32
CA ALA A 109 9.49 -12.43 -15.15
C ALA A 109 8.07 -11.94 -15.48
N THR A 110 7.06 -12.63 -14.93
CA THR A 110 5.64 -12.36 -15.14
C THR A 110 5.02 -11.51 -14.04
N ARG A 111 5.85 -11.07 -13.11
CA ARG A 111 5.52 -10.11 -12.07
C ARG A 111 6.42 -8.91 -12.27
N LEU A 112 5.91 -7.76 -11.85
CA LEU A 112 6.68 -6.52 -11.74
C LEU A 112 7.09 -6.40 -10.28
N SER A 113 8.32 -5.97 -10.01
CA SER A 113 8.79 -5.71 -8.65
C SER A 113 8.74 -4.21 -8.40
N ALA A 114 8.46 -3.81 -7.16
CA ALA A 114 8.44 -2.42 -6.76
C ALA A 114 8.93 -2.31 -5.32
N TYR A 115 9.65 -1.24 -5.05
CA TYR A 115 10.04 -0.80 -3.72
C TYR A 115 9.48 0.61 -3.66
N VAL A 116 8.87 1.01 -2.55
CA VAL A 116 8.34 2.36 -2.39
C VAL A 116 8.58 2.79 -0.96
N SER A 117 8.87 4.08 -0.82
CA SER A 117 8.99 4.75 0.46
C SER A 117 7.88 5.81 0.48
N TYR A 118 7.07 5.87 1.55
CA TYR A 118 5.85 6.67 1.60
C TYR A 118 5.67 7.22 3.02
N GLY A 119 5.72 8.55 3.16
CA GLY A 119 5.59 9.23 4.45
C GLY A 119 6.59 8.77 5.52
N GLY A 120 7.72 8.18 5.13
CA GLY A 120 8.74 7.64 6.04
C GLY A 120 8.52 6.15 6.36
N LEU A 121 7.44 5.53 5.89
CA LEU A 121 7.20 4.09 5.93
C LEU A 121 7.66 3.51 4.59
N LEU A 122 7.72 2.17 4.48
CA LEU A 122 8.34 1.50 3.33
C LEU A 122 7.64 0.17 3.06
N MET A 123 7.64 -0.28 1.81
CA MET A 123 7.23 -1.63 1.42
C MET A 123 8.06 -2.05 0.20
N ARG A 124 8.17 -3.36 -0.03
CA ARG A 124 8.88 -3.97 -1.15
C ARG A 124 8.03 -5.15 -1.59
N LEU A 125 7.87 -5.37 -2.89
CA LEU A 125 6.90 -6.33 -3.40
C LEU A 125 7.27 -6.89 -4.77
N GLN A 126 6.64 -8.01 -5.09
CA GLN A 126 6.63 -8.65 -6.41
C GLN A 126 5.17 -9.01 -6.62
N GLY A 127 4.53 -8.46 -7.65
CA GLY A 127 3.12 -8.66 -7.90
C GLY A 127 2.84 -8.55 -9.39
N ASP A 128 1.60 -8.80 -9.79
CA ASP A 128 1.24 -8.75 -11.20
C ASP A 128 1.53 -7.37 -11.79
N ALA A 129 1.87 -7.29 -13.08
CA ALA A 129 2.06 -6.01 -13.76
C ALA A 129 0.95 -4.97 -13.49
N ASN A 130 -0.33 -5.35 -13.48
CA ASN A 130 -1.42 -4.42 -13.19
C ASN A 130 -1.53 -4.07 -11.70
N ASN A 131 -0.84 -4.81 -10.84
CA ASN A 131 -0.65 -4.47 -9.43
C ASN A 131 0.22 -3.20 -9.34
N LEU A 132 0.94 -2.89 -10.43
CA LEU A 132 1.72 -1.68 -10.58
C LEU A 132 0.96 -0.65 -11.42
N HIS A 133 -0.37 -0.75 -11.58
CA HIS A 133 -1.22 0.29 -12.19
C HIS A 133 -0.67 1.71 -11.94
N GLY A 134 -0.13 2.33 -13.00
CA GLY A 134 0.64 3.57 -12.96
C GLY A 134 2.04 3.41 -13.57
N PHE A 135 2.47 2.15 -13.78
CA PHE A 135 3.70 1.69 -14.38
C PHE A 135 4.95 2.44 -13.92
N GLU A 136 5.13 2.42 -12.59
CA GLU A 136 6.28 2.84 -11.80
C GLU A 136 6.45 4.36 -11.75
N VAL A 137 7.27 4.81 -10.79
CA VAL A 137 7.51 6.21 -10.42
C VAL A 137 6.24 6.95 -9.96
N ASP A 138 5.04 6.38 -10.11
CA ASP A 138 3.78 7.09 -9.84
C ASP A 138 2.63 6.17 -9.47
N SER A 139 2.77 4.85 -9.66
CA SER A 139 1.84 3.86 -9.16
C SER A 139 1.61 3.98 -7.65
N ARG A 140 2.69 3.76 -6.89
CA ARG A 140 2.62 3.62 -5.43
C ARG A 140 2.73 4.96 -4.74
N VAL A 141 2.63 6.02 -5.53
CA VAL A 141 2.77 7.39 -5.09
C VAL A 141 1.40 7.90 -4.65
N TYR A 142 0.36 7.08 -4.84
CA TYR A 142 -0.96 7.29 -4.29
C TYR A 142 -1.27 5.96 -3.62
N LEU A 143 -1.40 5.96 -2.29
CA LEU A 143 -1.52 4.73 -1.51
C LEU A 143 -2.65 4.95 -0.52
N LEU A 144 -3.62 4.03 -0.52
CA LEU A 144 -4.78 4.02 0.36
C LEU A 144 -4.93 2.59 0.87
N MET A 145 -5.41 2.43 2.11
CA MET A 145 -5.58 1.14 2.75
C MET A 145 -6.91 1.19 3.50
N LYS A 146 -7.68 0.11 3.45
CA LYS A 146 -8.96 0.00 4.14
C LYS A 146 -9.16 -1.46 4.57
N LYS A 147 -10.07 -1.74 5.50
CA LYS A 147 -10.47 -3.11 5.80
C LYS A 147 -11.00 -3.78 4.52
N LEU A 148 -10.96 -5.11 4.45
CA LEU A 148 -11.65 -5.82 3.37
C LEU A 148 -13.16 -5.66 3.53
N ALA A 149 -13.90 -5.88 2.43
CA ALA A 149 -15.34 -5.83 2.40
C ALA A 149 -15.81 -6.83 1.36
N PHE A 150 -16.70 -7.73 1.77
CA PHE A 150 -17.36 -8.74 0.94
C PHE A 150 -18.77 -8.93 1.51
N MET A 1 -5.37 14.16 -10.01
CA MET A 1 -6.55 13.30 -9.73
C MET A 1 -6.20 11.83 -9.98
N ALA A 2 -6.32 11.00 -8.95
CA ALA A 2 -6.25 9.55 -9.08
C ALA A 2 -7.48 9.02 -9.84
N GLY A 3 -7.47 7.73 -10.14
CA GLY A 3 -8.59 6.98 -10.70
C GLY A 3 -8.50 5.53 -10.22
N ILE A 4 -9.53 4.71 -10.47
CA ILE A 4 -9.51 3.29 -10.14
C ILE A 4 -8.34 2.63 -10.90
N LEU A 5 -7.40 2.05 -10.14
CA LEU A 5 -6.13 1.55 -10.68
C LEU A 5 -5.77 0.19 -10.08
N PHE A 6 -6.06 -0.04 -8.78
CA PHE A 6 -5.87 -1.34 -8.14
C PHE A 6 -6.69 -1.38 -6.85
N GLU A 7 -7.12 -2.58 -6.46
CA GLU A 7 -7.73 -2.87 -5.16
C GLU A 7 -7.59 -4.37 -4.89
N ASP A 8 -7.14 -4.75 -3.68
CA ASP A 8 -7.17 -6.13 -3.20
C ASP A 8 -7.04 -6.16 -1.69
N ILE A 9 -7.55 -7.22 -1.05
CA ILE A 9 -7.31 -7.52 0.35
C ILE A 9 -5.87 -8.05 0.42
N PHE A 10 -5.20 -7.85 1.56
CA PHE A 10 -3.89 -8.42 1.84
C PHE A 10 -3.96 -9.10 3.20
N ASP A 11 -3.15 -10.14 3.37
CA ASP A 11 -3.19 -11.07 4.49
C ASP A 11 -1.77 -11.26 4.98
N VAL A 12 -1.54 -11.12 6.29
CA VAL A 12 -0.21 -11.24 6.87
C VAL A 12 0.32 -12.67 6.68
N LYS A 13 1.63 -12.76 6.53
CA LYS A 13 2.40 -13.99 6.37
C LYS A 13 3.49 -14.04 7.43
N ASP A 14 4.01 -12.88 7.91
CA ASP A 14 4.91 -12.84 9.06
C ASP A 14 4.95 -11.43 9.68
N ILE A 15 5.50 -11.34 10.88
CA ILE A 15 5.70 -10.13 11.67
C ILE A 15 7.15 -10.19 12.17
N ASP A 16 7.87 -9.08 12.08
CA ASP A 16 9.31 -9.02 12.29
C ASP A 16 9.71 -7.67 12.93
N PRO A 17 9.74 -7.56 14.27
CA PRO A 17 10.05 -6.30 14.98
C PRO A 17 11.48 -5.76 14.79
N GLU A 18 12.23 -6.19 13.78
CA GLU A 18 13.57 -5.68 13.46
C GLU A 18 13.45 -4.36 12.68
N GLY A 19 12.72 -3.39 13.25
CA GLY A 19 12.36 -2.14 12.59
C GLY A 19 11.67 -1.17 13.56
N LYS A 20 12.13 -1.10 14.81
CA LYS A 20 11.52 -0.28 15.85
C LYS A 20 11.82 1.21 15.66
N LYS A 21 11.29 1.81 14.59
CA LYS A 21 11.31 3.27 14.41
C LYS A 21 10.63 3.92 15.62
N PHE A 22 9.58 3.27 16.10
CA PHE A 22 8.87 3.51 17.34
C PHE A 22 8.47 2.13 17.86
N ASP A 23 8.01 2.02 19.11
CA ASP A 23 7.55 0.74 19.66
C ASP A 23 6.35 0.20 18.89
N ARG A 24 5.51 1.09 18.35
CA ARG A 24 4.38 0.71 17.50
C ARG A 24 4.77 0.47 16.04
N VAL A 25 6.04 0.39 15.64
CA VAL A 25 6.41 0.18 14.24
C VAL A 25 7.27 -1.08 14.15
N SER A 26 7.03 -1.90 13.13
CA SER A 26 7.75 -3.15 12.88
C SER A 26 7.79 -3.42 11.37
N ARG A 27 8.58 -4.42 10.95
CA ARG A 27 8.55 -4.94 9.59
C ARG A 27 7.54 -6.08 9.57
N LEU A 28 6.90 -6.29 8.43
CA LEU A 28 5.79 -7.20 8.20
C LEU A 28 6.01 -7.83 6.83
N HIS A 29 5.40 -8.99 6.61
CA HIS A 29 5.34 -9.68 5.34
C HIS A 29 3.88 -10.10 5.16
N CYS A 30 3.32 -9.88 3.96
CA CYS A 30 1.94 -10.16 3.59
C CYS A 30 1.90 -10.71 2.17
N GLU A 31 0.70 -11.09 1.73
CA GLU A 31 0.40 -11.65 0.41
C GLU A 31 -0.95 -11.09 -0.05
N SER A 32 -1.10 -10.83 -1.36
CA SER A 32 -2.36 -10.40 -1.95
C SER A 32 -3.38 -11.54 -1.86
N GLU A 33 -4.57 -11.27 -1.36
CA GLU A 33 -5.57 -12.30 -1.12
C GLU A 33 -6.12 -12.88 -2.43
N SER A 34 -6.19 -12.10 -3.51
CA SER A 34 -6.89 -12.47 -4.74
C SER A 34 -5.98 -12.67 -5.96
N PHE A 35 -4.67 -12.39 -5.87
CA PHE A 35 -3.76 -12.49 -7.01
C PHE A 35 -2.62 -13.44 -6.66
N LYS A 36 -1.41 -12.92 -6.41
CA LYS A 36 -0.18 -13.72 -6.27
C LYS A 36 1.04 -12.95 -5.75
N MET A 37 0.88 -11.68 -5.40
CA MET A 37 1.97 -10.78 -5.11
C MET A 37 2.52 -11.03 -3.71
N ASP A 38 3.85 -11.04 -3.62
CA ASP A 38 4.59 -11.02 -2.38
C ASP A 38 4.63 -9.56 -1.92
N LEU A 39 4.43 -9.30 -0.63
CA LEU A 39 4.56 -7.96 -0.06
C LEU A 39 5.39 -8.05 1.21
N ILE A 40 6.28 -7.08 1.38
CA ILE A 40 7.04 -6.79 2.57
C ILE A 40 6.74 -5.31 2.81
N LEU A 41 6.67 -4.88 4.07
CA LEU A 41 6.39 -3.50 4.46
C LEU A 41 6.91 -3.25 5.85
N ASP A 42 7.18 -1.98 6.17
CA ASP A 42 7.64 -1.50 7.46
C ASP A 42 6.66 -0.42 7.83
N VAL A 43 5.79 -0.72 8.80
CA VAL A 43 4.63 0.09 9.13
C VAL A 43 4.28 0.02 10.62
N ASN A 44 3.33 0.88 11.01
CA ASN A 44 2.66 0.88 12.30
C ASN A 44 1.94 -0.46 12.54
N ILE A 45 1.97 -0.98 13.77
CA ILE A 45 1.31 -2.21 14.20
C ILE A 45 0.24 -1.98 15.27
N GLN A 46 -0.03 -0.75 15.71
CA GLN A 46 -1.20 -0.46 16.56
C GLN A 46 -2.51 -0.78 15.81
N ILE A 47 -2.39 -0.80 14.49
CA ILE A 47 -3.40 -1.27 13.54
C ILE A 47 -3.83 -2.71 13.91
N TYR A 48 -2.87 -3.56 14.33
CA TYR A 48 -3.13 -4.98 14.56
C TYR A 48 -4.06 -5.16 15.76
N PRO A 49 -5.17 -5.91 15.64
CA PRO A 49 -6.08 -6.15 16.76
C PRO A 49 -5.46 -7.09 17.79
N VAL A 50 -4.61 -8.03 17.35
CA VAL A 50 -3.88 -8.99 18.17
C VAL A 50 -2.53 -9.23 17.51
N ASP A 51 -1.52 -9.64 18.29
CA ASP A 51 -0.19 -9.96 17.79
C ASP A 51 -0.21 -11.12 16.79
N LEU A 52 -1.23 -11.99 16.89
CA LEU A 52 -1.38 -13.18 16.04
C LEU A 52 -1.44 -12.81 14.55
N GLY A 53 -2.06 -11.70 14.18
CA GLY A 53 -2.13 -11.27 12.79
C GLY A 53 -3.18 -10.18 12.55
N ASP A 54 -3.26 -9.71 11.31
CA ASP A 54 -4.23 -8.72 10.83
C ASP A 54 -4.38 -8.86 9.32
N LYS A 55 -5.38 -8.19 8.73
CA LYS A 55 -5.68 -8.18 7.30
C LYS A 55 -5.97 -6.74 6.89
N PHE A 56 -5.84 -6.44 5.60
CA PHE A 56 -5.87 -5.08 5.07
C PHE A 56 -6.60 -5.07 3.73
N ARG A 57 -6.91 -3.88 3.20
CA ARG A 57 -7.41 -3.67 1.86
C ARG A 57 -6.59 -2.52 1.31
N LEU A 58 -5.68 -2.83 0.39
CA LEU A 58 -4.80 -1.88 -0.27
C LEU A 58 -5.51 -1.49 -1.56
N VAL A 59 -5.57 -0.19 -1.86
CA VAL A 59 -6.38 0.33 -2.94
C VAL A 59 -5.79 1.65 -3.43
N ILE A 60 -6.08 1.99 -4.67
CA ILE A 60 -5.81 3.28 -5.28
C ILE A 60 -6.97 3.48 -6.26
N ALA A 61 -7.82 4.45 -5.93
CA ALA A 61 -9.04 4.79 -6.62
C ALA A 61 -9.24 6.31 -6.59
N SER A 62 -10.24 6.78 -7.33
CA SER A 62 -10.50 8.18 -7.62
C SER A 62 -10.51 9.05 -6.36
N THR A 63 -9.76 10.16 -6.40
CA THR A 63 -9.69 11.12 -5.31
C THR A 63 -10.91 12.05 -5.30
N LEU A 64 -10.83 13.22 -4.65
CA LEU A 64 -12.00 14.05 -4.34
C LEU A 64 -12.96 13.17 -3.51
N TYR A 65 -12.35 12.25 -2.74
CA TYR A 65 -12.89 11.12 -2.00
C TYR A 65 -13.94 10.28 -2.77
N GLU A 66 -13.93 10.28 -4.11
CA GLU A 66 -14.85 9.49 -4.94
C GLU A 66 -14.68 7.98 -4.70
N ASP A 67 -13.54 7.57 -4.13
CA ASP A 67 -13.26 6.23 -3.62
C ASP A 67 -14.33 5.76 -2.60
N GLY A 68 -15.02 6.69 -1.94
CA GLY A 68 -15.96 6.40 -0.86
C GLY A 68 -15.31 6.64 0.50
N THR A 69 -14.25 7.46 0.55
CA THR A 69 -13.41 7.69 1.72
C THR A 69 -14.21 8.37 2.86
N LEU A 70 -15.30 9.07 2.52
CA LEU A 70 -16.24 9.71 3.46
C LEU A 70 -17.57 8.96 3.49
N ASP A 71 -17.59 7.68 3.08
CA ASP A 71 -18.75 6.81 2.91
C ASP A 71 -19.95 7.56 2.28
N ASP A 72 -19.69 8.15 1.11
CA ASP A 72 -20.65 8.93 0.31
C ASP A 72 -21.33 10.08 1.09
N GLY A 73 -20.69 10.55 2.16
CA GLY A 73 -21.14 11.66 2.98
C GLY A 73 -21.74 11.21 4.31
N GLU A 74 -21.91 9.90 4.54
CA GLU A 74 -22.43 9.36 5.79
C GLU A 74 -21.39 9.49 6.92
N TYR A 75 -20.09 9.60 6.57
CA TYR A 75 -19.04 9.84 7.55
C TYR A 75 -19.36 11.09 8.37
N ASN A 76 -19.33 10.93 9.69
CA ASN A 76 -19.48 11.96 10.69
C ASN A 76 -18.64 11.54 11.92
N PRO A 77 -18.33 12.44 12.87
CA PRO A 77 -17.45 12.17 14.00
C PRO A 77 -17.70 10.90 14.81
N THR A 78 -18.91 10.35 14.87
CA THR A 78 -19.16 9.11 15.61
C THR A 78 -18.37 7.92 15.04
N ASP A 79 -17.97 7.99 13.77
CA ASP A 79 -17.10 6.98 13.14
C ASP A 79 -15.65 7.05 13.65
N ASP A 80 -15.27 8.16 14.28
CA ASP A 80 -13.91 8.44 14.75
C ASP A 80 -13.83 8.50 16.28
N ARG A 81 -14.96 8.65 16.98
CA ARG A 81 -15.03 8.53 18.44
C ARG A 81 -14.41 7.19 18.85
N PRO A 82 -13.53 7.18 19.88
CA PRO A 82 -12.68 6.08 20.28
C PRO A 82 -12.30 5.07 19.18
N SER A 83 -11.91 5.59 18.03
CA SER A 83 -11.53 4.89 16.81
C SER A 83 -10.43 5.72 16.11
N ARG A 84 -10.04 5.36 14.89
CA ARG A 84 -9.11 6.13 14.06
C ARG A 84 -9.62 6.13 12.63
N ALA A 85 -9.32 7.17 11.85
CA ALA A 85 -9.74 7.26 10.45
C ALA A 85 -9.09 6.16 9.59
N ASP A 86 -8.02 5.53 10.08
CA ASP A 86 -7.36 4.34 9.54
C ASP A 86 -8.34 3.26 9.03
N GLN A 87 -9.53 3.16 9.63
CA GLN A 87 -10.60 2.26 9.21
C GLN A 87 -10.86 2.35 7.69
N PHE A 88 -10.89 3.54 7.11
CA PHE A 88 -11.33 3.76 5.73
C PHE A 88 -10.51 4.84 5.01
N GLU A 89 -9.53 5.47 5.67
CA GLU A 89 -8.87 6.66 5.15
C GLU A 89 -7.36 6.67 5.40
N TYR A 90 -6.66 5.53 5.42
CA TYR A 90 -5.19 5.55 5.54
C TYR A 90 -4.57 5.89 4.17
N VAL A 91 -4.91 7.07 3.63
CA VAL A 91 -4.42 7.60 2.38
C VAL A 91 -3.01 8.16 2.61
N MET A 92 -2.16 8.09 1.60
CA MET A 92 -0.86 8.74 1.56
C MET A 92 -0.42 8.87 0.10
N TYR A 93 0.70 9.56 -0.07
CA TYR A 93 1.44 9.64 -1.32
C TYR A 93 2.87 9.23 -1.00
N GLY A 94 3.62 8.71 -1.98
CA GLY A 94 4.94 8.15 -1.74
C GLY A 94 5.83 8.26 -2.96
N LYS A 95 6.90 7.49 -3.01
CA LYS A 95 7.76 7.38 -4.19
C LYS A 95 8.19 5.94 -4.34
N VAL A 96 7.71 5.29 -5.40
CA VAL A 96 8.17 4.01 -5.85
C VAL A 96 9.58 4.14 -6.42
N TYR A 97 10.36 3.07 -6.31
CA TYR A 97 11.68 2.84 -6.87
C TYR A 97 11.60 1.38 -7.32
N ARG A 98 11.82 1.07 -8.60
CA ARG A 98 11.51 -0.28 -9.11
C ARG A 98 12.56 -0.70 -10.12
N ILE A 99 12.92 -1.99 -10.11
CA ILE A 99 13.95 -2.56 -10.97
C ILE A 99 13.41 -2.73 -12.41
N GLU A 100 14.30 -3.14 -13.31
CA GLU A 100 14.00 -3.40 -14.72
C GLU A 100 13.12 -4.65 -14.94
N GLY A 101 12.79 -5.38 -13.87
CA GLY A 101 12.03 -6.63 -13.92
C GLY A 101 12.73 -7.71 -14.72
N ASP A 102 14.05 -7.78 -14.60
CA ASP A 102 14.82 -8.89 -15.11
C ASP A 102 15.99 -9.14 -14.18
N GLU A 103 16.14 -10.39 -13.79
CA GLU A 103 17.32 -10.90 -13.08
C GLU A 103 17.81 -12.23 -13.66
N THR A 104 17.32 -12.63 -14.85
CA THR A 104 17.68 -13.90 -15.48
C THR A 104 19.10 -13.81 -16.05
N SER A 105 19.26 -12.91 -17.04
CA SER A 105 20.37 -12.66 -17.98
C SER A 105 19.76 -12.23 -19.33
N THR A 106 18.70 -11.42 -19.34
CA THR A 106 18.05 -10.87 -20.54
C THR A 106 17.03 -11.86 -21.13
N GLU A 107 16.74 -12.97 -20.44
CA GLU A 107 15.62 -13.83 -20.81
C GLU A 107 14.31 -13.12 -20.43
N ALA A 108 14.40 -12.10 -19.55
CA ALA A 108 13.38 -11.14 -19.17
C ALA A 108 12.40 -11.82 -18.23
N ALA A 109 12.75 -11.75 -16.95
CA ALA A 109 12.11 -12.51 -15.90
C ALA A 109 10.58 -12.30 -15.89
N THR A 110 9.84 -13.30 -15.43
CA THR A 110 8.37 -13.29 -15.47
C THR A 110 7.72 -12.47 -14.36
N ARG A 111 8.53 -11.95 -13.44
CA ARG A 111 8.08 -11.15 -12.31
C ARG A 111 8.85 -9.84 -12.31
N LEU A 112 8.13 -8.78 -11.97
CA LEU A 112 8.65 -7.45 -11.69
C LEU A 112 8.66 -7.27 -10.17
N SER A 113 9.57 -6.44 -9.67
CA SER A 113 9.66 -6.10 -8.25
C SER A 113 9.79 -4.59 -8.12
N ALA A 114 9.22 -4.04 -7.06
CA ALA A 114 9.19 -2.63 -6.77
C ALA A 114 9.41 -2.42 -5.27
N TYR A 115 9.85 -1.22 -4.93
CA TYR A 115 9.95 -0.71 -3.56
C TYR A 115 9.15 0.59 -3.52
N VAL A 116 8.62 0.98 -2.37
CA VAL A 116 7.93 2.25 -2.21
C VAL A 116 8.31 2.79 -0.83
N SER A 117 8.51 4.11 -0.73
CA SER A 117 8.66 4.80 0.53
C SER A 117 7.52 5.82 0.60
N TYR A 118 6.84 5.93 1.74
CA TYR A 118 5.65 6.77 1.87
C TYR A 118 5.54 7.25 3.32
N GLY A 119 5.62 8.56 3.54
CA GLY A 119 5.51 9.17 4.87
C GLY A 119 6.51 8.59 5.89
N GLY A 120 7.67 8.11 5.44
CA GLY A 120 8.69 7.50 6.29
C GLY A 120 8.46 6.00 6.56
N LEU A 121 7.38 5.42 6.04
CA LEU A 121 7.10 3.99 6.06
C LEU A 121 7.57 3.38 4.73
N LEU A 122 7.63 2.05 4.63
CA LEU A 122 8.28 1.39 3.48
C LEU A 122 7.47 0.18 3.02
N MET A 123 7.65 -0.25 1.76
CA MET A 123 7.15 -1.50 1.20
C MET A 123 8.12 -2.00 0.14
N ARG A 124 8.05 -3.30 -0.17
CA ARG A 124 8.68 -3.98 -1.30
C ARG A 124 7.61 -4.96 -1.78
N LEU A 125 7.33 -4.99 -3.07
CA LEU A 125 6.20 -5.73 -3.64
C LEU A 125 6.73 -6.39 -4.90
N GLN A 126 6.47 -7.68 -5.09
CA GLN A 126 6.93 -8.44 -6.25
C GLN A 126 5.79 -9.33 -6.74
N GLY A 127 5.70 -9.51 -8.05
CA GLY A 127 4.70 -10.37 -8.67
C GLY A 127 4.86 -10.29 -10.18
N ASP A 128 3.97 -10.94 -10.94
CA ASP A 128 3.94 -10.73 -12.39
C ASP A 128 3.77 -9.22 -12.66
N ALA A 129 4.45 -8.70 -13.70
CA ALA A 129 4.45 -7.27 -13.98
C ALA A 129 3.04 -6.67 -14.02
N ASN A 130 2.13 -7.25 -14.81
CA ASN A 130 0.75 -6.76 -14.89
C ASN A 130 0.03 -6.84 -13.55
N ASN A 131 0.33 -7.90 -12.83
CA ASN A 131 -0.17 -8.16 -11.48
C ASN A 131 0.35 -7.12 -10.47
N LEU A 132 1.48 -6.45 -10.73
CA LEU A 132 1.95 -5.35 -9.88
C LEU A 132 1.07 -4.10 -10.07
N HIS A 133 0.15 -4.14 -11.05
CA HIS A 133 -0.77 -3.11 -11.51
C HIS A 133 -0.07 -1.77 -11.61
N GLY A 134 1.13 -1.83 -12.17
CA GLY A 134 1.99 -0.71 -12.40
C GLY A 134 3.32 -1.25 -12.89
N PHE A 135 3.62 -0.97 -14.15
CA PHE A 135 4.97 -1.19 -14.70
C PHE A 135 6.00 -0.25 -14.02
N GLU A 136 5.45 0.67 -13.24
CA GLU A 136 5.94 1.64 -12.25
C GLU A 136 7.08 2.57 -12.58
N VAL A 137 6.98 3.71 -11.87
CA VAL A 137 7.89 4.83 -11.64
C VAL A 137 7.10 5.92 -10.88
N ASP A 138 5.76 5.98 -11.04
CA ASP A 138 4.95 7.08 -10.49
C ASP A 138 3.45 6.80 -10.53
N SER A 139 3.05 5.56 -10.24
CA SER A 139 1.66 5.18 -10.03
C SER A 139 1.45 4.65 -8.61
N ARG A 140 2.42 3.88 -8.09
CA ARG A 140 2.41 3.40 -6.70
C ARG A 140 2.47 4.53 -5.68
N VAL A 141 2.75 5.71 -6.18
CA VAL A 141 2.99 6.92 -5.44
C VAL A 141 1.70 7.57 -4.93
N TYR A 142 0.53 7.03 -5.29
CA TYR A 142 -0.75 7.42 -4.72
C TYR A 142 -1.30 6.12 -4.15
N LEU A 143 -1.54 6.06 -2.83
CA LEU A 143 -1.90 4.77 -2.22
C LEU A 143 -2.81 4.99 -1.00
N LEU A 144 -3.73 4.07 -0.75
CA LEU A 144 -4.71 4.13 0.33
C LEU A 144 -4.86 2.74 0.91
N MET A 145 -4.97 2.65 2.24
CA MET A 145 -5.24 1.40 2.94
C MET A 145 -6.47 1.62 3.82
N LYS A 146 -7.28 0.57 3.93
CA LYS A 146 -8.49 0.53 4.74
C LYS A 146 -8.73 -0.90 5.23
N LYS A 147 -9.72 -1.11 6.12
CA LYS A 147 -10.14 -2.45 6.52
C LYS A 147 -10.68 -3.22 5.31
N LEU A 148 -10.65 -4.55 5.40
CA LEU A 148 -11.34 -5.40 4.43
C LEU A 148 -12.85 -5.25 4.55
N ALA A 149 -13.57 -5.65 3.51
CA ALA A 149 -15.01 -5.71 3.47
C ALA A 149 -15.40 -6.90 2.59
N PHE A 150 -16.28 -7.75 3.09
CA PHE A 150 -16.88 -8.88 2.41
C PHE A 150 -18.31 -9.01 2.93
N MET A 1 -14.16 9.61 -0.54
CA MET A 1 -12.97 8.76 -0.74
C MET A 1 -12.01 9.38 -1.76
N ALA A 2 -10.70 9.09 -1.63
CA ALA A 2 -9.68 9.54 -2.58
C ALA A 2 -10.00 9.05 -4.00
N GLY A 3 -10.38 7.78 -4.14
CA GLY A 3 -10.78 7.16 -5.40
C GLY A 3 -10.67 5.64 -5.32
N ILE A 4 -10.88 4.98 -6.45
CA ILE A 4 -10.63 3.56 -6.66
C ILE A 4 -9.95 3.42 -8.03
N LEU A 5 -9.11 2.39 -8.19
CA LEU A 5 -8.32 2.15 -9.41
C LEU A 5 -7.97 0.66 -9.45
N PHE A 6 -7.30 0.17 -8.40
CA PHE A 6 -6.98 -1.22 -8.16
C PHE A 6 -6.95 -1.39 -6.64
N GLU A 7 -7.55 -2.46 -6.14
CA GLU A 7 -7.77 -2.72 -4.72
C GLU A 7 -7.72 -4.23 -4.50
N ASP A 8 -7.19 -4.68 -3.35
CA ASP A 8 -7.30 -6.07 -2.91
C ASP A 8 -7.12 -6.19 -1.40
N ILE A 9 -7.59 -7.29 -0.82
CA ILE A 9 -7.32 -7.67 0.56
C ILE A 9 -5.91 -8.31 0.54
N PHE A 10 -5.20 -8.25 1.65
CA PHE A 10 -3.87 -8.82 1.83
C PHE A 10 -3.86 -9.55 3.17
N ASP A 11 -3.24 -10.73 3.17
CA ASP A 11 -3.13 -11.61 4.33
C ASP A 11 -1.71 -11.52 4.86
N VAL A 12 -1.56 -11.16 6.13
CA VAL A 12 -0.27 -11.06 6.81
C VAL A 12 0.25 -12.48 7.01
N LYS A 13 1.38 -12.80 6.39
CA LYS A 13 2.10 -14.06 6.59
C LYS A 13 2.92 -13.98 7.87
N ASP A 14 3.57 -12.84 8.13
CA ASP A 14 4.47 -12.70 9.28
C ASP A 14 4.65 -11.25 9.70
N ILE A 15 5.26 -11.02 10.86
CA ILE A 15 5.52 -9.75 11.50
C ILE A 15 6.97 -9.79 12.00
N ASP A 16 7.65 -8.65 11.95
CA ASP A 16 9.06 -8.46 12.28
C ASP A 16 9.21 -7.10 13.00
N PRO A 17 9.08 -7.07 14.34
CA PRO A 17 9.41 -5.92 15.15
C PRO A 17 10.94 -5.94 15.38
N GLU A 18 11.66 -5.11 14.62
CA GLU A 18 13.12 -5.13 14.53
C GLU A 18 13.81 -4.84 15.88
N GLY A 19 13.18 -3.95 16.66
CA GLY A 19 13.67 -3.32 17.87
C GLY A 19 13.14 -1.88 17.77
N LYS A 20 11.85 -1.79 17.43
CA LYS A 20 11.17 -0.57 17.04
C LYS A 20 11.21 0.45 18.16
N LYS A 21 11.88 1.57 17.89
CA LYS A 21 11.88 2.76 18.74
C LYS A 21 10.44 3.25 18.98
N PHE A 22 9.56 3.08 17.99
CA PHE A 22 8.14 3.42 18.06
C PHE A 22 7.40 2.15 17.64
N ASP A 23 6.96 1.35 18.61
CA ASP A 23 6.37 0.02 18.38
C ASP A 23 5.05 0.07 17.58
N ARG A 24 4.43 1.25 17.45
CA ARG A 24 3.31 1.47 16.55
C ARG A 24 3.72 1.41 15.07
N VAL A 25 4.99 1.17 14.76
CA VAL A 25 5.48 0.87 13.42
C VAL A 25 6.14 -0.50 13.54
N SER A 26 5.97 -1.40 12.59
CA SER A 26 6.66 -2.69 12.53
C SER A 26 6.73 -3.21 11.09
N ARG A 27 7.64 -4.13 10.79
CA ARG A 27 7.66 -4.76 9.48
C ARG A 27 6.67 -5.91 9.48
N LEU A 28 6.01 -6.10 8.35
CA LEU A 28 5.04 -7.14 8.05
C LEU A 28 5.50 -7.77 6.73
N HIS A 29 5.07 -9.00 6.50
CA HIS A 29 5.21 -9.73 5.25
C HIS A 29 3.81 -10.27 4.95
N CYS A 30 3.32 -10.07 3.73
CA CYS A 30 1.94 -10.36 3.33
C CYS A 30 1.89 -10.93 1.91
N GLU A 31 0.72 -11.45 1.52
CA GLU A 31 0.40 -11.84 0.15
C GLU A 31 -1.00 -11.31 -0.20
N SER A 32 -1.29 -11.12 -1.48
CA SER A 32 -2.61 -10.69 -1.94
C SER A 32 -3.62 -11.82 -1.75
N GLU A 33 -4.86 -11.47 -1.40
CA GLU A 33 -5.96 -12.42 -1.28
C GLU A 33 -6.41 -12.93 -2.65
N SER A 34 -6.42 -12.06 -3.67
CA SER A 34 -7.05 -12.35 -4.96
C SER A 34 -6.10 -12.56 -6.15
N PHE A 35 -4.80 -12.24 -6.04
CA PHE A 35 -3.91 -12.21 -7.20
C PHE A 35 -2.69 -13.11 -6.99
N LYS A 36 -1.52 -12.51 -6.75
CA LYS A 36 -0.21 -13.20 -6.75
C LYS A 36 0.94 -12.35 -6.19
N MET A 37 0.65 -11.24 -5.52
CA MET A 37 1.66 -10.36 -4.96
C MET A 37 2.44 -11.08 -3.85
N ASP A 38 3.70 -10.69 -3.69
CA ASP A 38 4.56 -11.04 -2.57
C ASP A 38 5.03 -9.70 -2.02
N LEU A 39 4.63 -9.37 -0.79
CA LEU A 39 4.77 -8.03 -0.20
C LEU A 39 5.53 -8.10 1.13
N ILE A 40 6.32 -7.07 1.38
CA ILE A 40 6.99 -6.72 2.62
C ILE A 40 6.66 -5.24 2.81
N LEU A 41 6.43 -4.79 4.05
CA LEU A 41 6.19 -3.39 4.38
C LEU A 41 6.52 -3.12 5.84
N ASP A 42 7.26 -2.04 6.10
CA ASP A 42 7.49 -1.48 7.43
C ASP A 42 6.46 -0.38 7.51
N VAL A 43 5.39 -0.63 8.26
CA VAL A 43 4.18 0.18 8.27
C VAL A 43 3.78 0.56 9.70
N ASN A 44 3.07 1.67 9.80
CA ASN A 44 2.38 2.16 10.99
C ASN A 44 1.21 1.22 11.30
N ILE A 45 1.40 0.25 12.20
CA ILE A 45 0.48 -0.85 12.45
C ILE A 45 -0.77 -0.45 13.25
N GLN A 46 -0.96 0.80 13.66
CA GLN A 46 -2.17 1.19 14.40
C GLN A 46 -3.44 1.14 13.51
N ILE A 47 -3.28 0.85 12.21
CA ILE A 47 -4.38 0.52 11.32
C ILE A 47 -5.04 -0.77 11.87
N TYR A 48 -4.21 -1.67 12.44
CA TYR A 48 -4.67 -2.88 13.11
C TYR A 48 -5.20 -2.47 14.49
N PRO A 49 -6.43 -2.86 14.88
CA PRO A 49 -7.08 -2.32 16.06
C PRO A 49 -6.44 -2.82 17.37
N VAL A 50 -6.29 -4.14 17.52
CA VAL A 50 -5.89 -4.77 18.79
C VAL A 50 -4.99 -5.99 18.60
N ASP A 51 -4.85 -6.53 17.38
CA ASP A 51 -4.09 -7.74 17.11
C ASP A 51 -3.64 -7.71 15.64
N LEU A 52 -2.53 -8.39 15.33
CA LEU A 52 -1.85 -8.30 14.04
C LEU A 52 -1.95 -9.61 13.24
N GLY A 53 -2.56 -10.66 13.78
CA GLY A 53 -2.80 -11.93 13.12
C GLY A 53 -4.12 -11.86 12.35
N ASP A 54 -4.28 -10.82 11.53
CA ASP A 54 -5.51 -10.48 10.83
C ASP A 54 -5.15 -9.91 9.46
N LYS A 55 -6.13 -9.79 8.56
CA LYS A 55 -5.93 -9.32 7.19
C LYS A 55 -6.17 -7.81 7.13
N PHE A 56 -5.75 -7.18 6.04
CA PHE A 56 -6.00 -5.76 5.76
C PHE A 56 -6.32 -5.59 4.28
N ARG A 57 -6.56 -4.37 3.82
CA ARG A 57 -7.01 -4.06 2.47
C ARG A 57 -6.20 -2.86 1.98
N LEU A 58 -5.85 -2.85 0.70
CA LEU A 58 -4.89 -1.91 0.13
C LEU A 58 -5.41 -1.46 -1.24
N VAL A 59 -5.17 -0.20 -1.58
CA VAL A 59 -5.63 0.47 -2.79
C VAL A 59 -4.47 1.39 -3.24
N ILE A 60 -4.39 1.67 -4.55
CA ILE A 60 -3.34 2.51 -5.16
C ILE A 60 -3.95 3.61 -6.04
N ALA A 61 -5.19 3.99 -5.77
CA ALA A 61 -5.89 5.03 -6.51
C ALA A 61 -5.24 6.40 -6.30
N SER A 62 -5.33 7.25 -7.31
CA SER A 62 -4.82 8.61 -7.30
C SER A 62 -5.39 9.43 -6.13
N THR A 63 -4.61 10.40 -5.65
CA THR A 63 -4.99 11.32 -4.57
C THR A 63 -4.46 12.70 -4.96
N LEU A 64 -5.06 13.78 -4.43
CA LEU A 64 -4.60 15.16 -4.64
C LEU A 64 -3.20 15.41 -4.05
N TYR A 65 -2.77 14.56 -3.10
CA TYR A 65 -1.54 14.72 -2.34
C TYR A 65 -0.29 14.82 -3.22
N GLU A 66 0.70 15.53 -2.70
CA GLU A 66 2.06 15.63 -3.18
C GLU A 66 2.96 15.68 -1.92
N ASP A 67 4.28 15.80 -2.11
CA ASP A 67 5.26 15.65 -1.04
C ASP A 67 5.08 16.64 0.12
N GLY A 68 4.48 17.81 -0.15
CA GLY A 68 4.22 18.84 0.86
C GLY A 68 2.78 18.83 1.38
N THR A 69 1.85 18.08 0.78
CA THR A 69 0.52 17.89 1.38
C THR A 69 0.64 17.03 2.65
N LEU A 70 1.68 16.18 2.71
CA LEU A 70 2.09 15.44 3.89
C LEU A 70 3.48 15.96 4.25
N ASP A 71 3.55 17.28 4.47
CA ASP A 71 4.77 17.98 4.87
C ASP A 71 5.43 17.21 6.00
N ASP A 72 6.66 16.76 5.77
CA ASP A 72 7.50 16.01 6.71
C ASP A 72 7.91 16.84 7.93
N GLY A 73 6.92 17.19 8.75
CA GLY A 73 7.03 17.95 9.99
C GLY A 73 5.62 18.14 10.56
N GLU A 74 4.68 18.61 9.73
CA GLU A 74 3.27 18.69 10.09
C GLU A 74 2.65 17.27 10.13
N TYR A 75 3.01 16.43 9.17
CA TYR A 75 2.50 15.08 9.00
C TYR A 75 2.69 14.28 10.29
N ASN A 76 1.57 13.82 10.85
CA ASN A 76 1.48 12.86 11.94
C ASN A 76 0.15 12.11 11.77
N PRO A 77 0.08 10.79 12.03
CA PRO A 77 -1.15 10.01 11.84
C PRO A 77 -2.12 10.11 13.02
N THR A 78 -1.78 10.89 14.03
CA THR A 78 -2.45 10.96 15.33
C THR A 78 -2.92 12.40 15.61
N ASP A 79 -3.43 13.07 14.56
CA ASP A 79 -3.73 14.49 14.53
C ASP A 79 -5.10 14.85 15.13
N ASP A 80 -5.88 13.85 15.56
CA ASP A 80 -7.12 14.03 16.33
C ASP A 80 -7.10 13.06 17.50
N ARG A 81 -7.29 11.78 17.16
CA ARG A 81 -7.10 10.58 17.96
C ARG A 81 -6.17 9.79 17.01
N PRO A 82 -6.29 8.48 16.70
CA PRO A 82 -5.51 7.91 15.59
C PRO A 82 -6.22 8.34 14.29
N SER A 83 -6.27 9.66 14.05
CA SER A 83 -7.07 10.35 13.04
C SER A 83 -6.95 9.75 11.64
N ARG A 84 -5.75 9.34 11.21
CA ARG A 84 -5.53 8.82 9.86
C ARG A 84 -5.97 7.36 9.74
N ALA A 85 -6.25 6.65 10.83
CA ALA A 85 -6.56 5.22 10.81
C ALA A 85 -8.00 4.96 11.24
N ASP A 86 -8.46 3.71 11.09
CA ASP A 86 -9.82 3.20 11.33
C ASP A 86 -10.89 3.76 10.39
N GLN A 87 -10.78 5.02 9.96
CA GLN A 87 -11.71 5.72 9.05
C GLN A 87 -11.61 5.26 7.58
N PHE A 88 -11.30 3.98 7.35
CA PHE A 88 -11.22 3.28 6.05
C PHE A 88 -10.47 4.05 4.94
N GLU A 89 -9.48 4.88 5.32
CA GLU A 89 -8.76 5.73 4.38
C GLU A 89 -7.41 6.14 4.99
N TYR A 90 -6.55 5.17 5.34
CA TYR A 90 -5.16 5.47 5.71
C TYR A 90 -4.43 5.81 4.40
N VAL A 91 -4.72 6.98 3.85
CA VAL A 91 -4.19 7.44 2.57
C VAL A 91 -2.83 8.10 2.81
N MET A 92 -1.92 7.94 1.84
CA MET A 92 -0.52 8.29 1.93
C MET A 92 0.04 8.57 0.52
N TYR A 93 1.22 9.16 0.51
CA TYR A 93 1.94 9.57 -0.70
C TYR A 93 3.42 9.21 -0.55
N GLY A 94 4.08 8.76 -1.62
CA GLY A 94 5.46 8.31 -1.53
C GLY A 94 6.23 8.47 -2.83
N LYS A 95 7.29 7.68 -2.99
CA LYS A 95 8.09 7.55 -4.20
C LYS A 95 8.32 6.06 -4.41
N VAL A 96 8.05 5.57 -5.62
CA VAL A 96 8.25 4.18 -5.98
C VAL A 96 9.62 4.07 -6.66
N TYR A 97 10.25 2.90 -6.52
CA TYR A 97 11.50 2.49 -7.16
C TYR A 97 11.27 1.09 -7.73
N ARG A 98 12.11 0.62 -8.66
CA ARG A 98 12.00 -0.73 -9.24
C ARG A 98 13.31 -1.11 -9.93
N ILE A 99 13.40 -2.39 -10.31
CA ILE A 99 14.43 -2.94 -11.17
C ILE A 99 13.74 -3.80 -12.23
N GLU A 100 14.50 -4.24 -13.23
CA GLU A 100 14.03 -4.89 -14.44
C GLU A 100 13.38 -6.27 -14.23
N GLY A 101 13.42 -6.82 -13.01
CA GLY A 101 12.92 -8.16 -12.67
C GLY A 101 13.42 -9.24 -13.65
N ASP A 102 14.69 -9.14 -14.05
CA ASP A 102 15.33 -10.05 -14.99
C ASP A 102 16.75 -10.30 -14.51
N GLU A 103 16.86 -11.08 -13.43
CA GLU A 103 18.09 -11.32 -12.69
C GLU A 103 18.10 -12.80 -12.30
N THR A 104 18.50 -13.62 -13.26
CA THR A 104 18.80 -15.02 -13.03
C THR A 104 19.92 -15.19 -12.02
N SER A 105 19.89 -16.33 -11.33
CA SER A 105 20.93 -16.89 -10.45
C SER A 105 20.57 -16.55 -9.00
N THR A 106 19.51 -15.76 -8.80
CA THR A 106 18.89 -15.53 -7.51
C THR A 106 17.37 -15.62 -7.62
N GLU A 107 16.88 -16.35 -8.64
CA GLU A 107 15.47 -16.56 -8.95
C GLU A 107 14.68 -15.24 -8.94
N ALA A 108 15.26 -14.18 -9.52
CA ALA A 108 14.63 -12.86 -9.63
C ALA A 108 14.46 -12.53 -11.11
N ALA A 109 14.17 -13.56 -11.92
CA ALA A 109 14.18 -13.49 -13.37
C ALA A 109 12.79 -13.35 -13.99
N THR A 110 11.80 -13.34 -13.11
CA THR A 110 10.37 -13.27 -13.35
C THR A 110 9.76 -12.27 -12.37
N ARG A 111 8.50 -11.87 -12.65
CA ARG A 111 7.77 -10.78 -12.01
C ARG A 111 8.47 -9.43 -12.24
N LEU A 112 7.72 -8.37 -12.02
CA LEU A 112 8.22 -7.01 -11.92
C LEU A 112 8.27 -6.75 -10.42
N SER A 113 9.37 -6.14 -9.97
CA SER A 113 9.65 -5.99 -8.55
C SER A 113 9.95 -4.51 -8.29
N ALA A 114 9.35 -3.97 -7.24
CA ALA A 114 9.32 -2.57 -6.92
C ALA A 114 9.55 -2.38 -5.41
N TYR A 115 9.90 -1.17 -5.02
CA TYR A 115 10.02 -0.74 -3.63
C TYR A 115 9.24 0.57 -3.53
N VAL A 116 8.79 0.93 -2.34
CA VAL A 116 8.05 2.16 -2.11
C VAL A 116 8.57 2.74 -0.79
N SER A 117 8.74 4.06 -0.76
CA SER A 117 9.12 4.81 0.42
C SER A 117 8.05 5.89 0.56
N TYR A 118 7.33 5.93 1.68
CA TYR A 118 6.15 6.76 1.85
C TYR A 118 6.11 7.33 3.26
N GLY A 119 6.45 8.62 3.41
CA GLY A 119 6.42 9.31 4.69
C GLY A 119 7.34 8.67 5.75
N GLY A 120 8.41 7.99 5.32
CA GLY A 120 9.35 7.29 6.21
C GLY A 120 8.98 5.81 6.41
N LEU A 121 7.78 5.39 6.02
CA LEU A 121 7.39 3.98 5.96
C LEU A 121 7.94 3.39 4.66
N LEU A 122 8.01 2.06 4.55
CA LEU A 122 8.69 1.39 3.44
C LEU A 122 7.90 0.17 2.99
N MET A 123 8.03 -0.26 1.73
CA MET A 123 7.52 -1.53 1.22
C MET A 123 8.50 -2.07 0.18
N ARG A 124 8.48 -3.38 -0.05
CA ARG A 124 9.16 -4.06 -1.14
C ARG A 124 8.13 -5.06 -1.65
N LEU A 125 7.93 -5.16 -2.96
CA LEU A 125 6.82 -5.89 -3.55
C LEU A 125 7.23 -6.48 -4.89
N GLN A 126 6.70 -7.65 -5.23
CA GLN A 126 6.81 -8.20 -6.57
C GLN A 126 5.44 -8.77 -6.97
N GLY A 127 5.19 -8.80 -8.28
CA GLY A 127 4.03 -9.44 -8.87
C GLY A 127 4.22 -9.46 -10.38
N ASP A 128 3.35 -10.13 -11.12
CA ASP A 128 3.44 -10.06 -12.59
C ASP A 128 3.40 -8.59 -13.01
N ALA A 129 4.21 -8.21 -14.00
CA ALA A 129 4.26 -6.83 -14.47
C ALA A 129 2.88 -6.16 -14.59
N ASN A 130 1.94 -6.76 -15.32
CA ASN A 130 0.61 -6.16 -15.53
C ASN A 130 -0.15 -6.01 -14.23
N ASN A 131 0.03 -7.01 -13.40
CA ASN A 131 -0.55 -7.14 -12.08
C ASN A 131 0.06 -6.13 -11.09
N LEU A 132 1.25 -5.56 -11.36
CA LEU A 132 1.78 -4.50 -10.50
C LEU A 132 0.95 -3.22 -10.67
N HIS A 133 0.26 -3.08 -11.80
CA HIS A 133 -0.73 -2.04 -12.11
C HIS A 133 -0.29 -0.62 -11.71
N GLY A 134 1.01 -0.33 -11.85
CA GLY A 134 1.64 0.88 -11.36
C GLY A 134 2.95 1.09 -12.10
N PHE A 135 2.85 1.15 -13.43
CA PHE A 135 3.99 1.12 -14.34
C PHE A 135 4.92 2.33 -14.24
N GLU A 136 4.53 3.36 -13.51
CA GLU A 136 5.29 4.58 -13.29
C GLU A 136 5.82 4.61 -11.87
N VAL A 137 7.02 5.18 -11.73
CA VAL A 137 7.60 5.54 -10.43
C VAL A 137 6.70 6.55 -9.70
N ASP A 138 5.68 7.04 -10.41
CA ASP A 138 4.69 8.02 -9.98
C ASP A 138 3.26 7.51 -10.14
N SER A 139 3.08 6.20 -10.35
CA SER A 139 1.76 5.60 -10.26
C SER A 139 1.41 5.33 -8.80
N ARG A 140 2.09 4.34 -8.18
CA ARG A 140 1.69 3.84 -6.86
C ARG A 140 2.30 4.65 -5.73
N VAL A 141 2.74 5.87 -6.05
CA VAL A 141 3.08 6.86 -5.05
C VAL A 141 1.81 7.16 -4.26
N TYR A 142 0.64 7.15 -4.91
CA TYR A 142 -0.63 7.30 -4.23
C TYR A 142 -0.96 5.93 -3.63
N LEU A 143 -1.16 5.87 -2.32
CA LEU A 143 -1.26 4.61 -1.60
C LEU A 143 -2.31 4.78 -0.51
N LEU A 144 -3.14 3.75 -0.26
CA LEU A 144 -4.21 3.82 0.73
C LEU A 144 -4.35 2.43 1.34
N MET A 145 -4.51 2.37 2.67
CA MET A 145 -4.69 1.12 3.41
C MET A 145 -5.90 1.25 4.34
N LYS A 146 -6.48 0.12 4.74
CA LYS A 146 -7.62 0.04 5.65
C LYS A 146 -7.76 -1.40 6.15
N LYS A 147 -8.62 -1.63 7.16
CA LYS A 147 -8.97 -2.98 7.61
C LYS A 147 -9.67 -3.79 6.51
N LEU A 148 -9.72 -5.12 6.67
CA LEU A 148 -10.29 -6.06 5.70
C LEU A 148 -11.77 -5.79 5.39
N ALA A 149 -12.26 -6.40 4.30
CA ALA A 149 -13.64 -6.31 3.84
C ALA A 149 -14.54 -7.30 4.59
N PHE A 150 -14.63 -7.18 5.91
CA PHE A 150 -15.50 -7.99 6.76
C PHE A 150 -15.94 -7.14 7.95
N MET A 1 -10.64 9.09 -10.36
CA MET A 1 -11.47 10.28 -10.02
C MET A 1 -12.02 10.16 -8.60
N ALA A 2 -11.21 10.46 -7.56
CA ALA A 2 -11.65 10.53 -6.16
C ALA A 2 -12.52 9.34 -5.73
N GLY A 3 -12.04 8.13 -6.05
CA GLY A 3 -12.67 6.85 -5.76
C GLY A 3 -11.64 5.76 -6.05
N ILE A 4 -12.06 4.50 -6.04
CA ILE A 4 -11.20 3.38 -6.36
C ILE A 4 -10.84 3.36 -7.86
N LEU A 5 -9.87 2.52 -8.22
CA LEU A 5 -9.43 2.26 -9.60
C LEU A 5 -8.84 0.85 -9.67
N PHE A 6 -8.02 0.51 -8.67
CA PHE A 6 -7.52 -0.84 -8.42
C PHE A 6 -7.46 -0.99 -6.90
N GLU A 7 -7.75 -2.19 -6.40
CA GLU A 7 -7.93 -2.52 -5.00
C GLU A 7 -7.42 -3.96 -4.83
N ASP A 8 -6.73 -4.23 -3.72
CA ASP A 8 -6.17 -5.54 -3.42
C ASP A 8 -6.18 -5.77 -1.90
N ILE A 9 -6.41 -7.00 -1.46
CA ILE A 9 -6.45 -7.41 -0.06
C ILE A 9 -5.19 -8.27 0.13
N PHE A 10 -4.54 -8.14 1.29
CA PHE A 10 -3.40 -8.98 1.64
C PHE A 10 -3.47 -9.39 3.11
N ASP A 11 -2.79 -10.48 3.44
CA ASP A 11 -2.85 -11.14 4.74
C ASP A 11 -1.44 -11.48 5.22
N VAL A 12 -1.25 -11.45 6.54
CA VAL A 12 0.00 -11.70 7.21
C VAL A 12 0.51 -13.10 6.87
N LYS A 13 1.81 -13.21 6.70
CA LYS A 13 2.59 -14.44 6.58
C LYS A 13 3.67 -14.46 7.65
N ASP A 14 4.19 -13.29 8.08
CA ASP A 14 5.07 -13.16 9.24
C ASP A 14 5.03 -11.71 9.74
N ILE A 15 5.62 -11.48 10.92
CA ILE A 15 5.71 -10.19 11.59
C ILE A 15 7.19 -10.05 12.01
N ASP A 16 7.73 -8.84 11.90
CA ASP A 16 9.13 -8.54 12.22
C ASP A 16 9.18 -7.18 12.92
N PRO A 17 8.80 -7.11 14.21
CA PRO A 17 8.61 -5.85 14.93
C PRO A 17 9.90 -5.23 15.45
N GLU A 18 11.06 -5.74 15.05
CA GLU A 18 12.38 -5.22 15.38
C GLU A 18 12.73 -4.02 14.49
N GLY A 19 11.84 -3.02 14.50
CA GLY A 19 11.90 -1.81 13.69
C GLY A 19 11.24 -0.65 14.43
N LYS A 20 11.46 -0.58 15.75
CA LYS A 20 10.77 0.31 16.70
C LYS A 20 11.13 1.79 16.53
N LYS A 21 10.76 2.39 15.39
CA LYS A 21 10.83 3.85 15.22
C LYS A 21 9.91 4.47 16.27
N PHE A 22 8.77 3.79 16.49
CA PHE A 22 7.79 3.98 17.53
C PHE A 22 7.31 2.55 17.84
N ASP A 23 6.66 2.34 18.99
CA ASP A 23 6.17 1.01 19.37
C ASP A 23 5.16 0.45 18.36
N ARG A 24 4.36 1.34 17.76
CA ARG A 24 3.37 0.99 16.74
C ARG A 24 3.97 0.70 15.36
N VAL A 25 5.26 0.90 15.12
CA VAL A 25 5.84 0.73 13.79
C VAL A 25 6.55 -0.63 13.78
N SER A 26 6.17 -1.49 12.83
CA SER A 26 6.70 -2.85 12.73
C SER A 26 6.76 -3.27 11.26
N ARG A 27 7.68 -4.18 10.92
CA ARG A 27 7.64 -4.79 9.59
C ARG A 27 6.65 -5.93 9.64
N LEU A 28 6.05 -6.19 8.48
CA LEU A 28 5.14 -7.27 8.20
C LEU A 28 5.65 -7.93 6.93
N HIS A 29 5.31 -9.20 6.75
CA HIS A 29 5.53 -9.97 5.54
C HIS A 29 4.15 -10.55 5.23
N CYS A 30 3.66 -10.37 4.01
CA CYS A 30 2.29 -10.66 3.63
C CYS A 30 2.21 -11.25 2.21
N GLU A 31 1.03 -11.74 1.87
CA GLU A 31 0.69 -12.30 0.57
C GLU A 31 -0.69 -11.74 0.20
N SER A 32 -0.85 -11.29 -1.05
CA SER A 32 -2.13 -10.79 -1.54
C SER A 32 -3.08 -11.95 -1.82
N GLU A 33 -4.36 -11.73 -1.51
CA GLU A 33 -5.41 -12.72 -1.62
C GLU A 33 -6.13 -12.61 -2.98
N SER A 34 -6.26 -11.39 -3.50
CA SER A 34 -7.10 -11.10 -4.66
C SER A 34 -6.53 -11.68 -5.96
N PHE A 35 -5.22 -11.58 -6.18
CA PHE A 35 -4.56 -12.00 -7.42
C PHE A 35 -3.28 -12.75 -7.08
N LYS A 36 -2.13 -12.07 -7.06
CA LYS A 36 -0.80 -12.64 -6.86
C LYS A 36 0.18 -11.52 -6.57
N MET A 37 0.67 -11.45 -5.34
CA MET A 37 1.70 -10.53 -4.89
C MET A 37 2.34 -11.11 -3.64
N ASP A 38 3.65 -10.95 -3.51
CA ASP A 38 4.44 -11.23 -2.32
C ASP A 38 4.92 -9.87 -1.84
N LEU A 39 4.72 -9.57 -0.55
CA LEU A 39 4.90 -8.22 0.00
C LEU A 39 5.64 -8.24 1.32
N ILE A 40 6.53 -7.28 1.50
CA ILE A 40 7.21 -6.91 2.72
C ILE A 40 6.81 -5.44 2.88
N LEU A 41 6.55 -4.99 4.10
CA LEU A 41 6.21 -3.60 4.39
C LEU A 41 6.55 -3.26 5.83
N ASP A 42 6.71 -1.98 6.11
CA ASP A 42 7.03 -1.39 7.40
C ASP A 42 5.97 -0.33 7.64
N VAL A 43 5.08 -0.58 8.61
CA VAL A 43 3.87 0.21 8.79
C VAL A 43 3.47 0.37 10.26
N ASN A 44 2.53 1.30 10.50
CA ASN A 44 1.83 1.48 11.76
C ASN A 44 0.85 0.31 11.92
N ILE A 45 0.89 -0.41 13.04
CA ILE A 45 0.02 -1.56 13.30
C ILE A 45 -1.10 -1.27 14.31
N GLN A 46 -1.20 -0.08 14.89
CA GLN A 46 -2.30 0.26 15.82
C GLN A 46 -3.65 0.30 15.12
N ILE A 47 -3.59 0.39 13.79
CA ILE A 47 -4.75 0.22 12.91
C ILE A 47 -5.36 -1.18 13.14
N TYR A 48 -4.56 -2.17 13.56
CA TYR A 48 -4.92 -3.58 13.61
C TYR A 48 -4.81 -4.20 15.01
N PRO A 49 -5.50 -5.33 15.26
CA PRO A 49 -5.37 -6.12 16.48
C PRO A 49 -4.05 -6.92 16.44
N VAL A 50 -2.92 -6.23 16.64
CA VAL A 50 -1.57 -6.81 16.53
C VAL A 50 -1.37 -8.08 17.39
N ASP A 51 -2.16 -8.25 18.46
CA ASP A 51 -2.16 -9.45 19.30
C ASP A 51 -2.49 -10.74 18.51
N LEU A 52 -3.16 -10.62 17.36
CA LEU A 52 -3.60 -11.73 16.52
C LEU A 52 -3.19 -11.52 15.05
N GLY A 53 -3.10 -10.26 14.60
CA GLY A 53 -2.94 -9.91 13.20
C GLY A 53 -4.30 -9.92 12.49
N ASP A 54 -4.35 -9.33 11.30
CA ASP A 54 -5.57 -9.19 10.49
C ASP A 54 -5.16 -8.95 9.03
N LYS A 55 -6.10 -9.08 8.10
CA LYS A 55 -5.88 -8.71 6.71
C LYS A 55 -5.90 -7.18 6.57
N PHE A 56 -5.40 -6.69 5.44
CA PHE A 56 -5.35 -5.29 5.07
C PHE A 56 -5.96 -5.18 3.67
N ARG A 57 -6.30 -3.95 3.26
CA ARG A 57 -6.70 -3.59 1.91
C ARG A 57 -5.82 -2.43 1.49
N LEU A 58 -5.42 -2.43 0.23
CA LEU A 58 -4.61 -1.44 -0.43
C LEU A 58 -5.40 -0.95 -1.63
N VAL A 59 -5.32 0.34 -1.92
CA VAL A 59 -5.86 0.99 -3.10
C VAL A 59 -4.76 1.92 -3.59
N ILE A 60 -4.61 2.03 -4.91
CA ILE A 60 -3.52 2.76 -5.58
C ILE A 60 -4.09 3.74 -6.62
N ALA A 61 -5.38 4.07 -6.51
CA ALA A 61 -6.06 5.05 -7.34
C ALA A 61 -5.50 6.45 -7.08
N SER A 62 -5.70 7.35 -8.05
CA SER A 62 -5.39 8.77 -7.95
C SER A 62 -6.14 9.47 -6.79
N THR A 63 -7.24 8.87 -6.33
CA THR A 63 -8.01 9.19 -5.13
C THR A 63 -8.38 10.69 -5.00
N LEU A 64 -8.88 11.07 -3.82
CA LEU A 64 -9.34 12.41 -3.48
C LEU A 64 -8.25 13.46 -3.74
N TYR A 65 -6.98 13.05 -3.70
CA TYR A 65 -5.83 13.91 -3.91
C TYR A 65 -5.82 14.54 -5.31
N GLU A 66 -6.40 13.88 -6.32
CA GLU A 66 -6.43 14.43 -7.68
C GLU A 66 -7.41 15.59 -7.82
N ASP A 67 -8.33 15.74 -6.86
CA ASP A 67 -9.48 16.64 -6.92
C ASP A 67 -9.50 17.63 -5.74
N GLY A 68 -8.74 17.34 -4.67
CA GLY A 68 -8.74 18.14 -3.46
C GLY A 68 -10.07 18.02 -2.73
N THR A 69 -10.71 16.84 -2.77
CA THR A 69 -12.09 16.62 -2.32
C THR A 69 -12.32 16.99 -0.85
N LEU A 70 -11.25 17.02 -0.03
CA LEU A 70 -11.31 17.55 1.34
C LEU A 70 -10.14 18.52 1.60
N ASP A 71 -9.00 18.32 0.94
CA ASP A 71 -7.82 19.19 1.11
C ASP A 71 -8.06 20.62 0.59
N ASP A 72 -9.02 20.77 -0.32
CA ASP A 72 -9.53 22.04 -0.84
C ASP A 72 -11.06 21.95 -0.90
N GLY A 73 -11.65 21.26 0.07
CA GLY A 73 -13.04 20.87 0.11
C GLY A 73 -13.61 20.99 1.52
N GLU A 74 -13.14 21.99 2.28
CA GLU A 74 -13.62 22.37 3.60
C GLU A 74 -13.69 21.18 4.57
N TYR A 75 -12.56 20.48 4.74
CA TYR A 75 -12.42 19.48 5.79
C TYR A 75 -12.70 20.17 7.14
N ASN A 76 -13.33 19.46 8.08
CA ASN A 76 -13.84 20.04 9.32
C ASN A 76 -13.51 19.12 10.50
N PRO A 77 -12.82 19.60 11.54
CA PRO A 77 -12.59 18.83 12.76
C PRO A 77 -13.89 18.28 13.34
N THR A 78 -13.79 17.12 13.99
CA THR A 78 -14.90 16.41 14.63
C THR A 78 -15.94 15.89 13.60
N ASP A 79 -15.72 16.03 12.29
CA ASP A 79 -16.55 15.36 11.29
C ASP A 79 -16.36 13.84 11.38
N ASP A 80 -15.14 13.41 11.74
CA ASP A 80 -14.75 12.00 11.91
C ASP A 80 -14.98 11.53 13.37
N ARG A 81 -15.87 12.21 14.11
CA ARG A 81 -16.18 11.92 15.51
C ARG A 81 -16.39 10.42 15.72
N PRO A 82 -15.71 9.82 16.72
CA PRO A 82 -15.59 8.40 16.98
C PRO A 82 -15.81 7.45 15.79
N SER A 83 -15.16 7.73 14.66
CA SER A 83 -15.25 6.96 13.42
C SER A 83 -13.88 6.48 12.93
N ARG A 84 -12.78 6.85 13.60
CA ARG A 84 -11.40 6.41 13.35
C ARG A 84 -11.03 6.33 11.85
N ALA A 85 -11.46 7.33 11.08
CA ALA A 85 -11.29 7.42 9.64
C ALA A 85 -11.66 6.13 8.88
N ASP A 86 -12.62 5.33 9.37
CA ASP A 86 -13.07 4.07 8.76
C ASP A 86 -13.33 4.18 7.25
N GLN A 87 -13.74 5.37 6.81
CA GLN A 87 -13.87 5.78 5.42
C GLN A 87 -12.63 5.41 4.62
N PHE A 88 -11.46 5.96 4.98
CA PHE A 88 -10.16 5.77 4.35
C PHE A 88 -9.14 5.89 5.49
N GLU A 89 -8.84 4.77 6.15
CA GLU A 89 -8.09 4.75 7.41
C GLU A 89 -6.67 5.33 7.29
N TYR A 90 -6.02 5.18 6.13
CA TYR A 90 -4.75 5.82 5.85
C TYR A 90 -4.70 6.24 4.38
N VAL A 91 -4.11 7.40 4.11
CA VAL A 91 -3.89 7.97 2.79
C VAL A 91 -2.53 8.65 2.81
N MET A 92 -1.75 8.52 1.73
CA MET A 92 -0.41 9.06 1.61
C MET A 92 -0.01 9.12 0.14
N TYR A 93 1.06 9.85 -0.15
CA TYR A 93 1.70 9.87 -1.45
C TYR A 93 3.18 9.51 -1.23
N GLY A 94 3.80 8.80 -2.17
CA GLY A 94 5.15 8.28 -1.99
C GLY A 94 5.88 8.10 -3.31
N LYS A 95 7.04 7.45 -3.27
CA LYS A 95 7.87 7.17 -4.43
C LYS A 95 7.96 5.66 -4.56
N VAL A 96 7.80 5.16 -5.78
CA VAL A 96 7.93 3.76 -6.13
C VAL A 96 9.18 3.66 -7.03
N TYR A 97 10.03 2.68 -6.77
CA TYR A 97 11.31 2.50 -7.44
C TYR A 97 11.65 1.00 -7.43
N ARG A 98 12.35 0.50 -8.45
CA ARG A 98 12.93 -0.86 -8.51
C ARG A 98 13.71 -1.03 -9.81
N ILE A 99 14.37 -2.17 -9.95
CA ILE A 99 15.00 -2.61 -11.19
C ILE A 99 13.92 -2.97 -12.24
N GLU A 100 14.36 -3.46 -13.40
CA GLU A 100 13.56 -3.71 -14.60
C GLU A 100 12.44 -4.76 -14.46
N GLY A 101 12.37 -5.47 -13.32
CA GLY A 101 11.34 -6.47 -13.05
C GLY A 101 11.78 -7.89 -13.40
N ASP A 102 12.85 -8.04 -14.19
CA ASP A 102 13.49 -9.35 -14.41
C ASP A 102 14.37 -9.59 -13.18
N GLU A 103 13.70 -9.95 -12.09
CA GLU A 103 14.28 -10.02 -10.76
C GLU A 103 14.21 -11.49 -10.30
N THR A 104 15.10 -12.30 -10.86
CA THR A 104 15.20 -13.73 -10.58
C THR A 104 16.67 -14.17 -10.78
N SER A 105 16.82 -15.42 -11.21
CA SER A 105 18.08 -16.14 -11.42
C SER A 105 17.94 -17.01 -12.67
N THR A 106 16.74 -17.10 -13.26
CA THR A 106 16.52 -17.75 -14.53
C THR A 106 16.64 -16.74 -15.68
N GLU A 107 16.90 -15.47 -15.35
CA GLU A 107 16.82 -14.33 -16.25
C GLU A 107 15.43 -14.30 -16.93
N ALA A 108 14.38 -14.78 -16.23
CA ALA A 108 13.04 -14.90 -16.80
C ALA A 108 11.97 -14.77 -15.71
N ALA A 109 11.96 -13.64 -14.98
CA ALA A 109 10.94 -13.44 -13.96
C ALA A 109 9.55 -13.29 -14.60
N THR A 110 8.51 -13.41 -13.79
CA THR A 110 7.11 -13.34 -14.24
C THR A 110 6.26 -12.34 -13.45
N ARG A 111 6.89 -11.65 -12.50
CA ARG A 111 6.30 -10.67 -11.61
C ARG A 111 7.22 -9.47 -11.61
N LEU A 112 6.67 -8.29 -11.86
CA LEU A 112 7.40 -7.02 -11.78
C LEU A 112 7.61 -6.71 -10.30
N SER A 113 8.80 -6.21 -9.93
CA SER A 113 9.09 -5.80 -8.57
C SER A 113 8.74 -4.32 -8.37
N ALA A 114 8.45 -3.93 -7.13
CA ALA A 114 8.30 -2.54 -6.73
C ALA A 114 8.77 -2.40 -5.28
N TYR A 115 9.51 -1.35 -4.97
CA TYR A 115 9.83 -0.95 -3.60
C TYR A 115 9.13 0.41 -3.46
N VAL A 116 8.64 0.73 -2.27
CA VAL A 116 7.84 1.94 -2.05
C VAL A 116 8.35 2.59 -0.78
N SER A 117 8.36 3.92 -0.76
CA SER A 117 8.61 4.71 0.43
C SER A 117 7.54 5.80 0.42
N TYR A 118 6.76 5.90 1.50
CA TYR A 118 5.57 6.75 1.55
C TYR A 118 5.40 7.29 2.96
N GLY A 119 5.65 8.59 3.17
CA GLY A 119 5.52 9.25 4.46
C GLY A 119 6.37 8.61 5.57
N GLY A 120 7.46 7.92 5.22
CA GLY A 120 8.35 7.23 6.15
C GLY A 120 8.00 5.75 6.35
N LEU A 121 6.83 5.29 5.86
CA LEU A 121 6.47 3.87 5.82
C LEU A 121 7.11 3.29 4.55
N LEU A 122 7.27 1.97 4.47
CA LEU A 122 8.06 1.32 3.42
C LEU A 122 7.38 0.05 2.91
N MET A 123 7.74 -0.41 1.70
CA MET A 123 7.35 -1.72 1.16
C MET A 123 8.47 -2.21 0.22
N ARG A 124 8.55 -3.52 0.03
CA ARG A 124 9.37 -4.19 -0.98
C ARG A 124 8.53 -5.38 -1.45
N LEU A 125 8.28 -5.54 -2.75
CA LEU A 125 7.32 -6.52 -3.23
C LEU A 125 7.59 -6.96 -4.67
N GLN A 126 6.92 -8.04 -5.07
CA GLN A 126 6.83 -8.53 -6.43
C GLN A 126 5.36 -8.88 -6.65
N GLY A 127 4.85 -8.59 -7.84
CA GLY A 127 3.48 -8.87 -8.20
C GLY A 127 3.34 -8.97 -9.70
N ASP A 128 2.19 -9.45 -10.16
CA ASP A 128 1.86 -9.40 -11.58
C ASP A 128 2.03 -7.97 -12.09
N ALA A 129 2.72 -7.78 -13.21
CA ALA A 129 2.86 -6.46 -13.82
C ALA A 129 1.53 -5.67 -13.87
N ASN A 130 0.41 -6.30 -14.25
CA ASN A 130 -0.90 -5.65 -14.27
C ASN A 130 -1.42 -5.28 -12.88
N ASN A 131 -0.94 -5.96 -11.86
CA ASN A 131 -1.18 -5.67 -10.45
C ASN A 131 -0.36 -4.47 -9.99
N LEU A 132 0.72 -4.08 -10.72
CA LEU A 132 1.43 -2.81 -10.49
C LEU A 132 0.73 -1.69 -11.30
N HIS A 133 -0.38 -2.03 -11.95
CA HIS A 133 -1.40 -1.22 -12.64
C HIS A 133 -0.93 0.01 -13.44
N GLY A 134 0.28 -0.04 -13.98
CA GLY A 134 0.86 1.03 -14.79
C GLY A 134 2.37 0.90 -14.93
N PHE A 135 2.90 -0.34 -14.88
CA PHE A 135 4.32 -0.65 -14.78
C PHE A 135 5.04 0.22 -13.72
N GLU A 136 4.36 0.44 -12.59
CA GLU A 136 4.79 1.23 -11.44
C GLU A 136 5.46 2.57 -11.80
N VAL A 137 6.41 3.03 -10.99
CA VAL A 137 7.03 4.37 -11.00
C VAL A 137 6.03 5.46 -10.58
N ASP A 138 4.74 5.34 -10.92
CA ASP A 138 3.73 6.40 -10.77
C ASP A 138 2.32 5.84 -10.63
N SER A 139 2.21 4.55 -10.30
CA SER A 139 0.96 3.93 -9.91
C SER A 139 0.78 4.14 -8.40
N ARG A 140 1.51 3.33 -7.63
CA ARG A 140 1.39 3.24 -6.18
C ARG A 140 2.09 4.38 -5.45
N VAL A 141 2.45 5.43 -6.18
CA VAL A 141 2.87 6.68 -5.60
C VAL A 141 1.65 7.20 -4.84
N TYR A 142 0.43 7.04 -5.38
CA TYR A 142 -0.79 7.30 -4.64
C TYR A 142 -1.04 6.03 -3.82
N LEU A 143 -1.25 6.14 -2.51
CA LEU A 143 -1.39 4.96 -1.66
C LEU A 143 -2.46 5.23 -0.60
N LEU A 144 -3.42 4.32 -0.51
CA LEU A 144 -4.53 4.36 0.43
C LEU A 144 -4.62 2.96 1.04
N MET A 145 -4.74 2.86 2.36
CA MET A 145 -4.75 1.58 3.06
C MET A 145 -5.84 1.62 4.12
N LYS A 146 -6.56 0.50 4.29
CA LYS A 146 -7.63 0.36 5.29
C LYS A 146 -7.86 -1.13 5.57
N LYS A 147 -8.85 -1.44 6.40
CA LYS A 147 -9.37 -2.80 6.61
C LYS A 147 -9.76 -3.49 5.30
N LEU A 148 -9.80 -4.82 5.37
CA LEU A 148 -10.25 -5.75 4.32
C LEU A 148 -11.61 -5.38 3.68
N ALA A 149 -11.96 -6.06 2.57
CA ALA A 149 -13.22 -5.85 1.86
C ALA A 149 -14.05 -7.12 1.66
N PHE A 150 -13.54 -8.24 2.16
CA PHE A 150 -14.12 -9.58 2.12
C PHE A 150 -13.26 -10.46 3.02
N MET A 1 -4.29 13.59 -12.59
CA MET A 1 -4.61 12.23 -12.08
C MET A 1 -4.35 12.16 -10.58
N ALA A 2 -5.16 11.36 -9.85
CA ALA A 2 -5.07 11.21 -8.40
C ALA A 2 -5.22 9.74 -7.95
N GLY A 3 -5.24 8.79 -8.89
CA GLY A 3 -5.37 7.38 -8.60
C GLY A 3 -5.58 6.56 -9.87
N ILE A 4 -5.67 5.24 -9.71
CA ILE A 4 -5.98 4.26 -10.75
C ILE A 4 -6.93 3.26 -10.09
N LEU A 5 -7.96 2.79 -10.79
CA LEU A 5 -8.93 1.84 -10.24
C LEU A 5 -8.27 0.46 -10.14
N PHE A 6 -7.70 0.15 -8.98
CA PHE A 6 -7.17 -1.18 -8.63
C PHE A 6 -7.27 -1.35 -7.11
N GLU A 7 -7.48 -2.59 -6.67
CA GLU A 7 -7.75 -2.98 -5.30
C GLU A 7 -7.16 -4.38 -5.10
N ASP A 8 -6.61 -4.65 -3.91
CA ASP A 8 -6.14 -5.97 -3.51
C ASP A 8 -6.23 -6.09 -2.00
N ILE A 9 -6.93 -7.11 -1.51
CA ILE A 9 -6.92 -7.48 -0.09
C ILE A 9 -5.62 -8.25 0.09
N PHE A 10 -4.94 -8.09 1.22
CA PHE A 10 -3.79 -8.92 1.57
C PHE A 10 -3.95 -9.44 2.99
N ASP A 11 -3.24 -10.52 3.28
CA ASP A 11 -3.20 -11.19 4.58
C ASP A 11 -1.76 -11.14 5.06
N VAL A 12 -1.57 -10.76 6.32
CA VAL A 12 -0.25 -10.74 6.93
C VAL A 12 0.20 -12.20 7.12
N LYS A 13 1.45 -12.47 6.77
CA LYS A 13 2.09 -13.78 6.81
C LYS A 13 3.19 -13.79 7.87
N ASP A 14 3.78 -12.64 8.20
CA ASP A 14 4.69 -12.52 9.35
C ASP A 14 4.74 -11.07 9.84
N ILE A 15 5.24 -10.90 11.06
CA ILE A 15 5.43 -9.65 11.77
C ILE A 15 6.79 -9.77 12.46
N ASP A 16 7.59 -8.71 12.42
CA ASP A 16 8.96 -8.69 12.90
C ASP A 16 9.25 -7.33 13.56
N PRO A 17 9.16 -7.21 14.89
CA PRO A 17 9.31 -5.95 15.62
C PRO A 17 10.67 -5.23 15.50
N GLU A 18 11.61 -5.77 14.73
CA GLU A 18 12.96 -5.24 14.49
C GLU A 18 12.91 -4.06 13.48
N GLY A 19 11.98 -3.13 13.71
CA GLY A 19 11.75 -1.92 12.95
C GLY A 19 11.09 -0.87 13.86
N LYS A 20 11.48 -0.86 15.14
CA LYS A 20 10.87 -0.11 16.24
C LYS A 20 11.10 1.41 16.15
N LYS A 21 10.75 2.03 15.03
CA LYS A 21 10.72 3.49 14.89
C LYS A 21 9.85 4.10 16.00
N PHE A 22 8.74 3.42 16.28
CA PHE A 22 7.83 3.61 17.39
C PHE A 22 7.42 2.20 17.79
N ASP A 23 6.84 2.02 18.99
CA ASP A 23 6.33 0.71 19.42
C ASP A 23 5.28 0.17 18.43
N ARG A 24 4.49 1.06 17.85
CA ARG A 24 3.45 0.77 16.85
C ARG A 24 3.99 0.53 15.44
N VAL A 25 5.30 0.53 15.17
CA VAL A 25 5.83 0.32 13.81
C VAL A 25 6.66 -0.96 13.84
N SER A 26 6.45 -1.85 12.88
CA SER A 26 7.17 -3.12 12.78
C SER A 26 7.38 -3.48 11.30
N ARG A 27 8.34 -4.36 11.05
CA ARG A 27 8.51 -4.96 9.73
C ARG A 27 7.42 -6.04 9.61
N LEU A 28 6.95 -6.27 8.40
CA LEU A 28 5.78 -7.10 8.08
C LEU A 28 6.08 -7.85 6.80
N HIS A 29 5.45 -9.00 6.61
CA HIS A 29 5.48 -9.77 5.37
C HIS A 29 4.02 -10.18 5.11
N CYS A 30 3.55 -10.08 3.86
CA CYS A 30 2.14 -10.25 3.50
C CYS A 30 2.01 -10.90 2.12
N GLU A 31 0.81 -11.38 1.81
CA GLU A 31 0.45 -12.02 0.54
C GLU A 31 -0.94 -11.54 0.13
N SER A 32 -1.11 -11.20 -1.15
CA SER A 32 -2.41 -10.87 -1.73
C SER A 32 -3.39 -12.03 -1.64
N GLU A 33 -4.64 -11.71 -1.34
CA GLU A 33 -5.75 -12.63 -1.45
C GLU A 33 -6.40 -12.44 -2.83
N SER A 34 -6.62 -11.19 -3.25
CA SER A 34 -7.38 -10.89 -4.46
C SER A 34 -6.60 -11.24 -5.74
N PHE A 35 -5.28 -10.99 -5.77
CA PHE A 35 -4.45 -11.29 -6.91
C PHE A 35 -3.36 -12.26 -6.48
N LYS A 36 -2.11 -11.81 -6.35
CA LYS A 36 -0.97 -12.73 -6.16
C LYS A 36 0.35 -12.08 -5.71
N MET A 37 0.33 -10.80 -5.35
CA MET A 37 1.54 -10.09 -5.02
C MET A 37 2.11 -10.64 -3.71
N ASP A 38 3.43 -10.61 -3.60
CA ASP A 38 4.18 -10.88 -2.39
C ASP A 38 4.64 -9.51 -1.87
N LEU A 39 4.58 -9.30 -0.55
CA LEU A 39 4.77 -7.99 0.05
C LEU A 39 5.66 -8.10 1.28
N ILE A 40 6.47 -7.08 1.47
CA ILE A 40 7.28 -6.80 2.64
C ILE A 40 6.96 -5.34 2.97
N LEU A 41 6.88 -4.97 4.23
CA LEU A 41 6.53 -3.65 4.71
C LEU A 41 7.33 -3.36 5.97
N ASP A 42 7.45 -2.09 6.30
CA ASP A 42 7.96 -1.52 7.52
C ASP A 42 6.92 -0.43 7.76
N VAL A 43 5.90 -0.74 8.57
CA VAL A 43 4.71 0.09 8.66
C VAL A 43 4.10 0.08 10.06
N ASN A 44 3.16 1.01 10.29
CA ASN A 44 2.30 1.06 11.48
C ASN A 44 1.50 -0.25 11.57
N ILE A 45 1.33 -0.80 12.78
CA ILE A 45 0.54 -2.00 13.04
C ILE A 45 -0.64 -1.76 13.97
N GLN A 46 -0.87 -0.55 14.51
CA GLN A 46 -1.84 -0.27 15.60
C GLN A 46 -3.31 -0.56 15.23
N ILE A 47 -3.55 -0.70 13.93
CA ILE A 47 -4.80 -1.08 13.31
C ILE A 47 -5.17 -2.53 13.67
N TYR A 48 -4.15 -3.37 13.94
CA TYR A 48 -4.31 -4.77 14.29
C TYR A 48 -5.30 -4.97 15.46
N PRO A 49 -5.95 -6.15 15.60
CA PRO A 49 -6.83 -6.50 16.72
C PRO A 49 -6.05 -6.79 18.02
N VAL A 50 -5.15 -5.90 18.41
CA VAL A 50 -4.40 -5.76 19.67
C VAL A 50 -3.59 -6.96 20.21
N ASP A 51 -3.74 -8.17 19.65
CA ASP A 51 -3.13 -9.39 20.19
C ASP A 51 -2.66 -10.35 19.08
N LEU A 52 -3.07 -10.10 17.83
CA LEU A 52 -2.75 -10.89 16.65
C LEU A 52 -2.89 -9.99 15.42
N GLY A 53 -2.43 -10.46 14.26
CA GLY A 53 -2.56 -9.75 13.00
C GLY A 53 -3.96 -9.95 12.37
N ASP A 54 -4.22 -9.26 11.26
CA ASP A 54 -5.48 -9.33 10.53
C ASP A 54 -5.22 -9.01 9.05
N LYS A 55 -6.22 -9.21 8.19
CA LYS A 55 -6.16 -8.88 6.77
C LYS A 55 -6.38 -7.38 6.59
N PHE A 56 -5.89 -6.84 5.48
CA PHE A 56 -5.97 -5.43 5.12
C PHE A 56 -6.49 -5.31 3.69
N ARG A 57 -6.98 -4.13 3.34
CA ARG A 57 -7.40 -3.74 1.99
C ARG A 57 -6.42 -2.65 1.57
N LEU A 58 -5.92 -2.74 0.34
CA LEU A 58 -5.02 -1.77 -0.27
C LEU A 58 -5.63 -1.40 -1.60
N VAL A 59 -5.70 -0.10 -1.91
CA VAL A 59 -6.21 0.43 -3.17
C VAL A 59 -5.28 1.58 -3.60
N ILE A 60 -5.39 1.97 -4.86
CA ILE A 60 -4.60 3.08 -5.43
C ILE A 60 -5.53 4.08 -6.13
N ALA A 61 -6.85 3.98 -5.91
CA ALA A 61 -7.87 4.80 -6.56
C ALA A 61 -7.91 6.25 -6.06
N SER A 62 -7.17 6.57 -4.99
CA SER A 62 -7.19 7.88 -4.34
C SER A 62 -5.81 8.17 -3.75
N THR A 63 -5.59 9.42 -3.34
CA THR A 63 -4.40 9.87 -2.61
C THR A 63 -4.80 11.08 -1.76
N LEU A 64 -3.89 11.56 -0.91
CA LEU A 64 -4.10 12.77 -0.12
C LEU A 64 -3.83 14.00 -1.00
N TYR A 65 -4.28 15.17 -0.55
CA TYR A 65 -4.13 16.42 -1.29
C TYR A 65 -3.59 17.50 -0.35
N GLU A 66 -3.29 18.69 -0.87
CA GLU A 66 -2.98 19.84 -0.02
C GLU A 66 -4.30 20.33 0.59
N ASP A 67 -4.23 21.10 1.67
CA ASP A 67 -5.43 21.66 2.30
C ASP A 67 -6.16 22.60 1.33
N GLY A 68 -5.40 23.37 0.55
CA GLY A 68 -5.94 24.30 -0.45
C GLY A 68 -6.75 23.59 -1.54
N THR A 69 -6.44 22.32 -1.84
CA THR A 69 -7.13 21.56 -2.87
C THR A 69 -8.60 21.31 -2.51
N LEU A 70 -8.95 21.34 -1.21
CA LEU A 70 -10.30 21.04 -0.73
C LEU A 70 -10.92 22.24 0.00
N ASP A 71 -10.12 23.11 0.61
CA ASP A 71 -10.59 24.34 1.24
C ASP A 71 -11.25 25.30 0.23
N ASP A 72 -11.02 25.06 -1.07
CA ASP A 72 -11.63 25.78 -2.19
C ASP A 72 -13.16 25.69 -2.26
N GLY A 73 -13.74 24.75 -1.51
CA GLY A 73 -15.19 24.62 -1.41
C GLY A 73 -15.73 23.53 -0.47
N GLU A 74 -14.87 22.78 0.23
CA GLU A 74 -15.23 21.59 0.99
C GLU A 74 -16.10 20.67 0.14
N TYR A 75 -15.54 20.25 -1.00
CA TYR A 75 -16.19 19.30 -1.92
C TYR A 75 -16.60 18.07 -1.10
N ASN A 76 -17.83 17.60 -1.28
CA ASN A 76 -18.34 16.47 -0.52
C ASN A 76 -19.20 15.58 -1.43
N PRO A 77 -18.77 14.33 -1.74
CA PRO A 77 -19.52 13.40 -2.58
C PRO A 77 -20.91 12.99 -2.07
N THR A 78 -21.31 13.42 -0.87
CA THR A 78 -22.58 13.15 -0.19
C THR A 78 -22.78 11.68 0.23
N ASP A 79 -22.27 10.71 -0.52
CA ASP A 79 -22.20 9.30 -0.09
C ASP A 79 -21.21 9.13 1.07
N ASP A 80 -20.28 10.09 1.19
CA ASP A 80 -19.33 10.23 2.28
C ASP A 80 -20.03 10.41 3.63
N ARG A 81 -21.08 11.23 3.71
CA ARG A 81 -21.65 11.62 5.00
C ARG A 81 -22.29 10.47 5.78
N PRO A 82 -23.09 9.57 5.18
CA PRO A 82 -23.60 8.39 5.88
C PRO A 82 -22.58 7.25 6.01
N SER A 83 -21.31 7.51 5.68
CA SER A 83 -20.24 6.52 5.66
C SER A 83 -19.11 6.90 6.63
N ARG A 84 -18.88 8.21 6.86
CA ARG A 84 -17.89 8.77 7.78
C ARG A 84 -16.47 8.28 7.46
N ALA A 85 -15.48 8.64 8.28
CA ALA A 85 -14.08 8.37 7.98
C ALA A 85 -13.74 6.87 7.94
N ASP A 86 -14.65 5.99 8.41
CA ASP A 86 -14.53 4.53 8.36
C ASP A 86 -14.32 4.00 6.93
N GLN A 87 -14.62 4.80 5.90
CA GLN A 87 -14.29 4.53 4.50
C GLN A 87 -12.79 4.25 4.31
N PHE A 88 -11.92 4.76 5.18
CA PHE A 88 -10.47 4.77 5.02
C PHE A 88 -9.81 4.49 6.38
N GLU A 89 -8.46 4.42 6.41
CA GLU A 89 -7.69 4.39 7.65
C GLU A 89 -6.36 5.13 7.44
N TYR A 90 -5.72 4.96 6.28
CA TYR A 90 -4.50 5.67 5.90
C TYR A 90 -4.54 5.96 4.40
N VAL A 91 -4.01 7.10 3.99
CA VAL A 91 -3.95 7.54 2.59
C VAL A 91 -2.60 8.26 2.43
N MET A 92 -1.95 8.09 1.28
CA MET A 92 -0.56 8.50 1.10
C MET A 92 -0.22 8.68 -0.40
N TYR A 93 0.86 9.42 -0.66
CA TYR A 93 1.48 9.64 -1.96
C TYR A 93 2.97 9.34 -1.73
N GLY A 94 3.43 8.19 -2.22
CA GLY A 94 4.75 7.66 -1.91
C GLY A 94 5.80 8.04 -2.94
N LYS A 95 6.99 7.47 -2.78
CA LYS A 95 8.05 7.52 -3.77
C LYS A 95 8.36 6.07 -4.12
N VAL A 96 7.82 5.64 -5.26
CA VAL A 96 8.15 4.37 -5.87
C VAL A 96 9.59 4.46 -6.41
N TYR A 97 10.32 3.36 -6.29
CA TYR A 97 11.61 3.10 -6.91
C TYR A 97 11.48 1.66 -7.40
N ARG A 98 11.76 1.37 -8.67
CA ARG A 98 11.41 0.05 -9.23
C ARG A 98 12.42 -0.42 -10.27
N ILE A 99 12.29 -1.69 -10.64
CA ILE A 99 13.22 -2.47 -11.46
C ILE A 99 12.42 -3.24 -12.51
N GLU A 100 13.10 -3.76 -13.52
CA GLU A 100 12.56 -4.62 -14.58
C GLU A 100 12.07 -5.98 -14.06
N GLY A 101 12.29 -6.22 -12.78
CA GLY A 101 12.13 -7.47 -12.07
C GLY A 101 13.26 -7.48 -11.04
N ASP A 102 13.28 -8.47 -10.14
CA ASP A 102 14.33 -8.59 -9.12
C ASP A 102 15.73 -8.65 -9.74
N GLU A 103 15.72 -9.06 -11.00
CA GLU A 103 16.75 -9.08 -12.01
C GLU A 103 15.95 -9.54 -13.24
N THR A 104 16.40 -10.58 -13.93
CA THR A 104 15.84 -11.08 -15.16
C THR A 104 15.71 -12.60 -15.20
N SER A 105 14.96 -13.03 -16.21
CA SER A 105 14.64 -14.39 -16.60
C SER A 105 14.89 -14.45 -18.12
N THR A 106 14.54 -13.37 -18.83
CA THR A 106 14.90 -13.15 -20.23
C THR A 106 15.44 -11.72 -20.39
N GLU A 107 14.62 -10.72 -20.07
CA GLU A 107 14.92 -9.29 -20.18
C GLU A 107 14.07 -8.48 -19.17
N ALA A 108 13.64 -9.18 -18.12
CA ALA A 108 12.67 -8.84 -17.09
C ALA A 108 12.64 -10.11 -16.25
N ALA A 109 12.39 -10.03 -14.94
CA ALA A 109 12.15 -11.26 -14.19
C ALA A 109 10.72 -11.73 -14.46
N THR A 110 10.39 -12.97 -14.10
CA THR A 110 9.07 -13.57 -14.33
C THR A 110 7.94 -12.94 -13.48
N ARG A 111 8.32 -12.01 -12.61
CA ARG A 111 7.46 -11.12 -11.85
C ARG A 111 8.17 -9.78 -11.91
N LEU A 112 7.40 -8.72 -12.06
CA LEU A 112 7.91 -7.37 -11.91
C LEU A 112 8.06 -7.11 -10.40
N SER A 113 8.91 -6.15 -10.05
CA SER A 113 9.20 -5.83 -8.66
C SER A 113 9.30 -4.32 -8.52
N ALA A 114 8.88 -3.81 -7.37
CA ALA A 114 8.92 -2.40 -7.04
C ALA A 114 9.12 -2.23 -5.54
N TYR A 115 9.58 -1.04 -5.16
CA TYR A 115 9.75 -0.60 -3.79
C TYR A 115 8.97 0.70 -3.67
N VAL A 116 8.43 1.02 -2.49
CA VAL A 116 7.68 2.24 -2.28
C VAL A 116 8.05 2.74 -0.88
N SER A 117 8.69 3.91 -0.82
CA SER A 117 8.90 4.60 0.44
C SER A 117 7.65 5.42 0.67
N TYR A 118 7.01 5.23 1.82
CA TYR A 118 5.94 6.10 2.27
C TYR A 118 6.58 7.26 3.03
N GLY A 119 5.83 8.34 3.23
CA GLY A 119 6.16 9.49 4.10
C GLY A 119 6.46 9.11 5.56
N GLY A 120 7.55 8.39 5.81
CA GLY A 120 8.02 7.92 7.11
C GLY A 120 8.10 6.39 7.22
N LEU A 121 7.63 5.63 6.22
CA LEU A 121 7.47 4.16 6.30
C LEU A 121 7.90 3.54 4.95
N LEU A 122 7.85 2.22 4.73
CA LEU A 122 8.32 1.62 3.47
C LEU A 122 7.64 0.26 3.18
N MET A 123 7.67 -0.19 1.92
CA MET A 123 7.28 -1.53 1.49
C MET A 123 8.10 -1.92 0.25
N ARG A 124 8.16 -3.22 -0.03
CA ARG A 124 8.78 -3.82 -1.21
C ARG A 124 7.82 -4.90 -1.69
N LEU A 125 7.63 -5.04 -3.00
CA LEU A 125 6.57 -5.86 -3.57
C LEU A 125 7.06 -6.56 -4.84
N GLN A 126 6.54 -7.76 -5.09
CA GLN A 126 6.69 -8.47 -6.35
C GLN A 126 5.29 -8.91 -6.79
N GLY A 127 5.09 -9.05 -8.09
CA GLY A 127 3.88 -9.64 -8.65
C GLY A 127 4.04 -9.79 -10.14
N ASP A 128 3.09 -10.44 -10.82
CA ASP A 128 3.06 -10.42 -12.27
C ASP A 128 3.05 -8.96 -12.72
N ALA A 129 3.78 -8.61 -13.77
CA ALA A 129 3.87 -7.22 -14.27
C ALA A 129 2.52 -6.48 -14.23
N ASN A 130 1.50 -6.96 -14.94
CA ASN A 130 0.20 -6.28 -14.98
C ASN A 130 -0.44 -6.17 -13.60
N ASN A 131 -0.25 -7.23 -12.82
CA ASN A 131 -0.75 -7.37 -11.46
C ASN A 131 -0.06 -6.39 -10.52
N LEU A 132 1.14 -5.88 -10.84
CA LEU A 132 1.83 -4.91 -10.00
C LEU A 132 1.10 -3.56 -10.06
N HIS A 133 0.40 -3.30 -11.17
CA HIS A 133 -0.45 -2.15 -11.45
C HIS A 133 0.16 -0.81 -11.02
N GLY A 134 1.48 -0.66 -11.23
CA GLY A 134 2.26 0.44 -10.70
C GLY A 134 3.61 0.54 -11.39
N PHE A 135 3.62 0.40 -12.71
CA PHE A 135 4.84 0.34 -13.53
C PHE A 135 5.49 1.72 -13.72
N GLU A 136 5.01 2.74 -13.01
CA GLU A 136 5.41 4.13 -13.17
C GLU A 136 5.76 4.69 -11.81
N VAL A 137 6.88 5.43 -11.81
CA VAL A 137 7.36 6.26 -10.73
C VAL A 137 6.33 7.33 -10.31
N ASP A 138 5.21 7.41 -11.03
CA ASP A 138 4.07 8.28 -10.65
C ASP A 138 2.71 7.59 -10.77
N SER A 139 2.71 6.26 -10.84
CA SER A 139 1.49 5.47 -10.67
C SER A 139 1.50 4.88 -9.28
N ARG A 140 2.61 4.22 -8.91
CA ARG A 140 2.68 3.47 -7.66
C ARG A 140 2.84 4.38 -6.44
N VAL A 141 2.88 5.68 -6.68
CA VAL A 141 2.80 6.70 -5.66
C VAL A 141 1.47 6.63 -4.91
N TYR A 142 0.34 6.42 -5.62
CA TYR A 142 -0.98 6.55 -5.03
C TYR A 142 -1.17 5.37 -4.08
N LEU A 143 -1.61 5.64 -2.84
CA LEU A 143 -1.82 4.57 -1.87
C LEU A 143 -2.93 4.95 -0.90
N LEU A 144 -3.86 4.03 -0.64
CA LEU A 144 -4.85 4.14 0.42
C LEU A 144 -5.07 2.74 0.97
N MET A 145 -5.11 2.57 2.29
CA MET A 145 -5.32 1.26 2.92
C MET A 145 -6.20 1.38 4.16
N LYS A 146 -6.81 0.24 4.53
CA LYS A 146 -7.55 0.03 5.78
C LYS A 146 -7.57 -1.47 6.10
N LYS A 147 -8.31 -1.90 7.13
CA LYS A 147 -8.57 -3.33 7.35
C LYS A 147 -9.33 -3.91 6.15
N LEU A 148 -9.46 -5.24 6.09
CA LEU A 148 -10.16 -5.97 5.03
C LEU A 148 -11.51 -5.37 4.62
N ALA A 149 -11.92 -5.66 3.38
CA ALA A 149 -13.19 -5.25 2.80
C ALA A 149 -14.31 -6.21 3.24
N PHE A 150 -14.61 -6.27 4.54
CA PHE A 150 -15.66 -7.11 5.09
C PHE A 150 -16.26 -6.39 6.29
N MET A 1 -13.29 12.52 -9.51
CA MET A 1 -13.12 11.80 -8.23
C MET A 1 -11.95 10.81 -8.35
N ALA A 2 -11.03 10.83 -7.37
CA ALA A 2 -9.90 9.91 -7.31
C ALA A 2 -10.39 8.46 -7.23
N GLY A 3 -9.65 7.53 -7.85
CA GLY A 3 -9.98 6.12 -7.87
C GLY A 3 -9.08 5.37 -8.85
N ILE A 4 -9.19 4.05 -8.89
CA ILE A 4 -8.58 3.19 -9.91
C ILE A 4 -9.43 1.92 -9.98
N LEU A 5 -9.43 1.23 -11.12
CA LEU A 5 -10.10 -0.06 -11.30
C LEU A 5 -9.20 -1.19 -10.76
N PHE A 6 -8.67 -1.04 -9.55
CA PHE A 6 -7.76 -1.98 -8.91
C PHE A 6 -7.93 -1.90 -7.39
N GLU A 7 -8.19 -3.04 -6.76
CA GLU A 7 -8.36 -3.22 -5.33
C GLU A 7 -8.04 -4.70 -5.07
N ASP A 8 -7.34 -5.03 -3.98
CA ASP A 8 -7.19 -6.43 -3.58
C ASP A 8 -7.10 -6.53 -2.06
N ILE A 9 -7.60 -7.64 -1.50
CA ILE A 9 -7.47 -7.99 -0.10
C ILE A 9 -6.04 -8.50 0.09
N PHE A 10 -5.48 -8.41 1.30
CA PHE A 10 -4.22 -9.02 1.67
C PHE A 10 -4.26 -9.46 3.13
N ASP A 11 -3.34 -10.37 3.46
CA ASP A 11 -3.28 -11.11 4.71
C ASP A 11 -1.83 -11.12 5.19
N VAL A 12 -1.62 -10.75 6.45
CA VAL A 12 -0.30 -10.69 7.05
C VAL A 12 0.25 -12.12 7.19
N LYS A 13 1.42 -12.36 6.60
CA LYS A 13 2.20 -13.58 6.77
C LYS A 13 3.01 -13.48 8.06
N ASP A 14 3.62 -12.32 8.36
CA ASP A 14 4.48 -12.18 9.52
C ASP A 14 4.65 -10.71 9.92
N ILE A 15 5.22 -10.48 11.11
CA ILE A 15 5.50 -9.20 11.73
C ILE A 15 6.88 -9.34 12.37
N ASP A 16 7.75 -8.33 12.27
CA ASP A 16 9.10 -8.39 12.85
C ASP A 16 9.54 -7.00 13.34
N PRO A 17 9.41 -6.72 14.65
CA PRO A 17 9.88 -5.50 15.33
C PRO A 17 11.40 -5.20 15.24
N GLU A 18 11.94 -5.03 14.04
CA GLU A 18 13.35 -4.70 13.77
C GLU A 18 13.43 -3.40 12.94
N GLY A 19 12.63 -2.40 13.30
CA GLY A 19 12.49 -1.15 12.58
C GLY A 19 11.74 -0.11 13.39
N LYS A 20 12.06 0.02 14.68
CA LYS A 20 11.26 0.82 15.63
C LYS A 20 11.51 2.32 15.43
N LYS A 21 11.07 2.88 14.29
CA LYS A 21 11.05 4.34 14.07
C LYS A 21 10.23 5.00 15.20
N PHE A 22 9.18 4.31 15.61
CA PHE A 22 8.33 4.53 16.76
C PHE A 22 8.06 3.13 17.33
N ASP A 23 7.51 3.02 18.55
CA ASP A 23 7.37 1.70 19.17
C ASP A 23 6.32 0.85 18.44
N ARG A 24 5.38 1.53 17.78
CA ARG A 24 4.35 0.95 16.93
C ARG A 24 4.83 0.61 15.53
N VAL A 25 6.04 0.97 15.10
CA VAL A 25 6.46 0.74 13.73
C VAL A 25 7.35 -0.51 13.71
N SER A 26 7.02 -1.46 12.82
CA SER A 26 7.71 -2.73 12.68
C SER A 26 7.66 -3.17 11.22
N ARG A 27 8.46 -4.19 10.87
CA ARG A 27 8.37 -4.86 9.58
C ARG A 27 7.09 -5.66 9.55
N LEU A 28 6.56 -5.89 8.35
CA LEU A 28 5.46 -6.79 8.06
C LEU A 28 5.83 -7.53 6.77
N HIS A 29 5.24 -8.71 6.60
CA HIS A 29 5.28 -9.50 5.39
C HIS A 29 3.84 -9.93 5.14
N CYS A 30 3.35 -9.80 3.91
CA CYS A 30 1.95 -10.00 3.55
C CYS A 30 1.85 -10.67 2.16
N GLU A 31 0.66 -11.21 1.87
CA GLU A 31 0.31 -11.86 0.62
C GLU A 31 -1.06 -11.33 0.21
N SER A 32 -1.25 -11.03 -1.08
CA SER A 32 -2.52 -10.51 -1.59
C SER A 32 -3.39 -11.66 -2.11
N GLU A 33 -4.69 -11.55 -1.88
CA GLU A 33 -5.69 -12.60 -2.07
C GLU A 33 -5.94 -12.94 -3.54
N SER A 34 -6.27 -11.95 -4.37
CA SER A 34 -6.74 -12.17 -5.73
C SER A 34 -5.58 -12.20 -6.73
N PHE A 35 -4.56 -11.39 -6.51
CA PHE A 35 -3.49 -11.17 -7.49
C PHE A 35 -2.16 -11.81 -7.11
N LYS A 36 -2.13 -12.61 -6.03
CA LYS A 36 -0.94 -13.34 -5.53
C LYS A 36 0.34 -12.51 -5.46
N MET A 37 0.20 -11.19 -5.27
CA MET A 37 1.33 -10.33 -4.98
C MET A 37 1.96 -10.78 -3.66
N ASP A 38 3.26 -10.53 -3.51
CA ASP A 38 4.05 -10.87 -2.33
C ASP A 38 4.66 -9.56 -1.85
N LEU A 39 4.42 -9.19 -0.60
CA LEU A 39 4.74 -7.86 -0.09
C LEU A 39 5.51 -7.93 1.23
N ILE A 40 6.33 -6.91 1.45
CA ILE A 40 7.05 -6.56 2.66
C ILE A 40 6.71 -5.08 2.87
N LEU A 41 6.63 -4.66 4.12
CA LEU A 41 6.15 -3.38 4.60
C LEU A 41 6.97 -3.06 5.85
N ASP A 42 7.11 -1.80 6.20
CA ASP A 42 7.68 -1.32 7.46
C ASP A 42 6.85 -0.12 7.82
N VAL A 43 5.93 -0.26 8.79
CA VAL A 43 4.90 0.73 9.11
C VAL A 43 4.30 0.43 10.49
N ASN A 44 3.35 1.27 10.93
CA ASN A 44 2.53 1.09 12.13
C ASN A 44 1.87 -0.29 12.16
N ILE A 45 1.98 -1.01 13.28
CA ILE A 45 1.35 -2.33 13.49
C ILE A 45 0.23 -2.29 14.52
N GLN A 46 -0.08 -1.16 15.14
CA GLN A 46 -1.20 -1.04 16.09
C GLN A 46 -2.55 -1.13 15.38
N ILE A 47 -2.50 -1.09 14.04
CA ILE A 47 -3.63 -1.39 13.18
C ILE A 47 -4.04 -2.86 13.43
N TYR A 48 -3.05 -3.74 13.68
CA TYR A 48 -3.23 -5.17 13.90
C TYR A 48 -3.41 -5.47 15.39
N PRO A 49 -4.06 -6.60 15.75
CA PRO A 49 -4.09 -7.09 17.11
C PRO A 49 -2.69 -7.58 17.53
N VAL A 50 -2.51 -7.86 18.82
CA VAL A 50 -1.20 -8.12 19.42
C VAL A 50 -0.50 -9.38 18.88
N ASP A 51 -1.23 -10.36 18.34
CA ASP A 51 -0.66 -11.64 17.90
C ASP A 51 -1.46 -12.32 16.78
N LEU A 52 -2.79 -12.20 16.79
CA LEU A 52 -3.68 -12.93 15.89
C LEU A 52 -3.46 -12.58 14.41
N GLY A 53 -2.98 -11.37 14.11
CA GLY A 53 -2.94 -10.83 12.75
C GLY A 53 -4.34 -10.46 12.28
N ASP A 54 -4.46 -9.91 11.07
CA ASP A 54 -5.71 -9.44 10.48
C ASP A 54 -5.56 -9.39 8.96
N LYS A 55 -6.64 -9.09 8.23
CA LYS A 55 -6.68 -8.98 6.79
C LYS A 55 -7.23 -7.60 6.44
N PHE A 56 -6.61 -6.93 5.49
CA PHE A 56 -6.99 -5.58 5.04
C PHE A 56 -7.05 -5.61 3.51
N ARG A 57 -7.25 -4.45 2.88
CA ARG A 57 -7.28 -4.30 1.43
C ARG A 57 -6.36 -3.15 1.04
N LEU A 58 -5.81 -3.23 -0.15
CA LEU A 58 -4.82 -2.34 -0.73
C LEU A 58 -5.39 -1.81 -2.04
N VAL A 59 -5.17 -0.53 -2.28
CA VAL A 59 -5.68 0.25 -3.41
C VAL A 59 -4.57 1.26 -3.77
N ILE A 60 -4.51 1.69 -5.03
CA ILE A 60 -3.56 2.69 -5.51
C ILE A 60 -4.32 3.73 -6.37
N ALA A 61 -5.36 4.32 -5.77
CA ALA A 61 -6.27 5.27 -6.41
C ALA A 61 -5.49 6.43 -7.01
N SER A 62 -5.64 6.64 -8.31
CA SER A 62 -5.03 7.75 -9.03
C SER A 62 -5.48 9.07 -8.38
N THR A 63 -4.53 9.82 -7.82
CA THR A 63 -4.80 11.01 -7.04
C THR A 63 -3.70 12.04 -7.34
N LEU A 64 -4.10 13.28 -7.62
CA LEU A 64 -3.21 14.44 -7.76
C LEU A 64 -4.03 15.66 -7.32
N TYR A 65 -4.55 15.60 -6.09
CA TYR A 65 -5.49 16.60 -5.57
C TYR A 65 -4.82 17.97 -5.46
N GLU A 66 -5.65 19.02 -5.45
CA GLU A 66 -5.29 20.41 -5.27
C GLU A 66 -6.30 21.03 -4.29
N ASP A 67 -6.13 22.31 -3.96
CA ASP A 67 -7.01 23.03 -3.04
C ASP A 67 -8.46 23.07 -3.56
N GLY A 68 -8.62 23.20 -4.88
CA GLY A 68 -9.92 23.20 -5.53
C GLY A 68 -10.60 21.83 -5.54
N THR A 69 -9.85 20.73 -5.37
CA THR A 69 -10.40 19.39 -5.42
C THR A 69 -11.27 19.11 -4.20
N LEU A 70 -11.02 19.75 -3.05
CA LEU A 70 -11.73 19.45 -1.81
C LEU A 70 -11.91 20.65 -0.89
N ASP A 71 -10.88 21.47 -0.63
CA ASP A 71 -11.00 22.55 0.36
C ASP A 71 -11.91 23.66 -0.15
N ASP A 72 -11.93 23.84 -1.48
CA ASP A 72 -12.87 24.69 -2.21
C ASP A 72 -13.68 23.80 -3.17
N GLY A 73 -13.98 22.58 -2.71
CA GLY A 73 -14.61 21.51 -3.46
C GLY A 73 -15.64 20.83 -2.56
N GLU A 74 -16.57 21.64 -2.03
CA GLU A 74 -17.67 21.22 -1.16
C GLU A 74 -17.15 20.60 0.16
N TYR A 75 -16.23 21.30 0.84
CA TYR A 75 -15.81 20.95 2.20
C TYR A 75 -16.89 21.28 3.26
N ASN A 76 -18.16 21.38 2.85
CA ASN A 76 -19.30 21.74 3.69
C ASN A 76 -19.43 20.90 4.97
N PRO A 77 -19.25 19.56 4.97
CA PRO A 77 -19.34 18.77 6.20
C PRO A 77 -18.06 18.83 7.05
N THR A 78 -17.08 19.65 6.64
CA THR A 78 -15.72 19.70 7.19
C THR A 78 -15.04 18.32 7.11
N ASP A 79 -15.51 17.45 6.19
CA ASP A 79 -15.23 16.02 5.99
C ASP A 79 -14.40 15.30 7.05
N ASP A 80 -13.10 15.60 7.19
CA ASP A 80 -12.16 14.89 8.05
C ASP A 80 -12.30 15.28 9.53
N ARG A 81 -13.26 16.17 9.85
CA ARG A 81 -13.51 16.72 11.18
C ARG A 81 -13.43 15.64 12.26
N PRO A 82 -12.64 15.88 13.32
CA PRO A 82 -12.24 14.93 14.35
C PRO A 82 -12.26 13.43 13.97
N SER A 83 -11.76 13.12 12.76
CA SER A 83 -11.68 11.77 12.22
C SER A 83 -10.24 11.47 11.79
N ARG A 84 -9.47 12.47 11.35
CA ARG A 84 -8.02 12.37 11.12
C ARG A 84 -7.62 11.10 10.35
N ALA A 85 -8.25 10.89 9.20
CA ALA A 85 -8.06 9.77 8.28
C ALA A 85 -8.31 8.38 8.89
N ASP A 86 -8.95 8.27 10.07
CA ASP A 86 -9.42 6.99 10.63
C ASP A 86 -10.45 6.31 9.71
N GLN A 87 -10.98 7.05 8.74
CA GLN A 87 -11.81 6.57 7.63
C GLN A 87 -11.13 5.43 6.86
N PHE A 88 -9.80 5.31 6.95
CA PHE A 88 -8.95 4.37 6.23
C PHE A 88 -8.01 3.72 7.25
N GLU A 89 -7.46 2.56 6.92
CA GLU A 89 -6.46 1.89 7.75
C GLU A 89 -5.10 2.56 7.55
N TYR A 90 -4.79 3.05 6.34
CA TYR A 90 -3.63 3.89 6.08
C TYR A 90 -3.83 4.66 4.77
N VAL A 91 -3.11 5.77 4.60
CA VAL A 91 -3.05 6.55 3.36
C VAL A 91 -1.59 6.98 3.18
N MET A 92 -1.13 7.04 1.92
CA MET A 92 0.27 7.20 1.57
C MET A 92 0.38 7.91 0.23
N TYR A 93 1.38 8.78 0.08
CA TYR A 93 1.69 9.47 -1.17
C TYR A 93 3.21 9.38 -1.32
N GLY A 94 3.69 8.20 -1.70
CA GLY A 94 5.12 7.87 -1.65
C GLY A 94 5.89 8.11 -2.92
N LYS A 95 7.08 7.52 -2.99
CA LYS A 95 7.89 7.45 -4.20
C LYS A 95 8.33 6.01 -4.38
N VAL A 96 8.12 5.46 -5.58
CA VAL A 96 8.65 4.18 -6.02
C VAL A 96 10.14 4.34 -6.33
N TYR A 97 10.94 3.28 -6.12
CA TYR A 97 12.37 3.23 -6.38
C TYR A 97 12.73 1.83 -6.95
N ARG A 98 12.23 1.47 -8.14
CA ARG A 98 12.48 0.15 -8.74
C ARG A 98 12.31 0.21 -10.27
N ILE A 99 12.52 -0.92 -10.93
CA ILE A 99 12.56 -1.08 -12.39
C ILE A 99 11.59 -2.21 -12.79
N GLU A 100 11.52 -2.49 -14.09
CA GLU A 100 10.53 -3.35 -14.75
C GLU A 100 10.49 -4.83 -14.29
N GLY A 101 11.42 -5.26 -13.44
CA GLY A 101 11.40 -6.56 -12.79
C GLY A 101 12.79 -6.85 -12.25
N ASP A 102 13.75 -6.97 -13.17
CA ASP A 102 15.18 -7.03 -12.88
C ASP A 102 15.91 -6.29 -13.98
N GLU A 103 15.84 -6.88 -15.16
CA GLU A 103 16.29 -6.31 -16.43
C GLU A 103 15.76 -7.19 -17.57
N THR A 104 14.43 -7.27 -17.67
CA THR A 104 13.75 -8.12 -18.64
C THR A 104 14.20 -7.91 -20.09
N SER A 105 14.06 -9.00 -20.84
CA SER A 105 14.42 -9.17 -22.23
C SER A 105 13.49 -10.24 -22.81
N THR A 106 13.31 -11.33 -22.05
CA THR A 106 12.31 -12.37 -22.29
C THR A 106 11.78 -12.82 -20.92
N GLU A 107 12.70 -13.19 -20.02
CA GLU A 107 12.41 -13.79 -18.71
C GLU A 107 13.66 -13.68 -17.82
N ALA A 108 14.29 -12.50 -17.80
CA ALA A 108 15.35 -12.21 -16.82
C ALA A 108 14.69 -12.10 -15.45
N ALA A 109 13.51 -11.51 -15.51
CA ALA A 109 12.51 -11.46 -14.48
C ALA A 109 11.15 -11.83 -15.09
N THR A 110 10.20 -12.24 -14.24
CA THR A 110 8.86 -12.68 -14.65
C THR A 110 7.75 -12.11 -13.79
N ARG A 111 8.12 -11.21 -12.89
CA ARG A 111 7.23 -10.40 -12.08
C ARG A 111 7.79 -8.99 -12.12
N LEU A 112 6.89 -8.01 -12.10
CA LEU A 112 7.26 -6.62 -11.89
C LEU A 112 7.53 -6.50 -10.40
N SER A 113 8.42 -5.57 -10.05
CA SER A 113 8.91 -5.37 -8.70
C SER A 113 8.74 -3.90 -8.36
N ALA A 114 8.54 -3.59 -7.09
CA ALA A 114 8.44 -2.23 -6.59
C ALA A 114 9.09 -2.18 -5.21
N TYR A 115 9.65 -1.02 -4.88
CA TYR A 115 10.14 -0.65 -3.56
C TYR A 115 9.58 0.75 -3.42
N VAL A 116 9.01 1.10 -2.27
CA VAL A 116 8.26 2.34 -2.12
C VAL A 116 8.54 2.91 -0.74
N SER A 117 8.62 4.23 -0.62
CA SER A 117 8.90 4.90 0.65
C SER A 117 7.93 6.06 0.81
N TYR A 118 7.46 6.31 2.03
CA TYR A 118 6.67 7.50 2.38
C TYR A 118 6.72 7.74 3.87
N GLY A 119 6.94 8.99 4.32
CA GLY A 119 6.79 9.38 5.71
C GLY A 119 7.60 8.53 6.72
N GLY A 120 8.72 7.95 6.30
CA GLY A 120 9.55 7.07 7.12
C GLY A 120 9.10 5.61 7.12
N LEU A 121 8.05 5.26 6.37
CA LEU A 121 7.58 3.89 6.14
C LEU A 121 8.19 3.39 4.84
N LEU A 122 8.35 2.07 4.70
CA LEU A 122 8.98 1.43 3.54
C LEU A 122 8.12 0.25 3.09
N MET A 123 8.23 -0.16 1.83
CA MET A 123 7.63 -1.36 1.26
C MET A 123 8.60 -1.95 0.24
N ARG A 124 8.46 -3.25 -0.01
CA ARG A 124 9.10 -4.00 -1.09
C ARG A 124 8.02 -4.96 -1.58
N LEU A 125 7.77 -5.04 -2.87
CA LEU A 125 6.61 -5.75 -3.44
C LEU A 125 7.00 -6.39 -4.76
N GLN A 126 6.38 -7.54 -5.07
CA GLN A 126 6.47 -8.16 -6.39
C GLN A 126 5.09 -8.71 -6.76
N GLY A 127 4.83 -8.81 -8.05
CA GLY A 127 3.66 -9.51 -8.59
C GLY A 127 3.78 -9.58 -10.10
N ASP A 128 2.91 -10.33 -10.78
CA ASP A 128 2.86 -10.25 -12.25
C ASP A 128 2.65 -8.78 -12.61
N ALA A 129 3.29 -8.27 -13.68
CA ALA A 129 3.17 -6.87 -14.07
C ALA A 129 1.73 -6.32 -13.95
N ASN A 130 0.76 -6.92 -14.65
CA ASN A 130 -0.60 -6.39 -14.68
C ASN A 130 -1.34 -6.56 -13.34
N ASN A 131 -0.78 -7.39 -12.47
CA ASN A 131 -1.24 -7.68 -11.13
C ASN A 131 -0.62 -6.69 -10.15
N LEU A 132 0.57 -6.14 -10.43
CA LEU A 132 1.13 -5.03 -9.66
C LEU A 132 0.41 -3.75 -10.12
N HIS A 133 -0.08 -3.75 -11.37
CA HIS A 133 -0.98 -2.78 -11.96
C HIS A 133 -0.49 -1.33 -11.79
N GLY A 134 0.83 -1.13 -11.79
CA GLY A 134 1.41 0.14 -11.42
C GLY A 134 2.78 0.32 -12.06
N PHE A 135 2.79 0.84 -13.29
CA PHE A 135 4.02 1.30 -13.95
C PHE A 135 4.74 2.24 -12.98
N GLU A 136 6.02 1.93 -12.72
CA GLU A 136 6.79 2.56 -11.66
C GLU A 136 7.07 4.05 -11.89
N VAL A 137 7.70 4.67 -10.89
CA VAL A 137 7.93 6.10 -10.72
C VAL A 137 6.62 6.85 -10.41
N ASP A 138 5.45 6.35 -10.80
CA ASP A 138 4.20 7.13 -10.72
C ASP A 138 2.96 6.25 -10.83
N SER A 139 2.87 5.33 -9.88
CA SER A 139 1.70 4.51 -9.62
C SER A 139 1.61 4.24 -8.13
N ARG A 140 2.68 3.69 -7.54
CA ARG A 140 2.71 3.45 -6.10
C ARG A 140 2.91 4.72 -5.29
N VAL A 141 2.93 5.86 -5.98
CA VAL A 141 3.06 7.16 -5.38
C VAL A 141 1.73 7.69 -4.84
N TYR A 142 0.62 6.96 -5.05
CA TYR A 142 -0.65 7.24 -4.41
C TYR A 142 -1.19 5.87 -3.98
N LEU A 143 -1.33 5.67 -2.67
CA LEU A 143 -1.62 4.36 -2.09
C LEU A 143 -2.56 4.53 -0.90
N LEU A 144 -3.48 3.57 -0.75
CA LEU A 144 -4.57 3.59 0.21
C LEU A 144 -4.72 2.17 0.78
N MET A 145 -5.01 2.06 2.06
CA MET A 145 -5.24 0.79 2.76
C MET A 145 -6.52 0.96 3.57
N LYS A 146 -7.43 0.00 3.48
CA LYS A 146 -8.73 0.02 4.17
C LYS A 146 -9.09 -1.43 4.48
N LYS A 147 -9.79 -1.71 5.58
CA LYS A 147 -10.17 -3.08 5.95
C LYS A 147 -10.93 -3.78 4.82
N LEU A 148 -10.91 -5.11 4.80
CA LEU A 148 -11.78 -5.86 3.90
C LEU A 148 -13.24 -5.67 4.33
N ALA A 149 -14.19 -5.91 3.41
CA ALA A 149 -15.61 -5.72 3.67
C ALA A 149 -16.43 -6.71 2.83
N PHE A 150 -16.81 -7.83 3.45
CA PHE A 150 -17.75 -8.82 2.93
C PHE A 150 -18.31 -9.60 4.13
N MET A 1 0.63 7.57 -12.32
CA MET A 1 -0.40 8.40 -12.99
C MET A 1 -1.58 8.62 -12.04
N ALA A 2 -2.26 9.76 -12.17
CA ALA A 2 -3.49 10.05 -11.45
C ALA A 2 -4.65 9.19 -11.97
N GLY A 3 -5.69 9.02 -11.14
CA GLY A 3 -6.96 8.42 -11.54
C GLY A 3 -6.86 6.98 -12.06
N ILE A 4 -5.81 6.25 -11.67
CA ILE A 4 -5.63 4.83 -11.94
C ILE A 4 -6.60 4.00 -11.08
N LEU A 5 -6.64 2.67 -11.28
CA LEU A 5 -7.44 1.77 -10.45
C LEU A 5 -6.78 0.39 -10.37
N PHE A 6 -6.54 -0.06 -9.15
CA PHE A 6 -6.13 -1.40 -8.75
C PHE A 6 -6.54 -1.49 -7.27
N GLU A 7 -6.96 -2.66 -6.82
CA GLU A 7 -7.48 -2.93 -5.49
C GLU A 7 -7.09 -4.36 -5.11
N ASP A 8 -6.79 -4.58 -3.83
CA ASP A 8 -6.43 -5.88 -3.24
C ASP A 8 -6.80 -5.85 -1.75
N ILE A 9 -6.79 -7.00 -1.08
CA ILE A 9 -6.90 -7.12 0.37
C ILE A 9 -5.66 -7.91 0.77
N PHE A 10 -4.73 -7.31 1.52
CA PHE A 10 -3.52 -8.00 1.93
C PHE A 10 -3.72 -8.61 3.32
N ASP A 11 -2.99 -9.69 3.56
CA ASP A 11 -3.08 -10.54 4.73
C ASP A 11 -1.66 -10.84 5.21
N VAL A 12 -1.42 -10.73 6.51
CA VAL A 12 -0.11 -10.93 7.11
C VAL A 12 0.26 -12.42 7.03
N LYS A 13 1.54 -12.67 6.82
CA LYS A 13 2.18 -13.97 6.74
C LYS A 13 3.33 -14.04 7.75
N ASP A 14 3.96 -12.91 8.11
CA ASP A 14 4.93 -12.86 9.22
C ASP A 14 5.10 -11.43 9.73
N ILE A 15 5.77 -11.28 10.89
CA ILE A 15 6.07 -10.04 11.58
C ILE A 15 7.53 -10.15 12.01
N ASP A 16 8.31 -9.06 11.90
CA ASP A 16 9.75 -9.07 12.13
C ASP A 16 10.26 -7.74 12.72
N PRO A 17 10.32 -7.61 14.06
CA PRO A 17 10.98 -6.51 14.72
C PRO A 17 12.50 -6.63 14.48
N GLU A 18 13.02 -5.92 13.48
CA GLU A 18 14.40 -6.09 12.98
C GLU A 18 15.46 -5.84 14.07
N GLY A 19 15.19 -4.88 14.95
CA GLY A 19 16.07 -4.32 15.97
C GLY A 19 15.60 -2.86 16.08
N LYS A 20 14.27 -2.70 16.13
CA LYS A 20 13.60 -1.44 15.97
C LYS A 20 13.91 -0.48 17.11
N LYS A 21 14.25 0.75 16.71
CA LYS A 21 14.38 1.88 17.62
C LYS A 21 13.04 2.15 18.32
N PHE A 22 11.92 1.91 17.64
CA PHE A 22 10.56 2.07 18.16
C PHE A 22 9.81 0.80 17.80
N ASP A 23 9.62 -0.10 18.78
CA ASP A 23 9.10 -1.46 18.57
C ASP A 23 7.75 -1.49 17.84
N ARG A 24 6.89 -0.48 18.06
CA ARG A 24 5.59 -0.41 17.40
C ARG A 24 5.68 -0.20 15.89
N VAL A 25 6.86 0.00 15.30
CA VAL A 25 7.04 0.08 13.85
C VAL A 25 8.03 -1.03 13.49
N SER A 26 7.59 -2.07 12.78
CA SER A 26 8.38 -3.25 12.47
C SER A 26 8.13 -3.72 11.04
N ARG A 27 8.97 -4.66 10.57
CA ARG A 27 8.78 -5.27 9.27
C ARG A 27 7.61 -6.25 9.36
N LEU A 28 6.92 -6.44 8.24
CA LEU A 28 5.85 -7.40 8.04
C LEU A 28 6.12 -8.07 6.69
N HIS A 29 5.55 -9.26 6.52
CA HIS A 29 5.50 -9.98 5.26
C HIS A 29 4.04 -10.35 5.09
N CYS A 30 3.50 -10.14 3.88
CA CYS A 30 2.09 -10.25 3.55
C CYS A 30 1.91 -10.85 2.15
N GLU A 31 0.67 -11.20 1.84
CA GLU A 31 0.22 -11.84 0.60
C GLU A 31 -1.07 -11.15 0.16
N SER A 32 -1.26 -11.00 -1.15
CA SER A 32 -2.47 -10.47 -1.76
C SER A 32 -3.59 -11.52 -1.72
N GLU A 33 -4.85 -11.09 -1.83
CA GLU A 33 -5.98 -12.01 -1.85
C GLU A 33 -6.05 -12.75 -3.19
N SER A 34 -5.81 -12.05 -4.31
CA SER A 34 -6.07 -12.58 -5.65
C SER A 34 -4.96 -12.30 -6.68
N PHE A 35 -3.82 -11.74 -6.28
CA PHE A 35 -2.80 -11.23 -7.21
C PHE A 35 -1.44 -11.88 -7.05
N LYS A 36 -1.35 -13.03 -6.34
CA LYS A 36 -0.13 -13.83 -6.10
C LYS A 36 1.13 -13.01 -5.79
N MET A 37 0.96 -11.86 -5.15
CA MET A 37 2.04 -10.96 -4.79
C MET A 37 2.84 -11.52 -3.62
N ASP A 38 4.10 -11.11 -3.53
CA ASP A 38 4.98 -11.33 -2.40
C ASP A 38 5.27 -9.94 -1.83
N LEU A 39 4.65 -9.59 -0.70
CA LEU A 39 4.70 -8.24 -0.15
C LEU A 39 5.48 -8.27 1.16
N ILE A 40 6.23 -7.20 1.39
CA ILE A 40 6.99 -6.89 2.59
C ILE A 40 6.65 -5.42 2.86
N LEU A 41 6.61 -5.03 4.14
CA LEU A 41 6.31 -3.69 4.62
C LEU A 41 7.16 -3.43 5.85
N ASP A 42 7.40 -2.17 6.18
CA ASP A 42 7.98 -1.71 7.45
C ASP A 42 7.05 -0.58 7.84
N VAL A 43 6.15 -0.91 8.77
CA VAL A 43 4.98 -0.09 9.12
C VAL A 43 4.65 -0.22 10.61
N ASN A 44 3.66 0.54 11.08
CA ASN A 44 3.08 0.39 12.41
C ASN A 44 2.52 -1.02 12.55
N ILE A 45 2.88 -1.74 13.63
CA ILE A 45 2.46 -3.11 13.91
C ILE A 45 1.60 -3.21 15.18
N GLN A 46 1.21 -2.11 15.83
CA GLN A 46 0.44 -2.19 17.09
C GLN A 46 -0.97 -2.77 16.88
N ILE A 47 -1.42 -2.82 15.61
CA ILE A 47 -2.63 -3.53 15.19
C ILE A 47 -2.45 -5.05 15.42
N TYR A 48 -1.21 -5.53 15.45
CA TYR A 48 -0.80 -6.93 15.50
C TYR A 48 0.09 -7.16 16.73
N PRO A 49 -0.47 -7.15 17.95
CA PRO A 49 0.28 -7.49 19.17
C PRO A 49 0.65 -8.98 19.21
N VAL A 50 0.04 -9.77 18.32
CA VAL A 50 0.28 -11.19 18.04
C VAL A 50 0.00 -11.34 16.54
N ASP A 51 0.24 -12.52 15.96
CA ASP A 51 -0.18 -12.86 14.60
C ASP A 51 -1.72 -13.01 14.54
N LEU A 52 -2.40 -11.87 14.66
CA LEU A 52 -3.86 -11.77 14.73
C LEU A 52 -4.54 -12.21 13.43
N GLY A 53 -3.83 -12.12 12.30
CA GLY A 53 -4.37 -12.46 10.99
C GLY A 53 -5.47 -11.49 10.55
N ASP A 54 -5.44 -10.24 11.04
CA ASP A 54 -6.29 -9.17 10.52
C ASP A 54 -5.81 -8.78 9.13
N LYS A 55 -6.67 -8.18 8.30
CA LYS A 55 -6.43 -7.96 6.88
C LYS A 55 -6.86 -6.55 6.50
N PHE A 56 -6.24 -5.98 5.46
CA PHE A 56 -6.47 -4.60 5.07
C PHE A 56 -6.69 -4.52 3.57
N ARG A 57 -7.80 -3.88 3.18
CA ARG A 57 -8.11 -3.51 1.80
C ARG A 57 -7.17 -2.37 1.45
N LEU A 58 -6.56 -2.44 0.28
CA LEU A 58 -5.62 -1.44 -0.23
C LEU A 58 -6.01 -1.15 -1.67
N VAL A 59 -5.94 0.12 -2.05
CA VAL A 59 -6.29 0.63 -3.35
C VAL A 59 -5.21 1.69 -3.68
N ILE A 60 -5.02 2.00 -4.96
CA ILE A 60 -4.08 3.03 -5.41
C ILE A 60 -4.79 4.12 -6.22
N ALA A 61 -6.13 4.15 -6.16
CA ALA A 61 -6.97 5.05 -6.93
C ALA A 61 -6.99 6.50 -6.40
N SER A 62 -6.35 6.77 -5.25
CA SER A 62 -6.13 8.10 -4.75
C SER A 62 -5.22 8.90 -5.71
N THR A 63 -5.04 10.19 -5.45
CA THR A 63 -4.06 11.04 -6.11
C THR A 63 -3.70 12.16 -5.13
N LEU A 64 -2.53 12.79 -5.26
CA LEU A 64 -2.17 14.00 -4.54
C LEU A 64 -3.01 15.14 -5.13
N TYR A 65 -4.26 15.27 -4.70
CA TYR A 65 -5.27 16.15 -5.30
C TYR A 65 -4.82 17.60 -5.45
N GLU A 66 -4.02 18.10 -4.51
CA GLU A 66 -3.52 19.48 -4.50
C GLU A 66 -2.60 19.78 -5.69
N ASP A 67 -2.10 18.76 -6.40
CA ASP A 67 -1.33 18.94 -7.62
C ASP A 67 -2.17 19.59 -8.74
N GLY A 68 -3.50 19.44 -8.69
CA GLY A 68 -4.44 20.02 -9.64
C GLY A 68 -5.52 19.03 -10.08
N THR A 69 -5.60 17.83 -9.49
CA THR A 69 -6.69 16.88 -9.76
C THR A 69 -8.02 17.56 -9.38
N LEU A 70 -8.02 18.26 -8.24
CA LEU A 70 -9.08 19.17 -7.85
C LEU A 70 -8.65 20.50 -8.46
N ASP A 71 -9.53 21.09 -9.26
CA ASP A 71 -9.35 22.45 -9.73
C ASP A 71 -9.20 23.35 -8.50
N ASP A 72 -8.18 24.21 -8.49
CA ASP A 72 -7.86 25.15 -7.41
C ASP A 72 -8.88 26.31 -7.36
N GLY A 73 -10.17 25.97 -7.32
CA GLY A 73 -11.29 26.88 -7.21
C GLY A 73 -12.54 26.07 -6.94
N GLU A 74 -12.85 25.12 -7.83
CA GLU A 74 -13.88 24.10 -7.64
C GLU A 74 -13.30 22.95 -6.80
N TYR A 75 -12.63 23.29 -5.70
CA TYR A 75 -11.85 22.39 -4.85
C TYR A 75 -12.78 21.59 -3.91
N ASN A 76 -13.93 21.13 -4.43
CA ASN A 76 -14.94 20.45 -3.63
C ASN A 76 -14.44 19.09 -3.13
N PRO A 77 -14.88 18.59 -1.96
CA PRO A 77 -14.53 17.26 -1.48
C PRO A 77 -14.92 16.14 -2.45
N THR A 78 -15.97 16.34 -3.22
CA THR A 78 -16.55 15.43 -4.20
C THR A 78 -15.66 15.34 -5.46
N ASP A 79 -14.45 14.79 -5.29
CA ASP A 79 -13.43 14.68 -6.35
C ASP A 79 -13.94 13.97 -7.62
N ASP A 80 -14.95 13.10 -7.49
CA ASP A 80 -15.64 12.54 -8.65
C ASP A 80 -17.13 12.33 -8.35
N ARG A 81 -17.42 11.45 -7.40
CA ARG A 81 -18.73 11.23 -6.77
C ARG A 81 -18.47 11.57 -5.29
N PRO A 82 -19.02 10.91 -4.25
CA PRO A 82 -18.59 11.07 -2.86
C PRO A 82 -17.11 10.68 -2.60
N SER A 83 -16.23 10.86 -3.58
CA SER A 83 -14.82 10.51 -3.73
C SER A 83 -13.91 11.31 -2.79
N ARG A 84 -14.35 11.56 -1.55
CA ARG A 84 -13.67 12.34 -0.53
C ARG A 84 -12.43 11.65 0.05
N ALA A 85 -12.19 10.38 -0.31
CA ALA A 85 -11.20 9.45 0.26
C ALA A 85 -11.41 9.14 1.76
N ASP A 86 -12.17 9.95 2.50
CA ASP A 86 -12.64 9.69 3.86
C ASP A 86 -13.47 8.39 3.98
N GLN A 87 -13.91 7.85 2.83
CA GLN A 87 -14.53 6.53 2.70
C GLN A 87 -13.59 5.41 3.19
N PHE A 88 -12.28 5.69 3.30
CA PHE A 88 -11.23 4.77 3.71
C PHE A 88 -10.53 5.37 4.93
N GLU A 89 -9.87 4.52 5.72
CA GLU A 89 -9.31 4.91 7.01
C GLU A 89 -8.00 5.67 6.87
N TYR A 90 -7.27 5.48 5.76
CA TYR A 90 -5.95 6.08 5.54
C TYR A 90 -5.76 6.34 4.05
N VAL A 91 -5.01 7.40 3.72
CA VAL A 91 -4.62 7.77 2.37
C VAL A 91 -3.22 8.38 2.46
N MET A 92 -2.35 8.14 1.47
CA MET A 92 -0.97 8.57 1.48
C MET A 92 -0.42 8.64 0.05
N TYR A 93 0.78 9.21 -0.09
CA TYR A 93 1.48 9.50 -1.33
C TYR A 93 2.95 9.08 -1.09
N GLY A 94 3.71 8.74 -2.13
CA GLY A 94 5.03 8.13 -1.94
C GLY A 94 5.93 8.20 -3.16
N LYS A 95 6.85 7.25 -3.27
CA LYS A 95 7.77 7.08 -4.40
C LYS A 95 8.05 5.60 -4.58
N VAL A 96 7.80 5.06 -5.78
CA VAL A 96 8.26 3.71 -6.13
C VAL A 96 9.76 3.86 -6.42
N TYR A 97 10.59 2.98 -5.88
CA TYR A 97 12.04 3.11 -5.87
C TYR A 97 12.71 1.76 -6.10
N ARG A 98 12.63 1.20 -7.32
CA ARG A 98 13.32 -0.06 -7.68
C ARG A 98 13.56 -0.15 -9.19
N ILE A 99 14.32 -1.18 -9.60
CA ILE A 99 14.81 -1.40 -10.96
C ILE A 99 13.70 -1.86 -11.92
N GLU A 100 14.09 -2.14 -13.16
CA GLU A 100 13.22 -2.46 -14.29
C GLU A 100 12.47 -3.80 -14.16
N GLY A 101 12.84 -4.66 -13.21
CA GLY A 101 12.20 -5.95 -12.96
C GLY A 101 13.11 -7.11 -13.33
N ASP A 102 13.89 -6.97 -14.40
CA ASP A 102 14.94 -7.92 -14.72
C ASP A 102 15.98 -7.80 -13.62
N GLU A 103 16.15 -8.86 -12.82
CA GLU A 103 16.95 -8.80 -11.60
C GLU A 103 17.97 -9.94 -11.55
N THR A 104 18.05 -10.73 -12.62
CA THR A 104 18.98 -11.85 -12.76
C THR A 104 19.51 -11.87 -14.19
N SER A 105 18.62 -12.28 -15.09
CA SER A 105 18.72 -12.43 -16.54
C SER A 105 17.39 -13.01 -17.03
N THR A 106 16.81 -13.95 -16.27
CA THR A 106 15.67 -14.77 -16.67
C THR A 106 15.09 -15.44 -15.41
N GLU A 107 15.97 -16.06 -14.60
CA GLU A 107 15.61 -16.95 -13.50
C GLU A 107 14.68 -16.35 -12.44
N ALA A 108 14.68 -15.02 -12.25
CA ALA A 108 13.69 -14.33 -11.44
C ALA A 108 13.30 -12.99 -12.04
N ALA A 109 13.67 -12.77 -13.32
CA ALA A 109 13.35 -11.57 -14.06
C ALA A 109 11.87 -11.43 -14.44
N THR A 110 11.14 -12.49 -14.18
CA THR A 110 9.77 -12.77 -14.59
C THR A 110 8.70 -12.09 -13.73
N ARG A 111 9.16 -11.42 -12.68
CA ARG A 111 8.35 -10.57 -11.82
C ARG A 111 9.05 -9.22 -11.77
N LEU A 112 8.26 -8.16 -11.78
CA LEU A 112 8.77 -6.85 -11.48
C LEU A 112 9.00 -6.86 -9.97
N SER A 113 10.04 -6.18 -9.54
CA SER A 113 10.33 -5.90 -8.15
C SER A 113 10.10 -4.39 -7.98
N ALA A 114 9.54 -4.02 -6.84
CA ALA A 114 9.16 -2.67 -6.49
C ALA A 114 9.46 -2.48 -5.02
N TYR A 115 9.72 -1.25 -4.63
CA TYR A 115 9.81 -0.80 -3.25
C TYR A 115 9.00 0.49 -3.28
N VAL A 116 8.25 0.79 -2.21
CA VAL A 116 7.43 1.98 -2.16
C VAL A 116 7.72 2.60 -0.80
N SER A 117 8.29 3.81 -0.79
CA SER A 117 8.41 4.60 0.42
C SER A 117 7.23 5.57 0.40
N TYR A 118 6.48 5.66 1.50
CA TYR A 118 5.22 6.39 1.53
C TYR A 118 4.98 6.88 2.96
N GLY A 119 4.81 8.20 3.14
CA GLY A 119 4.60 8.81 4.45
C GLY A 119 5.66 8.45 5.50
N GLY A 120 6.90 8.14 5.08
CA GLY A 120 7.99 7.73 5.95
C GLY A 120 7.97 6.24 6.32
N LEU A 121 6.98 5.48 5.86
CA LEU A 121 6.90 4.02 5.98
C LEU A 121 7.38 3.39 4.67
N LEU A 122 7.57 2.07 4.63
CA LEU A 122 8.22 1.41 3.48
C LEU A 122 7.52 0.10 3.12
N MET A 123 7.69 -0.34 1.88
CA MET A 123 7.31 -1.65 1.38
C MET A 123 8.36 -2.12 0.36
N ARG A 124 8.38 -3.43 0.13
CA ARG A 124 9.11 -4.13 -0.94
C ARG A 124 8.06 -5.11 -1.46
N LEU A 125 7.96 -5.27 -2.77
CA LEU A 125 6.87 -6.01 -3.40
C LEU A 125 7.43 -6.66 -4.66
N GLN A 126 7.08 -7.91 -4.91
CA GLN A 126 7.37 -8.59 -6.17
C GLN A 126 6.07 -9.19 -6.70
N GLY A 127 5.92 -9.18 -8.02
CA GLY A 127 4.78 -9.79 -8.69
C GLY A 127 4.95 -9.64 -10.20
N ASP A 128 4.12 -10.32 -11.00
CA ASP A 128 4.14 -10.10 -12.45
C ASP A 128 3.99 -8.60 -12.73
N ALA A 129 4.79 -8.04 -13.63
CA ALA A 129 4.85 -6.59 -13.85
C ALA A 129 3.46 -5.95 -13.97
N ASN A 130 2.65 -6.39 -14.94
CA ASN A 130 1.32 -5.81 -15.17
C ASN A 130 0.45 -5.90 -13.94
N ASN A 131 0.50 -7.09 -13.35
CA ASN A 131 -0.19 -7.48 -12.13
C ASN A 131 0.24 -6.62 -10.93
N LEU A 132 1.47 -6.07 -10.93
CA LEU A 132 1.99 -5.25 -9.85
C LEU A 132 1.47 -3.82 -10.02
N HIS A 133 1.09 -3.40 -11.23
CA HIS A 133 0.76 -2.02 -11.57
C HIS A 133 1.90 -1.06 -11.17
N GLY A 134 3.15 -1.54 -11.21
CA GLY A 134 4.34 -0.80 -10.81
C GLY A 134 5.16 -0.32 -12.01
N PHE A 135 4.62 -0.42 -13.22
CA PHE A 135 5.25 0.02 -14.48
C PHE A 135 5.27 1.55 -14.61
N GLU A 136 4.89 2.25 -13.55
CA GLU A 136 4.79 3.68 -13.42
C GLU A 136 5.18 3.99 -12.00
N VAL A 137 6.38 4.55 -11.88
CA VAL A 137 7.00 4.89 -10.61
C VAL A 137 6.21 5.94 -9.84
N ASP A 138 5.18 6.53 -10.48
CA ASP A 138 4.26 7.48 -9.86
C ASP A 138 2.80 7.05 -9.92
N SER A 139 2.56 5.76 -10.13
CA SER A 139 1.22 5.21 -9.95
C SER A 139 1.02 4.75 -8.52
N ARG A 140 1.67 3.66 -8.10
CA ARG A 140 1.38 3.09 -6.78
C ARG A 140 1.98 3.88 -5.63
N VAL A 141 2.47 5.09 -5.92
CA VAL A 141 2.83 6.05 -4.90
C VAL A 141 1.55 6.47 -4.16
N TYR A 142 0.44 6.59 -4.90
CA TYR A 142 -0.84 6.92 -4.31
C TYR A 142 -1.37 5.65 -3.68
N LEU A 143 -1.79 5.76 -2.42
CA LEU A 143 -2.18 4.63 -1.61
C LEU A 143 -3.40 5.05 -0.79
N LEU A 144 -4.33 4.13 -0.60
CA LEU A 144 -5.62 4.33 0.04
C LEU A 144 -5.92 3.00 0.75
N MET A 145 -6.23 3.00 2.04
CA MET A 145 -6.30 1.76 2.83
C MET A 145 -7.43 1.81 3.87
N LYS A 146 -8.04 0.64 4.12
CA LYS A 146 -9.14 0.42 5.06
C LYS A 146 -9.03 -1.03 5.55
N LYS A 147 -9.73 -1.42 6.61
CA LYS A 147 -9.87 -2.82 7.00
C LYS A 147 -10.41 -3.67 5.84
N LEU A 148 -10.37 -5.00 5.98
CA LEU A 148 -10.96 -5.95 5.04
C LEU A 148 -12.39 -5.61 4.65
N ALA A 149 -12.81 -6.15 3.51
CA ALA A 149 -14.16 -6.09 2.98
C ALA A 149 -14.42 -7.42 2.31
N PHE A 150 -15.55 -8.05 2.64
CA PHE A 150 -16.04 -9.30 2.09
C PHE A 150 -17.56 -9.30 2.18
#